data_5MUX
#
_entry.id   5MUX
#
_cell.length_a   90.831
_cell.length_b   194.409
_cell.length_c   90.869
_cell.angle_alpha   90.00
_cell.angle_beta   92.74
_cell.angle_gamma   90.00
#
_symmetry.space_group_name_H-M   'P 1 21 1'
#
loop_
_entity.id
_entity.type
_entity.pdbx_description
1 polymer '2-methylcitrate dehydratase'
2 non-polymer 'L(+)-TARTARIC ACID'
3 water water
#
_entity_poly.entity_id   1
_entity_poly.type   'polypeptide(L)'
_entity_poly.pdbx_seq_one_letter_code
;MPKTDRVIEEITDYVLEKEITSAEAYTTAGHVLLDTLGCGILALRYPECTKLLGPIVPGTTVPNGSKVPGTSYVLDPVRA
AFNIGCMIRWLDYNDTWLAAEWGHPSDNLGGILAAADYVSRVRLSEGKEPLTVRDVLEMMIKAHEIQGVLALENSLNRVG
LDHVLFVKVATTAVAAKLLGGGREEIKNALSNAWIDNAALRTYRHSPNTGSRKSWPAGDATSRGVHLALMSLKGEMGYPT
ALSAPGWGFQDVLFNKKEIKLARPLDAYVMENVLFKVSYPAEFHAQTAAESAVILHPQVKNRIDEIDRVVIRTHESAIRI
IDKKGPLHNPADRDHCLQYITAIGLLFGDITAQHYEAETANDPRIDKLRDKMEVTENKTYTEDYLKPDKRSISNAVQVHF
KDGTSTEMVECEFPLGHRFRREEAVPKLLEKFSDNLKTHFPDKQHKHIYERCTSYETLQTMRVNEFVDMFCM
;
_entity_poly.pdbx_strand_id   A,B,C,D,E,F
#
# COMPACT_ATOMS: atom_id res chain seq x y z
N MET A 1 -40.64 -20.40 -14.40
CA MET A 1 -41.12 -20.73 -15.78
C MET A 1 -40.09 -21.47 -16.63
N PRO A 2 -38.82 -21.03 -16.60
CA PRO A 2 -37.86 -21.67 -17.52
C PRO A 2 -37.58 -23.15 -17.25
N LYS A 3 -37.69 -23.57 -15.99
CA LYS A 3 -37.63 -25.01 -15.62
C LYS A 3 -36.20 -25.56 -15.46
N THR A 4 -35.64 -25.42 -14.26
CA THR A 4 -34.23 -25.85 -14.02
C THR A 4 -34.07 -27.37 -13.90
N ASP A 5 -33.05 -27.89 -14.59
CA ASP A 5 -32.74 -29.32 -14.57
C ASP A 5 -32.70 -29.84 -13.16
N ARG A 6 -33.30 -31.01 -12.97
CA ARG A 6 -33.50 -31.58 -11.66
C ARG A 6 -32.24 -31.76 -10.87
N VAL A 7 -31.20 -32.25 -11.51
CA VAL A 7 -29.92 -32.50 -10.80
C VAL A 7 -29.37 -31.25 -10.12
N ILE A 8 -29.51 -30.13 -10.81
CA ILE A 8 -29.03 -28.84 -10.32
C ILE A 8 -29.90 -28.39 -9.14
N GLU A 9 -31.22 -28.46 -9.30
CA GLU A 9 -32.16 -28.28 -8.16
C GLU A 9 -31.87 -29.12 -6.94
N GLU A 10 -31.56 -30.40 -7.15
CA GLU A 10 -31.31 -31.33 -6.02
C GLU A 10 -30.04 -31.02 -5.29
N ILE A 11 -29.00 -30.69 -6.03
CA ILE A 11 -27.76 -30.23 -5.42
C ILE A 11 -27.98 -28.96 -4.60
N THR A 12 -28.67 -28.00 -5.21
CA THR A 12 -28.97 -26.74 -4.58
C THR A 12 -29.73 -26.99 -3.24
N ASP A 13 -30.76 -27.82 -3.29
CA ASP A 13 -31.61 -28.05 -2.12
C ASP A 13 -30.77 -28.66 -1.01
N TYR A 14 -29.87 -29.55 -1.37
CA TYR A 14 -29.02 -30.24 -0.39
C TYR A 14 -28.09 -29.27 0.30
N VAL A 15 -27.43 -28.45 -0.51
CA VAL A 15 -26.51 -27.46 0.00
C VAL A 15 -27.20 -26.52 0.97
N LEU A 16 -28.34 -25.99 0.55
CA LEU A 16 -29.04 -24.98 1.34
C LEU A 16 -29.73 -25.53 2.58
N GLU A 17 -30.42 -26.67 2.44
CA GLU A 17 -31.37 -27.08 3.50
C GLU A 17 -31.09 -28.40 4.21
N LYS A 18 -30.25 -29.28 3.66
CA LYS A 18 -30.01 -30.54 4.34
C LYS A 18 -29.16 -30.36 5.61
N GLU A 19 -29.67 -30.87 6.75
CA GLU A 19 -28.89 -30.83 7.98
C GLU A 19 -28.08 -32.11 8.06
N ILE A 20 -26.79 -31.99 8.28
CA ILE A 20 -25.95 -33.18 8.45
C ILE A 20 -26.01 -33.63 9.92
N THR A 21 -26.36 -34.90 10.16
CA THR A 21 -26.57 -35.41 11.52
C THR A 21 -25.61 -36.55 11.89
N SER A 22 -24.73 -36.92 10.96
CA SER A 22 -23.84 -38.00 11.20
C SER A 22 -22.65 -37.51 12.05
N ALA A 23 -22.58 -38.03 13.26
CA ALA A 23 -21.38 -37.92 14.10
C ALA A 23 -20.15 -38.46 13.39
N GLU A 24 -20.31 -39.62 12.78
CA GLU A 24 -19.22 -40.33 12.17
C GLU A 24 -18.64 -39.53 10.96
N ALA A 25 -19.54 -38.88 10.22
CA ALA A 25 -19.12 -37.99 9.13
C ALA A 25 -18.26 -36.85 9.65
N TYR A 26 -18.68 -36.24 10.76
CA TYR A 26 -17.95 -35.09 11.28
C TYR A 26 -16.59 -35.52 11.80
N THR A 27 -16.55 -36.69 12.41
CA THR A 27 -15.30 -37.25 12.91
C THR A 27 -14.34 -37.58 11.77
N THR A 28 -14.82 -38.28 10.78
CA THR A 28 -14.04 -38.50 9.58
C THR A 28 -13.62 -37.22 8.82
N ALA A 29 -14.50 -36.23 8.73
CA ALA A 29 -14.17 -34.93 8.11
C ALA A 29 -13.02 -34.24 8.82
N GLY A 30 -13.02 -34.31 10.14
CA GLY A 30 -11.88 -33.87 10.93
C GLY A 30 -10.56 -34.55 10.55
N HIS A 31 -10.60 -35.87 10.35
CA HIS A 31 -9.42 -36.59 9.86
C HIS A 31 -9.00 -36.16 8.44
N VAL A 32 -9.97 -35.96 7.57
CA VAL A 32 -9.69 -35.56 6.19
C VAL A 32 -9.07 -34.15 6.19
N LEU A 33 -9.59 -33.26 7.05
CA LEU A 33 -9.05 -31.90 7.17
C LEU A 33 -7.56 -31.90 7.50
N LEU A 34 -7.16 -32.60 8.56
CA LEU A 34 -5.75 -32.65 8.91
C LEU A 34 -4.92 -33.42 7.87
N ASP A 35 -5.40 -34.57 7.43
CA ASP A 35 -4.67 -35.36 6.43
C ASP A 35 -4.42 -34.54 5.17
N THR A 36 -5.46 -33.82 4.74
CA THR A 36 -5.34 -33.04 3.51
C THR A 36 -4.34 -31.90 3.66
N LEU A 37 -4.48 -31.15 4.74
CA LEU A 37 -3.55 -30.01 4.96
C LEU A 37 -2.14 -30.47 5.12
N GLY A 38 -1.96 -31.61 5.77
CA GLY A 38 -0.63 -32.23 5.87
C GLY A 38 -0.03 -32.52 4.51
N CYS A 39 -0.87 -33.03 3.60
CA CYS A 39 -0.41 -33.34 2.24
C CYS A 39 0.02 -32.07 1.54
N GLY A 40 -0.74 -30.99 1.79
CA GLY A 40 -0.46 -29.67 1.17
C GLY A 40 0.83 -29.06 1.66
N ILE A 41 1.11 -29.24 2.95
CA ILE A 41 2.33 -28.74 3.53
C ILE A 41 3.54 -29.49 2.94
N LEU A 42 3.38 -30.81 2.80
CA LEU A 42 4.46 -31.63 2.29
C LEU A 42 4.81 -31.23 0.85
N ALA A 43 3.80 -30.87 0.09
CA ALA A 43 4.01 -30.41 -1.26
C ALA A 43 4.90 -29.14 -1.36
N LEU A 44 4.95 -28.34 -0.30
CA LEU A 44 5.82 -27.16 -0.32
C LEU A 44 7.30 -27.54 -0.30
N ARG A 45 7.61 -28.82 -0.15
CA ARG A 45 8.96 -29.31 -0.31
C ARG A 45 9.35 -29.61 -1.75
N TYR A 46 8.41 -29.41 -2.67
CA TYR A 46 8.60 -29.73 -4.08
C TYR A 46 8.56 -28.52 -4.99
N PRO A 47 9.73 -28.12 -5.55
CA PRO A 47 9.82 -26.89 -6.30
C PRO A 47 8.94 -26.85 -7.52
N GLU A 48 8.59 -28.01 -8.06
CA GLU A 48 7.66 -28.08 -9.20
C GLU A 48 6.25 -27.66 -8.82
N CYS A 49 5.90 -27.86 -7.55
CA CYS A 49 4.64 -27.37 -7.02
C CYS A 49 4.75 -25.86 -6.74
N THR A 50 5.78 -25.50 -5.99
CA THR A 50 5.93 -24.15 -5.48
C THR A 50 6.01 -23.12 -6.56
N LYS A 51 6.47 -23.50 -7.73
CA LYS A 51 6.65 -22.55 -8.84
C LYS A 51 5.32 -22.01 -9.37
N LEU A 52 4.24 -22.70 -9.04
CA LEU A 52 2.91 -22.32 -9.49
C LEU A 52 2.12 -21.54 -8.44
N LEU A 53 2.71 -21.38 -7.26
CA LEU A 53 2.03 -20.72 -6.15
C LEU A 53 2.32 -19.19 -6.10
N GLY A 54 1.59 -18.48 -5.24
CA GLY A 54 1.81 -17.05 -5.07
C GLY A 54 0.86 -16.23 -5.94
N PRO A 55 0.96 -14.90 -5.84
CA PRO A 55 0.14 -14.02 -6.62
C PRO A 55 0.53 -14.07 -8.09
N ILE A 56 -0.38 -13.68 -8.97
CA ILE A 56 -0.02 -13.46 -10.40
C ILE A 56 1.10 -12.45 -10.47
N VAL A 57 0.95 -11.29 -9.81
CA VAL A 57 1.98 -10.24 -9.81
C VAL A 57 2.62 -10.13 -8.43
N PRO A 58 3.92 -10.41 -8.34
CA PRO A 58 4.56 -10.32 -7.01
C PRO A 58 4.33 -8.95 -6.38
N GLY A 59 4.15 -8.91 -5.07
CA GLY A 59 3.86 -7.66 -4.37
C GLY A 59 2.46 -7.11 -4.49
N THR A 60 1.54 -7.87 -5.06
CA THR A 60 0.14 -7.52 -5.01
C THR A 60 -0.33 -7.50 -3.57
N THR A 61 -1.22 -6.57 -3.25
CA THR A 61 -1.78 -6.45 -1.91
C THR A 61 -3.28 -6.58 -1.97
N VAL A 62 -3.83 -7.51 -1.19
CA VAL A 62 -5.23 -7.83 -1.20
C VAL A 62 -5.83 -7.64 0.22
N PRO A 63 -6.65 -6.60 0.41
CA PRO A 63 -7.39 -6.46 1.67
C PRO A 63 -8.17 -7.72 2.10
N ASN A 64 -8.00 -8.09 3.35
CA ASN A 64 -8.71 -9.24 3.93
C ASN A 64 -8.52 -10.50 3.08
N GLY A 65 -7.36 -10.59 2.46
CA GLY A 65 -7.08 -11.69 1.57
C GLY A 65 -6.99 -13.05 2.27
N SER A 66 -7.30 -14.10 1.51
CA SER A 66 -7.16 -15.49 2.00
C SER A 66 -5.70 -15.83 2.14
N LYS A 67 -5.32 -16.45 3.27
CA LYS A 67 -3.94 -16.85 3.47
C LYS A 67 -3.75 -18.25 3.01
N VAL A 68 -2.56 -18.50 2.47
CA VAL A 68 -2.18 -19.84 2.06
C VAL A 68 -1.32 -20.54 3.12
N PRO A 69 -1.85 -21.61 3.74
CA PRO A 69 -1.09 -22.32 4.77
C PRO A 69 0.32 -22.62 4.34
N GLY A 70 1.24 -22.45 5.25
CA GLY A 70 2.64 -22.77 5.01
C GLY A 70 3.41 -21.64 4.35
N THR A 71 2.72 -20.54 4.03
CA THR A 71 3.34 -19.45 3.29
C THR A 71 3.01 -18.09 3.85
N SER A 72 3.68 -17.06 3.29
CA SER A 72 3.35 -15.70 3.56
C SER A 72 2.40 -15.06 2.51
N TYR A 73 1.80 -15.89 1.65
CA TYR A 73 0.93 -15.36 0.61
C TYR A 73 -0.43 -14.98 1.18
N VAL A 74 -0.89 -13.81 0.76
CA VAL A 74 -2.21 -13.27 1.09
C VAL A 74 -2.86 -12.89 -0.24
N LEU A 75 -3.90 -13.64 -0.65
CA LEU A 75 -4.37 -13.66 -2.04
C LEU A 75 -5.85 -13.45 -2.15
N ASP A 76 -6.33 -13.12 -3.34
CA ASP A 76 -7.79 -13.10 -3.54
C ASP A 76 -8.26 -14.53 -3.36
N PRO A 77 -9.55 -14.74 -3.09
CA PRO A 77 -9.96 -16.14 -2.77
C PRO A 77 -9.89 -17.13 -3.91
N VAL A 78 -10.05 -16.64 -5.13
CA VAL A 78 -9.90 -17.49 -6.33
C VAL A 78 -8.49 -18.03 -6.45
N ARG A 79 -7.52 -17.13 -6.37
CA ARG A 79 -6.10 -17.48 -6.48
C ARG A 79 -5.70 -18.40 -5.29
N ALA A 80 -6.11 -18.01 -4.06
CA ALA A 80 -5.83 -18.84 -2.89
C ALA A 80 -6.40 -20.26 -3.01
N ALA A 81 -7.56 -20.37 -3.64
CA ALA A 81 -8.23 -21.66 -3.85
C ALA A 81 -7.37 -22.50 -4.79
N PHE A 82 -6.78 -21.86 -5.82
CA PHE A 82 -5.86 -22.56 -6.68
C PHE A 82 -4.60 -23.05 -5.89
N ASN A 83 -3.97 -22.14 -5.16
CA ASN A 83 -2.78 -22.45 -4.37
C ASN A 83 -2.99 -23.64 -3.44
N ILE A 84 -4.00 -23.53 -2.60
CA ILE A 84 -4.32 -24.62 -1.68
C ILE A 84 -4.66 -25.96 -2.38
N GLY A 85 -5.46 -25.89 -3.42
CA GLY A 85 -5.90 -27.11 -4.14
C GLY A 85 -4.77 -27.74 -4.91
N CYS A 86 -3.88 -26.91 -5.44
CA CYS A 86 -2.62 -27.36 -6.04
C CYS A 86 -1.69 -28.10 -5.04
N MET A 87 -1.54 -27.51 -3.86
CA MET A 87 -0.70 -28.11 -2.82
C MET A 87 -1.28 -29.48 -2.40
N ILE A 88 -2.54 -29.52 -2.04
CA ILE A 88 -3.11 -30.68 -1.31
C ILE A 88 -3.18 -31.92 -2.18
N ARG A 89 -3.13 -31.72 -3.48
CA ARG A 89 -3.32 -32.79 -4.45
C ARG A 89 -1.98 -33.22 -5.03
N TRP A 90 -0.98 -32.34 -4.92
CA TRP A 90 0.23 -32.42 -5.72
C TRP A 90 0.88 -33.81 -5.70
N LEU A 91 1.06 -34.37 -4.50
CA LEU A 91 1.88 -35.59 -4.36
C LEU A 91 1.11 -36.93 -4.44
N ASP A 92 -0.18 -36.88 -4.76
CA ASP A 92 -0.99 -38.11 -4.85
C ASP A 92 -0.99 -38.82 -3.50
N TYR A 93 -1.13 -38.02 -2.46
CA TYR A 93 -1.11 -38.50 -1.11
C TYR A 93 -2.48 -38.27 -0.38
N ASN A 94 -3.41 -37.54 -1.02
CA ASN A 94 -4.66 -37.14 -0.37
C ASN A 94 -5.80 -38.17 -0.55
N ASP A 95 -6.97 -37.88 0.01
CA ASP A 95 -8.04 -38.88 0.08
C ASP A 95 -8.68 -39.14 -1.28
N THR A 96 -9.50 -40.18 -1.35
CA THR A 96 -9.87 -40.76 -2.64
C THR A 96 -11.25 -41.41 -2.54
N TRP A 97 -11.99 -41.36 -3.65
CA TRP A 97 -13.30 -41.98 -3.74
C TRP A 97 -13.38 -42.67 -5.12
N LEU A 98 -13.75 -43.95 -5.16
CA LEU A 98 -13.73 -44.72 -6.39
C LEU A 98 -15.06 -45.38 -6.68
N ALA A 99 -15.65 -45.10 -7.85
CA ALA A 99 -16.87 -45.73 -8.26
C ALA A 99 -16.91 -45.75 -9.76
N ALA A 100 -18.01 -45.30 -10.38
CA ALA A 100 -18.01 -45.20 -11.88
C ALA A 100 -17.02 -44.14 -12.32
N GLU A 101 -16.94 -43.05 -11.55
CA GLU A 101 -15.85 -42.08 -11.70
C GLU A 101 -14.85 -42.12 -10.51
N TRP A 102 -13.62 -41.73 -10.83
CA TRP A 102 -12.54 -41.69 -9.84
C TRP A 102 -12.35 -40.26 -9.40
N GLY A 103 -11.80 -40.06 -8.22
CA GLY A 103 -11.46 -38.72 -7.79
C GLY A 103 -11.05 -38.61 -6.36
N HIS A 104 -10.86 -37.37 -5.94
CA HIS A 104 -10.24 -37.03 -4.66
C HIS A 104 -11.01 -35.89 -4.07
N PRO A 105 -12.05 -36.20 -3.32
CA PRO A 105 -12.97 -35.12 -2.94
C PRO A 105 -12.41 -34.11 -1.95
N SER A 106 -11.35 -34.48 -1.25
CA SER A 106 -10.61 -33.53 -0.45
C SER A 106 -10.07 -32.33 -1.24
N ASP A 107 -9.86 -32.51 -2.54
CA ASP A 107 -9.52 -31.41 -3.49
C ASP A 107 -10.42 -30.17 -3.32
N ASN A 108 -11.67 -30.40 -2.91
CA ASN A 108 -12.62 -29.31 -2.72
C ASN A 108 -12.23 -28.36 -1.59
N LEU A 109 -11.36 -28.84 -0.68
CA LEU A 109 -10.90 -28.03 0.41
C LEU A 109 -10.26 -26.74 -0.06
N GLY A 110 -9.63 -26.78 -1.24
CA GLY A 110 -8.98 -25.60 -1.82
C GLY A 110 -9.94 -24.42 -1.87
N GLY A 111 -11.11 -24.66 -2.49
CA GLY A 111 -12.13 -23.66 -2.59
C GLY A 111 -12.84 -23.38 -1.27
N ILE A 112 -13.14 -24.42 -0.52
CA ILE A 112 -13.80 -24.26 0.75
C ILE A 112 -13.01 -23.41 1.74
N LEU A 113 -11.74 -23.74 1.91
CA LEU A 113 -10.93 -23.10 2.90
C LEU A 113 -10.65 -21.67 2.47
N ALA A 114 -10.34 -21.46 1.19
CA ALA A 114 -10.02 -20.12 0.72
C ALA A 114 -11.23 -19.21 0.91
N ALA A 115 -12.40 -19.70 0.54
CA ALA A 115 -13.60 -18.91 0.60
C ALA A 115 -14.01 -18.64 2.06
N ALA A 116 -13.87 -19.65 2.91
CA ALA A 116 -14.24 -19.53 4.33
C ALA A 116 -13.31 -18.60 5.08
N ASP A 117 -12.04 -18.63 4.69
CA ASP A 117 -11.03 -17.74 5.25
C ASP A 117 -11.28 -16.28 4.85
N TYR A 118 -11.54 -16.06 3.55
CA TYR A 118 -11.85 -14.72 3.05
C TYR A 118 -13.10 -14.15 3.75
N VAL A 119 -14.15 -14.96 3.80
CA VAL A 119 -15.42 -14.52 4.35
C VAL A 119 -15.19 -14.17 5.80
N SER A 120 -14.42 -15.00 6.48
CA SER A 120 -14.10 -14.76 7.91
C SER A 120 -13.35 -13.46 8.18
N ARG A 121 -12.39 -13.14 7.33
CA ARG A 121 -11.58 -11.93 7.47
C ARG A 121 -12.38 -10.70 7.12
N VAL A 122 -13.22 -10.81 6.08
CA VAL A 122 -14.10 -9.70 5.74
C VAL A 122 -15.09 -9.42 6.90
N ARG A 123 -15.74 -10.48 7.39
CA ARG A 123 -16.64 -10.35 8.54
C ARG A 123 -16.03 -9.67 9.73
N LEU A 124 -14.87 -10.17 10.11
CA LEU A 124 -14.06 -9.56 11.14
C LEU A 124 -13.80 -8.07 10.90
N SER A 125 -13.48 -7.68 9.68
CA SER A 125 -13.22 -6.29 9.36
C SER A 125 -14.50 -5.42 9.46
N GLU A 126 -15.66 -6.06 9.36
CA GLU A 126 -16.95 -5.38 9.46
C GLU A 126 -17.51 -5.47 10.88
N GLY A 127 -16.72 -5.99 11.80
CA GLY A 127 -17.11 -6.15 13.22
C GLY A 127 -18.00 -7.33 13.51
N LYS A 128 -18.05 -8.28 12.59
CA LYS A 128 -18.96 -9.42 12.69
C LYS A 128 -18.23 -10.69 13.06
N GLU A 129 -19.00 -11.74 13.22
CA GLU A 129 -18.48 -13.03 13.69
C GLU A 129 -17.92 -13.86 12.53
N PRO A 130 -16.66 -14.29 12.61
CA PRO A 130 -16.13 -15.19 11.58
C PRO A 130 -16.69 -16.61 11.63
N LEU A 131 -16.43 -17.40 10.58
CA LEU A 131 -16.91 -18.76 10.50
C LEU A 131 -15.99 -19.55 11.37
N THR A 132 -16.41 -20.77 11.65
CA THR A 132 -15.63 -21.69 12.47
C THR A 132 -15.28 -22.91 11.68
N VAL A 133 -14.30 -23.63 12.19
CA VAL A 133 -13.86 -24.85 11.55
C VAL A 133 -15.03 -25.81 11.35
N ARG A 134 -16.01 -25.84 12.26
CA ARG A 134 -17.17 -26.74 12.05
C ARG A 134 -17.90 -26.42 10.75
N ASP A 135 -17.96 -25.15 10.39
CA ASP A 135 -18.56 -24.74 9.07
C ASP A 135 -17.76 -25.31 7.89
N VAL A 136 -16.45 -25.28 8.02
CA VAL A 136 -15.55 -25.93 7.04
C VAL A 136 -15.80 -27.43 6.93
N LEU A 137 -15.95 -28.08 8.07
CA LEU A 137 -16.22 -29.52 8.10
C LEU A 137 -17.56 -29.83 7.42
N GLU A 138 -18.60 -29.07 7.75
CA GLU A 138 -19.90 -29.29 7.11
C GLU A 138 -19.81 -29.14 5.59
N MET A 139 -19.14 -28.07 5.13
CA MET A 139 -19.00 -27.86 3.70
C MET A 139 -18.18 -28.98 3.02
N MET A 140 -17.14 -29.49 3.69
CA MET A 140 -16.42 -30.66 3.20
C MET A 140 -17.32 -31.88 3.06
N ILE A 141 -18.12 -32.14 4.08
CA ILE A 141 -19.08 -33.25 4.02
C ILE A 141 -19.97 -33.15 2.78
N LYS A 142 -20.45 -31.95 2.52
CA LYS A 142 -21.40 -31.72 1.45
C LYS A 142 -20.69 -31.75 0.08
N ALA A 143 -19.46 -31.25 0.02
CA ALA A 143 -18.68 -31.31 -1.23
C ALA A 143 -18.36 -32.74 -1.58
N HIS A 144 -17.92 -33.49 -0.59
CA HIS A 144 -17.67 -34.90 -0.72
C HIS A 144 -18.92 -35.58 -1.27
N GLU A 145 -20.05 -35.30 -0.64
CA GLU A 145 -21.30 -35.93 -1.06
C GLU A 145 -21.65 -35.63 -2.50
N ILE A 146 -21.46 -34.40 -2.93
CA ILE A 146 -21.89 -34.00 -4.26
C ILE A 146 -20.99 -34.65 -5.28
N GLN A 147 -19.70 -34.52 -5.08
CA GLN A 147 -18.79 -35.09 -6.02
C GLN A 147 -18.93 -36.60 -6.02
N GLY A 148 -18.98 -37.21 -4.84
CA GLY A 148 -18.95 -38.65 -4.70
C GLY A 148 -20.23 -39.32 -5.16
N VAL A 149 -21.38 -38.68 -4.92
CA VAL A 149 -22.65 -39.24 -5.39
C VAL A 149 -22.75 -39.07 -6.89
N LEU A 150 -22.25 -37.96 -7.43
CA LEU A 150 -22.13 -37.87 -8.90
C LEU A 150 -21.28 -38.99 -9.47
N ALA A 151 -20.20 -39.34 -8.77
CA ALA A 151 -19.29 -40.35 -9.25
C ALA A 151 -19.88 -41.76 -9.23
N LEU A 152 -20.95 -41.98 -8.45
CA LEU A 152 -21.49 -43.35 -8.30
C LEU A 152 -21.91 -43.95 -9.62
N GLU A 153 -22.63 -43.16 -10.42
CA GLU A 153 -23.22 -43.70 -11.65
C GLU A 153 -22.88 -42.95 -12.90
N ASN A 154 -22.14 -41.85 -12.79
CA ASN A 154 -21.73 -41.12 -14.00
C ASN A 154 -20.24 -41.23 -14.28
N SER A 155 -19.87 -41.83 -15.41
CA SER A 155 -18.48 -41.99 -15.75
C SER A 155 -18.03 -40.94 -16.76
N LEU A 156 -17.29 -39.98 -16.29
CA LEU A 156 -16.71 -38.99 -17.19
C LEU A 156 -15.55 -39.63 -17.96
N ASN A 157 -14.79 -40.49 -17.29
CA ASN A 157 -13.66 -41.10 -17.93
C ASN A 157 -14.07 -41.91 -19.18
N ARG A 158 -15.26 -42.48 -19.17
CA ARG A 158 -15.74 -43.27 -20.33
C ARG A 158 -16.12 -42.42 -21.54
N VAL A 159 -16.21 -41.11 -21.36
CA VAL A 159 -16.41 -40.20 -22.46
C VAL A 159 -15.23 -39.24 -22.59
N GLY A 160 -14.11 -39.57 -21.94
CA GLY A 160 -12.82 -38.96 -22.22
C GLY A 160 -12.60 -37.66 -21.51
N LEU A 161 -13.34 -37.45 -20.43
CA LEU A 161 -13.26 -36.22 -19.68
C LEU A 161 -12.73 -36.44 -18.29
N ASP A 162 -12.03 -35.46 -17.74
CA ASP A 162 -11.40 -35.60 -16.45
C ASP A 162 -12.46 -35.52 -15.36
N HIS A 163 -12.15 -36.13 -14.23
CA HIS A 163 -13.06 -36.13 -13.10
C HIS A 163 -13.26 -34.74 -12.43
N VAL A 164 -12.40 -33.79 -12.75
CA VAL A 164 -12.36 -32.54 -11.97
C VAL A 164 -13.56 -31.67 -12.21
N LEU A 165 -14.30 -31.93 -13.29
CA LEU A 165 -15.63 -31.34 -13.46
C LEU A 165 -16.50 -31.49 -12.19
N PHE A 166 -16.44 -32.63 -11.53
CA PHE A 166 -17.23 -32.84 -10.32
C PHE A 166 -16.68 -32.08 -9.13
N VAL A 167 -15.37 -31.81 -9.12
CA VAL A 167 -14.78 -30.87 -8.18
C VAL A 167 -15.30 -29.45 -8.42
N LYS A 168 -15.33 -29.02 -9.68
CA LYS A 168 -15.84 -27.68 -10.00
C LYS A 168 -17.30 -27.54 -9.60
N VAL A 169 -18.07 -28.59 -9.84
CA VAL A 169 -19.51 -28.57 -9.52
C VAL A 169 -19.73 -28.52 -8.00
N ALA A 170 -19.05 -29.41 -7.27
CA ALA A 170 -19.20 -29.46 -5.82
C ALA A 170 -18.71 -28.17 -5.14
N THR A 171 -17.54 -27.70 -5.54
CA THR A 171 -17.02 -26.45 -5.01
C THR A 171 -17.94 -25.26 -5.30
N THR A 172 -18.46 -25.18 -6.54
CA THR A 172 -19.26 -24.03 -6.94
C THR A 172 -20.47 -23.93 -6.01
N ALA A 173 -21.11 -25.06 -5.74
CA ALA A 173 -22.27 -25.05 -4.85
C ALA A 173 -21.92 -24.64 -3.42
N VAL A 174 -20.89 -25.26 -2.83
CA VAL A 174 -20.56 -25.01 -1.42
C VAL A 174 -19.92 -23.62 -1.23
N ALA A 175 -19.18 -23.16 -2.24
CA ALA A 175 -18.65 -21.79 -2.25
C ALA A 175 -19.73 -20.74 -2.37
N ALA A 176 -20.68 -20.98 -3.29
CA ALA A 176 -21.73 -20.03 -3.43
C ALA A 176 -22.47 -19.84 -2.07
N LYS A 177 -22.70 -20.93 -1.36
CA LYS A 177 -23.39 -20.90 -0.05
C LYS A 177 -22.58 -20.16 0.97
N LEU A 178 -21.29 -20.48 1.07
CA LEU A 178 -20.40 -19.77 1.99
C LEU A 178 -20.38 -18.26 1.76
N LEU A 179 -20.44 -17.88 0.50
CA LEU A 179 -20.33 -16.49 0.13
C LEU A 179 -21.67 -15.78 0.27
N GLY A 180 -22.67 -16.49 0.73
CA GLY A 180 -23.98 -15.88 1.06
C GLY A 180 -25.01 -16.00 -0.05
N GLY A 181 -24.77 -16.86 -1.03
CA GLY A 181 -25.75 -17.01 -2.09
C GLY A 181 -27.02 -17.73 -1.61
N GLY A 182 -28.15 -17.36 -2.19
CA GLY A 182 -29.41 -18.08 -2.05
C GLY A 182 -29.66 -19.05 -3.20
N ARG A 183 -30.88 -19.55 -3.27
CA ARG A 183 -31.23 -20.65 -4.14
C ARG A 183 -30.94 -20.29 -5.59
N GLU A 184 -31.29 -19.08 -5.99
CA GLU A 184 -31.10 -18.68 -7.38
C GLU A 184 -29.64 -18.61 -7.78
N GLU A 185 -28.85 -18.02 -6.91
CA GLU A 185 -27.40 -17.87 -7.14
C GLU A 185 -26.69 -19.19 -7.24
N ILE A 186 -27.10 -20.16 -6.40
CA ILE A 186 -26.47 -21.44 -6.32
C ILE A 186 -26.82 -22.22 -7.57
N LYS A 187 -28.10 -22.22 -7.93
CA LYS A 187 -28.54 -22.80 -9.18
C LYS A 187 -27.80 -22.24 -10.38
N ASN A 188 -27.65 -20.92 -10.43
CA ASN A 188 -27.06 -20.27 -11.59
C ASN A 188 -25.58 -20.57 -11.71
N ALA A 189 -24.88 -20.55 -10.59
CA ALA A 189 -23.49 -20.95 -10.58
C ALA A 189 -23.34 -22.40 -11.08
N LEU A 190 -24.07 -23.33 -10.47
CA LEU A 190 -24.08 -24.72 -10.94
C LEU A 190 -24.30 -24.86 -12.42
N SER A 191 -25.20 -24.10 -12.99
CA SER A 191 -25.51 -24.27 -14.40
C SER A 191 -24.29 -23.81 -15.21
N ASN A 192 -23.62 -22.77 -14.71
CA ASN A 192 -22.44 -22.24 -15.42
C ASN A 192 -21.24 -23.20 -15.32
N ALA A 193 -21.17 -23.96 -14.22
CA ALA A 193 -20.17 -24.99 -14.04
C ALA A 193 -20.35 -26.12 -15.05
N TRP A 194 -21.61 -26.53 -15.31
CA TRP A 194 -21.86 -27.67 -16.17
C TRP A 194 -21.56 -27.30 -17.61
N ILE A 195 -21.83 -26.03 -17.96
CA ILE A 195 -21.57 -25.51 -19.31
C ILE A 195 -20.10 -25.21 -19.58
N ASP A 196 -19.31 -25.15 -18.54
CA ASP A 196 -17.96 -24.68 -18.59
C ASP A 196 -17.07 -25.71 -19.25
N ASN A 197 -15.81 -25.35 -19.31
CA ASN A 197 -14.76 -26.37 -19.31
C ASN A 197 -15.16 -27.68 -18.67
N ALA A 198 -15.05 -28.68 -19.52
CA ALA A 198 -14.66 -29.90 -18.97
C ALA A 198 -13.30 -30.26 -19.60
N ALA A 199 -12.26 -30.17 -18.77
CA ALA A 199 -10.92 -30.52 -19.22
C ALA A 199 -10.80 -32.02 -19.64
N LEU A 200 -10.00 -32.28 -20.65
CA LEU A 200 -9.66 -33.70 -21.00
C LEU A 200 -8.87 -34.34 -19.88
N ARG A 201 -8.64 -35.66 -19.98
CA ARG A 201 -7.75 -36.37 -19.04
C ARG A 201 -6.49 -36.90 -19.72
N THR A 202 -6.07 -36.24 -20.78
CA THR A 202 -4.89 -36.61 -21.57
C THR A 202 -3.59 -36.68 -20.73
N TYR A 203 -3.48 -35.75 -19.79
CA TYR A 203 -2.35 -35.66 -18.82
C TYR A 203 -2.32 -36.68 -17.71
N ARG A 204 -3.34 -37.51 -17.61
CA ARG A 204 -3.31 -38.64 -16.66
C ARG A 204 -2.93 -39.99 -17.34
N HIS A 205 -2.70 -39.98 -18.64
CA HIS A 205 -2.51 -41.21 -19.43
C HIS A 205 -1.29 -41.20 -20.32
N SER A 206 -0.74 -42.39 -20.50
CA SER A 206 0.33 -42.61 -21.47
C SER A 206 -0.11 -42.15 -22.87
N PRO A 207 0.80 -41.57 -23.67
CA PRO A 207 2.17 -41.21 -23.37
C PRO A 207 2.39 -39.81 -22.79
N ASN A 208 1.32 -39.15 -22.33
CA ASN A 208 1.39 -37.71 -22.02
C ASN A 208 1.36 -37.45 -20.54
N THR A 209 1.32 -38.48 -19.72
CA THR A 209 1.24 -38.30 -18.28
C THR A 209 2.18 -37.21 -17.77
N GLY A 210 1.64 -36.27 -16.98
CA GLY A 210 2.45 -35.13 -16.54
C GLY A 210 1.90 -34.43 -15.33
N SER A 211 2.52 -33.30 -15.00
CA SER A 211 2.27 -32.65 -13.70
C SER A 211 0.93 -31.91 -13.68
N ARG A 212 0.23 -31.80 -14.81
CA ARG A 212 -1.15 -31.30 -14.78
C ARG A 212 -2.10 -32.25 -14.02
N LYS A 213 -1.71 -33.51 -13.88
CA LYS A 213 -2.45 -34.41 -12.99
C LYS A 213 -2.51 -33.88 -11.53
N SER A 214 -1.53 -33.06 -11.19
CA SER A 214 -1.35 -32.64 -9.81
C SER A 214 -2.11 -31.38 -9.56
N TRP A 215 -2.22 -30.52 -10.57
CA TRP A 215 -2.85 -29.21 -10.40
C TRP A 215 -4.21 -29.02 -11.03
N PRO A 216 -4.67 -29.99 -11.81
CA PRO A 216 -6.01 -29.79 -12.38
C PRO A 216 -7.12 -29.60 -11.39
N ALA A 217 -7.08 -30.28 -10.26
CA ALA A 217 -8.19 -30.15 -9.30
C ALA A 217 -8.16 -28.78 -8.66
N GLY A 218 -6.94 -28.25 -8.41
CA GLY A 218 -6.75 -26.90 -7.91
C GLY A 218 -7.31 -25.84 -8.85
N ASP A 219 -7.10 -26.09 -10.12
CA ASP A 219 -7.61 -25.23 -11.15
C ASP A 219 -9.14 -25.30 -11.19
N ALA A 220 -9.72 -26.50 -11.01
CA ALA A 220 -11.17 -26.69 -11.02
C ALA A 220 -11.87 -26.12 -9.76
N THR A 221 -11.27 -26.32 -8.57
CA THR A 221 -11.85 -25.76 -7.31
C THR A 221 -11.82 -24.23 -7.38
N SER A 222 -10.77 -23.72 -8.01
CA SER A 222 -10.56 -22.27 -8.10
C SER A 222 -11.62 -21.70 -9.00
N ARG A 223 -11.83 -22.39 -10.11
CA ARG A 223 -12.86 -22.03 -11.05
C ARG A 223 -14.26 -22.02 -10.38
N GLY A 224 -14.50 -22.95 -9.47
CA GLY A 224 -15.79 -23.04 -8.78
C GLY A 224 -16.04 -21.83 -7.92
N VAL A 225 -14.99 -21.38 -7.22
CA VAL A 225 -15.05 -20.17 -6.42
C VAL A 225 -15.32 -18.94 -7.33
N HIS A 226 -14.67 -18.92 -8.49
CA HIS A 226 -14.84 -17.84 -9.42
C HIS A 226 -16.26 -17.77 -9.93
N LEU A 227 -16.78 -18.89 -10.37
CA LEU A 227 -18.16 -18.95 -10.87
C LEU A 227 -19.14 -18.57 -9.80
N ALA A 228 -18.88 -19.00 -8.56
CA ALA A 228 -19.76 -18.61 -7.44
C ALA A 228 -19.79 -17.08 -7.29
N LEU A 229 -18.61 -16.44 -7.30
CA LEU A 229 -18.52 -14.95 -7.18
C LEU A 229 -19.25 -14.21 -8.28
N MET A 230 -19.14 -14.66 -9.54
CA MET A 230 -19.91 -14.12 -10.64
C MET A 230 -21.42 -14.25 -10.40
N SER A 231 -21.86 -15.43 -9.98
CA SER A 231 -23.24 -15.62 -9.58
C SER A 231 -23.78 -14.67 -8.47
N LEU A 232 -22.93 -14.31 -7.52
CA LEU A 232 -23.30 -13.38 -6.42
C LEU A 232 -23.44 -11.93 -6.89
N LYS A 233 -22.90 -11.59 -8.07
CA LYS A 233 -23.11 -10.32 -8.75
C LYS A 233 -24.41 -10.35 -9.55
N GLY A 234 -25.07 -11.50 -9.57
CA GLY A 234 -26.37 -11.64 -10.16
C GLY A 234 -26.28 -12.16 -11.61
N GLU A 235 -25.14 -12.70 -12.01
CA GLU A 235 -25.01 -13.20 -13.38
C GLU A 235 -25.96 -14.38 -13.57
N MET A 236 -26.63 -14.39 -14.73
CA MET A 236 -27.71 -15.31 -15.02
C MET A 236 -27.21 -16.72 -15.32
N GLY A 237 -28.11 -17.67 -15.11
CA GLY A 237 -27.83 -19.08 -15.29
C GLY A 237 -28.51 -19.57 -16.52
N TYR A 238 -28.47 -20.91 -16.65
CA TYR A 238 -28.83 -21.64 -17.90
C TYR A 238 -29.64 -22.87 -17.50
N PRO A 239 -30.97 -22.71 -17.41
CA PRO A 239 -31.81 -23.68 -16.69
C PRO A 239 -31.70 -25.09 -17.21
N THR A 240 -31.48 -25.22 -18.50
CA THR A 240 -31.37 -26.54 -19.10
C THR A 240 -29.96 -26.74 -19.65
N ALA A 241 -29.01 -26.42 -18.79
CA ALA A 241 -27.61 -26.64 -19.08
C ALA A 241 -27.30 -28.11 -19.34
N LEU A 242 -27.90 -29.00 -18.57
CA LEU A 242 -27.70 -30.44 -18.77
C LEU A 242 -28.52 -31.00 -19.94
N SER A 243 -29.78 -30.61 -20.03
CA SER A 243 -30.77 -31.35 -20.86
C SER A 243 -31.06 -30.72 -22.21
N ALA A 244 -30.64 -29.49 -22.44
CA ALA A 244 -31.06 -28.79 -23.66
C ALA A 244 -30.77 -29.67 -24.85
N PRO A 245 -31.72 -29.74 -25.81
CA PRO A 245 -31.50 -30.65 -26.95
C PRO A 245 -30.43 -30.08 -27.82
N GLY A 246 -29.48 -30.93 -28.20
CA GLY A 246 -28.45 -30.59 -29.13
C GLY A 246 -27.29 -29.88 -28.47
N TRP A 247 -27.58 -28.88 -27.65
CA TRP A 247 -26.51 -27.97 -27.16
C TRP A 247 -26.13 -28.16 -25.67
N GLY A 248 -26.91 -28.98 -24.97
CA GLY A 248 -26.72 -29.23 -23.54
C GLY A 248 -25.54 -30.15 -23.26
N PHE A 249 -25.08 -30.18 -22.01
CA PHE A 249 -24.00 -31.08 -21.58
C PHE A 249 -24.25 -32.57 -21.94
N GLN A 250 -25.45 -33.04 -21.67
CA GLN A 250 -25.80 -34.44 -21.91
C GLN A 250 -25.71 -34.85 -23.41
N ASP A 251 -26.30 -34.04 -24.28
CA ASP A 251 -26.21 -34.30 -25.68
C ASP A 251 -24.86 -34.08 -26.31
N VAL A 252 -24.12 -33.09 -25.83
CA VAL A 252 -22.82 -32.85 -26.40
C VAL A 252 -21.74 -33.81 -25.90
N LEU A 253 -21.63 -33.94 -24.60
CA LEU A 253 -20.45 -34.54 -23.99
C LEU A 253 -20.71 -35.91 -23.37
N PHE A 254 -21.97 -36.23 -23.08
CA PHE A 254 -22.25 -37.38 -22.26
C PHE A 254 -23.02 -38.43 -23.01
N ASN A 255 -22.87 -38.42 -24.34
CA ASN A 255 -23.41 -39.47 -25.18
C ASN A 255 -24.94 -39.56 -25.03
N LYS A 256 -25.59 -38.41 -24.85
CA LYS A 256 -27.06 -38.28 -24.72
C LYS A 256 -27.67 -38.93 -23.49
N LYS A 257 -26.85 -39.48 -22.61
CA LYS A 257 -27.34 -40.03 -21.36
C LYS A 257 -27.58 -38.96 -20.30
N GLU A 258 -28.43 -39.31 -19.32
CA GLU A 258 -28.77 -38.42 -18.25
C GLU A 258 -27.71 -38.52 -17.15
N ILE A 259 -27.34 -37.37 -16.63
CA ILE A 259 -26.57 -37.30 -15.43
C ILE A 259 -27.49 -37.63 -14.26
N LYS A 260 -27.09 -38.55 -13.41
CA LYS A 260 -27.99 -39.02 -12.37
C LYS A 260 -27.37 -38.93 -11.01
N LEU A 261 -28.21 -38.72 -9.99
CA LEU A 261 -27.80 -38.87 -8.59
C LEU A 261 -28.32 -40.18 -8.01
N ALA A 262 -27.41 -41.14 -7.83
CA ALA A 262 -27.77 -42.54 -7.57
C ALA A 262 -28.44 -42.74 -6.21
N ARG A 263 -28.27 -41.79 -5.31
CA ARG A 263 -28.95 -41.84 -4.01
C ARG A 263 -29.22 -40.42 -3.59
N PRO A 264 -30.14 -40.24 -2.62
CA PRO A 264 -30.28 -38.95 -1.96
C PRO A 264 -29.00 -38.48 -1.28
N LEU A 265 -28.81 -37.17 -1.29
CA LEU A 265 -27.59 -36.59 -0.79
C LEU A 265 -27.64 -36.51 0.73
N ASP A 266 -26.63 -37.05 1.40
CA ASP A 266 -26.51 -36.93 2.85
C ASP A 266 -25.05 -36.91 3.34
N ALA A 267 -24.56 -38.00 3.95
CA ALA A 267 -23.18 -38.07 4.38
C ALA A 267 -22.48 -39.40 4.05
N TYR A 268 -22.98 -40.13 3.07
CA TYR A 268 -22.45 -41.45 2.70
C TYR A 268 -20.99 -41.42 2.21
N VAL A 269 -20.63 -40.41 1.43
CA VAL A 269 -19.30 -40.37 0.87
C VAL A 269 -18.24 -40.10 1.93
N MET A 270 -18.42 -39.07 2.73
CA MET A 270 -17.45 -38.78 3.78
C MET A 270 -17.29 -40.03 4.71
N GLU A 271 -18.38 -40.69 5.03
CA GLU A 271 -18.33 -41.86 5.94
C GLU A 271 -17.53 -42.99 5.38
N ASN A 272 -17.52 -43.08 4.05
CA ASN A 272 -16.86 -44.18 3.34
C ASN A 272 -15.63 -43.78 2.50
N VAL A 273 -15.04 -42.65 2.85
CA VAL A 273 -13.90 -42.15 2.11
C VAL A 273 -12.66 -43.03 2.28
N LEU A 274 -11.78 -43.01 1.28
CA LEU A 274 -10.49 -43.73 1.33
C LEU A 274 -9.31 -42.79 1.63
N PHE A 275 -8.40 -43.22 2.50
CA PHE A 275 -7.17 -42.49 2.80
C PHE A 275 -5.98 -43.18 2.14
N LYS A 276 -4.96 -42.39 1.80
CA LYS A 276 -3.66 -42.93 1.50
C LYS A 276 -2.77 -42.78 2.76
N VAL A 277 -2.78 -43.78 3.62
CA VAL A 277 -2.19 -43.66 4.95
C VAL A 277 -0.66 -43.70 4.95
N SER A 278 -0.08 -44.58 4.13
CA SER A 278 1.37 -44.90 4.24
C SER A 278 2.20 -44.31 3.11
N TYR A 279 1.65 -44.30 1.88
CA TYR A 279 2.45 -44.11 0.68
C TYR A 279 1.77 -43.11 -0.24
N PRO A 280 2.53 -42.13 -0.78
CA PRO A 280 1.97 -41.47 -1.92
C PRO A 280 2.14 -42.29 -3.19
N ALA A 281 1.04 -42.44 -3.91
CA ALA A 281 0.95 -43.34 -5.07
C ALA A 281 -0.48 -43.33 -5.58
N GLU A 282 -0.65 -43.53 -6.87
CA GLU A 282 -1.99 -43.61 -7.44
C GLU A 282 -2.78 -44.72 -6.74
N PHE A 283 -4.03 -44.46 -6.45
CA PHE A 283 -4.73 -45.26 -5.46
C PHE A 283 -4.82 -46.73 -5.91
N HIS A 284 -4.87 -46.94 -7.23
CA HIS A 284 -5.13 -48.26 -7.76
C HIS A 284 -3.94 -49.15 -7.58
N ALA A 285 -2.80 -48.56 -7.22
CA ALA A 285 -1.59 -49.29 -6.86
C ALA A 285 -1.32 -49.42 -5.37
N GLN A 286 -2.18 -48.83 -4.53
CA GLN A 286 -1.96 -48.83 -3.06
C GLN A 286 -1.82 -50.25 -2.48
N THR A 287 -2.66 -51.18 -2.91
CA THR A 287 -2.59 -52.55 -2.38
C THR A 287 -1.42 -53.35 -2.94
N ALA A 288 -0.97 -52.98 -4.14
CA ALA A 288 0.22 -53.60 -4.76
C ALA A 288 1.49 -53.16 -4.06
N ALA A 289 1.55 -51.87 -3.75
CA ALA A 289 2.50 -51.36 -2.78
C ALA A 289 2.54 -52.13 -1.42
N GLU A 290 1.38 -52.33 -0.78
CA GLU A 290 1.33 -53.04 0.50
C GLU A 290 1.87 -54.47 0.34
N SER A 291 1.50 -55.13 -0.74
CA SER A 291 1.95 -56.53 -1.00
C SER A 291 3.44 -56.60 -1.32
N ALA A 292 3.91 -55.65 -2.11
CA ALA A 292 5.33 -55.53 -2.42
C ALA A 292 6.21 -55.35 -1.18
N VAL A 293 5.76 -54.49 -0.28
CA VAL A 293 6.46 -54.24 0.95
C VAL A 293 6.51 -55.50 1.83
N ILE A 294 5.40 -56.23 1.96
CA ILE A 294 5.42 -57.59 2.55
C ILE A 294 6.48 -58.52 1.92
N LEU A 295 6.57 -58.54 0.60
CA LEU A 295 7.55 -59.40 -0.10
C LEU A 295 9.00 -58.94 -0.05
N HIS A 296 9.22 -57.66 0.21
CA HIS A 296 10.53 -57.05 0.15
C HIS A 296 11.64 -57.89 0.87
N PRO A 297 11.41 -58.32 2.13
CA PRO A 297 12.47 -59.07 2.84
C PRO A 297 12.85 -60.38 2.15
N GLN A 298 11.88 -60.99 1.47
CA GLN A 298 12.11 -62.20 0.68
C GLN A 298 12.84 -61.98 -0.61
N VAL A 299 12.98 -60.74 -1.06
CA VAL A 299 13.64 -60.51 -2.35
C VAL A 299 14.87 -59.61 -2.25
N LYS A 300 15.02 -58.92 -1.14
CA LYS A 300 15.97 -57.82 -1.04
C LYS A 300 17.41 -58.19 -1.31
N ASN A 301 17.78 -59.43 -0.99
CA ASN A 301 19.13 -59.94 -1.22
C ASN A 301 19.22 -60.86 -2.42
N ARG A 302 18.14 -60.91 -3.18
CA ARG A 302 18.04 -61.80 -4.36
C ARG A 302 17.59 -61.03 -5.55
N ILE A 303 18.43 -60.03 -5.80
CA ILE A 303 18.14 -58.59 -5.77
C ILE A 303 17.83 -58.12 -7.17
N ASP A 304 18.64 -58.62 -8.12
CA ASP A 304 18.32 -58.76 -9.52
C ASP A 304 17.59 -60.10 -9.49
N GLU A 305 18.25 -61.22 -9.90
CA GLU A 305 17.77 -62.64 -9.82
C GLU A 305 16.34 -62.74 -9.38
N ILE A 306 15.47 -62.61 -10.33
CA ILE A 306 14.07 -62.65 -10.13
C ILE A 306 13.94 -62.93 -11.59
N ASP A 307 13.05 -63.86 -11.90
CA ASP A 307 12.79 -64.28 -13.25
C ASP A 307 11.58 -63.52 -13.74
N ARG A 308 10.51 -63.55 -12.97
CA ARG A 308 9.31 -62.78 -13.30
C ARG A 308 8.48 -62.44 -12.11
N VAL A 309 7.70 -61.39 -12.28
CA VAL A 309 6.85 -60.90 -11.23
C VAL A 309 5.44 -60.85 -11.78
N VAL A 310 4.55 -61.56 -11.12
CA VAL A 310 3.15 -61.58 -11.53
C VAL A 310 2.35 -60.59 -10.69
N ILE A 311 1.57 -59.77 -11.39
CA ILE A 311 0.70 -58.82 -10.71
C ILE A 311 -0.71 -59.01 -11.21
N ARG A 312 -1.60 -59.36 -10.30
CA ARG A 312 -2.99 -59.54 -10.62
C ARG A 312 -3.70 -58.32 -10.11
N THR A 313 -4.52 -57.70 -10.95
CA THR A 313 -5.14 -56.41 -10.62
C THR A 313 -6.58 -56.31 -11.13
N HIS A 314 -7.17 -55.12 -10.95
CA HIS A 314 -8.56 -54.84 -11.40
C HIS A 314 -8.56 -53.94 -12.62
N GLU A 315 -9.73 -53.71 -13.19
CA GLU A 315 -9.83 -53.11 -14.52
C GLU A 315 -9.39 -51.62 -14.56
N SER A 316 -9.68 -50.88 -13.49
CA SER A 316 -9.32 -49.44 -13.46
C SER A 316 -7.82 -49.24 -13.47
N ALA A 317 -7.10 -50.10 -12.76
CA ALA A 317 -5.65 -50.05 -12.73
C ALA A 317 -5.10 -50.27 -14.15
N ILE A 318 -5.65 -51.24 -14.85
CA ILE A 318 -5.28 -51.50 -16.26
C ILE A 318 -5.55 -50.30 -17.15
N ARG A 319 -6.66 -49.63 -16.92
CA ARG A 319 -7.00 -48.51 -17.75
C ARG A 319 -6.09 -47.31 -17.51
N ILE A 320 -5.52 -47.17 -16.29
CA ILE A 320 -4.87 -45.91 -15.93
C ILE A 320 -3.34 -46.05 -15.80
N ILE A 321 -2.92 -47.02 -15.02
CA ILE A 321 -1.53 -47.07 -14.51
C ILE A 321 -0.73 -48.30 -14.97
N ASP A 322 -1.29 -49.09 -15.89
CA ASP A 322 -0.56 -50.23 -16.50
C ASP A 322 0.30 -49.73 -17.66
N LYS A 323 1.60 -49.58 -17.43
CA LYS A 323 2.51 -49.04 -18.45
C LYS A 323 3.79 -49.84 -18.57
N LYS A 324 4.26 -49.98 -19.80
CA LYS A 324 5.58 -50.56 -20.08
C LYS A 324 6.52 -49.51 -20.68
N GLY A 325 7.82 -49.70 -20.54
CA GLY A 325 8.82 -48.85 -21.20
C GLY A 325 9.19 -47.61 -20.39
N PRO A 326 9.97 -46.69 -20.98
CA PRO A 326 10.56 -45.59 -20.21
C PRO A 326 9.48 -44.70 -19.56
N LEU A 327 9.73 -44.31 -18.32
CA LEU A 327 8.86 -43.33 -17.62
C LEU A 327 9.65 -42.05 -17.50
N HIS A 328 8.98 -40.92 -17.70
CA HIS A 328 9.66 -39.65 -18.00
C HIS A 328 9.65 -38.56 -16.92
N ASN A 329 8.84 -38.70 -15.90
CA ASN A 329 8.72 -37.66 -14.85
C ASN A 329 8.01 -38.24 -13.65
N PRO A 330 7.99 -37.49 -12.51
CA PRO A 330 7.43 -38.08 -11.30
C PRO A 330 5.93 -38.43 -11.36
N ALA A 331 5.15 -37.66 -12.12
CA ALA A 331 3.78 -37.99 -12.34
C ALA A 331 3.60 -39.32 -13.11
N ASP A 332 4.44 -39.54 -14.11
CA ASP A 332 4.38 -40.75 -14.93
C ASP A 332 4.61 -41.98 -14.05
N ARG A 333 5.57 -41.85 -13.17
CA ARG A 333 6.01 -42.92 -12.27
C ARG A 333 5.02 -43.19 -11.18
N ASP A 334 4.44 -42.15 -10.60
CA ASP A 334 3.53 -42.34 -9.50
C ASP A 334 2.13 -42.79 -10.01
N HIS A 335 1.99 -42.73 -11.33
CA HIS A 335 0.90 -43.39 -12.08
C HIS A 335 1.35 -44.64 -12.87
N CYS A 336 2.24 -45.42 -12.26
CA CYS A 336 2.70 -46.67 -12.87
C CYS A 336 2.70 -47.81 -11.86
N LEU A 337 1.81 -48.78 -12.10
CA LEU A 337 1.62 -49.92 -11.19
C LEU A 337 2.91 -50.70 -11.02
N GLN A 338 3.62 -50.83 -12.13
CA GLN A 338 4.89 -51.56 -12.18
C GLN A 338 6.01 -50.85 -11.45
N TYR A 339 6.13 -49.53 -11.66
CA TYR A 339 7.12 -48.71 -10.94
C TYR A 339 6.91 -48.76 -9.44
N ILE A 340 5.67 -48.53 -9.04
CA ILE A 340 5.33 -48.51 -7.63
C ILE A 340 5.63 -49.86 -6.99
N THR A 341 5.23 -50.92 -7.67
CA THR A 341 5.47 -52.26 -7.17
C THR A 341 7.00 -52.52 -7.09
N ALA A 342 7.76 -52.06 -8.07
CA ALA A 342 9.22 -52.22 -8.04
C ALA A 342 9.87 -51.49 -6.88
N ILE A 343 9.40 -50.29 -6.59
CA ILE A 343 9.93 -49.54 -5.46
C ILE A 343 9.70 -50.27 -4.14
N GLY A 344 8.50 -50.81 -3.98
CA GLY A 344 8.14 -51.56 -2.78
C GLY A 344 9.07 -52.77 -2.61
N LEU A 345 9.28 -53.49 -3.70
CA LEU A 345 10.14 -54.69 -3.70
C LEU A 345 11.61 -54.35 -3.43
N LEU A 346 12.10 -53.27 -4.07
CA LEU A 346 13.49 -52.87 -3.97
C LEU A 346 13.84 -52.19 -2.64
N PHE A 347 12.90 -51.40 -2.11
CA PHE A 347 13.18 -50.52 -1.00
C PHE A 347 12.38 -50.75 0.25
N GLY A 348 11.30 -51.51 0.17
CA GLY A 348 10.47 -51.82 1.33
C GLY A 348 9.69 -50.62 1.86
N ASP A 349 9.66 -49.54 1.08
CA ASP A 349 8.94 -48.32 1.49
C ASP A 349 8.75 -47.48 0.24
N ILE A 350 7.75 -46.60 0.23
CA ILE A 350 7.53 -45.71 -0.89
C ILE A 350 7.30 -44.26 -0.38
N THR A 351 8.14 -43.34 -0.85
CA THR A 351 8.00 -41.92 -0.52
C THR A 351 8.05 -41.17 -1.84
N ALA A 352 7.64 -39.90 -1.82
CA ALA A 352 7.58 -39.12 -3.04
C ALA A 352 8.99 -38.90 -3.66
N GLN A 353 10.04 -38.98 -2.85
CA GLN A 353 11.41 -38.99 -3.36
C GLN A 353 11.73 -40.15 -4.31
N HIS A 354 11.08 -41.29 -4.13
CA HIS A 354 11.32 -42.43 -5.03
C HIS A 354 10.91 -42.21 -6.48
N TYR A 355 10.05 -41.22 -6.73
CA TYR A 355 9.59 -40.88 -8.08
C TYR A 355 10.53 -39.88 -8.79
N GLU A 356 11.52 -39.37 -8.07
CA GLU A 356 12.45 -38.35 -8.63
C GLU A 356 13.56 -39.01 -9.42
N ALA A 357 14.27 -38.20 -10.21
CA ALA A 357 15.24 -38.74 -11.17
C ALA A 357 16.34 -39.53 -10.44
N GLU A 358 16.73 -39.07 -9.25
CA GLU A 358 17.82 -39.71 -8.52
C GLU A 358 17.55 -41.20 -8.29
N THR A 359 16.34 -41.52 -7.85
CA THR A 359 15.96 -42.92 -7.63
C THR A 359 15.65 -43.61 -8.92
N ALA A 360 14.92 -42.94 -9.79
CA ALA A 360 14.48 -43.53 -11.02
C ALA A 360 15.62 -43.95 -11.94
N ASN A 361 16.74 -43.26 -11.83
CA ASN A 361 17.98 -43.62 -12.54
C ASN A 361 18.67 -44.92 -12.08
N ASP A 362 18.27 -45.46 -10.93
CA ASP A 362 18.73 -46.79 -10.48
C ASP A 362 18.37 -47.84 -11.52
N PRO A 363 19.39 -48.44 -12.18
CA PRO A 363 19.20 -49.37 -13.29
C PRO A 363 18.41 -50.62 -12.92
N ARG A 364 18.42 -51.00 -11.64
CA ARG A 364 17.59 -52.12 -11.15
C ARG A 364 16.07 -51.96 -11.36
N ILE A 365 15.57 -50.74 -11.28
CA ILE A 365 14.14 -50.50 -11.41
C ILE A 365 13.60 -50.99 -12.75
N ASP A 366 14.09 -50.39 -13.83
CA ASP A 366 13.59 -50.69 -15.17
C ASP A 366 13.86 -52.15 -15.61
N LYS A 367 14.92 -52.74 -15.11
CA LYS A 367 15.17 -54.18 -15.28
C LYS A 367 14.10 -55.02 -14.60
N LEU A 368 13.70 -54.60 -13.40
CA LEU A 368 12.66 -55.30 -12.65
C LEU A 368 11.27 -55.05 -13.23
N ARG A 369 11.01 -53.84 -13.69
CA ARG A 369 9.78 -53.57 -14.41
C ARG A 369 9.59 -54.46 -15.66
N ASP A 370 10.62 -54.60 -16.50
CA ASP A 370 10.46 -55.44 -17.69
C ASP A 370 10.30 -56.96 -17.39
N LYS A 371 10.34 -57.36 -16.11
CA LYS A 371 10.00 -58.73 -15.70
C LYS A 371 8.56 -58.89 -15.23
N MET A 372 7.80 -57.80 -15.24
CA MET A 372 6.49 -57.79 -14.62
C MET A 372 5.43 -58.10 -15.64
N GLU A 373 4.49 -58.97 -15.25
CA GLU A 373 3.36 -59.33 -16.10
C GLU A 373 2.09 -58.93 -15.35
N VAL A 374 1.32 -58.00 -15.92
CA VAL A 374 0.08 -57.47 -15.28
C VAL A 374 -1.13 -58.01 -16.00
N THR A 375 -2.01 -58.71 -15.27
CA THR A 375 -3.22 -59.23 -15.85
C THR A 375 -4.37 -58.94 -14.94
N GLU A 376 -5.53 -58.78 -15.55
CA GLU A 376 -6.74 -58.52 -14.81
C GLU A 376 -7.30 -59.79 -14.16
N ASN A 377 -7.61 -59.70 -12.89
CA ASN A 377 -8.50 -60.65 -12.25
C ASN A 377 -9.93 -60.10 -12.22
N LYS A 378 -10.86 -60.81 -12.86
CA LYS A 378 -12.19 -60.26 -13.13
C LYS A 378 -13.05 -60.22 -11.88
N THR A 379 -12.67 -61.01 -10.88
CA THR A 379 -13.34 -60.94 -9.56
C THR A 379 -12.98 -59.62 -8.86
N TYR A 380 -11.69 -59.24 -8.93
CA TYR A 380 -11.25 -57.94 -8.37
C TYR A 380 -12.02 -56.78 -9.01
N THR A 381 -12.15 -56.84 -10.34
CA THR A 381 -12.95 -55.84 -11.07
C THR A 381 -14.41 -55.77 -10.56
N GLU A 382 -15.01 -56.93 -10.31
CA GLU A 382 -16.40 -56.98 -9.77
C GLU A 382 -16.48 -56.43 -8.35
N ASP A 383 -15.55 -56.86 -7.50
CA ASP A 383 -15.60 -56.46 -6.10
C ASP A 383 -15.31 -54.98 -5.88
N TYR A 384 -14.54 -54.39 -6.80
CA TYR A 384 -14.25 -52.94 -6.82
C TYR A 384 -15.52 -52.10 -6.84
N LEU A 385 -16.52 -52.57 -7.58
CA LEU A 385 -17.81 -51.87 -7.74
C LEU A 385 -18.93 -52.32 -6.80
N LYS A 386 -18.71 -53.36 -5.99
CA LYS A 386 -19.82 -53.87 -5.21
C LYS A 386 -19.97 -53.10 -3.87
N PRO A 387 -21.15 -52.50 -3.66
CA PRO A 387 -21.31 -51.47 -2.63
C PRO A 387 -20.97 -51.89 -1.21
N ASP A 388 -21.15 -53.17 -0.87
CA ASP A 388 -20.89 -53.61 0.51
C ASP A 388 -19.44 -53.93 0.72
N LYS A 389 -18.61 -53.72 -0.30
CA LYS A 389 -17.21 -54.13 -0.27
C LYS A 389 -16.24 -53.04 -0.77
N ARG A 390 -16.40 -52.67 -2.03
CA ARG A 390 -15.54 -51.65 -2.66
C ARG A 390 -14.06 -51.90 -2.33
N SER A 391 -13.56 -53.09 -2.71
CA SER A 391 -12.15 -53.44 -2.56
C SER A 391 -11.36 -52.80 -3.73
N ILE A 392 -10.07 -52.68 -3.52
CA ILE A 392 -9.18 -52.11 -4.55
C ILE A 392 -8.00 -53.06 -4.73
N SER A 393 -8.30 -54.25 -5.23
CA SER A 393 -7.46 -55.45 -5.00
C SER A 393 -6.31 -55.62 -5.98
N ASN A 394 -5.17 -56.01 -5.43
CA ASN A 394 -4.03 -56.43 -6.20
C ASN A 394 -3.40 -57.64 -5.52
N ALA A 395 -2.67 -58.45 -6.30
CA ALA A 395 -1.89 -59.56 -5.75
C ALA A 395 -0.62 -59.70 -6.51
N VAL A 396 0.43 -60.08 -5.78
CA VAL A 396 1.78 -60.00 -6.29
C VAL A 396 2.49 -61.29 -5.89
N GLN A 397 3.16 -61.89 -6.85
CA GLN A 397 3.99 -63.10 -6.61
C GLN A 397 5.26 -63.06 -7.45
N VAL A 398 6.37 -63.36 -6.78
CA VAL A 398 7.70 -63.23 -7.41
C VAL A 398 8.26 -64.62 -7.70
N HIS A 399 8.68 -64.83 -8.94
CA HIS A 399 9.24 -66.11 -9.36
C HIS A 399 10.74 -65.96 -9.61
N PHE A 400 11.48 -66.95 -9.13
CA PHE A 400 12.93 -66.94 -9.24
C PHE A 400 13.43 -67.83 -10.38
N LYS A 401 14.66 -67.54 -10.81
CA LYS A 401 15.33 -68.26 -11.91
C LYS A 401 15.63 -69.72 -11.62
N ASP A 402 15.81 -70.05 -10.37
CA ASP A 402 15.88 -71.45 -9.93
C ASP A 402 14.52 -72.22 -9.94
N GLY A 403 13.40 -71.54 -10.17
CA GLY A 403 12.09 -72.20 -10.28
C GLY A 403 11.26 -72.12 -9.03
N THR A 404 11.83 -71.58 -7.97
CA THR A 404 11.06 -71.38 -6.75
C THR A 404 10.26 -70.10 -6.93
N SER A 405 9.47 -69.78 -5.92
CA SER A 405 8.69 -68.56 -5.91
C SER A 405 8.26 -68.20 -4.51
N THR A 406 8.00 -66.91 -4.29
CA THR A 406 7.33 -66.47 -3.06
C THR A 406 5.88 -66.92 -3.13
N GLU A 407 5.17 -66.81 -2.03
CA GLU A 407 3.72 -66.97 -2.04
C GLU A 407 3.09 -65.81 -2.81
N MET A 408 1.91 -66.04 -3.32
CA MET A 408 1.17 -64.95 -3.92
C MET A 408 0.58 -64.15 -2.78
N VAL A 409 0.94 -62.87 -2.69
CA VAL A 409 0.43 -62.04 -1.60
C VAL A 409 -0.66 -61.11 -2.11
N GLU A 410 -1.86 -61.33 -1.59
CA GLU A 410 -3.07 -60.63 -1.99
C GLU A 410 -3.48 -59.60 -0.93
N CYS A 411 -3.74 -58.37 -1.38
CA CYS A 411 -4.34 -57.34 -0.52
C CYS A 411 -5.59 -56.73 -1.19
N GLU A 412 -6.73 -56.95 -0.55
CA GLU A 412 -8.00 -56.40 -1.01
C GLU A 412 -8.26 -54.99 -0.47
N PHE A 413 -7.93 -54.78 0.80
CA PHE A 413 -8.31 -53.58 1.52
C PHE A 413 -7.04 -52.86 1.96
N PRO A 414 -6.69 -51.76 1.30
CA PRO A 414 -5.55 -50.98 1.84
C PRO A 414 -5.89 -50.32 3.20
N LEU A 415 -4.87 -49.81 3.86
CA LEU A 415 -4.96 -49.39 5.25
C LEU A 415 -5.92 -48.21 5.38
N GLY A 416 -6.07 -47.47 4.28
CA GLY A 416 -7.03 -46.37 4.23
C GLY A 416 -8.48 -46.68 3.94
N HIS A 417 -8.80 -47.96 3.69
CA HIS A 417 -10.21 -48.43 3.52
C HIS A 417 -10.97 -48.39 4.86
N ARG A 418 -12.25 -48.06 4.80
CA ARG A 418 -13.07 -47.97 5.99
C ARG A 418 -13.00 -49.22 6.92
N PHE A 419 -12.85 -50.40 6.33
CA PHE A 419 -12.77 -51.65 7.11
C PHE A 419 -11.53 -51.68 8.02
N ARG A 420 -10.55 -50.84 7.76
CA ARG A 420 -9.33 -50.81 8.57
C ARG A 420 -9.16 -49.45 9.27
N ARG A 421 -10.26 -48.79 9.50
CA ARG A 421 -10.24 -47.42 9.97
C ARG A 421 -9.62 -47.28 11.37
N GLU A 422 -10.00 -48.15 12.29
CA GLU A 422 -9.46 -48.04 13.68
C GLU A 422 -7.94 -48.23 13.68
N GLU A 423 -7.46 -49.19 12.93
CA GLU A 423 -6.03 -49.38 12.74
C GLU A 423 -5.36 -48.17 12.08
N ALA A 424 -6.09 -47.54 11.18
CA ALA A 424 -5.51 -46.46 10.35
C ALA A 424 -5.32 -45.15 11.13
N VAL A 425 -6.27 -44.82 12.01
CA VAL A 425 -6.35 -43.44 12.55
C VAL A 425 -5.03 -43.01 13.21
N PRO A 426 -4.44 -43.88 14.05
CA PRO A 426 -3.17 -43.44 14.65
C PRO A 426 -2.06 -43.25 13.62
N LYS A 427 -2.09 -44.04 12.54
CA LYS A 427 -1.08 -43.92 11.49
C LYS A 427 -1.29 -42.68 10.63
N LEU A 428 -2.54 -42.27 10.52
CA LEU A 428 -2.88 -41.04 9.83
C LEU A 428 -2.34 -39.82 10.58
N LEU A 429 -2.45 -39.87 11.89
CA LEU A 429 -1.95 -38.80 12.74
C LEU A 429 -0.42 -38.74 12.71
N GLU A 430 0.23 -39.89 12.59
CA GLU A 430 1.70 -39.94 12.47
C GLU A 430 2.14 -39.34 11.13
N LYS A 431 1.43 -39.70 10.08
CA LYS A 431 1.62 -39.09 8.76
C LYS A 431 1.48 -37.56 8.80
N PHE A 432 0.44 -37.07 9.47
CA PHE A 432 0.19 -35.64 9.63
C PHE A 432 1.38 -34.93 10.33
N SER A 433 1.78 -35.49 11.45
CA SER A 433 2.90 -34.96 12.22
C SER A 433 4.20 -34.97 11.43
N ASP A 434 4.50 -36.11 10.77
CA ASP A 434 5.66 -36.17 9.90
C ASP A 434 5.63 -35.09 8.79
N ASN A 435 4.47 -34.94 8.15
CA ASN A 435 4.33 -33.96 7.06
C ASN A 435 4.56 -32.52 7.52
N LEU A 436 3.97 -32.17 8.65
CA LEU A 436 4.18 -30.86 9.27
C LEU A 436 5.63 -30.63 9.59
N LYS A 437 6.31 -31.68 10.04
CA LYS A 437 7.72 -31.54 10.50
C LYS A 437 8.65 -31.13 9.38
N THR A 438 8.28 -31.45 8.15
CA THR A 438 9.15 -31.18 7.02
C THR A 438 9.28 -29.70 6.78
N HIS A 439 8.29 -28.94 7.24
CA HIS A 439 8.15 -27.57 6.86
C HIS A 439 8.13 -26.57 8.04
N PHE A 440 7.60 -26.98 9.18
CA PHE A 440 7.42 -26.09 10.32
C PHE A 440 8.46 -26.38 11.39
N PRO A 441 8.94 -25.32 12.07
CA PRO A 441 9.83 -25.51 13.21
C PRO A 441 9.10 -26.07 14.41
N ASP A 442 9.87 -26.47 15.41
CA ASP A 442 9.41 -27.32 16.49
C ASP A 442 8.19 -26.77 17.23
N LYS A 443 8.27 -25.51 17.64
CA LYS A 443 7.19 -24.85 18.34
C LYS A 443 5.89 -24.84 17.51
N GLN A 444 6.00 -24.50 16.24
CA GLN A 444 4.82 -24.32 15.39
C GLN A 444 4.20 -25.68 15.03
N HIS A 445 5.07 -26.66 14.75
CA HIS A 445 4.63 -27.98 14.41
C HIS A 445 3.83 -28.60 15.59
N LYS A 446 4.33 -28.41 16.80
CA LYS A 446 3.70 -28.98 17.98
C LYS A 446 2.38 -28.28 18.28
N HIS A 447 2.35 -26.96 18.15
CA HIS A 447 1.11 -26.16 18.28
C HIS A 447 0.03 -26.53 17.26
N ILE A 448 0.36 -26.58 15.97
CA ILE A 448 -0.59 -27.04 14.97
C ILE A 448 -1.10 -28.45 15.30
N TYR A 449 -0.17 -29.36 15.57
CA TYR A 449 -0.56 -30.76 15.83
C TYR A 449 -1.56 -30.84 16.97
N GLU A 450 -1.24 -30.13 18.04
CA GLU A 450 -2.07 -30.13 19.21
C GLU A 450 -3.45 -29.55 18.97
N ARG A 451 -3.53 -28.41 18.30
CA ARG A 451 -4.85 -27.81 18.04
C ARG A 451 -5.69 -28.69 17.12
N CYS A 452 -5.06 -29.30 16.12
CA CYS A 452 -5.77 -30.02 15.08
C CYS A 452 -6.28 -31.39 15.51
N THR A 453 -5.67 -31.96 16.55
CA THR A 453 -6.03 -33.28 17.04
C THR A 453 -6.87 -33.24 18.31
N SER A 454 -7.05 -32.06 18.88
CA SER A 454 -8.07 -31.82 19.88
C SER A 454 -9.40 -31.45 19.21
N TYR A 455 -10.15 -32.46 18.76
CA TYR A 455 -11.27 -32.26 17.82
C TYR A 455 -12.42 -31.44 18.41
N GLU A 456 -12.61 -31.52 19.72
CA GLU A 456 -13.74 -30.86 20.35
C GLU A 456 -13.59 -29.36 20.27
N THR A 457 -12.49 -28.89 20.81
CA THR A 457 -12.15 -27.48 20.78
C THR A 457 -11.87 -26.96 19.37
N LEU A 458 -11.44 -27.83 18.47
CA LEU A 458 -11.13 -27.45 17.09
C LEU A 458 -12.40 -26.90 16.38
N GLN A 459 -13.55 -27.50 16.68
CA GLN A 459 -14.83 -27.16 16.03
C GLN A 459 -15.12 -25.70 16.05
N THR A 460 -14.80 -25.10 17.20
CA THR A 460 -15.22 -23.75 17.57
C THR A 460 -14.10 -22.74 17.27
N MET A 461 -12.98 -23.21 16.74
CA MET A 461 -11.92 -22.31 16.32
C MET A 461 -12.38 -21.46 15.12
N ARG A 462 -12.19 -20.16 15.18
CA ARG A 462 -12.45 -19.28 14.05
C ARG A 462 -11.58 -19.68 12.87
N VAL A 463 -12.13 -19.66 11.66
CA VAL A 463 -11.39 -20.11 10.49
C VAL A 463 -10.13 -19.29 10.20
N ASN A 464 -10.22 -17.96 10.32
CA ASN A 464 -9.06 -17.11 10.21
C ASN A 464 -7.92 -17.47 11.19
N GLU A 465 -8.26 -17.74 12.46
CA GLU A 465 -7.27 -18.19 13.43
C GLU A 465 -6.69 -19.56 13.13
N PHE A 466 -7.53 -20.48 12.65
CA PHE A 466 -7.10 -21.82 12.27
C PHE A 466 -6.06 -21.70 11.17
N VAL A 467 -6.34 -20.90 10.16
CA VAL A 467 -5.32 -20.66 9.14
C VAL A 467 -4.17 -19.89 9.93
N ASP A 468 -3.53 -20.59 10.94
CA ASP A 468 -2.14 -20.35 11.53
C ASP A 468 -1.05 -21.36 11.05
N MET A 469 -1.31 -21.86 9.85
CA MET A 469 -0.34 -22.20 8.81
C MET A 469 -0.24 -23.72 8.77
N MET B 1 12.23 -37.29 -32.77
CA MET B 1 12.43 -37.37 -31.29
C MET B 1 11.04 -37.30 -30.62
N PRO B 2 10.92 -36.78 -29.37
CA PRO B 2 9.55 -36.66 -28.80
C PRO B 2 8.65 -35.71 -29.62
N LYS B 3 7.54 -36.25 -30.10
CA LYS B 3 6.89 -35.74 -31.27
C LYS B 3 5.68 -34.85 -30.97
N THR B 4 5.89 -33.54 -30.88
CA THR B 4 4.73 -32.63 -30.73
C THR B 4 3.83 -32.52 -31.98
N ASP B 5 2.52 -32.49 -31.74
CA ASP B 5 1.52 -32.41 -32.81
C ASP B 5 1.76 -31.25 -33.74
N ARG B 6 1.65 -31.52 -35.04
CA ARG B 6 2.06 -30.58 -36.10
C ARG B 6 1.38 -29.22 -36.05
N VAL B 7 0.07 -29.23 -35.82
CA VAL B 7 -0.64 -27.97 -35.70
C VAL B 7 -0.03 -27.02 -34.65
N ILE B 8 0.34 -27.57 -33.50
CA ILE B 8 0.94 -26.80 -32.38
C ILE B 8 2.31 -26.25 -32.76
N GLU B 9 3.10 -27.07 -33.46
CA GLU B 9 4.36 -26.60 -34.07
C GLU B 9 4.21 -25.51 -35.12
N GLU B 10 3.24 -25.63 -36.05
CA GLU B 10 3.04 -24.57 -37.08
C GLU B 10 2.56 -23.32 -36.47
N ILE B 11 1.63 -23.38 -35.53
CA ILE B 11 1.28 -22.13 -34.78
C ILE B 11 2.50 -21.49 -34.11
N THR B 12 3.23 -22.28 -33.36
CA THR B 12 4.44 -21.82 -32.65
C THR B 12 5.49 -21.15 -33.60
N ASP B 13 5.76 -21.81 -34.72
CA ASP B 13 6.68 -21.28 -35.74
C ASP B 13 6.23 -19.97 -36.33
N TYR B 14 4.93 -19.87 -36.59
CA TYR B 14 4.35 -18.63 -37.09
C TYR B 14 4.50 -17.45 -36.11
N VAL B 15 4.19 -17.72 -34.86
CA VAL B 15 4.22 -16.69 -33.83
C VAL B 15 5.65 -16.20 -33.59
N LEU B 16 6.59 -17.13 -33.54
CA LEU B 16 7.98 -16.78 -33.32
C LEU B 16 8.69 -16.16 -34.53
N GLU B 17 8.45 -16.70 -35.73
CA GLU B 17 9.35 -16.46 -36.88
C GLU B 17 8.76 -15.73 -38.06
N LYS B 18 7.47 -15.81 -38.27
CA LYS B 18 6.88 -15.22 -39.47
C LYS B 18 6.89 -13.69 -39.40
N GLU B 19 7.56 -13.05 -40.35
CA GLU B 19 7.49 -11.60 -40.45
C GLU B 19 6.24 -11.18 -41.23
N ILE B 20 5.41 -10.32 -40.64
CA ILE B 20 4.24 -9.83 -41.34
C ILE B 20 4.68 -8.69 -42.27
N THR B 21 4.38 -8.79 -43.56
CA THR B 21 4.80 -7.74 -44.51
C THR B 21 3.65 -6.94 -45.12
N SER B 22 2.43 -7.33 -44.82
CA SER B 22 1.27 -6.71 -45.46
C SER B 22 0.92 -5.33 -44.91
N ALA B 23 1.11 -4.32 -45.76
CA ALA B 23 0.72 -2.95 -45.47
C ALA B 23 -0.78 -2.85 -45.20
N GLU B 24 -1.56 -3.56 -46.01
CA GLU B 24 -2.99 -3.62 -45.84
C GLU B 24 -3.39 -4.21 -44.48
N ALA B 25 -2.71 -5.25 -44.05
CA ALA B 25 -2.99 -5.89 -42.76
C ALA B 25 -2.75 -4.93 -41.60
N TYR B 26 -1.67 -4.18 -41.68
CA TYR B 26 -1.38 -3.21 -40.61
C TYR B 26 -2.39 -2.09 -40.60
N THR B 27 -2.85 -1.69 -41.78
CA THR B 27 -3.79 -0.62 -41.92
C THR B 27 -5.13 -1.05 -41.39
N THR B 28 -5.56 -2.23 -41.78
CA THR B 28 -6.77 -2.82 -41.23
C THR B 28 -6.71 -3.15 -39.74
N ALA B 29 -5.55 -3.59 -39.25
CA ALA B 29 -5.36 -3.80 -37.80
C ALA B 29 -5.55 -2.50 -37.00
N GLY B 30 -5.04 -1.39 -37.53
CA GLY B 30 -5.29 -0.10 -36.93
C GLY B 30 -6.78 0.25 -36.81
N HIS B 31 -7.54 -0.04 -37.84
CA HIS B 31 -8.97 0.13 -37.81
C HIS B 31 -9.65 -0.79 -36.81
N VAL B 32 -9.18 -2.00 -36.72
CA VAL B 32 -9.77 -2.97 -35.77
C VAL B 32 -9.47 -2.47 -34.35
N LEU B 33 -8.27 -1.97 -34.14
CA LEU B 33 -7.86 -1.54 -32.81
C LEU B 33 -8.82 -0.47 -32.29
N LEU B 34 -9.06 0.55 -33.10
CA LEU B 34 -9.95 1.64 -32.68
C LEU B 34 -11.39 1.16 -32.58
N ASP B 35 -11.86 0.46 -33.61
CA ASP B 35 -13.22 -0.05 -33.61
C ASP B 35 -13.48 -0.85 -32.36
N THR B 36 -12.54 -1.74 -32.04
CA THR B 36 -12.70 -2.67 -30.91
C THR B 36 -12.76 -1.93 -29.57
N LEU B 37 -11.82 -1.03 -29.37
CA LEU B 37 -11.77 -0.25 -28.14
C LEU B 37 -13.00 0.64 -27.99
N GLY B 38 -13.46 1.24 -29.09
CA GLY B 38 -14.74 1.93 -29.12
C GLY B 38 -15.92 1.10 -28.66
N CYS B 39 -15.96 -0.16 -29.11
CA CYS B 39 -17.01 -1.06 -28.70
C CYS B 39 -16.94 -1.34 -27.23
N GLY B 40 -15.73 -1.60 -26.76
CA GLY B 40 -15.49 -1.77 -25.30
C GLY B 40 -15.98 -0.58 -24.47
N ILE B 41 -15.62 0.62 -24.90
CA ILE B 41 -16.00 1.84 -24.17
C ILE B 41 -17.53 2.02 -24.12
N LEU B 42 -18.18 1.67 -25.19
CA LEU B 42 -19.64 1.71 -25.25
C LEU B 42 -20.28 0.72 -24.27
N ALA B 43 -19.62 -0.44 -24.10
CA ALA B 43 -20.12 -1.44 -23.15
C ALA B 43 -20.12 -0.95 -21.71
N LEU B 44 -19.29 0.05 -21.42
CA LEU B 44 -19.30 0.63 -20.07
C LEU B 44 -20.58 1.39 -19.76
N ARG B 45 -21.43 1.59 -20.76
CA ARG B 45 -22.76 2.14 -20.54
C ARG B 45 -23.82 1.12 -20.09
N TYR B 46 -23.43 -0.15 -19.96
CA TYR B 46 -24.33 -1.26 -19.66
C TYR B 46 -23.98 -1.87 -18.33
N PRO B 47 -24.86 -1.73 -17.33
CA PRO B 47 -24.55 -2.22 -15.95
C PRO B 47 -24.40 -3.71 -15.92
N GLU B 48 -25.06 -4.43 -16.84
CA GLU B 48 -24.92 -5.90 -16.87
C GLU B 48 -23.49 -6.35 -17.27
N CYS B 49 -22.80 -5.49 -18.02
CA CYS B 49 -21.40 -5.66 -18.27
C CYS B 49 -20.56 -5.24 -17.04
N THR B 50 -20.72 -3.98 -16.65
CA THR B 50 -19.90 -3.37 -15.56
C THR B 50 -19.86 -4.13 -14.31
N LYS B 51 -20.88 -4.95 -14.04
CA LYS B 51 -20.96 -5.68 -12.79
C LYS B 51 -19.88 -6.77 -12.72
N LEU B 52 -19.40 -7.20 -13.88
CA LEU B 52 -18.38 -8.22 -13.94
C LEU B 52 -16.94 -7.68 -13.92
N LEU B 53 -16.78 -6.36 -14.01
CA LEU B 53 -15.46 -5.74 -14.11
C LEU B 53 -14.83 -5.48 -12.75
N GLY B 54 -13.56 -5.05 -12.75
CA GLY B 54 -12.89 -4.68 -11.50
C GLY B 54 -12.10 -5.82 -10.94
N PRO B 55 -11.36 -5.56 -9.85
CA PRO B 55 -10.63 -6.62 -9.16
C PRO B 55 -11.56 -7.62 -8.48
N ILE B 56 -11.05 -8.79 -8.19
CA ILE B 56 -11.85 -9.80 -7.44
C ILE B 56 -12.17 -9.20 -6.05
N VAL B 57 -11.15 -8.63 -5.42
CA VAL B 57 -11.33 -7.97 -4.10
C VAL B 57 -11.12 -6.46 -4.25
N PRO B 58 -12.20 -5.65 -4.03
CA PRO B 58 -12.03 -4.22 -4.09
C PRO B 58 -10.87 -3.72 -3.24
N GLY B 59 -10.13 -2.76 -3.76
CA GLY B 59 -8.94 -2.23 -3.09
C GLY B 59 -7.67 -3.03 -3.21
N THR B 60 -7.68 -4.08 -4.02
CA THR B 60 -6.46 -4.77 -4.35
C THR B 60 -5.52 -3.82 -5.10
N THR B 61 -4.25 -3.88 -4.76
CA THR B 61 -3.21 -3.06 -5.35
C THR B 61 -2.26 -3.99 -6.10
N VAL B 62 -2.03 -3.69 -7.37
CA VAL B 62 -1.10 -4.45 -8.21
C VAL B 62 0.02 -3.57 -8.76
N PRO B 63 1.30 -3.88 -8.41
CA PRO B 63 2.46 -3.12 -8.94
C PRO B 63 2.56 -3.27 -10.44
N ASN B 64 2.75 -2.16 -11.13
CA ASN B 64 2.82 -2.17 -12.61
C ASN B 64 1.63 -2.87 -13.30
N GLY B 65 0.48 -2.82 -12.64
CA GLY B 65 -0.70 -3.48 -13.15
C GLY B 65 -1.22 -2.95 -14.49
N SER B 66 -1.86 -3.82 -15.23
CA SER B 66 -2.52 -3.45 -16.49
C SER B 66 -3.68 -2.54 -16.16
N LYS B 67 -3.82 -1.48 -16.93
CA LYS B 67 -4.98 -0.60 -16.79
C LYS B 67 -6.12 -1.02 -17.74
N VAL B 68 -7.35 -0.94 -17.23
CA VAL B 68 -8.53 -1.12 -18.05
C VAL B 68 -9.02 0.20 -18.63
N PRO B 69 -9.02 0.31 -19.97
CA PRO B 69 -9.54 1.54 -20.60
C PRO B 69 -10.91 1.91 -20.22
N GLY B 70 -11.10 3.22 -20.02
CA GLY B 70 -12.40 3.74 -19.56
C GLY B 70 -12.64 3.71 -18.07
N THR B 71 -11.66 3.20 -17.34
CA THR B 71 -11.84 2.96 -15.89
C THR B 71 -10.60 3.38 -15.06
N SER B 72 -10.74 3.28 -13.74
CA SER B 72 -9.65 3.45 -12.83
C SER B 72 -9.01 2.14 -12.36
N TYR B 73 -9.43 1.03 -12.95
CA TYR B 73 -8.95 -0.28 -12.51
C TYR B 73 -7.55 -0.53 -12.96
N VAL B 74 -6.74 -0.98 -12.01
CA VAL B 74 -5.35 -1.35 -12.27
C VAL B 74 -5.19 -2.79 -11.75
N LEU B 75 -5.03 -3.76 -12.65
CA LEU B 75 -5.24 -5.17 -12.37
C LEU B 75 -4.05 -6.06 -12.73
N ASP B 76 -4.02 -7.31 -12.23
CA ASP B 76 -3.11 -8.29 -12.77
C ASP B 76 -3.48 -8.52 -14.26
N PRO B 77 -2.51 -8.91 -15.08
CA PRO B 77 -2.80 -9.03 -16.55
C PRO B 77 -3.83 -10.09 -16.96
N VAL B 78 -4.02 -11.13 -16.13
CA VAL B 78 -5.10 -12.13 -16.38
C VAL B 78 -6.49 -11.49 -16.21
N ARG B 79 -6.69 -10.88 -15.05
CA ARG B 79 -7.96 -10.22 -14.72
C ARG B 79 -8.25 -9.03 -15.65
N ALA B 80 -7.23 -8.25 -15.96
CA ALA B 80 -7.41 -7.21 -16.93
C ALA B 80 -7.86 -7.75 -18.29
N ALA B 81 -7.27 -8.89 -18.68
CA ALA B 81 -7.57 -9.48 -19.99
C ALA B 81 -9.07 -9.83 -19.99
N PHE B 82 -9.56 -10.36 -18.89
CA PHE B 82 -11.00 -10.65 -18.81
C PHE B 82 -11.84 -9.36 -18.94
N ASN B 83 -11.49 -8.34 -18.19
CA ASN B 83 -12.20 -7.05 -18.19
C ASN B 83 -12.30 -6.49 -19.61
N ILE B 84 -11.14 -6.38 -20.25
CA ILE B 84 -11.09 -5.83 -21.62
C ILE B 84 -11.89 -6.69 -22.58
N GLY B 85 -11.70 -7.99 -22.52
CA GLY B 85 -12.34 -8.89 -23.48
C GLY B 85 -13.84 -8.91 -23.29
N CYS B 86 -14.28 -8.87 -22.02
CA CYS B 86 -15.70 -8.76 -21.69
C CYS B 86 -16.33 -7.50 -22.32
N MET B 87 -15.69 -6.35 -22.08
CA MET B 87 -16.15 -5.09 -22.63
C MET B 87 -16.26 -5.11 -24.20
N ILE B 88 -15.18 -5.45 -24.88
CA ILE B 88 -15.11 -5.29 -26.34
C ILE B 88 -16.13 -6.15 -27.08
N ARG B 89 -16.52 -7.24 -26.48
CA ARG B 89 -17.44 -8.21 -27.08
C ARG B 89 -18.89 -8.02 -26.68
N TRP B 90 -19.12 -7.26 -25.59
CA TRP B 90 -20.39 -7.34 -24.85
C TRP B 90 -21.59 -7.09 -25.75
N LEU B 91 -21.53 -6.03 -26.54
CA LEU B 91 -22.67 -5.57 -27.31
C LEU B 91 -22.87 -6.17 -28.73
N ASP B 92 -22.04 -7.13 -29.10
CA ASP B 92 -22.13 -7.78 -30.42
C ASP B 92 -21.90 -6.75 -31.52
N TYR B 93 -20.90 -5.89 -31.29
CA TYR B 93 -20.66 -4.76 -32.17
C TYR B 93 -19.27 -4.85 -32.81
N ASN B 94 -18.45 -5.83 -32.36
CA ASN B 94 -17.05 -5.87 -32.72
C ASN B 94 -16.86 -6.70 -34.01
N ASP B 95 -15.61 -6.86 -34.42
CA ASP B 95 -15.32 -7.52 -35.72
C ASP B 95 -15.59 -9.02 -35.70
N THR B 96 -15.60 -9.62 -36.88
CA THR B 96 -16.17 -10.94 -37.09
C THR B 96 -15.44 -11.67 -38.23
N TRP B 97 -15.40 -12.97 -38.11
CA TRP B 97 -14.80 -13.83 -39.11
C TRP B 97 -15.68 -15.03 -39.25
N LEU B 98 -16.09 -15.37 -40.50
CA LEU B 98 -17.09 -16.49 -40.67
C LEU B 98 -16.65 -17.52 -41.68
N ALA B 99 -16.56 -18.77 -41.25
CA ALA B 99 -16.22 -19.87 -42.16
C ALA B 99 -16.82 -21.15 -41.60
N ALA B 100 -16.06 -22.24 -41.47
CA ALA B 100 -16.65 -23.47 -40.92
C ALA B 100 -16.99 -23.18 -39.45
N GLU B 101 -16.17 -22.31 -38.83
CA GLU B 101 -16.44 -21.82 -37.49
C GLU B 101 -16.70 -20.35 -37.53
N TRP B 102 -17.45 -19.88 -36.53
CA TRP B 102 -17.83 -18.49 -36.42
C TRP B 102 -16.97 -17.89 -35.30
N GLY B 103 -16.72 -16.61 -35.35
CA GLY B 103 -16.10 -15.95 -34.21
C GLY B 103 -15.74 -14.52 -34.47
N HIS B 104 -15.03 -13.97 -33.48
CA HIS B 104 -14.74 -12.54 -33.42
C HIS B 104 -13.32 -12.37 -32.96
N PRO B 105 -12.40 -12.38 -33.92
CA PRO B 105 -10.99 -12.43 -33.55
C PRO B 105 -10.45 -11.17 -32.90
N SER B 106 -11.15 -10.05 -33.01
CA SER B 106 -10.84 -8.87 -32.17
C SER B 106 -10.93 -9.15 -30.62
N ASP B 107 -11.68 -10.20 -30.22
CA ASP B 107 -11.75 -10.65 -28.84
C ASP B 107 -10.34 -10.82 -28.25
N ASN B 108 -9.38 -11.24 -29.07
CA ASN B 108 -8.02 -11.55 -28.60
C ASN B 108 -7.31 -10.31 -28.08
N LEU B 109 -7.79 -9.11 -28.50
CA LEU B 109 -7.28 -7.87 -27.97
C LEU B 109 -7.29 -7.80 -26.45
N GLY B 110 -8.23 -8.49 -25.82
CA GLY B 110 -8.31 -8.49 -24.34
C GLY B 110 -6.99 -8.94 -23.75
N GLY B 111 -6.56 -10.10 -24.19
CA GLY B 111 -5.30 -10.68 -23.76
C GLY B 111 -4.08 -9.94 -24.28
N ILE B 112 -4.12 -9.48 -25.52
CA ILE B 112 -2.98 -8.85 -26.13
C ILE B 112 -2.66 -7.50 -25.47
N LEU B 113 -3.70 -6.71 -25.26
CA LEU B 113 -3.54 -5.39 -24.70
C LEU B 113 -3.17 -5.45 -23.25
N ALA B 114 -3.78 -6.36 -22.52
CA ALA B 114 -3.51 -6.49 -21.09
C ALA B 114 -2.08 -6.91 -20.91
N ALA B 115 -1.66 -7.90 -21.67
CA ALA B 115 -0.30 -8.43 -21.55
C ALA B 115 0.72 -7.39 -22.00
N ALA B 116 0.47 -6.75 -23.13
CA ALA B 116 1.40 -5.76 -23.64
C ALA B 116 1.55 -4.52 -22.73
N ASP B 117 0.46 -4.14 -22.10
CA ASP B 117 0.43 -3.01 -21.14
C ASP B 117 1.20 -3.35 -19.88
N TYR B 118 0.95 -4.55 -19.34
CA TYR B 118 1.72 -5.04 -18.19
C TYR B 118 3.21 -5.07 -18.49
N VAL B 119 3.56 -5.77 -19.55
CA VAL B 119 4.97 -5.91 -19.93
C VAL B 119 5.61 -4.54 -20.09
N SER B 120 4.90 -3.62 -20.71
CA SER B 120 5.40 -2.24 -20.88
C SER B 120 5.71 -1.55 -19.56
N ARG B 121 4.80 -1.70 -18.58
CA ARG B 121 4.95 -1.03 -17.29
C ARG B 121 6.04 -1.66 -16.46
N VAL B 122 6.17 -2.97 -16.53
CA VAL B 122 7.27 -3.66 -15.88
C VAL B 122 8.64 -3.22 -16.48
N ARG B 123 8.71 -3.17 -17.80
CA ARG B 123 9.94 -2.77 -18.48
C ARG B 123 10.38 -1.40 -18.04
N LEU B 124 9.41 -0.48 -18.10
CA LEU B 124 9.61 0.89 -17.66
C LEU B 124 10.12 0.99 -16.23
N SER B 125 9.60 0.16 -15.33
CA SER B 125 10.06 0.14 -13.96
C SER B 125 11.49 -0.44 -13.83
N GLU B 126 11.92 -1.23 -14.81
CA GLU B 126 13.28 -1.83 -14.81
C GLU B 126 14.24 -0.96 -15.62
N GLY B 127 13.78 0.21 -16.04
CA GLY B 127 14.59 1.12 -16.85
C GLY B 127 14.81 0.66 -18.30
N LYS B 128 13.89 -0.13 -18.80
CA LYS B 128 13.91 -0.60 -20.20
C LYS B 128 12.81 0.04 -21.08
N GLU B 129 12.82 -0.34 -22.33
CA GLU B 129 11.97 0.29 -23.35
C GLU B 129 10.61 -0.44 -23.39
N PRO B 130 9.51 0.29 -23.29
CA PRO B 130 8.21 -0.36 -23.38
C PRO B 130 7.93 -0.82 -24.78
N LEU B 131 6.88 -1.62 -24.95
CA LEU B 131 6.40 -1.96 -26.29
C LEU B 131 5.65 -0.80 -26.90
N THR B 132 5.38 -0.88 -28.20
CA THR B 132 4.71 0.14 -28.93
C THR B 132 3.42 -0.41 -29.53
N VAL B 133 2.55 0.48 -29.94
CA VAL B 133 1.32 0.12 -30.53
C VAL B 133 1.49 -0.75 -31.80
N ARG B 134 2.56 -0.51 -32.56
CA ARG B 134 2.89 -1.43 -33.65
C ARG B 134 3.03 -2.90 -33.21
N ASP B 135 3.59 -3.15 -32.03
CA ASP B 135 3.71 -4.52 -31.48
C ASP B 135 2.35 -5.15 -31.18
N VAL B 136 1.45 -4.31 -30.64
CA VAL B 136 0.06 -4.68 -30.48
C VAL B 136 -0.62 -5.01 -31.79
N LEU B 137 -0.40 -4.17 -32.80
CA LEU B 137 -0.94 -4.45 -34.13
C LEU B 137 -0.45 -5.78 -34.67
N GLU B 138 0.84 -6.04 -34.56
CA GLU B 138 1.41 -7.29 -35.09
C GLU B 138 0.84 -8.52 -34.39
N MET B 139 0.70 -8.45 -33.07
CA MET B 139 0.11 -9.52 -32.32
C MET B 139 -1.36 -9.72 -32.64
N MET B 140 -2.08 -8.65 -32.93
CA MET B 140 -3.46 -8.77 -33.41
C MET B 140 -3.48 -9.52 -34.75
N ILE B 141 -2.61 -9.12 -35.66
CA ILE B 141 -2.60 -9.76 -36.98
C ILE B 141 -2.42 -11.25 -36.85
N LYS B 142 -1.56 -11.64 -35.93
CA LYS B 142 -1.23 -13.02 -35.76
C LYS B 142 -2.36 -13.76 -35.04
N ALA B 143 -2.98 -13.11 -34.06
CA ALA B 143 -4.08 -13.75 -33.33
C ALA B 143 -5.28 -13.96 -34.24
N HIS B 144 -5.58 -12.96 -35.04
CA HIS B 144 -6.59 -13.06 -36.06
C HIS B 144 -6.28 -14.23 -37.00
N GLU B 145 -5.02 -14.33 -37.44
CA GLU B 145 -4.62 -15.42 -38.34
C GLU B 145 -4.79 -16.81 -37.72
N ILE B 146 -4.40 -16.97 -36.47
CA ILE B 146 -4.48 -18.26 -35.80
C ILE B 146 -5.93 -18.65 -35.62
N GLN B 147 -6.72 -17.74 -35.05
CA GLN B 147 -8.11 -18.11 -34.81
C GLN B 147 -8.88 -18.27 -36.14
N GLY B 148 -8.64 -17.37 -37.07
CA GLY B 148 -9.37 -17.38 -38.32
C GLY B 148 -8.99 -18.54 -39.29
N VAL B 149 -7.72 -18.95 -39.28
CA VAL B 149 -7.30 -20.08 -40.11
C VAL B 149 -7.77 -21.38 -39.50
N LEU B 150 -7.73 -21.47 -38.16
CA LEU B 150 -8.39 -22.61 -37.53
C LEU B 150 -9.86 -22.70 -37.89
N ALA B 151 -10.52 -21.55 -38.01
CA ALA B 151 -11.95 -21.51 -38.34
C ALA B 151 -12.31 -21.91 -39.78
N LEU B 152 -11.32 -21.86 -40.68
CA LEU B 152 -11.59 -22.19 -42.10
C LEU B 152 -12.15 -23.58 -42.31
N GLU B 153 -11.59 -24.57 -41.61
CA GLU B 153 -11.97 -25.94 -41.84
C GLU B 153 -12.41 -26.71 -40.62
N ASN B 154 -12.31 -26.14 -39.41
CA ASN B 154 -12.62 -26.93 -38.21
C ASN B 154 -13.86 -26.38 -37.51
N SER B 155 -14.93 -27.17 -37.48
CA SER B 155 -16.19 -26.69 -36.97
C SER B 155 -16.36 -27.21 -35.56
N LEU B 156 -16.06 -26.36 -34.59
CA LEU B 156 -16.44 -26.67 -33.25
C LEU B 156 -17.96 -26.75 -33.06
N ASN B 157 -18.69 -25.87 -33.72
CA ASN B 157 -20.14 -25.81 -33.51
C ASN B 157 -20.81 -27.12 -33.92
N ARG B 158 -20.23 -27.83 -34.88
CA ARG B 158 -20.80 -29.12 -35.33
C ARG B 158 -20.62 -30.22 -34.33
N VAL B 159 -19.73 -30.03 -33.38
CA VAL B 159 -19.56 -30.97 -32.30
C VAL B 159 -20.00 -30.40 -30.94
N GLY B 160 -20.77 -29.32 -30.98
CA GLY B 160 -21.42 -28.74 -29.83
C GLY B 160 -20.58 -27.87 -28.93
N LEU B 161 -19.47 -27.39 -29.44
CA LEU B 161 -18.53 -26.63 -28.61
C LEU B 161 -18.49 -25.20 -29.06
N ASP B 162 -18.18 -24.29 -28.13
CA ASP B 162 -18.13 -22.89 -28.47
C ASP B 162 -16.84 -22.57 -29.24
N HIS B 163 -16.89 -21.48 -30.00
CA HIS B 163 -15.76 -21.02 -30.79
C HIS B 163 -14.65 -20.38 -30.01
N VAL B 164 -14.90 -20.07 -28.72
CA VAL B 164 -13.89 -19.37 -27.92
C VAL B 164 -12.67 -20.17 -27.59
N LEU B 165 -12.71 -21.48 -27.79
CA LEU B 165 -11.48 -22.29 -27.76
C LEU B 165 -10.42 -21.72 -28.66
N PHE B 166 -10.81 -21.29 -29.86
CA PHE B 166 -9.81 -20.77 -30.80
C PHE B 166 -9.31 -19.38 -30.35
N VAL B 167 -10.09 -18.67 -29.53
CA VAL B 167 -9.60 -17.44 -28.88
C VAL B 167 -8.55 -17.81 -27.87
N LYS B 168 -8.83 -18.83 -27.05
CA LYS B 168 -7.89 -19.27 -26.03
C LYS B 168 -6.56 -19.68 -26.68
N VAL B 169 -6.68 -20.38 -27.80
CA VAL B 169 -5.51 -20.89 -28.47
C VAL B 169 -4.69 -19.77 -29.07
N ALA B 170 -5.33 -18.92 -29.85
CA ALA B 170 -4.64 -17.74 -30.41
C ALA B 170 -4.01 -16.82 -29.35
N THR B 171 -4.71 -16.61 -28.24
CA THR B 171 -4.22 -15.66 -27.24
C THR B 171 -3.03 -16.27 -26.50
N THR B 172 -3.12 -17.57 -26.25
CA THR B 172 -2.10 -18.23 -25.51
C THR B 172 -0.78 -18.09 -26.27
N ALA B 173 -0.81 -18.31 -27.57
CA ALA B 173 0.42 -18.24 -28.38
C ALA B 173 1.03 -16.82 -28.47
N VAL B 174 0.20 -15.82 -28.75
CA VAL B 174 0.69 -14.45 -28.81
C VAL B 174 1.06 -13.85 -27.46
N ALA B 175 0.30 -14.18 -26.41
CA ALA B 175 0.66 -13.81 -25.05
C ALA B 175 1.95 -14.44 -24.59
N ALA B 176 2.13 -15.73 -24.84
CA ALA B 176 3.37 -16.39 -24.45
C ALA B 176 4.60 -15.71 -25.08
N LYS B 177 4.46 -15.32 -26.35
CA LYS B 177 5.50 -14.54 -27.05
C LYS B 177 5.74 -13.17 -26.44
N LEU B 178 4.68 -12.40 -26.23
CA LEU B 178 4.81 -11.09 -25.61
C LEU B 178 5.58 -11.17 -24.27
N LEU B 179 5.30 -12.22 -23.52
CA LEU B 179 5.74 -12.33 -22.15
C LEU B 179 7.14 -12.89 -22.12
N GLY B 180 7.72 -13.10 -23.29
CA GLY B 180 9.12 -13.51 -23.40
C GLY B 180 9.36 -15.00 -23.60
N GLY B 181 8.33 -15.75 -23.98
CA GLY B 181 8.49 -17.18 -24.10
C GLY B 181 9.20 -17.55 -25.38
N GLY B 182 10.02 -18.59 -25.32
CA GLY B 182 10.56 -19.22 -26.52
C GLY B 182 9.70 -20.34 -27.06
N ARG B 183 10.30 -21.14 -27.93
CA ARG B 183 9.59 -22.17 -28.65
C ARG B 183 8.96 -23.19 -27.73
N GLU B 184 9.70 -23.64 -26.73
CA GLU B 184 9.20 -24.67 -25.81
C GLU B 184 8.04 -24.21 -24.96
N GLU B 185 8.12 -22.96 -24.51
CA GLU B 185 7.07 -22.35 -23.66
C GLU B 185 5.80 -22.13 -24.44
N ILE B 186 5.94 -21.69 -25.68
CA ILE B 186 4.78 -21.46 -26.54
C ILE B 186 4.11 -22.78 -26.85
N LYS B 187 4.89 -23.79 -27.26
CA LYS B 187 4.33 -25.11 -27.57
C LYS B 187 3.59 -25.66 -26.35
N ASN B 188 4.21 -25.53 -25.19
CA ASN B 188 3.65 -26.08 -23.97
C ASN B 188 2.38 -25.39 -23.51
N ALA B 189 2.34 -24.08 -23.66
CA ALA B 189 1.10 -23.32 -23.43
C ALA B 189 -0.05 -23.74 -24.37
N LEU B 190 0.25 -23.81 -25.66
CA LEU B 190 -0.70 -24.29 -26.66
C LEU B 190 -1.24 -25.70 -26.35
N SER B 191 -0.41 -26.61 -25.89
CA SER B 191 -0.86 -27.99 -25.66
C SER B 191 -1.77 -28.03 -24.43
N ASN B 192 -1.49 -27.15 -23.48
CA ASN B 192 -2.40 -26.96 -22.34
C ASN B 192 -3.75 -26.28 -22.69
N ALA B 193 -3.75 -25.40 -23.69
CA ALA B 193 -4.99 -24.77 -24.18
C ALA B 193 -5.90 -25.79 -24.86
N TRP B 194 -5.31 -26.72 -25.63
CA TRP B 194 -6.11 -27.71 -26.37
C TRP B 194 -6.74 -28.75 -25.44
N ILE B 195 -6.03 -29.08 -24.38
CA ILE B 195 -6.51 -29.98 -23.34
C ILE B 195 -7.52 -29.36 -22.39
N ASP B 196 -7.59 -28.04 -22.35
CA ASP B 196 -8.38 -27.31 -21.37
C ASP B 196 -9.87 -27.51 -21.67
N ASN B 197 -10.12 -28.32 -22.68
CA ASN B 197 -11.13 -28.03 -23.70
C ASN B 197 -12.49 -28.44 -23.17
N ALA B 198 -13.31 -27.41 -22.92
CA ALA B 198 -13.71 -26.45 -24.01
C ALA B 198 -15.19 -26.11 -23.78
N ALA B 199 -15.56 -24.84 -23.63
CA ALA B 199 -16.90 -24.51 -23.11
C ALA B 199 -17.98 -24.89 -24.12
N LEU B 200 -19.13 -25.31 -23.62
CA LEU B 200 -20.29 -25.54 -24.49
C LEU B 200 -20.80 -24.25 -25.09
N ARG B 201 -21.67 -24.34 -26.10
CA ARG B 201 -22.32 -23.12 -26.64
C ARG B 201 -23.80 -22.96 -26.30
N THR B 202 -24.22 -23.62 -25.23
CA THR B 202 -25.62 -23.67 -24.80
C THR B 202 -26.24 -22.28 -24.60
N TYR B 203 -25.38 -21.34 -24.17
CA TYR B 203 -25.73 -19.94 -23.98
C TYR B 203 -25.82 -19.07 -25.22
N ARG B 204 -25.55 -19.65 -26.39
CA ARG B 204 -25.80 -18.96 -27.62
C ARG B 204 -27.06 -19.40 -28.38
N HIS B 205 -27.81 -20.35 -27.79
CA HIS B 205 -28.95 -21.00 -28.46
C HIS B 205 -30.18 -21.04 -27.61
N SER B 206 -31.32 -21.00 -28.30
CA SER B 206 -32.61 -21.27 -27.69
C SER B 206 -32.62 -22.65 -27.01
N PRO B 207 -33.31 -22.81 -25.87
CA PRO B 207 -34.00 -21.78 -25.10
C PRO B 207 -33.13 -21.11 -24.02
N ASN B 208 -31.82 -21.27 -24.06
CA ASN B 208 -30.96 -20.80 -22.97
C ASN B 208 -30.17 -19.51 -23.29
N THR B 209 -30.37 -18.91 -24.45
CA THR B 209 -29.58 -17.77 -24.89
C THR B 209 -29.45 -16.74 -23.77
N GLY B 210 -28.23 -16.36 -23.44
CA GLY B 210 -28.01 -15.39 -22.35
C GLY B 210 -26.72 -14.60 -22.42
N SER B 211 -26.38 -13.90 -21.31
CA SER B 211 -25.36 -12.91 -21.35
C SER B 211 -23.96 -13.56 -21.32
N ARG B 212 -23.87 -14.85 -21.10
CA ARG B 212 -22.58 -15.54 -21.28
C ARG B 212 -22.09 -15.50 -22.76
N LYS B 213 -22.99 -15.28 -23.72
CA LYS B 213 -22.56 -15.04 -25.10
C LYS B 213 -21.67 -13.81 -25.21
N SER B 214 -21.78 -12.92 -24.23
CA SER B 214 -21.04 -11.66 -24.24
C SER B 214 -19.70 -11.77 -23.59
N TRP B 215 -19.61 -12.55 -22.52
CA TRP B 215 -18.37 -12.69 -21.78
C TRP B 215 -17.54 -13.93 -21.98
N PRO B 216 -18.07 -14.93 -22.72
CA PRO B 216 -17.21 -16.14 -22.91
C PRO B 216 -15.87 -15.91 -23.59
N ALA B 217 -15.78 -14.98 -24.51
CA ALA B 217 -14.50 -14.70 -25.17
C ALA B 217 -13.50 -14.02 -24.25
N GLY B 218 -14.01 -13.12 -23.39
CA GLY B 218 -13.20 -12.50 -22.36
C GLY B 218 -12.62 -13.54 -21.40
N ASP B 219 -13.46 -14.50 -21.04
CA ASP B 219 -13.05 -15.53 -20.18
C ASP B 219 -11.96 -16.41 -20.87
N ALA B 220 -12.09 -16.58 -22.16
CA ALA B 220 -11.13 -17.42 -22.93
C ALA B 220 -9.78 -16.71 -23.17
N THR B 221 -9.80 -15.40 -23.47
CA THR B 221 -8.59 -14.64 -23.75
C THR B 221 -7.81 -14.44 -22.44
N SER B 222 -8.59 -14.33 -21.32
CA SER B 222 -8.01 -14.34 -19.98
C SER B 222 -7.31 -15.65 -19.62
N ARG B 223 -7.98 -16.74 -19.87
CA ARG B 223 -7.43 -18.04 -19.69
C ARG B 223 -6.12 -18.29 -20.52
N GLY B 224 -6.09 -17.83 -21.75
CA GLY B 224 -4.92 -17.88 -22.57
C GLY B 224 -3.71 -17.18 -21.91
N VAL B 225 -3.94 -16.01 -21.34
CA VAL B 225 -2.89 -15.24 -20.70
C VAL B 225 -2.42 -16.00 -19.49
N HIS B 226 -3.36 -16.58 -18.76
CA HIS B 226 -3.03 -17.36 -17.61
C HIS B 226 -2.16 -18.57 -17.97
N LEU B 227 -2.55 -19.29 -19.02
CA LEU B 227 -1.80 -20.48 -19.45
C LEU B 227 -0.44 -20.13 -19.94
N ALA B 228 -0.33 -19.03 -20.66
CA ALA B 228 0.97 -18.45 -21.00
C ALA B 228 1.90 -18.14 -19.82
N LEU B 229 1.38 -17.54 -18.76
CA LEU B 229 2.15 -17.29 -17.52
C LEU B 229 2.63 -18.56 -16.84
N MET B 230 1.78 -19.56 -16.79
CA MET B 230 2.16 -20.84 -16.23
C MET B 230 3.29 -21.47 -17.04
N SER B 231 3.20 -21.35 -18.35
CA SER B 231 4.26 -21.88 -19.23
C SER B 231 5.63 -21.19 -19.04
N LEU B 232 5.61 -19.92 -18.71
CA LEU B 232 6.83 -19.15 -18.47
C LEU B 232 7.53 -19.56 -17.18
N LYS B 233 6.81 -20.21 -16.29
CA LYS B 233 7.38 -20.79 -15.05
C LYS B 233 8.02 -22.14 -15.33
N GLY B 234 7.86 -22.61 -16.56
CA GLY B 234 8.41 -23.86 -16.98
C GLY B 234 7.44 -25.05 -16.88
N GLU B 235 6.15 -24.80 -16.72
CA GLU B 235 5.19 -25.87 -16.58
C GLU B 235 5.12 -26.65 -17.90
N MET B 236 5.19 -27.97 -17.76
CA MET B 236 5.37 -28.83 -18.89
C MET B 236 4.11 -28.88 -19.80
N GLY B 237 4.34 -29.29 -21.04
CA GLY B 237 3.28 -29.47 -22.02
C GLY B 237 3.02 -30.97 -22.31
N TYR B 238 2.17 -31.18 -23.31
CA TYR B 238 1.49 -32.46 -23.63
C TYR B 238 1.57 -32.65 -25.15
N PRO B 239 2.64 -33.35 -25.63
CA PRO B 239 2.98 -33.29 -27.03
C PRO B 239 1.92 -33.79 -27.98
N THR B 240 1.16 -34.81 -27.56
CA THR B 240 0.11 -35.31 -28.39
C THR B 240 -1.25 -34.98 -27.78
N ALA B 241 -1.37 -33.76 -27.32
CA ALA B 241 -2.63 -33.21 -26.82
C ALA B 241 -3.75 -33.37 -27.84
N LEU B 242 -3.45 -33.17 -29.13
CA LEU B 242 -4.49 -33.33 -30.17
C LEU B 242 -4.71 -34.82 -30.57
N SER B 243 -3.60 -35.54 -30.79
CA SER B 243 -3.63 -36.82 -31.50
C SER B 243 -3.61 -38.05 -30.63
N ALA B 244 -3.41 -37.94 -29.34
CA ALA B 244 -3.31 -39.15 -28.52
C ALA B 244 -4.52 -40.03 -28.71
N PRO B 245 -4.29 -41.34 -28.90
CA PRO B 245 -5.42 -42.27 -29.04
C PRO B 245 -6.27 -42.40 -27.79
N GLY B 246 -7.58 -42.27 -27.98
CA GLY B 246 -8.53 -42.40 -26.90
C GLY B 246 -8.68 -41.11 -26.09
N TRP B 247 -7.56 -40.46 -25.70
CA TRP B 247 -7.59 -39.44 -24.67
C TRP B 247 -7.28 -38.03 -25.19
N GLY B 248 -6.83 -37.96 -26.44
CA GLY B 248 -6.54 -36.72 -27.10
C GLY B 248 -7.78 -35.93 -27.56
N PHE B 249 -7.60 -34.65 -27.83
CA PHE B 249 -8.73 -33.74 -28.21
C PHE B 249 -9.50 -34.26 -29.40
N GLN B 250 -8.77 -34.77 -30.39
CA GLN B 250 -9.40 -35.25 -31.61
C GLN B 250 -10.33 -36.45 -31.39
N ASP B 251 -9.86 -37.42 -30.62
CA ASP B 251 -10.67 -38.58 -30.35
C ASP B 251 -11.79 -38.31 -29.35
N VAL B 252 -11.56 -37.44 -28.36
CA VAL B 252 -12.62 -37.18 -27.38
C VAL B 252 -13.69 -36.25 -27.92
N LEU B 253 -13.27 -35.13 -28.50
CA LEU B 253 -14.18 -34.00 -28.71
C LEU B 253 -14.48 -33.73 -30.17
N PHE B 254 -13.61 -34.22 -31.07
CA PHE B 254 -13.70 -33.81 -32.43
C PHE B 254 -14.04 -34.93 -33.36
N ASN B 255 -14.71 -35.93 -32.82
CA ASN B 255 -15.23 -37.03 -33.62
C ASN B 255 -14.16 -37.81 -34.38
N LYS B 256 -13.00 -37.95 -33.76
CA LYS B 256 -11.81 -38.57 -34.35
C LYS B 256 -11.23 -37.94 -35.62
N LYS B 257 -11.65 -36.74 -35.98
CA LYS B 257 -11.09 -36.02 -37.11
C LYS B 257 -9.87 -35.21 -36.72
N GLU B 258 -9.07 -34.88 -37.72
CA GLU B 258 -7.86 -34.11 -37.51
C GLU B 258 -8.16 -32.65 -37.54
N ILE B 259 -7.60 -31.93 -36.58
CA ILE B 259 -7.61 -30.50 -36.62
C ILE B 259 -6.64 -30.09 -37.72
N LYS B 260 -7.08 -29.26 -38.63
CA LYS B 260 -6.22 -28.83 -39.74
C LYS B 260 -6.07 -27.33 -39.86
N LEU B 261 -4.91 -26.88 -40.32
CA LEU B 261 -4.73 -25.54 -40.87
C LEU B 261 -4.89 -25.50 -42.40
N ALA B 262 -5.93 -24.83 -42.88
CA ALA B 262 -6.30 -24.94 -44.30
C ALA B 262 -5.35 -24.17 -45.22
N ARG B 263 -4.59 -23.25 -44.67
CA ARG B 263 -3.59 -22.53 -45.44
C ARG B 263 -2.47 -22.18 -44.50
N PRO B 264 -1.28 -21.91 -45.05
CA PRO B 264 -0.18 -21.37 -44.23
C PRO B 264 -0.56 -20.07 -43.56
N LEU B 265 -0.01 -19.86 -42.39
CA LEU B 265 -0.36 -18.70 -41.59
C LEU B 265 0.39 -17.44 -42.10
N ASP B 266 -0.35 -16.37 -42.40
CA ASP B 266 0.24 -15.08 -42.72
C ASP B 266 -0.58 -13.87 -42.27
N ALA B 267 -1.24 -13.15 -43.20
CA ALA B 267 -2.11 -12.05 -42.87
C ALA B 267 -3.44 -12.04 -43.62
N TYR B 268 -3.93 -13.22 -43.98
CA TYR B 268 -5.20 -13.34 -44.71
C TYR B 268 -6.40 -12.89 -43.89
N VAL B 269 -6.45 -13.27 -42.61
CA VAL B 269 -7.68 -13.07 -41.85
C VAL B 269 -7.82 -11.58 -41.61
N MET B 270 -6.78 -10.93 -41.14
CA MET B 270 -6.88 -9.49 -40.84
C MET B 270 -7.25 -8.74 -42.11
N GLU B 271 -6.66 -9.13 -43.24
CA GLU B 271 -6.98 -8.43 -44.51
C GLU B 271 -8.42 -8.54 -44.89
N ASN B 272 -9.03 -9.66 -44.55
CA ASN B 272 -10.38 -9.98 -44.95
C ASN B 272 -11.45 -9.95 -43.84
N VAL B 273 -11.11 -9.30 -42.75
CA VAL B 273 -11.99 -9.28 -41.56
C VAL B 273 -13.29 -8.54 -41.84
N LEU B 274 -14.34 -8.89 -41.10
CA LEU B 274 -15.63 -8.24 -41.24
C LEU B 274 -15.89 -7.26 -40.07
N PHE B 275 -16.29 -6.05 -40.40
CA PHE B 275 -16.72 -5.02 -39.38
C PHE B 275 -18.25 -4.93 -39.29
N LYS B 276 -18.72 -4.61 -38.07
CA LYS B 276 -20.13 -4.25 -37.85
C LYS B 276 -20.18 -2.72 -37.80
N VAL B 277 -20.36 -2.10 -38.95
CA VAL B 277 -20.12 -0.67 -39.06
C VAL B 277 -21.23 0.20 -38.50
N SER B 278 -22.47 -0.24 -38.68
CA SER B 278 -23.64 0.57 -38.38
C SER B 278 -24.45 0.11 -37.18
N TYR B 279 -24.54 -1.19 -36.96
CA TYR B 279 -25.51 -1.78 -36.02
C TYR B 279 -24.88 -2.85 -35.16
N PRO B 280 -25.12 -2.80 -33.83
CA PRO B 280 -24.82 -4.00 -33.07
C PRO B 280 -25.93 -5.05 -33.23
N ALA B 281 -25.52 -6.24 -33.59
CA ALA B 281 -26.46 -7.32 -33.98
C ALA B 281 -25.62 -8.53 -34.37
N GLU B 282 -26.14 -9.72 -34.15
CA GLU B 282 -25.45 -10.94 -34.55
C GLU B 282 -25.12 -10.83 -36.06
N PHE B 283 -23.91 -11.22 -36.43
CA PHE B 283 -23.45 -10.91 -37.78
C PHE B 283 -24.31 -11.49 -38.91
N HIS B 284 -24.91 -12.65 -38.68
CA HIS B 284 -25.72 -13.32 -39.69
C HIS B 284 -26.99 -12.59 -40.02
N ALA B 285 -27.33 -11.60 -39.21
CA ALA B 285 -28.47 -10.71 -39.47
C ALA B 285 -28.09 -9.32 -40.01
N GLN B 286 -26.80 -9.04 -40.19
CA GLN B 286 -26.36 -7.69 -40.55
C GLN B 286 -26.97 -7.24 -41.90
N THR B 287 -27.00 -8.12 -42.88
CA THR B 287 -27.56 -7.75 -44.17
C THR B 287 -29.10 -7.62 -44.17
N ALA B 288 -29.76 -8.43 -43.37
CA ALA B 288 -31.18 -8.32 -43.15
C ALA B 288 -31.53 -6.97 -42.52
N ALA B 289 -30.71 -6.57 -41.55
CA ALA B 289 -30.78 -5.21 -40.99
C ALA B 289 -30.63 -4.13 -42.06
N GLU B 290 -29.64 -4.25 -42.93
CA GLU B 290 -29.46 -3.25 -44.00
C GLU B 290 -30.65 -3.17 -44.96
N SER B 291 -31.20 -4.33 -45.32
CA SER B 291 -32.36 -4.42 -46.20
C SER B 291 -33.64 -3.90 -45.55
N ALA B 292 -33.85 -4.25 -44.28
CA ALA B 292 -34.95 -3.68 -43.47
C ALA B 292 -34.95 -2.17 -43.41
N VAL B 293 -33.79 -1.61 -43.18
CA VAL B 293 -33.63 -0.18 -43.10
C VAL B 293 -33.97 0.47 -44.43
N ILE B 294 -33.49 -0.10 -45.54
CA ILE B 294 -33.96 0.34 -46.88
C ILE B 294 -35.50 0.34 -46.99
N LEU B 295 -36.14 -0.74 -46.52
CA LEU B 295 -37.59 -0.86 -46.64
C LEU B 295 -38.40 0.00 -45.68
N HIS B 296 -37.75 0.51 -44.64
CA HIS B 296 -38.42 1.19 -43.57
C HIS B 296 -39.37 2.33 -44.02
N PRO B 297 -38.89 3.25 -44.88
CA PRO B 297 -39.76 4.33 -45.38
C PRO B 297 -41.03 3.83 -46.08
N GLN B 298 -40.93 2.70 -46.77
CA GLN B 298 -42.09 2.09 -47.43
C GLN B 298 -43.06 1.39 -46.52
N VAL B 299 -42.69 1.15 -45.27
CA VAL B 299 -43.60 0.48 -44.34
C VAL B 299 -43.95 1.27 -43.09
N LYS B 300 -43.23 2.34 -42.83
CA LYS B 300 -43.32 3.00 -41.57
C LYS B 300 -44.76 3.53 -41.26
N ASN B 301 -45.58 3.75 -42.29
CA ASN B 301 -46.95 4.30 -42.14
C ASN B 301 -47.99 3.28 -42.55
N ARG B 302 -47.59 2.01 -42.59
CA ARG B 302 -48.49 0.95 -43.02
C ARG B 302 -48.23 -0.35 -42.29
N ILE B 303 -47.68 -0.25 -41.09
CA ILE B 303 -47.34 -1.44 -40.28
C ILE B 303 -48.55 -2.35 -40.05
N ASP B 304 -49.69 -1.74 -39.71
CA ASP B 304 -50.95 -2.50 -39.53
C ASP B 304 -51.44 -3.15 -40.81
N GLU B 305 -51.06 -2.62 -41.99
CA GLU B 305 -51.44 -3.31 -43.22
C GLU B 305 -50.45 -4.37 -43.78
N ILE B 306 -49.37 -4.65 -43.01
CA ILE B 306 -48.42 -5.74 -43.36
C ILE B 306 -49.05 -7.13 -43.09
N ASP B 307 -49.01 -7.96 -44.12
CA ASP B 307 -49.63 -9.27 -44.10
C ASP B 307 -48.55 -10.30 -43.77
N ARG B 308 -47.47 -10.27 -44.52
CA ARG B 308 -46.36 -11.15 -44.23
C ARG B 308 -45.06 -10.58 -44.70
N VAL B 309 -44.00 -11.10 -44.11
CA VAL B 309 -42.67 -10.63 -44.38
C VAL B 309 -41.84 -11.85 -44.71
N VAL B 310 -41.28 -11.87 -45.91
CA VAL B 310 -40.44 -12.97 -46.35
C VAL B 310 -38.96 -12.61 -46.09
N ILE B 311 -38.27 -13.52 -45.44
CA ILE B 311 -36.84 -13.38 -45.24
C ILE B 311 -36.14 -14.58 -45.81
N ARG B 312 -35.30 -14.34 -46.80
CA ARG B 312 -34.52 -15.40 -47.39
C ARG B 312 -33.10 -15.27 -46.83
N THR B 313 -32.53 -16.39 -46.39
CA THR B 313 -31.29 -16.37 -45.62
C THR B 313 -30.40 -17.57 -45.91
N HIS B 314 -29.27 -17.65 -45.21
CA HIS B 314 -28.31 -18.75 -45.35
C HIS B 314 -28.36 -19.69 -44.15
N GLU B 315 -27.63 -20.79 -44.22
CA GLU B 315 -27.83 -21.89 -43.27
C GLU B 315 -27.40 -21.52 -41.84
N SER B 316 -26.27 -20.83 -41.72
CA SER B 316 -25.78 -20.44 -40.38
C SER B 316 -26.81 -19.62 -39.58
N ALA B 317 -27.49 -18.71 -40.28
CA ALA B 317 -28.52 -17.87 -39.65
C ALA B 317 -29.66 -18.75 -39.13
N ILE B 318 -30.05 -19.75 -39.91
CA ILE B 318 -31.07 -20.72 -39.49
C ILE B 318 -30.63 -21.50 -38.27
N ARG B 319 -29.35 -21.84 -38.23
CA ARG B 319 -28.87 -22.62 -37.10
C ARG B 319 -28.81 -21.82 -35.77
N ILE B 320 -28.55 -20.52 -35.84
CA ILE B 320 -28.22 -19.74 -34.63
C ILE B 320 -29.35 -18.81 -34.21
N ILE B 321 -29.86 -18.06 -35.16
CA ILE B 321 -30.67 -16.86 -34.85
C ILE B 321 -32.10 -16.91 -35.40
N ASP B 322 -32.51 -18.06 -35.93
CA ASP B 322 -33.89 -18.24 -36.40
C ASP B 322 -34.76 -18.73 -35.23
N LYS B 323 -35.53 -17.82 -34.66
CA LYS B 323 -36.34 -18.11 -33.47
C LYS B 323 -37.74 -17.59 -33.60
N LYS B 324 -38.68 -18.39 -33.11
CA LYS B 324 -40.09 -18.01 -32.97
C LYS B 324 -40.47 -17.91 -31.51
N GLY B 325 -41.48 -17.13 -31.21
CA GLY B 325 -42.02 -17.00 -29.85
C GLY B 325 -41.26 -16.03 -28.94
N PRO B 326 -41.59 -16.04 -27.66
CA PRO B 326 -41.14 -14.98 -26.75
C PRO B 326 -39.60 -14.91 -26.64
N LEU B 327 -39.06 -13.70 -26.61
CA LEU B 327 -37.64 -13.45 -26.37
C LEU B 327 -37.45 -12.85 -25.01
N HIS B 328 -36.46 -13.31 -24.27
CA HIS B 328 -36.40 -13.12 -22.81
C HIS B 328 -35.35 -12.14 -22.26
N ASN B 329 -34.39 -11.72 -23.09
CA ASN B 329 -33.34 -10.82 -22.60
C ASN B 329 -32.63 -10.20 -23.83
N PRO B 330 -31.76 -9.23 -23.61
CA PRO B 330 -31.10 -8.60 -24.75
C PRO B 330 -30.23 -9.51 -25.60
N ALA B 331 -29.55 -10.45 -24.99
CA ALA B 331 -28.75 -11.40 -25.76
C ALA B 331 -29.64 -12.29 -26.67
N ASP B 332 -30.81 -12.66 -26.18
CA ASP B 332 -31.77 -13.49 -26.94
C ASP B 332 -32.29 -12.75 -28.17
N ARG B 333 -32.52 -11.45 -27.97
CA ARG B 333 -33.01 -10.57 -29.01
C ARG B 333 -31.96 -10.17 -30.04
N ASP B 334 -30.76 -9.87 -29.58
CA ASP B 334 -29.71 -9.53 -30.56
C ASP B 334 -29.18 -10.78 -31.34
N HIS B 335 -29.55 -11.95 -30.84
CA HIS B 335 -29.45 -13.24 -31.57
C HIS B 335 -30.79 -13.72 -32.13
N CYS B 336 -31.57 -12.80 -32.65
CA CYS B 336 -32.84 -13.14 -33.33
C CYS B 336 -33.03 -12.40 -34.64
N LEU B 337 -32.96 -13.15 -35.73
CA LEU B 337 -33.02 -12.57 -37.08
C LEU B 337 -34.33 -11.75 -37.25
N GLN B 338 -35.40 -12.33 -36.74
CA GLN B 338 -36.75 -11.77 -36.89
C GLN B 338 -36.87 -10.51 -36.09
N TYR B 339 -36.34 -10.52 -34.85
CA TYR B 339 -36.29 -9.32 -34.01
C TYR B 339 -35.54 -8.20 -34.68
N ILE B 340 -34.38 -8.52 -35.19
CA ILE B 340 -33.45 -7.51 -35.70
C ILE B 340 -34.06 -6.92 -36.98
N THR B 341 -34.69 -7.77 -37.76
CA THR B 341 -35.36 -7.32 -38.98
C THR B 341 -36.58 -6.45 -38.65
N ALA B 342 -37.34 -6.85 -37.63
CA ALA B 342 -38.47 -6.03 -37.17
C ALA B 342 -38.04 -4.62 -36.69
N ILE B 343 -36.96 -4.54 -35.92
CA ILE B 343 -36.46 -3.29 -35.47
C ILE B 343 -36.13 -2.37 -36.65
N GLY B 344 -35.45 -2.93 -37.65
CA GLY B 344 -35.06 -2.16 -38.84
C GLY B 344 -36.29 -1.59 -39.60
N LEU B 345 -37.28 -2.48 -39.82
CA LEU B 345 -38.55 -2.09 -40.41
C LEU B 345 -39.31 -1.03 -39.61
N LEU B 346 -39.37 -1.22 -38.30
CA LEU B 346 -40.15 -0.33 -37.41
C LEU B 346 -39.48 1.00 -37.18
N PHE B 347 -38.14 0.99 -37.03
CA PHE B 347 -37.42 2.14 -36.53
C PHE B 347 -36.43 2.72 -37.51
N GLY B 348 -36.13 2.03 -38.61
CA GLY B 348 -35.11 2.53 -39.55
C GLY B 348 -33.68 2.66 -39.00
N ASP B 349 -33.41 2.09 -37.83
CA ASP B 349 -32.05 2.11 -37.25
C ASP B 349 -32.04 1.04 -36.18
N ILE B 350 -30.84 0.61 -35.79
CA ILE B 350 -30.69 -0.43 -34.77
C ILE B 350 -29.57 0.04 -33.81
N THR B 351 -29.88 0.12 -32.52
CA THR B 351 -28.89 0.41 -31.45
C THR B 351 -29.08 -0.62 -30.38
N ALA B 352 -28.11 -0.71 -29.47
CA ALA B 352 -28.19 -1.71 -28.40
C ALA B 352 -29.35 -1.48 -27.44
N GLN B 353 -29.83 -0.25 -27.38
CA GLN B 353 -31.04 0.05 -26.61
C GLN B 353 -32.29 -0.68 -27.13
N HIS B 354 -32.30 -1.05 -28.42
CA HIS B 354 -33.52 -1.65 -29.03
C HIS B 354 -33.74 -3.03 -28.54
N TYR B 355 -32.69 -3.61 -27.91
CA TYR B 355 -32.76 -4.98 -27.36
C TYR B 355 -33.22 -4.98 -25.87
N GLU B 356 -33.34 -3.81 -25.27
CA GLU B 356 -33.75 -3.70 -23.85
C GLU B 356 -35.26 -3.86 -23.71
N ALA B 357 -35.70 -4.10 -22.49
CA ALA B 357 -37.11 -4.35 -22.23
C ALA B 357 -38.00 -3.21 -22.74
N GLU B 358 -37.53 -1.97 -22.60
CA GLU B 358 -38.35 -0.78 -22.90
C GLU B 358 -38.85 -0.84 -24.33
N THR B 359 -37.93 -1.13 -25.26
CA THR B 359 -38.29 -1.26 -26.67
C THR B 359 -39.01 -2.57 -26.93
N ALA B 360 -38.50 -3.64 -26.34
CA ALA B 360 -39.01 -4.98 -26.62
C ALA B 360 -40.47 -5.14 -26.21
N ASN B 361 -40.86 -4.40 -25.20
CA ASN B 361 -42.28 -4.31 -24.78
C ASN B 361 -43.25 -3.67 -25.78
N ASP B 362 -42.73 -2.97 -26.79
CA ASP B 362 -43.56 -2.43 -27.89
C ASP B 362 -44.31 -3.55 -28.62
N PRO B 363 -45.66 -3.58 -28.52
CA PRO B 363 -46.49 -4.74 -28.92
C PRO B 363 -46.41 -4.98 -30.41
N ARG B 364 -46.05 -3.94 -31.17
CA ARG B 364 -45.86 -4.06 -32.63
C ARG B 364 -44.76 -5.08 -33.04
N ILE B 365 -43.70 -5.19 -32.21
CA ILE B 365 -42.54 -6.04 -32.55
C ILE B 365 -42.95 -7.52 -32.69
N ASP B 366 -43.49 -8.08 -31.62
CA ASP B 366 -43.88 -9.48 -31.62
C ASP B 366 -44.99 -9.80 -32.63
N LYS B 367 -45.86 -8.84 -32.87
CA LYS B 367 -46.90 -8.99 -33.88
C LYS B 367 -46.28 -9.09 -35.26
N LEU B 368 -45.32 -8.23 -35.51
CA LEU B 368 -44.59 -8.25 -36.78
C LEU B 368 -43.77 -9.52 -36.90
N ARG B 369 -43.11 -9.93 -35.82
CA ARG B 369 -42.30 -11.14 -35.85
C ARG B 369 -43.16 -12.36 -36.24
N ASP B 370 -44.37 -12.47 -35.70
CA ASP B 370 -45.21 -13.63 -36.08
C ASP B 370 -45.75 -13.58 -37.52
N LYS B 371 -45.42 -12.54 -38.29
CA LYS B 371 -45.75 -12.47 -39.72
C LYS B 371 -44.58 -12.86 -40.61
N MET B 372 -43.44 -13.20 -39.99
CA MET B 372 -42.22 -13.42 -40.74
C MET B 372 -42.09 -14.88 -41.09
N GLU B 373 -41.72 -15.12 -42.33
CA GLU B 373 -41.39 -16.48 -42.80
C GLU B 373 -39.93 -16.47 -43.18
N VAL B 374 -39.13 -17.24 -42.45
CA VAL B 374 -37.71 -17.41 -42.74
C VAL B 374 -37.51 -18.72 -43.48
N THR B 375 -36.89 -18.65 -44.65
CA THR B 375 -36.46 -19.87 -45.37
C THR B 375 -35.04 -19.73 -45.93
N GLU B 376 -34.37 -20.86 -46.05
CA GLU B 376 -33.03 -20.91 -46.55
C GLU B 376 -33.02 -20.77 -48.07
N ASN B 377 -32.21 -19.86 -48.58
CA ASN B 377 -31.77 -19.91 -49.96
C ASN B 377 -30.41 -20.63 -50.06
N LYS B 378 -30.40 -21.76 -50.76
CA LYS B 378 -29.24 -22.64 -50.76
C LYS B 378 -28.03 -22.05 -51.48
N THR B 379 -28.27 -21.08 -52.35
CA THR B 379 -27.24 -20.41 -53.09
C THR B 379 -26.50 -19.46 -52.12
N TYR B 380 -27.25 -18.81 -51.22
CA TYR B 380 -26.66 -17.99 -50.14
C TYR B 380 -25.77 -18.82 -49.25
N THR B 381 -26.22 -20.02 -48.92
CA THR B 381 -25.44 -20.96 -48.09
C THR B 381 -24.13 -21.33 -48.79
N GLU B 382 -24.19 -21.62 -50.10
CA GLU B 382 -22.96 -21.92 -50.89
C GLU B 382 -22.02 -20.72 -51.00
N ASP B 383 -22.56 -19.55 -51.32
CA ASP B 383 -21.74 -18.34 -51.48
C ASP B 383 -21.13 -17.79 -50.16
N TYR B 384 -21.72 -18.15 -49.03
CA TYR B 384 -21.17 -17.87 -47.68
C TYR B 384 -19.81 -18.55 -47.44
N LEU B 385 -19.62 -19.73 -48.04
CA LEU B 385 -18.37 -20.51 -47.92
C LEU B 385 -17.41 -20.43 -49.10
N LYS B 386 -17.81 -19.79 -50.17
CA LYS B 386 -16.91 -19.71 -51.31
C LYS B 386 -15.82 -18.61 -51.15
N PRO B 387 -14.54 -19.01 -51.24
CA PRO B 387 -13.42 -18.16 -50.81
C PRO B 387 -13.24 -16.85 -51.53
N ASP B 388 -13.61 -16.77 -52.80
CA ASP B 388 -13.47 -15.48 -53.48
C ASP B 388 -14.62 -14.49 -53.19
N LYS B 389 -15.57 -14.88 -52.34
CA LYS B 389 -16.80 -14.13 -52.16
C LYS B 389 -17.18 -13.94 -50.67
N ARG B 390 -17.46 -15.04 -49.98
CA ARG B 390 -17.79 -15.04 -48.57
C ARG B 390 -18.85 -14.00 -48.23
N SER B 391 -19.99 -14.13 -48.91
CA SER B 391 -21.11 -13.25 -48.69
C SER B 391 -21.85 -13.72 -47.42
N ILE B 392 -22.73 -12.86 -46.92
CA ILE B 392 -23.51 -13.18 -45.71
C ILE B 392 -24.94 -12.75 -45.94
N SER B 393 -25.59 -13.45 -46.87
CA SER B 393 -26.67 -12.88 -47.66
C SER B 393 -28.01 -13.07 -47.01
N ASN B 394 -28.81 -12.00 -47.08
CA ASN B 394 -30.20 -12.04 -46.71
C ASN B 394 -30.98 -11.26 -47.75
N ALA B 395 -32.25 -11.64 -47.93
CA ALA B 395 -33.17 -10.81 -48.68
C ALA B 395 -34.50 -10.71 -47.96
N VAL B 396 -35.13 -9.55 -48.08
CA VAL B 396 -36.33 -9.23 -47.35
C VAL B 396 -37.34 -8.67 -48.35
N GLN B 397 -38.57 -9.14 -48.26
CA GLN B 397 -39.71 -8.52 -48.95
C GLN B 397 -40.97 -8.49 -48.08
N VAL B 398 -41.67 -7.37 -48.14
CA VAL B 398 -42.86 -7.15 -47.32
C VAL B 398 -44.14 -7.21 -48.19
N HIS B 399 -45.09 -8.06 -47.80
CA HIS B 399 -46.38 -8.19 -48.49
C HIS B 399 -47.51 -7.58 -47.68
N PHE B 400 -48.33 -6.81 -48.40
CA PHE B 400 -49.45 -6.10 -47.76
C PHE B 400 -50.79 -6.82 -47.93
N LYS B 401 -51.71 -6.53 -47.01
CA LYS B 401 -53.03 -7.15 -46.97
C LYS B 401 -53.89 -6.86 -48.19
N ASP B 402 -53.65 -5.70 -48.79
CA ASP B 402 -54.30 -5.33 -50.03
C ASP B 402 -53.74 -6.10 -51.27
N GLY B 403 -52.66 -6.87 -51.12
CA GLY B 403 -52.13 -7.73 -52.19
C GLY B 403 -50.96 -7.11 -52.94
N THR B 404 -50.61 -5.87 -52.60
CA THR B 404 -49.39 -5.28 -53.12
C THR B 404 -48.18 -5.79 -52.29
N SER B 405 -46.99 -5.41 -52.71
CA SER B 405 -45.75 -5.75 -51.97
C SER B 405 -44.64 -4.78 -52.31
N THR B 406 -43.68 -4.62 -51.40
CA THR B 406 -42.42 -3.95 -51.73
C THR B 406 -41.69 -4.84 -52.70
N GLU B 407 -40.65 -4.30 -53.31
CA GLU B 407 -39.64 -5.13 -53.94
C GLU B 407 -38.92 -6.05 -52.92
N MET B 408 -38.37 -7.14 -53.43
CA MET B 408 -37.51 -7.96 -52.62
C MET B 408 -36.15 -7.29 -52.56
N VAL B 409 -35.69 -6.94 -51.37
CA VAL B 409 -34.42 -6.24 -51.24
C VAL B 409 -33.36 -7.19 -50.73
N GLU B 410 -32.40 -7.50 -51.61
CA GLU B 410 -31.30 -8.40 -51.33
C GLU B 410 -30.00 -7.65 -51.00
N CYS B 411 -29.38 -8.05 -49.90
CA CYS B 411 -28.02 -7.58 -49.56
C CYS B 411 -27.09 -8.79 -49.34
N GLU B 412 -26.10 -8.90 -50.19
CA GLU B 412 -25.05 -9.95 -50.09
C GLU B 412 -23.88 -9.54 -49.22
N PHE B 413 -23.47 -8.28 -49.38
CA PHE B 413 -22.28 -7.74 -48.73
C PHE B 413 -22.61 -6.61 -47.77
N PRO B 414 -22.53 -6.86 -46.46
CA PRO B 414 -22.76 -5.74 -45.57
C PRO B 414 -21.64 -4.71 -45.70
N LEU B 415 -21.87 -3.54 -45.12
CA LEU B 415 -20.96 -2.43 -45.21
C LEU B 415 -19.56 -2.81 -44.68
N GLY B 416 -19.54 -3.70 -43.71
CA GLY B 416 -18.27 -4.15 -43.11
C GLY B 416 -17.45 -5.17 -43.88
N HIS B 417 -17.99 -5.66 -45.00
CA HIS B 417 -17.29 -6.62 -45.87
C HIS B 417 -16.16 -5.91 -46.58
N ARG B 418 -15.07 -6.63 -46.79
CA ARG B 418 -13.93 -6.09 -47.52
C ARG B 418 -14.23 -5.44 -48.89
N PHE B 419 -15.19 -5.98 -49.64
CA PHE B 419 -15.61 -5.38 -50.92
C PHE B 419 -16.17 -3.96 -50.75
N ARG B 420 -16.62 -3.60 -49.55
CA ARG B 420 -17.11 -2.22 -49.33
C ARG B 420 -16.20 -1.44 -48.38
N ARG B 421 -14.94 -1.83 -48.31
CA ARG B 421 -14.02 -1.25 -47.32
C ARG B 421 -13.85 0.30 -47.44
N GLU B 422 -13.71 0.80 -48.66
CA GLU B 422 -13.38 2.23 -48.83
C GLU B 422 -14.56 3.09 -48.38
N GLU B 423 -15.75 2.65 -48.74
CA GLU B 423 -17.00 3.23 -48.23
C GLU B 423 -17.13 3.13 -46.70
N ALA B 424 -16.64 2.02 -46.13
CA ALA B 424 -16.82 1.77 -44.71
C ALA B 424 -15.95 2.61 -43.80
N VAL B 425 -14.70 2.88 -44.23
CA VAL B 425 -13.69 3.43 -43.30
C VAL B 425 -14.12 4.74 -42.62
N PRO B 426 -14.63 5.70 -43.39
CA PRO B 426 -15.13 6.91 -42.72
C PRO B 426 -16.27 6.64 -41.71
N LYS B 427 -17.12 5.66 -41.98
CA LYS B 427 -18.26 5.35 -41.13
C LYS B 427 -17.80 4.65 -39.87
N LEU B 428 -16.68 3.95 -39.97
CA LEU B 428 -16.10 3.26 -38.87
C LEU B 428 -15.52 4.25 -37.89
N LEU B 429 -14.89 5.27 -38.45
CA LEU B 429 -14.34 6.37 -37.65
C LEU B 429 -15.44 7.16 -36.91
N GLU B 430 -16.59 7.33 -37.57
CA GLU B 430 -17.72 8.01 -36.97
C GLU B 430 -18.22 7.19 -35.81
N LYS B 431 -18.36 5.90 -36.04
CA LYS B 431 -18.83 4.97 -35.01
C LYS B 431 -17.90 5.03 -33.81
N PHE B 432 -16.60 5.07 -34.06
CA PHE B 432 -15.57 5.20 -33.00
C PHE B 432 -15.79 6.47 -32.17
N SER B 433 -15.95 7.57 -32.87
CA SER B 433 -16.13 8.87 -32.21
C SER B 433 -17.43 8.93 -31.42
N ASP B 434 -18.52 8.49 -32.01
CA ASP B 434 -19.78 8.35 -31.25
C ASP B 434 -19.67 7.46 -30.00
N ASN B 435 -19.01 6.31 -30.13
CA ASN B 435 -18.82 5.41 -28.98
C ASN B 435 -18.03 6.05 -27.84
N LEU B 436 -16.94 6.72 -28.20
CA LEU B 436 -16.14 7.46 -27.22
C LEU B 436 -16.94 8.53 -26.51
N LYS B 437 -17.82 9.17 -27.26
CA LYS B 437 -18.57 10.33 -26.77
C LYS B 437 -19.53 9.94 -25.67
N THR B 438 -19.88 8.66 -25.59
CA THR B 438 -20.86 8.20 -24.60
C THR B 438 -20.26 8.18 -23.22
N HIS B 439 -18.96 8.09 -23.15
CA HIS B 439 -18.27 7.82 -21.94
C HIS B 439 -17.22 8.86 -21.53
N PHE B 440 -16.64 9.55 -22.50
CA PHE B 440 -15.55 10.49 -22.21
C PHE B 440 -16.02 11.89 -22.38
N PRO B 441 -15.52 12.80 -21.54
CA PRO B 441 -15.85 14.21 -21.76
C PRO B 441 -15.19 14.72 -23.02
N ASP B 442 -15.62 15.90 -23.41
CA ASP B 442 -15.18 16.55 -24.64
C ASP B 442 -13.67 16.54 -24.88
N LYS B 443 -12.89 17.00 -23.91
CA LYS B 443 -11.44 17.13 -24.08
C LYS B 443 -10.76 15.79 -24.30
N GLN B 444 -11.18 14.78 -23.54
CA GLN B 444 -10.55 13.49 -23.56
C GLN B 444 -10.99 12.73 -24.83
N HIS B 445 -12.26 12.86 -25.18
CA HIS B 445 -12.78 12.27 -26.42
C HIS B 445 -12.06 12.78 -27.66
N LYS B 446 -11.84 14.07 -27.73
CA LYS B 446 -11.15 14.65 -28.86
C LYS B 446 -9.70 14.21 -28.92
N HIS B 447 -9.02 14.25 -27.79
CA HIS B 447 -7.65 13.82 -27.71
C HIS B 447 -7.47 12.34 -28.12
N ILE B 448 -8.33 11.45 -27.60
CA ILE B 448 -8.22 10.03 -27.96
C ILE B 448 -8.42 9.93 -29.47
N TYR B 449 -9.49 10.55 -29.94
CA TYR B 449 -9.85 10.41 -31.34
C TYR B 449 -8.63 10.82 -32.21
N GLU B 450 -8.05 11.96 -31.88
CA GLU B 450 -6.96 12.54 -32.67
C GLU B 450 -5.72 11.67 -32.66
N ARG B 451 -5.33 11.12 -31.52
CA ARG B 451 -4.17 10.20 -31.49
C ARG B 451 -4.42 8.92 -32.25
N CYS B 452 -5.64 8.39 -32.12
CA CYS B 452 -5.91 7.05 -32.64
C CYS B 452 -6.06 7.03 -34.18
N THR B 453 -6.41 8.18 -34.75
CA THR B 453 -6.69 8.26 -36.18
C THR B 453 -5.50 8.80 -36.95
N SER B 454 -4.51 9.26 -36.22
CA SER B 454 -3.24 9.67 -36.82
C SER B 454 -2.36 8.41 -36.82
N TYR B 455 -2.57 7.54 -37.79
CA TYR B 455 -1.99 6.17 -37.78
C TYR B 455 -0.48 6.11 -37.83
N GLU B 456 0.07 6.84 -38.79
CA GLU B 456 1.49 7.19 -38.82
C GLU B 456 1.70 8.20 -37.65
N THR B 457 2.31 7.74 -36.57
CA THR B 457 2.48 8.46 -35.27
C THR B 457 1.95 7.58 -34.16
N LEU B 458 0.77 7.03 -34.37
CA LEU B 458 0.21 6.03 -33.46
C LEU B 458 1.12 4.79 -33.29
N GLN B 459 1.74 4.34 -34.39
CA GLN B 459 2.60 3.15 -34.41
C GLN B 459 3.62 3.12 -33.32
N THR B 460 4.25 4.30 -33.13
CA THR B 460 5.41 4.44 -32.32
C THR B 460 5.04 4.75 -30.87
N MET B 461 3.76 5.02 -30.63
CA MET B 461 3.31 5.35 -29.27
C MET B 461 3.60 4.20 -28.36
N ARG B 462 4.16 4.49 -27.18
CA ARG B 462 4.38 3.46 -26.17
C ARG B 462 3.03 2.90 -25.71
N VAL B 463 2.93 1.58 -25.54
CA VAL B 463 1.63 0.96 -25.19
C VAL B 463 1.04 1.59 -23.90
N ASN B 464 1.89 1.78 -22.87
CA ASN B 464 1.43 2.30 -21.59
C ASN B 464 0.83 3.64 -21.74
N GLU B 465 1.45 4.50 -22.55
CA GLU B 465 0.90 5.80 -22.87
C GLU B 465 -0.40 5.72 -23.65
N PHE B 466 -0.46 4.83 -24.63
CA PHE B 466 -1.69 4.61 -25.39
C PHE B 466 -2.84 4.27 -24.45
N VAL B 467 -2.64 3.28 -23.59
CA VAL B 467 -3.66 2.92 -22.62
C VAL B 467 -3.98 4.06 -21.64
N ASP B 468 -2.96 4.80 -21.21
CA ASP B 468 -3.18 5.89 -20.20
C ASP B 468 -4.18 6.93 -20.70
N MET B 469 -4.24 7.10 -22.02
CA MET B 469 -5.12 8.08 -22.67
C MET B 469 -6.58 7.84 -22.34
N PHE B 470 -6.91 6.57 -22.17
CA PHE B 470 -8.25 6.11 -21.91
C PHE B 470 -8.69 6.16 -20.47
N CYS B 471 -7.78 6.48 -19.57
CA CYS B 471 -8.01 6.22 -18.19
C CYS B 471 -8.36 7.51 -17.55
N MET B 472 -7.49 8.50 -17.63
CA MET B 472 -7.88 9.91 -17.52
C MET B 472 -6.91 10.85 -18.26
N MET C 1 -13.16 39.36 27.65
CA MET C 1 -13.42 38.18 26.74
C MET C 1 -14.61 38.34 25.73
N PRO C 2 -14.33 38.19 24.41
CA PRO C 2 -15.38 38.44 23.40
C PRO C 2 -16.34 37.26 23.30
N LYS C 3 -17.62 37.48 23.05
CA LYS C 3 -18.19 38.51 22.17
C LYS C 3 -18.46 37.90 20.79
N THR C 4 -18.70 36.60 20.71
CA THR C 4 -19.01 35.99 19.40
C THR C 4 -20.35 36.45 18.83
N ASP C 5 -20.36 36.73 17.53
CA ASP C 5 -21.59 37.21 16.84
C ASP C 5 -22.74 36.24 17.06
N ARG C 6 -23.86 36.79 17.46
CA ARG C 6 -25.05 36.00 17.86
C ARG C 6 -25.48 34.88 16.87
N VAL C 7 -25.42 35.19 15.58
CA VAL C 7 -25.89 34.23 14.56
C VAL C 7 -25.07 32.98 14.59
N ILE C 8 -23.77 33.15 14.85
CA ILE C 8 -22.85 32.05 14.95
C ILE C 8 -23.12 31.24 16.23
N GLU C 9 -23.29 31.95 17.36
CA GLU C 9 -23.70 31.27 18.62
C GLU C 9 -25.01 30.46 18.50
N GLU C 10 -26.00 31.05 17.87
CA GLU C 10 -27.29 30.40 17.69
C GLU C 10 -27.20 29.16 16.84
N ILE C 11 -26.49 29.24 15.73
CA ILE C 11 -26.26 28.04 14.90
C ILE C 11 -25.53 26.95 15.70
N THR C 12 -24.51 27.36 16.43
CA THR C 12 -23.74 26.44 17.27
C THR C 12 -24.62 25.73 18.33
N ASP C 13 -25.42 26.52 19.03
CA ASP C 13 -26.31 25.97 20.09
C ASP C 13 -27.30 24.96 19.50
N TYR C 14 -27.82 25.27 18.33
CA TYR C 14 -28.78 24.39 17.65
C TYR C 14 -28.16 23.06 17.32
N VAL C 15 -26.95 23.12 16.72
CA VAL C 15 -26.29 21.92 16.25
C VAL C 15 -25.96 21.03 17.42
N LEU C 16 -25.47 21.63 18.49
CA LEU C 16 -25.03 20.87 19.69
C LEU C 16 -26.14 20.39 20.59
N GLU C 17 -27.15 21.22 20.81
CA GLU C 17 -28.16 20.95 21.86
C GLU C 17 -29.57 20.63 21.41
N LYS C 18 -29.99 21.13 20.25
CA LYS C 18 -31.41 20.99 19.89
C LYS C 18 -31.74 19.52 19.60
N GLU C 19 -32.68 18.95 20.33
CA GLU C 19 -33.24 17.66 19.96
C GLU C 19 -34.34 17.81 18.89
N ILE C 20 -34.23 17.09 17.79
CA ILE C 20 -35.26 17.11 16.76
C ILE C 20 -36.36 16.12 17.14
N THR C 21 -37.58 16.60 17.25
CA THR C 21 -38.69 15.75 17.68
C THR C 21 -39.76 15.51 16.59
N SER C 22 -39.62 16.13 15.45
CA SER C 22 -40.61 16.00 14.40
C SER C 22 -40.52 14.67 13.66
N ALA C 23 -41.56 13.86 13.78
CA ALA C 23 -41.75 12.63 13.06
C ALA C 23 -41.81 12.91 11.56
N GLU C 24 -42.50 13.98 11.18
CA GLU C 24 -42.67 14.35 9.77
C GLU C 24 -41.30 14.72 9.16
N ALA C 25 -40.50 15.46 9.90
CA ALA C 25 -39.15 15.80 9.47
C ALA C 25 -38.27 14.55 9.19
N TYR C 26 -38.32 13.55 10.06
CA TYR C 26 -37.56 12.37 9.86
C TYR C 26 -38.05 11.58 8.66
N THR C 27 -39.38 11.53 8.51
CA THR C 27 -39.98 10.84 7.38
C THR C 27 -39.59 11.50 6.08
N THR C 28 -39.72 12.79 6.02
CA THR C 28 -39.30 13.53 4.84
C THR C 28 -37.82 13.42 4.58
N ALA C 29 -37.01 13.41 5.63
CA ALA C 29 -35.56 13.38 5.47
C ALA C 29 -35.23 12.06 4.80
N GLY C 30 -35.93 11.01 5.19
CA GLY C 30 -35.75 9.71 4.55
C GLY C 30 -35.99 9.80 3.04
N HIS C 31 -37.06 10.49 2.65
CA HIS C 31 -37.33 10.71 1.23
C HIS C 31 -36.29 11.56 0.54
N VAL C 32 -35.82 12.60 1.20
CA VAL C 32 -34.71 13.40 0.63
C VAL C 32 -33.44 12.56 0.43
N LEU C 33 -33.13 11.71 1.41
CA LEU C 33 -31.96 10.88 1.34
C LEU C 33 -31.93 10.01 0.08
N LEU C 34 -33.04 9.30 -0.15
CA LEU C 34 -33.18 8.45 -1.33
C LEU C 34 -33.22 9.25 -2.62
N ASP C 35 -34.04 10.27 -2.62
CA ASP C 35 -34.12 11.12 -3.78
C ASP C 35 -32.79 11.71 -4.19
N THR C 36 -32.07 12.24 -3.20
CA THR C 36 -30.75 12.86 -3.43
C THR C 36 -29.74 11.87 -3.99
N LEU C 37 -29.65 10.71 -3.39
CA LEU C 37 -28.65 9.71 -3.81
C LEU C 37 -28.96 9.19 -5.18
N GLY C 38 -30.26 8.99 -5.45
CA GLY C 38 -30.71 8.68 -6.82
C GLY C 38 -30.25 9.69 -7.86
N CYS C 39 -30.42 10.98 -7.55
CA CYS C 39 -29.99 12.03 -8.42
C CYS C 39 -28.48 11.90 -8.71
N GLY C 40 -27.75 11.59 -7.65
CA GLY C 40 -26.29 11.49 -7.72
C GLY C 40 -25.91 10.34 -8.66
N ILE C 41 -26.62 9.22 -8.54
CA ILE C 41 -26.30 8.02 -9.32
C ILE C 41 -26.58 8.34 -10.77
N LEU C 42 -27.66 9.06 -11.04
CA LEU C 42 -28.00 9.44 -12.41
C LEU C 42 -26.92 10.32 -13.06
N ALA C 43 -26.30 11.18 -12.25
CA ALA C 43 -25.25 12.02 -12.72
C ALA C 43 -24.02 11.24 -13.24
N LEU C 44 -23.81 10.05 -12.71
CA LEU C 44 -22.71 9.19 -13.20
C LEU C 44 -22.87 8.75 -14.64
N ARG C 45 -24.03 8.98 -15.22
CA ARG C 45 -24.23 8.83 -16.67
C ARG C 45 -23.70 9.96 -17.56
N TYR C 46 -23.25 11.05 -16.92
CA TYR C 46 -22.84 12.26 -17.64
C TYR C 46 -21.35 12.51 -17.54
N PRO C 47 -20.60 12.38 -18.65
CA PRO C 47 -19.18 12.42 -18.57
C PRO C 47 -18.66 13.75 -18.06
N GLU C 48 -19.42 14.83 -18.29
CA GLU C 48 -19.00 16.16 -17.89
C GLU C 48 -19.01 16.24 -16.37
N CYS C 49 -19.82 15.39 -15.73
CA CYS C 49 -19.74 15.26 -14.26
C CYS C 49 -18.60 14.36 -13.82
N THR C 50 -18.57 13.16 -14.41
CA THR C 50 -17.62 12.12 -14.09
C THR C 50 -16.15 12.53 -14.22
N LYS C 51 -15.89 13.49 -15.09
CA LYS C 51 -14.50 14.02 -15.28
C LYS C 51 -13.92 14.70 -14.07
N LEU C 52 -14.79 15.19 -13.19
CA LEU C 52 -14.36 15.89 -11.99
C LEU C 52 -14.24 15.00 -10.76
N LEU C 53 -14.61 13.73 -10.89
CA LEU C 53 -14.62 12.81 -9.75
C LEU C 53 -13.29 12.04 -9.57
N GLY C 54 -13.20 11.28 -8.49
CA GLY C 54 -12.00 10.53 -8.21
C GLY C 54 -10.95 11.26 -7.43
N PRO C 55 -9.88 10.54 -7.04
CA PRO C 55 -8.80 11.18 -6.30
C PRO C 55 -8.05 12.23 -7.12
N ILE C 56 -7.37 13.15 -6.46
CA ILE C 56 -6.52 14.10 -7.16
C ILE C 56 -5.49 13.27 -7.91
N VAL C 57 -4.89 12.30 -7.23
CA VAL C 57 -3.85 11.47 -7.85
C VAL C 57 -4.35 10.02 -7.95
N PRO C 58 -4.49 9.52 -9.20
CA PRO C 58 -4.93 8.13 -9.36
C PRO C 58 -4.08 7.15 -8.58
N GLY C 59 -4.73 6.19 -7.96
CA GLY C 59 -4.00 5.18 -7.17
C GLY C 59 -3.71 5.58 -5.73
N THR C 60 -4.11 6.77 -5.32
CA THR C 60 -4.00 7.15 -3.95
C THR C 60 -4.76 6.13 -3.09
N THR C 61 -4.20 5.83 -1.93
CA THR C 61 -4.81 4.93 -0.98
C THR C 61 -5.05 5.65 0.32
N VAL C 62 -6.27 5.57 0.81
CA VAL C 62 -6.68 6.28 2.01
C VAL C 62 -7.23 5.27 3.03
N PRO C 63 -6.60 5.19 4.22
CA PRO C 63 -7.10 4.31 5.30
C PRO C 63 -8.46 4.76 5.80
N ASN C 64 -9.39 3.82 5.89
CA ASN C 64 -10.74 4.11 6.34
C ASN C 64 -11.39 5.24 5.56
N GLY C 65 -11.04 5.34 4.29
CA GLY C 65 -11.54 6.40 3.43
C GLY C 65 -13.03 6.36 3.16
N SER C 66 -13.60 7.54 2.92
CA SER C 66 -15.02 7.64 2.57
C SER C 66 -15.24 7.08 1.18
N LYS C 67 -16.26 6.26 1.01
CA LYS C 67 -16.59 5.70 -0.28
C LYS C 67 -17.59 6.56 -1.02
N VAL C 68 -17.41 6.64 -2.33
CA VAL C 68 -18.31 7.42 -3.19
C VAL C 68 -19.34 6.46 -3.83
N PRO C 69 -20.64 6.56 -3.43
CA PRO C 69 -21.66 5.72 -4.04
C PRO C 69 -21.58 5.65 -5.55
N GLY C 70 -21.81 4.45 -6.08
CA GLY C 70 -21.79 4.25 -7.51
C GLY C 70 -20.43 4.00 -8.09
N THR C 71 -19.39 4.06 -7.26
CA THR C 71 -18.04 4.06 -7.73
C THR C 71 -17.13 3.22 -6.83
N SER C 72 -15.94 2.96 -7.33
CA SER C 72 -14.91 2.29 -6.56
C SER C 72 -13.95 3.25 -5.86
N TYR C 73 -14.26 4.55 -5.88
CA TYR C 73 -13.40 5.55 -5.21
C TYR C 73 -13.52 5.47 -3.70
N VAL C 74 -12.35 5.53 -3.07
CA VAL C 74 -12.20 5.52 -1.61
C VAL C 74 -11.26 6.68 -1.31
N LEU C 75 -11.81 7.75 -0.70
CA LEU C 75 -11.18 9.08 -0.67
C LEU C 75 -11.09 9.65 0.73
N ASP C 76 -10.25 10.67 0.91
CA ASP C 76 -10.34 11.45 2.12
C ASP C 76 -11.73 12.10 2.17
N PRO C 77 -12.22 12.45 3.36
CA PRO C 77 -13.56 12.95 3.45
C PRO C 77 -13.84 14.28 2.75
N VAL C 78 -12.82 15.15 2.66
CA VAL C 78 -12.96 16.43 1.95
C VAL C 78 -13.19 16.24 0.45
N ARG C 79 -12.39 15.38 -0.13
CA ARG C 79 -12.56 15.06 -1.53
C ARG C 79 -13.84 14.26 -1.79
N ALA C 80 -14.16 13.31 -0.92
CA ALA C 80 -15.39 12.54 -1.10
C ALA C 80 -16.64 13.46 -1.03
N ALA C 81 -16.59 14.45 -0.13
CA ALA C 81 -17.65 15.41 0.03
C ALA C 81 -17.85 16.16 -1.28
N PHE C 82 -16.74 16.55 -1.93
CA PHE C 82 -16.86 17.18 -3.22
C PHE C 82 -17.55 16.22 -4.21
N ASN C 83 -17.02 15.01 -4.34
CA ASN C 83 -17.54 13.98 -5.31
C ASN C 83 -19.05 13.76 -5.16
N ILE C 84 -19.48 13.53 -3.92
CA ILE C 84 -20.88 13.31 -3.64
C ILE C 84 -21.71 14.56 -3.93
N GLY C 85 -21.25 15.70 -3.49
CA GLY C 85 -21.97 16.94 -3.68
C GLY C 85 -22.08 17.34 -5.14
N CYS C 86 -21.04 17.05 -5.88
CA CYS C 86 -20.99 17.33 -7.35
C CYS C 86 -22.01 16.44 -8.08
N MET C 87 -22.03 15.17 -7.72
CA MET C 87 -23.02 14.22 -8.28
C MET C 87 -24.47 14.59 -8.01
N ILE C 88 -24.81 14.81 -6.74
CA ILE C 88 -26.18 14.97 -6.36
C ILE C 88 -26.87 16.25 -6.88
N ARG C 89 -26.06 17.26 -7.18
CA ARG C 89 -26.55 18.54 -7.68
C ARG C 89 -26.52 18.60 -9.21
N TRP C 90 -25.69 17.76 -9.83
CA TRP C 90 -25.21 18.01 -11.23
C TRP C 90 -26.38 18.33 -12.19
N LEU C 91 -27.44 17.56 -12.12
CA LEU C 91 -28.50 17.59 -13.14
C LEU C 91 -29.69 18.48 -12.83
N ASP C 92 -29.62 19.21 -11.72
CA ASP C 92 -30.71 20.10 -11.34
C ASP C 92 -31.98 19.29 -11.06
N TYR C 93 -31.81 18.19 -10.33
CA TYR C 93 -32.87 17.23 -10.12
C TYR C 93 -33.19 17.08 -8.66
N ASN C 94 -32.38 17.73 -7.80
CA ASN C 94 -32.41 17.46 -6.35
C ASN C 94 -33.31 18.48 -5.67
N ASP C 95 -33.48 18.33 -4.35
CA ASP C 95 -34.47 19.15 -3.63
C ASP C 95 -34.14 20.64 -3.61
N THR C 96 -35.11 21.45 -3.19
CA THR C 96 -35.05 22.87 -3.36
C THR C 96 -35.76 23.63 -2.21
N TRP C 97 -35.22 24.79 -1.86
CA TRP C 97 -35.89 25.63 -0.84
C TRP C 97 -35.84 27.04 -1.42
N LEU C 98 -36.97 27.76 -1.39
CA LEU C 98 -37.01 29.06 -2.03
C LEU C 98 -37.59 30.10 -1.07
N ALA C 99 -36.84 31.19 -0.87
CA ALA C 99 -37.33 32.30 -0.08
C ALA C 99 -36.52 33.50 -0.53
N ALA C 100 -35.93 34.31 0.37
CA ALA C 100 -35.27 35.50 -0.09
C ALA C 100 -34.05 35.01 -0.86
N GLU C 101 -33.46 33.89 -0.39
CA GLU C 101 -32.41 33.21 -1.14
C GLU C 101 -32.96 31.90 -1.71
N TRP C 102 -32.33 31.47 -2.81
CA TRP C 102 -32.63 30.22 -3.45
C TRP C 102 -31.58 29.20 -3.05
N GLY C 103 -31.92 27.94 -3.06
CA GLY C 103 -30.91 26.90 -2.97
C GLY C 103 -31.43 25.51 -2.94
N HIS C 104 -30.52 24.59 -2.64
CA HIS C 104 -30.78 23.14 -2.64
C HIS C 104 -30.16 22.51 -1.43
N PRO C 105 -30.91 22.44 -0.32
CA PRO C 105 -30.25 22.04 0.89
C PRO C 105 -29.82 20.61 0.98
N SER C 106 -30.35 19.77 0.11
CA SER C 106 -29.84 18.42 -0.04
C SER C 106 -28.36 18.37 -0.42
N ASP C 107 -27.85 19.47 -0.98
CA ASP C 107 -26.40 19.63 -1.34
C ASP C 107 -25.49 19.35 -0.15
N ASN C 108 -25.98 19.63 1.04
CA ASN C 108 -25.23 19.36 2.26
C ASN C 108 -24.95 17.91 2.50
N LEU C 109 -25.75 17.03 1.89
CA LEU C 109 -25.51 15.60 2.00
C LEU C 109 -24.10 15.18 1.60
N GLY C 110 -23.50 15.90 0.65
CA GLY C 110 -22.15 15.67 0.24
C GLY C 110 -21.20 15.60 1.44
N GLY C 111 -21.22 16.67 2.23
CA GLY C 111 -20.37 16.77 3.40
C GLY C 111 -20.84 15.87 4.53
N ILE C 112 -22.14 15.78 4.74
CA ILE C 112 -22.67 14.94 5.81
C ILE C 112 -22.32 13.45 5.60
N LEU C 113 -22.58 12.95 4.41
CA LEU C 113 -22.42 11.53 4.11
C LEU C 113 -20.95 11.15 4.05
N ALA C 114 -20.12 12.04 3.47
CA ALA C 114 -18.67 11.78 3.46
C ALA C 114 -18.05 11.72 4.86
N ALA C 115 -18.38 12.70 5.68
CA ALA C 115 -17.91 12.73 7.03
C ALA C 115 -18.43 11.57 7.85
N ALA C 116 -19.70 11.29 7.75
CA ALA C 116 -20.32 10.28 8.62
C ALA C 116 -19.74 8.90 8.25
N ASP C 117 -19.52 8.71 6.97
CA ASP C 117 -18.96 7.44 6.47
C ASP C 117 -17.53 7.27 6.98
N TYR C 118 -16.76 8.33 6.88
CA TYR C 118 -15.36 8.33 7.40
C TYR C 118 -15.30 8.06 8.92
N VAL C 119 -16.05 8.83 9.67
CA VAL C 119 -16.14 8.65 11.10
C VAL C 119 -16.56 7.23 11.47
N SER C 120 -17.52 6.68 10.74
CA SER C 120 -17.94 5.28 10.94
C SER C 120 -16.85 4.25 10.74
N ARG C 121 -16.10 4.39 9.63
CA ARG C 121 -15.06 3.48 9.29
C ARG C 121 -13.92 3.56 10.29
N VAL C 122 -13.56 4.78 10.68
CA VAL C 122 -12.52 4.96 11.70
C VAL C 122 -12.95 4.29 13.01
N ARG C 123 -14.19 4.55 13.43
CA ARG C 123 -14.71 3.98 14.66
C ARG C 123 -14.65 2.46 14.69
N LEU C 124 -15.11 1.88 13.60
CA LEU C 124 -15.02 0.46 13.35
C LEU C 124 -13.60 -0.09 13.45
N SER C 125 -12.62 0.64 12.90
CA SER C 125 -11.22 0.22 12.97
C SER C 125 -10.69 0.32 14.40
N GLU C 126 -11.29 1.18 15.24
CA GLU C 126 -10.86 1.37 16.63
C GLU C 126 -11.66 0.45 17.56
N GLY C 127 -12.48 -0.42 16.98
CA GLY C 127 -13.36 -1.30 17.75
C GLY C 127 -14.55 -0.64 18.40
N LYS C 128 -14.96 0.50 17.87
CA LYS C 128 -16.13 1.22 18.35
C LYS C 128 -17.36 1.15 17.41
N GLU C 129 -18.45 1.76 17.84
CA GLU C 129 -19.76 1.63 17.17
C GLU C 129 -19.87 2.68 16.08
N PRO C 130 -20.03 2.27 14.82
CA PRO C 130 -20.28 3.28 13.79
C PRO C 130 -21.55 4.10 14.00
N LEU C 131 -21.72 5.16 13.20
CA LEU C 131 -22.96 5.92 13.15
C LEU C 131 -23.98 5.17 12.35
N THR C 132 -25.22 5.62 12.44
CA THR C 132 -26.35 4.97 11.78
C THR C 132 -27.04 5.96 10.88
N VAL C 133 -27.87 5.45 10.00
CA VAL C 133 -28.51 6.29 9.01
C VAL C 133 -29.40 7.32 9.69
N ARG C 134 -29.92 6.98 10.88
CA ARG C 134 -30.69 7.98 11.64
C ARG C 134 -29.86 9.21 11.92
N ASP C 135 -28.58 9.03 12.21
CA ASP C 135 -27.66 10.17 12.51
C ASP C 135 -27.42 11.08 11.30
N VAL C 136 -27.32 10.44 10.16
CA VAL C 136 -27.33 11.14 8.88
C VAL C 136 -28.63 11.92 8.69
N LEU C 137 -29.75 11.27 8.93
CA LEU C 137 -31.06 11.97 8.82
C LEU C 137 -31.13 13.22 9.74
N GLU C 138 -30.67 13.09 10.97
CA GLU C 138 -30.70 14.20 11.91
C GLU C 138 -29.83 15.34 11.42
N MET C 139 -28.65 15.01 10.94
CA MET C 139 -27.72 16.05 10.42
C MET C 139 -28.26 16.72 9.17
N MET C 140 -28.98 15.96 8.34
CA MET C 140 -29.67 16.56 7.21
C MET C 140 -30.72 17.57 7.65
N ILE C 141 -31.55 17.15 8.58
CA ILE C 141 -32.58 18.03 9.11
C ILE C 141 -31.96 19.36 9.56
N LYS C 142 -30.86 19.29 10.27
CA LYS C 142 -30.22 20.45 10.83
C LYS C 142 -29.46 21.28 9.80
N ALA C 143 -28.82 20.64 8.84
CA ALA C 143 -28.28 21.38 7.67
C ALA C 143 -29.33 22.11 6.86
N HIS C 144 -30.40 21.43 6.55
CA HIS C 144 -31.57 22.05 5.91
C HIS C 144 -32.01 23.24 6.67
N GLU C 145 -32.13 23.07 7.97
CA GLU C 145 -32.62 24.19 8.81
C GLU C 145 -31.73 25.41 8.76
N ILE C 146 -30.41 25.20 8.83
CA ILE C 146 -29.48 26.27 8.90
C ILE C 146 -29.48 27.00 7.60
N GLN C 147 -29.32 26.28 6.50
CA GLN C 147 -29.26 26.91 5.21
C GLN C 147 -30.62 27.55 4.84
N GLY C 148 -31.72 26.84 5.14
CA GLY C 148 -33.05 27.34 4.83
C GLY C 148 -33.59 28.49 5.67
N VAL C 149 -33.24 28.53 6.96
CA VAL C 149 -33.62 29.67 7.82
C VAL C 149 -32.72 30.88 7.53
N LEU C 150 -31.46 30.67 7.20
CA LEU C 150 -30.67 31.78 6.65
C LEU C 150 -31.24 32.33 5.35
N ALA C 151 -31.82 31.45 4.51
CA ALA C 151 -32.41 31.90 3.25
C ALA C 151 -33.71 32.69 3.39
N LEU C 152 -34.36 32.64 4.57
CA LEU C 152 -35.66 33.24 4.71
C LEU C 152 -35.60 34.73 4.54
N GLU C 153 -34.59 35.36 5.12
CA GLU C 153 -34.52 36.80 5.11
C GLU C 153 -33.27 37.38 4.53
N ASN C 154 -32.27 36.57 4.22
CA ASN C 154 -31.00 37.14 3.75
C ASN C 154 -30.85 36.76 2.25
N SER C 155 -30.79 37.76 1.41
CA SER C 155 -30.63 37.56 -0.04
C SER C 155 -29.21 37.79 -0.47
N LEU C 156 -28.49 36.69 -0.67
CA LEU C 156 -27.13 36.81 -1.19
C LEU C 156 -27.21 37.22 -2.65
N ASN C 157 -28.20 36.71 -3.37
CA ASN C 157 -28.32 37.06 -4.80
C ASN C 157 -28.49 38.54 -5.08
N ARG C 158 -29.11 39.27 -4.13
CA ARG C 158 -29.27 40.71 -4.29
C ARG C 158 -27.95 41.47 -4.15
N VAL C 159 -26.93 40.84 -3.57
CA VAL C 159 -25.63 41.52 -3.44
C VAL C 159 -24.63 40.80 -4.30
N GLY C 160 -25.12 39.94 -5.20
CA GLY C 160 -24.29 39.41 -6.28
C GLY C 160 -23.47 38.19 -5.91
N LEU C 161 -23.88 37.53 -4.86
CA LEU C 161 -23.14 36.40 -4.36
C LEU C 161 -23.97 35.11 -4.51
N ASP C 162 -23.29 33.98 -4.63
CA ASP C 162 -23.99 32.70 -4.84
C ASP C 162 -24.50 32.18 -3.51
N HIS C 163 -25.57 31.40 -3.59
CA HIS C 163 -26.20 30.86 -2.40
C HIS C 163 -25.37 29.84 -1.67
N VAL C 164 -24.37 29.25 -2.35
CA VAL C 164 -23.60 28.12 -1.77
C VAL C 164 -22.78 28.47 -0.53
N LEU C 165 -22.65 29.75 -0.22
CA LEU C 165 -22.14 30.20 1.11
C LEU C 165 -22.95 29.60 2.26
N PHE C 166 -24.27 29.55 2.10
CA PHE C 166 -25.11 28.96 3.13
C PHE C 166 -24.94 27.44 3.20
N VAL C 167 -24.51 26.79 2.11
CA VAL C 167 -24.15 25.36 2.14
C VAL C 167 -22.86 25.19 2.93
N LYS C 168 -21.88 26.06 2.68
CA LYS C 168 -20.61 26.00 3.38
C LYS C 168 -20.76 26.26 4.90
N VAL C 169 -21.69 27.16 5.22
CA VAL C 169 -22.00 27.45 6.61
C VAL C 169 -22.69 26.26 7.27
N ALA C 170 -23.76 25.78 6.66
CA ALA C 170 -24.51 24.65 7.23
C ALA C 170 -23.67 23.37 7.38
N THR C 171 -22.91 23.04 6.34
CA THR C 171 -22.09 21.86 6.36
C THR C 171 -20.99 21.98 7.43
N THR C 172 -20.39 23.14 7.54
CA THR C 172 -19.29 23.30 8.47
C THR C 172 -19.79 22.95 9.86
N ALA C 173 -20.95 23.48 10.21
CA ALA C 173 -21.49 23.25 11.55
C ALA C 173 -21.78 21.76 11.80
N VAL C 174 -22.51 21.13 10.91
CA VAL C 174 -22.93 19.73 11.15
C VAL C 174 -21.71 18.78 11.04
N ALA C 175 -20.77 19.12 10.18
CA ALA C 175 -19.56 18.33 10.02
C ALA C 175 -18.71 18.46 11.25
N ALA C 176 -18.57 19.68 11.77
CA ALA C 176 -17.74 19.87 12.96
C ALA C 176 -18.29 19.02 14.14
N LYS C 177 -19.61 18.89 14.20
CA LYS C 177 -20.27 18.06 15.19
C LYS C 177 -20.02 16.60 14.95
N LEU C 178 -20.24 16.14 13.73
CA LEU C 178 -20.01 14.72 13.39
C LEU C 178 -18.58 14.28 13.69
N LEU C 179 -17.64 15.17 13.42
CA LEU C 179 -16.25 14.90 13.65
C LEU C 179 -15.82 15.06 15.11
N GLY C 180 -16.74 15.36 16.00
CA GLY C 180 -16.47 15.35 17.44
C GLY C 180 -16.09 16.71 17.99
N GLY C 181 -16.38 17.76 17.26
CA GLY C 181 -16.16 19.10 17.80
C GLY C 181 -17.13 19.48 18.93
N GLY C 182 -16.65 20.30 19.87
CA GLY C 182 -17.49 20.98 20.85
C GLY C 182 -17.85 22.38 20.44
N ARG C 183 -18.36 23.13 21.40
CA ARG C 183 -18.87 24.46 21.12
C ARG C 183 -17.81 25.35 20.46
N GLU C 184 -16.61 25.37 21.03
CA GLU C 184 -15.60 26.29 20.54
C GLU C 184 -15.22 26.01 19.09
N GLU C 185 -15.09 24.73 18.77
CA GLU C 185 -14.63 24.27 17.47
C GLU C 185 -15.67 24.55 16.42
N ILE C 186 -16.94 24.39 16.78
CA ILE C 186 -18.05 24.66 15.88
C ILE C 186 -18.16 26.16 15.63
N LYS C 187 -18.08 26.98 16.68
CA LYS C 187 -18.12 28.44 16.54
C LYS C 187 -16.94 28.95 15.69
N ASN C 188 -15.76 28.39 15.93
CA ASN C 188 -14.56 28.81 15.17
C ASN C 188 -14.61 28.40 13.70
N ALA C 189 -15.10 27.21 13.42
CA ALA C 189 -15.30 26.78 12.06
C ALA C 189 -16.30 27.70 11.34
N LEU C 190 -17.44 27.95 11.94
CA LEU C 190 -18.42 28.89 11.43
C LEU C 190 -17.86 30.26 11.12
N SER C 191 -17.06 30.79 12.00
CA SER C 191 -16.52 32.14 11.78
C SER C 191 -15.56 32.13 10.56
N ASN C 192 -14.83 31.06 10.41
CA ASN C 192 -13.97 30.87 9.23
C ASN C 192 -14.71 30.65 7.89
N ALA C 193 -15.90 30.03 7.96
CA ALA C 193 -16.81 29.96 6.85
C ALA C 193 -17.32 31.32 6.37
N TRP C 194 -17.71 32.21 7.31
CA TRP C 194 -18.29 33.50 6.95
C TRP C 194 -17.26 34.45 6.33
N ILE C 195 -16.03 34.33 6.79
CA ILE C 195 -14.90 35.09 6.30
C ILE C 195 -14.36 34.57 4.95
N ASP C 196 -14.73 33.36 4.60
CA ASP C 196 -14.17 32.66 3.45
C ASP C 196 -14.73 33.28 2.15
N ASN C 197 -15.47 34.33 2.34
CA ASN C 197 -16.65 34.56 1.59
C ASN C 197 -16.31 35.22 0.27
N ALA C 198 -16.51 34.43 -0.79
CA ALA C 198 -17.90 33.88 -1.09
C ALA C 198 -18.06 33.92 -2.58
N ALA C 199 -18.36 32.78 -3.24
CA ALA C 199 -18.21 32.74 -4.69
C ALA C 199 -19.27 33.67 -5.34
N LEU C 200 -18.93 34.18 -6.51
CA LEU C 200 -19.92 34.91 -7.34
C LEU C 200 -20.95 33.97 -7.91
N ARG C 201 -22.02 34.52 -8.51
CA ARG C 201 -23.01 33.68 -9.19
C ARG C 201 -23.03 33.95 -10.69
N THR C 202 -21.89 34.43 -11.21
CA THR C 202 -21.73 34.74 -12.64
C THR C 202 -22.08 33.56 -13.56
N TYR C 203 -21.73 32.37 -13.11
CA TYR C 203 -21.99 31.11 -13.80
C TYR C 203 -23.43 30.63 -13.83
N ARG C 204 -24.34 31.33 -13.16
CA ARG C 204 -25.77 30.99 -13.16
C ARG C 204 -26.57 31.86 -14.11
N HIS C 205 -25.90 32.85 -14.71
CA HIS C 205 -26.54 33.93 -15.41
C HIS C 205 -25.97 34.12 -16.77
N SER C 206 -26.83 34.59 -17.65
CA SER C 206 -26.41 35.08 -18.95
C SER C 206 -25.41 36.22 -18.80
N PRO C 207 -24.39 36.29 -19.65
CA PRO C 207 -24.13 35.40 -20.79
C PRO C 207 -23.14 34.29 -20.46
N ASN C 208 -22.92 34.00 -19.18
CA ASN C 208 -21.84 33.12 -18.75
C ASN C 208 -22.34 31.79 -18.21
N THR C 209 -23.66 31.56 -18.22
CA THR C 209 -24.21 30.35 -17.64
C THR C 209 -23.42 29.12 -18.03
N GLY C 210 -23.02 28.30 -17.04
CA GLY C 210 -22.20 27.16 -17.32
C GLY C 210 -22.21 26.10 -16.26
N SER C 211 -21.35 25.11 -16.43
CA SER C 211 -21.44 23.89 -15.66
C SER C 211 -20.95 24.08 -14.20
N ARG C 212 -20.34 25.23 -13.88
CA ARG C 212 -20.07 25.54 -12.47
C ARG C 212 -21.35 25.70 -11.63
N LYS C 213 -22.49 25.94 -12.28
CA LYS C 213 -23.76 25.86 -11.60
C LYS C 213 -24.01 24.49 -10.98
N SER C 214 -23.42 23.46 -11.58
CA SER C 214 -23.62 22.07 -11.17
C SER C 214 -22.69 21.63 -10.07
N TRP C 215 -21.47 22.17 -10.03
CA TRP C 215 -20.54 21.77 -8.99
C TRP C 215 -20.25 22.76 -7.87
N PRO C 216 -20.77 24.02 -7.94
CA PRO C 216 -20.39 25.00 -6.85
C PRO C 216 -20.83 24.51 -5.43
N ALA C 217 -21.91 23.76 -5.33
CA ALA C 217 -22.40 23.34 -3.99
C ALA C 217 -21.55 22.24 -3.44
N GLY C 218 -21.06 21.36 -4.34
CA GLY C 218 -20.12 20.34 -4.01
C GLY C 218 -18.79 20.88 -3.53
N ASP C 219 -18.34 21.89 -4.23
CA ASP C 219 -17.15 22.64 -3.80
C ASP C 219 -17.39 23.24 -2.40
N ALA C 220 -18.58 23.79 -2.18
CA ALA C 220 -18.90 24.49 -0.87
C ALA C 220 -19.09 23.53 0.32
N THR C 221 -19.69 22.36 0.06
CA THR C 221 -19.90 21.38 1.11
C THR C 221 -18.56 20.75 1.49
N SER C 222 -17.73 20.53 0.47
CA SER C 222 -16.36 20.07 0.68
C SER C 222 -15.52 21.03 1.52
N ARG C 223 -15.60 22.31 1.18
CA ARG C 223 -14.95 23.35 1.91
C ARG C 223 -15.41 23.41 3.39
N GLY C 224 -16.68 23.23 3.63
CA GLY C 224 -17.21 23.11 4.99
C GLY C 224 -16.58 21.98 5.81
N VAL C 225 -16.41 20.81 5.19
CA VAL C 225 -15.79 19.70 5.87
C VAL C 225 -14.34 20.10 6.19
N HIS C 226 -13.68 20.74 5.23
CA HIS C 226 -12.30 21.09 5.40
C HIS C 226 -12.11 22.05 6.54
N LEU C 227 -12.94 23.08 6.57
CA LEU C 227 -12.87 24.06 7.63
C LEU C 227 -13.19 23.42 8.97
N ALA C 228 -14.13 22.47 8.98
CA ALA C 228 -14.40 21.71 10.22
C ALA C 228 -13.19 20.94 10.75
N LEU C 229 -12.46 20.26 9.85
CA LEU C 229 -11.21 19.55 10.22
C LEU C 229 -10.14 20.45 10.76
N MET C 230 -10.00 21.62 10.15
CA MET C 230 -9.02 22.62 10.64
C MET C 230 -9.36 23.03 12.07
N SER C 231 -10.64 23.28 12.28
CA SER C 231 -11.11 23.65 13.62
C SER C 231 -10.86 22.57 14.71
N LEU C 232 -10.98 21.29 14.34
CA LEU C 232 -10.69 20.18 15.24
C LEU C 232 -9.21 20.10 15.68
N LYS C 233 -8.32 20.75 14.92
CA LYS C 233 -6.90 20.84 15.26
C LYS C 233 -6.68 21.97 16.24
N GLY C 234 -7.72 22.74 16.51
CA GLY C 234 -7.66 23.88 17.41
C GLY C 234 -7.34 25.20 16.72
N GLU C 235 -7.51 25.28 15.40
CA GLU C 235 -7.33 26.57 14.71
C GLU C 235 -8.39 27.59 15.14
N MET C 236 -7.93 28.79 15.47
CA MET C 236 -8.74 29.77 16.13
C MET C 236 -9.86 30.28 15.20
N GLY C 237 -10.83 30.93 15.81
CA GLY C 237 -11.90 31.63 15.11
C GLY C 237 -11.83 33.15 15.25
N TYR C 238 -12.87 33.79 14.74
CA TYR C 238 -12.94 35.24 14.47
C TYR C 238 -14.30 35.75 14.96
N PRO C 239 -14.35 36.17 16.24
CA PRO C 239 -15.62 36.32 16.94
C PRO C 239 -16.59 37.28 16.29
N THR C 240 -16.06 38.34 15.69
CA THR C 240 -16.92 39.32 15.00
C THR C 240 -16.73 39.25 13.50
N ALA C 241 -16.65 38.02 13.02
CA ALA C 241 -16.55 37.76 11.56
C ALA C 241 -17.71 38.46 10.80
N LEU C 242 -18.91 38.48 11.36
CA LEU C 242 -20.07 39.11 10.69
C LEU C 242 -20.08 40.63 10.89
N SER C 243 -19.84 41.05 12.12
CA SER C 243 -20.17 42.43 12.56
C SER C 243 -19.00 43.38 12.61
N ALA C 244 -17.76 42.91 12.46
CA ALA C 244 -16.64 43.82 12.63
C ALA C 244 -16.79 45.04 11.72
N PRO C 245 -16.60 46.24 12.28
CA PRO C 245 -16.73 47.44 11.44
C PRO C 245 -15.66 47.48 10.34
N GLY C 246 -16.11 47.74 9.11
CA GLY C 246 -15.22 47.93 8.00
C GLY C 246 -14.81 46.59 7.36
N TRP C 247 -14.38 45.63 8.16
CA TRP C 247 -13.74 44.43 7.66
C TRP C 247 -14.62 43.19 7.70
N GLY C 248 -15.75 43.29 8.39
CA GLY C 248 -16.61 42.12 8.64
C GLY C 248 -17.49 41.83 7.43
N PHE C 249 -18.14 40.68 7.43
CA PHE C 249 -18.92 40.23 6.28
C PHE C 249 -20.04 41.18 5.96
N GLN C 250 -20.71 41.65 7.00
CA GLN C 250 -21.82 42.58 6.84
C GLN C 250 -21.43 43.91 6.15
N ASP C 251 -20.30 44.48 6.54
CA ASP C 251 -19.91 45.75 6.00
C ASP C 251 -19.25 45.60 4.64
N VAL C 252 -18.53 44.50 4.40
CA VAL C 252 -17.87 44.34 3.12
C VAL C 252 -18.86 43.91 2.05
N LEU C 253 -19.66 42.87 2.35
CA LEU C 253 -20.35 42.10 1.32
C LEU C 253 -21.87 42.25 1.34
N PHE C 254 -22.41 42.64 2.49
CA PHE C 254 -23.81 42.60 2.66
C PHE C 254 -24.48 43.98 2.79
N ASN C 255 -23.83 44.98 2.23
CA ASN C 255 -24.35 46.33 2.22
C ASN C 255 -24.65 46.87 3.62
N LYS C 256 -23.76 46.59 4.57
CA LYS C 256 -23.92 46.98 5.99
C LYS C 256 -25.16 46.53 6.71
N LYS C 257 -25.88 45.58 6.13
CA LYS C 257 -27.04 44.99 6.82
C LYS C 257 -26.69 43.80 7.68
N GLU C 258 -27.55 43.50 8.64
CA GLU C 258 -27.35 42.41 9.56
C GLU C 258 -27.84 41.13 8.94
N ILE C 259 -27.02 40.09 9.04
CA ILE C 259 -27.49 38.76 8.79
C ILE C 259 -28.45 38.38 9.90
N LYS C 260 -29.63 37.88 9.54
CA LYS C 260 -30.62 37.50 10.55
C LYS C 260 -31.10 36.06 10.42
N LEU C 261 -31.50 35.46 11.56
CA LEU C 261 -32.28 34.22 11.57
C LEU C 261 -33.73 34.51 11.84
N ALA C 262 -34.55 34.37 10.81
CA ALA C 262 -35.95 34.86 10.84
C ALA C 262 -36.86 34.08 11.80
N ARG C 263 -36.45 32.90 12.16
CA ARG C 263 -37.16 32.14 13.16
C ARG C 263 -36.15 31.30 13.92
N PRO C 264 -36.54 30.79 15.09
CA PRO C 264 -35.70 29.83 15.79
C PRO C 264 -35.46 28.60 14.94
N LEU C 265 -34.33 27.97 15.18
CA LEU C 265 -33.95 26.78 14.41
C LEU C 265 -34.57 25.49 14.97
N ASP C 266 -35.30 24.78 14.12
CA ASP C 266 -35.88 23.51 14.51
C ASP C 266 -35.96 22.56 13.30
N ALA C 267 -37.17 22.32 12.75
CA ALA C 267 -37.32 21.38 11.63
C ALA C 267 -38.24 21.88 10.53
N TYR C 268 -38.44 23.18 10.48
CA TYR C 268 -39.36 23.78 9.55
C TYR C 268 -38.94 23.55 8.07
N VAL C 269 -37.65 23.63 7.79
CA VAL C 269 -37.24 23.58 6.39
C VAL C 269 -37.48 22.18 5.87
N MET C 270 -36.98 21.18 6.57
CA MET C 270 -37.09 19.80 6.07
C MET C 270 -38.60 19.49 5.89
N GLU C 271 -39.43 19.91 6.83
CA GLU C 271 -40.89 19.63 6.73
C GLU C 271 -41.50 20.20 5.47
N ASN C 272 -40.98 21.35 5.02
CA ASN C 272 -41.56 22.11 3.92
C ASN C 272 -40.69 22.14 2.65
N VAL C 273 -39.78 21.17 2.55
CA VAL C 273 -38.86 21.12 1.42
C VAL C 273 -39.61 20.83 0.08
N LEU C 274 -39.03 21.27 -1.02
CA LEU C 274 -39.57 21.01 -2.36
C LEU C 274 -38.76 19.91 -3.03
N PHE C 275 -39.46 18.98 -3.65
CA PHE C 275 -38.86 17.98 -4.53
C PHE C 275 -38.99 18.38 -6.00
N LYS C 276 -38.05 17.89 -6.83
CA LYS C 276 -38.29 17.80 -8.28
C LYS C 276 -38.67 16.40 -8.72
N VAL C 277 -39.96 16.12 -8.78
CA VAL C 277 -40.43 14.72 -8.81
C VAL C 277 -40.35 14.11 -10.19
N SER C 278 -40.60 14.90 -11.21
CA SER C 278 -40.75 14.38 -12.55
C SER C 278 -39.67 14.76 -13.54
N TYR C 279 -39.15 15.98 -13.43
CA TYR C 279 -38.27 16.55 -14.43
C TYR C 279 -37.01 17.19 -13.81
N PRO C 280 -35.83 16.94 -14.40
CA PRO C 280 -34.75 17.84 -14.07
C PRO C 280 -34.85 19.15 -14.83
N ALA C 281 -34.79 20.25 -14.10
CA ALA C 281 -35.01 21.59 -14.63
C ALA C 281 -34.87 22.58 -13.46
N GLU C 282 -34.39 23.78 -13.76
CA GLU C 282 -34.40 24.83 -12.75
C GLU C 282 -35.76 24.96 -12.11
N PHE C 283 -35.80 25.12 -10.78
CA PHE C 283 -37.05 24.95 -10.08
C PHE C 283 -38.14 25.93 -10.55
N HIS C 284 -37.72 27.14 -10.88
CA HIS C 284 -38.64 28.22 -11.18
C HIS C 284 -39.38 27.95 -12.49
N ALA C 285 -38.94 26.92 -13.21
CA ALA C 285 -39.64 26.44 -14.42
C ALA C 285 -40.43 25.13 -14.21
N GLN C 286 -40.38 24.53 -13.04
CA GLN C 286 -41.07 23.26 -12.80
C GLN C 286 -42.61 23.29 -13.13
N THR C 287 -43.28 24.34 -12.74
CA THR C 287 -44.75 24.42 -12.98
C THR C 287 -45.07 24.75 -14.42
N ALA C 288 -44.15 25.43 -15.09
CA ALA C 288 -44.24 25.67 -16.55
C ALA C 288 -44.04 24.40 -17.37
N ALA C 289 -43.05 23.63 -16.98
CA ALA C 289 -42.96 22.24 -17.41
C ALA C 289 -44.26 21.41 -17.24
N GLU C 290 -44.84 21.42 -16.06
CA GLU C 290 -46.08 20.62 -15.84
C GLU C 290 -47.18 21.07 -16.79
N SER C 291 -47.30 22.37 -16.99
CA SER C 291 -48.35 22.94 -17.80
C SER C 291 -48.12 22.68 -19.28
N ALA C 292 -46.87 22.81 -19.70
CA ALA C 292 -46.46 22.41 -21.05
C ALA C 292 -46.78 20.94 -21.40
N VAL C 293 -46.53 20.04 -20.45
CA VAL C 293 -46.78 18.64 -20.65
C VAL C 293 -48.29 18.37 -20.81
N ILE C 294 -49.11 19.00 -19.97
CA ILE C 294 -50.57 18.97 -20.15
C ILE C 294 -50.96 19.42 -21.58
N LEU C 295 -50.35 20.50 -22.08
CA LEU C 295 -50.66 21.02 -23.41
C LEU C 295 -50.11 20.24 -24.59
N HIS C 296 -49.09 19.43 -24.35
CA HIS C 296 -48.40 18.73 -25.39
C HIS C 296 -49.31 17.97 -26.41
N PRO C 297 -50.28 17.16 -25.93
CA PRO C 297 -51.17 16.44 -26.88
C PRO C 297 -51.97 17.37 -27.81
N GLN C 298 -52.36 18.52 -27.30
CA GLN C 298 -52.99 19.56 -28.11
C GLN C 298 -52.11 20.27 -29.14
N VAL C 299 -50.78 20.13 -29.06
CA VAL C 299 -49.92 20.88 -29.96
C VAL C 299 -49.04 20.01 -30.78
N LYS C 300 -48.88 18.75 -30.39
CA LYS C 300 -47.76 17.97 -30.92
C LYS C 300 -47.75 17.80 -32.45
N ASN C 301 -48.93 17.78 -33.04
CA ASN C 301 -49.09 17.57 -34.49
C ASN C 301 -49.32 18.87 -35.22
N ARG C 302 -49.29 19.94 -34.46
CA ARG C 302 -49.37 21.26 -34.99
C ARG C 302 -47.91 21.70 -34.73
N ILE C 303 -47.68 22.86 -34.16
CA ILE C 303 -46.31 23.35 -33.83
C ILE C 303 -45.91 24.33 -34.92
N ASP C 304 -45.85 23.85 -36.15
CA ASP C 304 -45.82 24.75 -37.31
C ASP C 304 -47.01 25.72 -37.40
N GLU C 305 -48.10 25.39 -36.74
CA GLU C 305 -49.23 26.33 -36.67
C GLU C 305 -49.27 27.26 -35.49
N ILE C 306 -48.33 27.08 -34.56
CA ILE C 306 -48.25 27.95 -33.40
C ILE C 306 -47.86 29.35 -33.83
N ASP C 307 -48.61 30.32 -33.34
CA ASP C 307 -48.39 31.72 -33.62
C ASP C 307 -47.63 32.37 -32.45
N ARG C 308 -48.14 32.20 -31.25
CA ARG C 308 -47.40 32.63 -30.07
C ARG C 308 -47.72 31.79 -28.84
N VAL C 309 -46.82 31.87 -27.87
CA VAL C 309 -46.96 31.18 -26.61
C VAL C 309 -46.82 32.18 -25.48
N VAL C 310 -47.83 32.26 -24.64
CA VAL C 310 -47.83 33.18 -23.51
C VAL C 310 -47.44 32.42 -22.23
N ILE C 311 -46.44 32.96 -21.54
CA ILE C 311 -46.00 32.39 -20.29
C ILE C 311 -46.11 33.45 -19.20
N ARG C 312 -46.92 33.18 -18.19
CA ARG C 312 -47.06 34.09 -17.08
C ARG C 312 -46.33 33.50 -15.87
N THR C 313 -45.48 34.30 -15.22
CA THR C 313 -44.49 33.76 -14.25
C THR C 313 -44.28 34.72 -13.06
N HIS C 314 -43.37 34.35 -12.18
CA HIS C 314 -43.07 35.13 -10.96
C HIS C 314 -41.66 35.75 -11.09
N GLU C 315 -41.31 36.62 -10.14
CA GLU C 315 -40.16 37.54 -10.34
C GLU C 315 -38.80 36.81 -10.36
N SER C 316 -38.68 35.75 -9.58
CA SER C 316 -37.41 35.01 -9.49
C SER C 316 -37.09 34.33 -10.80
N ALA C 317 -38.11 33.82 -11.49
CA ALA C 317 -37.93 33.21 -12.79
C ALA C 317 -37.40 34.23 -13.78
N ILE C 318 -37.97 35.43 -13.78
CA ILE C 318 -37.53 36.54 -14.63
C ILE C 318 -36.08 36.90 -14.35
N ARG C 319 -35.68 36.83 -13.10
CA ARG C 319 -34.32 37.23 -12.75
C ARG C 319 -33.27 36.19 -13.06
N ILE C 320 -33.63 34.92 -13.10
CA ILE C 320 -32.65 33.86 -13.36
C ILE C 320 -32.72 33.26 -14.78
N ILE C 321 -33.93 32.88 -15.20
CA ILE C 321 -34.10 31.91 -16.29
C ILE C 321 -34.87 32.44 -17.51
N ASP C 322 -35.19 33.72 -17.51
CA ASP C 322 -35.83 34.35 -18.65
C ASP C 322 -34.77 34.82 -19.66
N LYS C 323 -34.62 34.05 -20.75
CA LYS C 323 -33.55 34.30 -21.71
C LYS C 323 -34.06 34.21 -23.13
N LYS C 324 -33.55 35.10 -23.97
CA LYS C 324 -33.82 35.11 -25.42
C LYS C 324 -32.55 34.82 -26.19
N GLY C 325 -32.68 34.21 -27.36
CA GLY C 325 -31.56 34.05 -28.25
C GLY C 325 -30.81 32.74 -28.02
N PRO C 326 -29.64 32.60 -28.64
CA PRO C 326 -28.96 31.32 -28.63
C PRO C 326 -28.62 30.83 -27.21
N LEU C 327 -28.78 29.53 -26.99
CA LEU C 327 -28.33 28.87 -25.77
C LEU C 327 -27.16 27.96 -26.10
N HIS C 328 -26.15 27.96 -25.25
CA HIS C 328 -24.84 27.43 -25.63
C HIS C 328 -24.45 26.09 -25.06
N ASN C 329 -25.08 25.65 -23.99
CA ASN C 329 -24.66 24.42 -23.32
C ASN C 329 -25.81 23.92 -22.44
N PRO C 330 -25.69 22.68 -21.89
CA PRO C 330 -26.84 22.12 -21.16
C PRO C 330 -27.23 22.96 -19.91
N ALA C 331 -26.26 23.61 -19.25
CA ALA C 331 -26.59 24.40 -18.05
C ALA C 331 -27.37 25.62 -18.46
N ASP C 332 -27.01 26.22 -19.59
CA ASP C 332 -27.72 27.40 -20.14
C ASP C 332 -29.19 27.06 -20.40
N ARG C 333 -29.40 25.87 -20.92
CA ARG C 333 -30.74 25.38 -21.35
C ARG C 333 -31.58 24.91 -20.21
N ASP C 334 -30.99 24.25 -19.22
CA ASP C 334 -31.77 23.85 -18.05
C ASP C 334 -32.03 25.00 -17.07
N HIS C 335 -31.38 26.14 -17.36
CA HIS C 335 -31.71 27.44 -16.79
C HIS C 335 -32.43 28.41 -17.76
N CYS C 336 -33.34 27.86 -18.57
CA CYS C 336 -34.09 28.70 -19.54
C CYS C 336 -35.54 28.34 -19.57
N LEU C 337 -36.36 29.23 -19.06
CA LEU C 337 -37.79 28.97 -18.90
C LEU C 337 -38.44 28.61 -20.25
N GLN C 338 -38.00 29.32 -21.27
CA GLN C 338 -38.50 29.15 -22.61
C GLN C 338 -38.09 27.82 -23.22
N TYR C 339 -36.85 27.40 -22.98
CA TYR C 339 -36.37 26.11 -23.45
C TYR C 339 -37.14 24.96 -22.81
N ILE C 340 -37.29 25.03 -21.50
CA ILE C 340 -37.91 23.98 -20.75
C ILE C 340 -39.37 23.86 -21.12
N THR C 341 -40.00 24.99 -21.26
CA THR C 341 -41.37 25.02 -21.74
C THR C 341 -41.48 24.43 -23.19
N ALA C 342 -40.55 24.78 -24.08
CA ALA C 342 -40.56 24.25 -25.44
C ALA C 342 -40.39 22.72 -25.48
N ILE C 343 -39.51 22.18 -24.65
CA ILE C 343 -39.31 20.76 -24.57
C ILE C 343 -40.61 20.06 -24.16
N GLY C 344 -41.27 20.60 -23.14
CA GLY C 344 -42.52 20.04 -22.64
C GLY C 344 -43.61 19.99 -23.69
N LEU C 345 -43.76 21.10 -24.40
CA LEU C 345 -44.65 21.20 -25.58
C LEU C 345 -44.31 20.27 -26.74
N LEU C 346 -43.04 20.21 -27.11
CA LEU C 346 -42.59 19.41 -28.22
C LEU C 346 -42.60 17.91 -27.92
N PHE C 347 -42.23 17.52 -26.70
CA PHE C 347 -41.89 16.12 -26.41
C PHE C 347 -42.81 15.49 -25.37
N GLY C 348 -43.57 16.28 -24.62
CA GLY C 348 -44.40 15.76 -23.55
C GLY C 348 -43.66 15.10 -22.38
N ASP C 349 -42.37 15.32 -22.31
CA ASP C 349 -41.58 14.86 -21.16
C ASP C 349 -40.29 15.66 -21.16
N ILE C 350 -39.60 15.66 -20.01
CA ILE C 350 -38.33 16.38 -19.91
C ILE C 350 -37.34 15.52 -19.16
N THR C 351 -36.22 15.23 -19.80
CA THR C 351 -35.16 14.44 -19.21
C THR C 351 -33.91 15.28 -19.43
N ALA C 352 -32.87 14.95 -18.71
CA ALA C 352 -31.61 15.65 -18.89
C ALA C 352 -31.03 15.53 -20.31
N GLN C 353 -31.36 14.45 -21.01
CA GLN C 353 -30.94 14.31 -22.44
C GLN C 353 -31.49 15.38 -23.36
N HIS C 354 -32.59 16.01 -22.99
CA HIS C 354 -33.17 17.07 -23.80
C HIS C 354 -32.36 18.38 -23.80
N TYR C 355 -31.41 18.50 -22.87
CA TYR C 355 -30.56 19.69 -22.80
C TYR C 355 -29.28 19.52 -23.62
N GLU C 356 -29.04 18.29 -24.09
CA GLU C 356 -27.82 17.98 -24.85
C GLU C 356 -27.92 18.47 -26.30
N ALA C 357 -26.77 18.56 -26.97
CA ALA C 357 -26.69 19.17 -28.29
C ALA C 357 -27.58 18.45 -29.30
N GLU C 358 -27.67 17.12 -29.19
CA GLU C 358 -28.48 16.32 -30.11
C GLU C 358 -29.92 16.84 -30.18
N THR C 359 -30.53 17.08 -29.02
CA THR C 359 -31.89 17.60 -28.96
C THR C 359 -31.91 19.06 -29.30
N ALA C 360 -31.00 19.82 -28.70
CA ALA C 360 -31.02 21.25 -28.82
C ALA C 360 -30.90 21.66 -30.30
N ASN C 361 -30.19 20.85 -31.09
CA ASN C 361 -30.02 21.11 -32.54
C ASN C 361 -31.31 20.98 -33.36
N ASP C 362 -32.34 20.40 -32.78
CA ASP C 362 -33.67 20.35 -33.40
C ASP C 362 -34.13 21.78 -33.67
N PRO C 363 -34.22 22.16 -34.97
CA PRO C 363 -34.57 23.52 -35.38
C PRO C 363 -35.90 24.03 -34.86
N ARG C 364 -36.80 23.13 -34.54
CA ARG C 364 -38.13 23.51 -33.99
C ARG C 364 -38.07 24.24 -32.64
N ILE C 365 -37.04 23.92 -31.86
CA ILE C 365 -36.98 24.44 -30.49
C ILE C 365 -36.82 25.96 -30.50
N ASP C 366 -35.75 26.43 -31.13
CA ASP C 366 -35.48 27.86 -31.19
C ASP C 366 -36.55 28.67 -31.94
N LYS C 367 -37.16 28.06 -32.95
CA LYS C 367 -38.32 28.66 -33.64
C LYS C 367 -39.47 28.84 -32.68
N LEU C 368 -39.73 27.83 -31.86
CA LEU C 368 -40.76 27.92 -30.86
C LEU C 368 -40.41 28.89 -29.76
N ARG C 369 -39.16 28.86 -29.30
CA ARG C 369 -38.73 29.82 -28.26
C ARG C 369 -38.94 31.27 -28.69
N ASP C 370 -38.65 31.58 -29.94
CA ASP C 370 -38.89 32.94 -30.45
C ASP C 370 -40.33 33.40 -30.49
N LYS C 371 -41.28 32.48 -30.28
CA LYS C 371 -42.71 32.80 -30.27
C LYS C 371 -43.21 33.04 -28.88
N MET C 372 -42.31 32.92 -27.91
CA MET C 372 -42.73 32.94 -26.50
C MET C 372 -42.67 34.34 -25.93
N GLU C 373 -43.69 34.72 -25.18
CA GLU C 373 -43.73 36.01 -24.50
C GLU C 373 -43.83 35.69 -23.04
N VAL C 374 -42.79 36.04 -22.29
CA VAL C 374 -42.77 35.87 -20.83
C VAL C 374 -43.07 37.20 -20.14
N THR C 375 -44.06 37.20 -19.26
CA THR C 375 -44.33 38.39 -18.44
C THR C 375 -44.59 37.98 -16.99
N GLU C 376 -44.35 38.93 -16.08
CA GLU C 376 -44.56 38.70 -14.66
C GLU C 376 -46.00 38.88 -14.28
N ASN C 377 -46.53 37.94 -13.52
CA ASN C 377 -47.77 38.13 -12.81
C ASN C 377 -47.45 38.44 -11.35
N LYS C 378 -47.87 39.62 -10.90
CA LYS C 378 -47.38 40.14 -9.62
C LYS C 378 -47.98 39.42 -8.44
N THR C 379 -49.11 38.77 -8.68
CA THR C 379 -49.75 37.96 -7.67
C THR C 379 -48.92 36.68 -7.43
N TYR C 380 -48.43 36.07 -8.51
CA TYR C 380 -47.52 34.94 -8.40
C TYR C 380 -46.28 35.30 -7.55
N THR C 381 -45.74 36.49 -7.81
CA THR C 381 -44.56 36.96 -7.09
C THR C 381 -44.88 37.11 -5.58
N GLU C 382 -46.03 37.67 -5.23
CA GLU C 382 -46.47 37.79 -3.84
C GLU C 382 -46.71 36.44 -3.18
N ASP C 383 -47.37 35.54 -3.88
CA ASP C 383 -47.69 34.22 -3.29
C ASP C 383 -46.46 33.31 -3.12
N TYR C 384 -45.43 33.55 -3.91
CA TYR C 384 -44.12 32.86 -3.81
C TYR C 384 -43.50 33.06 -2.45
N LEU C 385 -43.71 34.25 -1.89
CA LEU C 385 -43.11 34.62 -0.60
C LEU C 385 -44.03 34.47 0.60
N LYS C 386 -45.30 34.20 0.37
CA LYS C 386 -46.24 34.12 1.50
C LYS C 386 -46.12 32.80 2.25
N PRO C 387 -45.87 32.86 3.57
CA PRO C 387 -45.47 31.68 4.33
C PRO C 387 -46.47 30.54 4.43
N ASP C 388 -47.75 30.82 4.37
CA ASP C 388 -48.71 29.70 4.37
C ASP C 388 -48.95 29.04 3.00
N LYS C 389 -48.23 29.47 1.97
CA LYS C 389 -48.51 29.08 0.61
C LYS C 389 -47.25 28.70 -0.16
N ARG C 390 -46.37 29.67 -0.36
CA ARG C 390 -45.09 29.46 -1.03
C ARG C 390 -45.31 28.69 -2.32
N SER C 391 -46.15 29.25 -3.19
CA SER C 391 -46.33 28.75 -4.52
C SER C 391 -45.14 29.11 -5.44
N ILE C 392 -45.04 28.43 -6.58
CA ILE C 392 -43.96 28.68 -7.56
C ILE C 392 -44.61 28.69 -8.94
N SER C 393 -45.41 29.71 -9.15
CA SER C 393 -46.48 29.65 -10.13
C SER C 393 -46.04 30.05 -11.52
N ASN C 394 -46.54 29.30 -12.49
CA ASN C 394 -46.46 29.65 -13.90
C ASN C 394 -47.82 29.34 -14.56
N ALA C 395 -48.12 30.05 -15.64
CA ALA C 395 -49.22 29.66 -16.52
C ALA C 395 -48.81 29.77 -17.97
N VAL C 396 -49.33 28.84 -18.78
CA VAL C 396 -48.95 28.74 -20.17
C VAL C 396 -50.21 28.64 -21.06
N GLN C 397 -50.20 29.37 -22.18
CA GLN C 397 -51.28 29.29 -23.19
C GLN C 397 -50.69 29.41 -24.58
N VAL C 398 -51.17 28.55 -25.47
CA VAL C 398 -50.68 28.51 -26.85
C VAL C 398 -51.72 29.06 -27.84
N HIS C 399 -51.29 30.00 -28.68
CA HIS C 399 -52.15 30.60 -29.69
C HIS C 399 -51.74 30.19 -31.09
N PHE C 400 -52.74 29.83 -31.89
CA PHE C 400 -52.52 29.32 -33.24
C PHE C 400 -52.79 30.37 -34.29
N LYS C 401 -52.19 30.13 -35.46
CA LYS C 401 -52.24 31.06 -36.59
C LYS C 401 -53.64 31.22 -37.16
N ASP C 402 -54.44 30.18 -37.02
CA ASP C 402 -55.86 30.18 -37.42
C ASP C 402 -56.76 30.99 -36.43
N GLY C 403 -56.22 31.42 -35.30
CA GLY C 403 -56.96 32.28 -34.34
C GLY C 403 -57.58 31.54 -33.18
N THR C 404 -57.48 30.22 -33.19
CA THR C 404 -57.84 29.44 -32.04
C THR C 404 -56.67 29.45 -31.03
N SER C 405 -56.93 28.91 -29.86
CA SER C 405 -55.95 28.82 -28.79
C SER C 405 -56.31 27.69 -27.85
N THR C 406 -55.30 27.13 -27.18
CA THR C 406 -55.55 26.25 -26.05
C THR C 406 -56.05 27.08 -24.91
N GLU C 407 -56.54 26.40 -23.89
CA GLU C 407 -56.85 27.06 -22.63
C GLU C 407 -55.53 27.53 -21.98
N MET C 408 -55.63 28.52 -21.11
CA MET C 408 -54.50 28.91 -20.30
C MET C 408 -54.35 27.93 -19.15
N VAL C 409 -53.22 27.23 -19.08
CA VAL C 409 -53.05 26.20 -18.08
C VAL C 409 -52.13 26.68 -16.98
N GLU C 410 -52.71 26.88 -15.79
CA GLU C 410 -52.01 27.42 -14.61
C GLU C 410 -51.67 26.34 -13.60
N CYS C 411 -50.41 26.38 -13.15
CA CYS C 411 -49.97 25.51 -12.09
C CYS C 411 -49.27 26.34 -11.01
N GLU C 412 -49.86 26.38 -9.84
CA GLU C 412 -49.27 27.02 -8.67
C GLU C 412 -48.31 26.13 -7.91
N PHE C 413 -48.73 24.90 -7.70
CA PHE C 413 -48.05 23.95 -6.82
C PHE C 413 -47.51 22.77 -7.61
N PRO C 414 -46.19 22.69 -7.79
CA PRO C 414 -45.68 21.51 -8.52
C PRO C 414 -45.84 20.28 -7.67
N LEU C 415 -45.56 19.13 -8.27
CA LEU C 415 -45.85 17.84 -7.66
C LEU C 415 -44.97 17.63 -6.39
N GLY C 416 -43.85 18.31 -6.39
CA GLY C 416 -42.93 18.27 -5.27
C GLY C 416 -43.20 19.19 -4.09
N HIS C 417 -44.26 20.00 -4.19
CA HIS C 417 -44.67 20.93 -3.11
C HIS C 417 -45.34 20.11 -2.02
N ARG C 418 -45.17 20.55 -0.77
CA ARG C 418 -45.74 19.86 0.36
C ARG C 418 -47.27 19.58 0.25
N PHE C 419 -48.02 20.51 -0.32
CA PHE C 419 -49.47 20.33 -0.51
C PHE C 419 -49.82 19.11 -1.40
N ARG C 420 -48.87 18.62 -2.20
CA ARG C 420 -49.12 17.45 -3.02
C ARG C 420 -48.26 16.23 -2.59
N ARG C 421 -47.91 16.18 -1.32
CA ARG C 421 -46.91 15.25 -0.87
C ARG C 421 -47.38 13.81 -0.96
N GLU C 422 -48.64 13.56 -0.60
CA GLU C 422 -49.12 12.16 -0.61
C GLU C 422 -49.19 11.61 -2.04
N GLU C 423 -49.62 12.44 -2.98
CA GLU C 423 -49.55 12.13 -4.43
C GLU C 423 -48.10 11.94 -4.92
N ALA C 424 -47.19 12.71 -4.36
CA ALA C 424 -45.79 12.69 -4.82
C ALA C 424 -45.00 11.45 -4.40
N VAL C 425 -45.22 10.95 -3.20
CA VAL C 425 -44.30 9.97 -2.58
C VAL C 425 -44.11 8.69 -3.42
N PRO C 426 -45.21 8.13 -3.95
CA PRO C 426 -44.99 6.99 -4.84
C PRO C 426 -44.20 7.35 -6.11
N LYS C 427 -44.41 8.55 -6.64
CA LYS C 427 -43.69 8.99 -7.86
C LYS C 427 -42.22 9.29 -7.58
N LEU C 428 -41.93 9.74 -6.37
CA LEU C 428 -40.55 9.91 -5.91
C LEU C 428 -39.81 8.59 -5.87
N LEU C 429 -40.48 7.57 -5.37
CA LEU C 429 -39.92 6.22 -5.29
C LEU C 429 -39.70 5.56 -6.65
N GLU C 430 -40.57 5.86 -7.59
CA GLU C 430 -40.37 5.46 -8.98
C GLU C 430 -39.15 6.16 -9.58
N LYS C 431 -39.09 7.46 -9.37
CA LYS C 431 -37.92 8.28 -9.85
C LYS C 431 -36.60 7.67 -9.29
N PHE C 432 -36.63 7.26 -8.03
CA PHE C 432 -35.47 6.67 -7.37
C PHE C 432 -35.04 5.34 -8.01
N SER C 433 -36.01 4.45 -8.21
CA SER C 433 -35.80 3.20 -8.88
C SER C 433 -35.28 3.42 -10.29
N ASP C 434 -35.90 4.32 -11.04
CA ASP C 434 -35.47 4.56 -12.44
C ASP C 434 -34.02 5.07 -12.48
N ASN C 435 -33.68 5.96 -11.55
CA ASN C 435 -32.32 6.51 -11.47
C ASN C 435 -31.26 5.45 -11.11
N LEU C 436 -31.59 4.59 -10.14
CA LEU C 436 -30.74 3.46 -9.79
C LEU C 436 -30.51 2.52 -10.97
N LYS C 437 -31.57 2.29 -11.74
CA LYS C 437 -31.56 1.30 -12.82
C LYS C 437 -30.65 1.74 -13.96
N THR C 438 -30.36 3.03 -14.07
CA THR C 438 -29.48 3.52 -15.13
C THR C 438 -28.05 3.02 -14.95
N HIS C 439 -27.70 2.69 -13.71
CA HIS C 439 -26.32 2.50 -13.32
C HIS C 439 -26.04 1.12 -12.75
N PHE C 440 -26.99 0.57 -11.98
CA PHE C 440 -26.75 -0.64 -11.21
C PHE C 440 -27.41 -1.80 -11.86
N PRO C 441 -26.72 -2.95 -11.90
CA PRO C 441 -27.40 -4.14 -12.38
C PRO C 441 -28.60 -4.56 -11.52
N ASP C 442 -29.37 -5.47 -12.07
CA ASP C 442 -30.63 -5.91 -11.51
C ASP C 442 -30.58 -6.26 -10.03
N LYS C 443 -29.65 -7.12 -9.65
CA LYS C 443 -29.56 -7.59 -8.26
C LYS C 443 -29.29 -6.44 -7.30
N GLN C 444 -28.35 -5.58 -7.68
CA GLN C 444 -27.90 -4.52 -6.80
C GLN C 444 -28.97 -3.40 -6.72
N HIS C 445 -29.60 -3.12 -7.85
CA HIS C 445 -30.67 -2.14 -7.90
C HIS C 445 -31.83 -2.56 -7.01
N LYS C 446 -32.24 -3.81 -7.11
CA LYS C 446 -33.32 -4.31 -6.23
C LYS C 446 -32.97 -4.29 -4.75
N HIS C 447 -31.77 -4.75 -4.43
CA HIS C 447 -31.28 -4.73 -3.04
C HIS C 447 -31.24 -3.30 -2.46
N ILE C 448 -30.69 -2.35 -3.18
CA ILE C 448 -30.64 -0.96 -2.71
C ILE C 448 -32.08 -0.51 -2.50
N TYR C 449 -32.91 -0.70 -3.51
CA TYR C 449 -34.27 -0.16 -3.48
C TYR C 449 -35.00 -0.69 -2.26
N GLU C 450 -34.87 -1.99 -2.03
CA GLU C 450 -35.52 -2.65 -0.88
C GLU C 450 -35.04 -2.10 0.47
N ARG C 451 -33.74 -1.96 0.65
CA ARG C 451 -33.24 -1.48 1.96
C ARG C 451 -33.68 -0.06 2.19
N CYS C 452 -33.63 0.75 1.15
CA CYS C 452 -33.83 2.18 1.30
C CYS C 452 -35.29 2.59 1.53
N THR C 453 -36.21 1.75 1.09
CA THR C 453 -37.64 2.04 1.18
C THR C 453 -38.31 1.31 2.35
N SER C 454 -37.55 0.48 3.04
CA SER C 454 -37.95 -0.06 4.36
C SER C 454 -37.43 0.88 5.45
N TYR C 455 -38.17 1.95 5.71
CA TYR C 455 -37.66 3.08 6.50
C TYR C 455 -37.33 2.69 7.95
N GLU C 456 -38.02 1.70 8.50
CA GLU C 456 -37.91 1.41 9.95
C GLU C 456 -36.55 0.80 10.24
N THR C 457 -36.29 -0.26 9.50
CA THR C 457 -35.04 -0.96 9.50
C THR C 457 -33.85 -0.12 8.95
N LEU C 458 -34.15 0.84 8.07
CA LEU C 458 -33.12 1.72 7.49
C LEU C 458 -32.44 2.61 8.54
N GLN C 459 -33.24 3.09 9.52
CA GLN C 459 -32.76 3.98 10.59
C GLN C 459 -31.54 3.47 11.34
N THR C 460 -31.57 2.18 11.61
CA THR C 460 -30.57 1.49 12.41
C THR C 460 -29.47 0.82 11.56
N MET C 461 -29.55 0.88 10.25
CA MET C 461 -28.40 0.54 9.40
C MET C 461 -27.13 1.40 9.69
N ARG C 462 -25.99 0.73 9.85
CA ARG C 462 -24.72 1.41 10.03
C ARG C 462 -24.41 2.20 8.78
N VAL C 463 -23.87 3.42 8.94
CA VAL C 463 -23.60 4.28 7.75
C VAL C 463 -22.65 3.66 6.74
N ASN C 464 -21.59 3.02 7.22
CA ASN C 464 -20.65 2.35 6.37
C ASN C 464 -21.28 1.25 5.56
N GLU C 465 -22.13 0.43 6.17
CA GLU C 465 -22.92 -0.59 5.42
C GLU C 465 -23.93 -0.03 4.44
N PHE C 466 -24.62 1.04 4.82
CA PHE C 466 -25.48 1.80 3.90
C PHE C 466 -24.71 2.24 2.64
N VAL C 467 -23.58 2.90 2.82
CA VAL C 467 -22.77 3.33 1.66
C VAL C 467 -22.16 2.15 0.86
N ASP C 468 -21.77 1.09 1.55
CA ASP C 468 -21.20 -0.11 0.88
C ASP C 468 -22.17 -0.65 -0.17
N MET C 469 -23.46 -0.48 0.08
CA MET C 469 -24.56 -1.06 -0.74
C MET C 469 -24.44 -0.54 -2.17
N PHE C 470 -23.94 0.70 -2.24
CA PHE C 470 -23.87 1.46 -3.47
C PHE C 470 -22.57 1.26 -4.22
N CYS C 471 -21.66 0.46 -3.66
CA CYS C 471 -20.34 0.44 -4.21
C CYS C 471 -20.13 -0.84 -5.01
N MET C 472 -20.00 -0.56 -6.31
CA MET C 472 -20.00 -1.50 -7.42
C MET C 472 -18.76 -1.24 -8.27
N MET D 1 -19.61 35.16 -30.55
CA MET D 1 -18.26 35.10 -29.92
C MET D 1 -18.12 36.23 -28.90
N PRO D 2 -18.55 36.00 -27.64
CA PRO D 2 -18.12 36.93 -26.59
C PRO D 2 -16.59 36.95 -26.42
N LYS D 3 -15.98 38.13 -26.34
CA LYS D 3 -14.54 38.18 -26.07
C LYS D 3 -14.25 37.77 -24.60
N THR D 4 -13.24 36.93 -24.39
CA THR D 4 -12.66 36.82 -23.05
C THR D 4 -12.12 38.17 -22.58
N ASP D 5 -12.38 38.48 -21.32
CA ASP D 5 -11.90 39.73 -20.71
C ASP D 5 -10.40 39.90 -20.92
N ARG D 6 -10.01 41.12 -21.29
CA ARG D 6 -8.64 41.43 -21.70
C ARG D 6 -7.56 41.08 -20.69
N VAL D 7 -7.84 41.32 -19.43
CA VAL D 7 -6.85 41.05 -18.41
C VAL D 7 -6.48 39.60 -18.38
N ILE D 8 -7.48 38.75 -18.53
CA ILE D 8 -7.29 37.31 -18.47
C ILE D 8 -6.47 36.87 -19.67
N GLU D 9 -6.88 37.34 -20.85
CA GLU D 9 -6.06 37.12 -22.07
C GLU D 9 -4.59 37.55 -21.92
N GLU D 10 -4.39 38.73 -21.37
CA GLU D 10 -3.03 39.26 -21.17
C GLU D 10 -2.19 38.41 -20.23
N ILE D 11 -2.77 38.01 -19.11
CA ILE D 11 -2.06 37.10 -18.22
C ILE D 11 -1.73 35.79 -18.93
N THR D 12 -2.73 35.24 -19.64
CA THR D 12 -2.54 33.99 -20.37
C THR D 12 -1.37 34.07 -21.41
N ASP D 13 -1.38 35.14 -22.18
CA ASP D 13 -0.35 35.37 -23.22
C ASP D 13 1.05 35.50 -22.62
N TYR D 14 1.14 36.19 -21.47
CA TYR D 14 2.40 36.30 -20.74
C TYR D 14 2.95 34.95 -20.27
N VAL D 15 2.09 34.18 -19.63
CA VAL D 15 2.47 32.89 -19.10
C VAL D 15 2.92 31.94 -20.18
N LEU D 16 2.17 31.89 -21.25
CA LEU D 16 2.49 31.00 -22.40
C LEU D 16 3.64 31.44 -23.28
N GLU D 17 3.74 32.72 -23.56
CA GLU D 17 4.60 33.20 -24.65
C GLU D 17 5.79 34.07 -24.25
N LYS D 18 5.71 34.78 -23.12
CA LYS D 18 6.73 35.79 -22.82
C LYS D 18 8.03 35.11 -22.40
N GLU D 19 9.11 35.42 -23.09
CA GLU D 19 10.42 34.92 -22.70
C GLU D 19 11.02 35.87 -21.70
N ILE D 20 11.45 35.35 -20.56
CA ILE D 20 12.10 36.22 -19.53
C ILE D 20 13.59 36.34 -19.88
N THR D 21 14.07 37.55 -20.05
CA THR D 21 15.45 37.79 -20.46
C THR D 21 16.34 38.43 -19.41
N SER D 22 15.77 38.75 -18.25
CA SER D 22 16.49 39.50 -17.26
C SER D 22 17.37 38.58 -16.44
N ALA D 23 18.68 38.78 -16.59
CA ALA D 23 19.69 38.12 -15.73
C ALA D 23 19.46 38.45 -14.25
N GLU D 24 19.18 39.73 -13.99
CA GLU D 24 18.95 40.20 -12.62
C GLU D 24 17.72 39.54 -11.97
N ALA D 25 16.66 39.32 -12.77
CA ALA D 25 15.46 38.63 -12.28
C ALA D 25 15.76 37.21 -11.87
N TYR D 26 16.54 36.51 -12.68
CA TYR D 26 16.88 35.15 -12.35
C TYR D 26 17.75 35.05 -11.11
N THR D 27 18.66 36.00 -10.99
CA THR D 27 19.57 36.01 -9.84
C THR D 27 18.74 36.29 -8.58
N THR D 28 17.86 37.26 -8.67
CA THR D 28 17.01 37.59 -7.52
C THR D 28 16.01 36.48 -7.19
N ALA D 29 15.47 35.83 -8.22
CA ALA D 29 14.62 34.67 -8.00
C ALA D 29 15.35 33.57 -7.23
N GLY D 30 16.65 33.41 -7.50
CA GLY D 30 17.44 32.41 -6.77
C GLY D 30 17.47 32.73 -5.29
N HIS D 31 17.65 34.03 -4.99
CA HIS D 31 17.68 34.47 -3.61
C HIS D 31 16.32 34.26 -2.94
N VAL D 32 15.25 34.55 -3.68
CA VAL D 32 13.90 34.40 -3.14
C VAL D 32 13.66 32.92 -2.84
N LEU D 33 14.12 32.04 -3.72
CA LEU D 33 13.90 30.59 -3.57
C LEU D 33 14.50 30.07 -2.26
N LEU D 34 15.77 30.43 -2.00
CA LEU D 34 16.39 30.01 -0.74
C LEU D 34 15.78 30.70 0.46
N ASP D 35 15.60 32.02 0.36
CA ASP D 35 15.05 32.79 1.47
C ASP D 35 13.70 32.22 1.86
N THR D 36 12.87 31.95 0.87
CA THR D 36 11.51 31.49 1.09
C THR D 36 11.46 30.12 1.71
N LEU D 37 12.24 29.21 1.18
CA LEU D 37 12.35 27.87 1.77
C LEU D 37 12.89 27.90 3.18
N GLY D 38 13.90 28.74 3.42
CA GLY D 38 14.41 28.92 4.79
C GLY D 38 13.37 29.40 5.79
N CYS D 39 12.52 30.34 5.35
CA CYS D 39 11.39 30.77 6.14
C CYS D 39 10.47 29.57 6.49
N GLY D 40 10.21 28.76 5.49
CA GLY D 40 9.30 27.61 5.63
C GLY D 40 9.83 26.59 6.62
N ILE D 41 11.14 26.37 6.57
CA ILE D 41 11.79 25.42 7.49
C ILE D 41 11.70 25.93 8.91
N LEU D 42 11.96 27.23 9.11
CA LEU D 42 11.85 27.82 10.40
C LEU D 42 10.47 27.67 11.01
N ALA D 43 9.45 27.75 10.15
CA ALA D 43 8.04 27.59 10.61
C ALA D 43 7.73 26.22 11.19
N LEU D 44 8.54 25.24 10.82
CA LEU D 44 8.39 23.89 11.40
C LEU D 44 8.73 23.83 12.88
N ARG D 45 9.29 24.90 13.40
CA ARG D 45 9.57 25.02 14.85
C ARG D 45 8.35 25.52 15.66
N TYR D 46 7.26 25.85 14.96
CA TYR D 46 6.08 26.41 15.56
C TYR D 46 4.90 25.43 15.47
N PRO D 47 4.52 24.83 16.60
CA PRO D 47 3.40 23.89 16.61
C PRO D 47 2.09 24.40 16.03
N GLU D 48 1.80 25.70 16.15
CA GLU D 48 0.58 26.26 15.62
C GLU D 48 0.57 26.14 14.08
N CYS D 49 1.75 26.14 13.45
CA CYS D 49 1.87 25.94 12.02
C CYS D 49 1.79 24.43 11.68
N THR D 50 2.58 23.67 12.38
CA THR D 50 2.70 22.26 12.19
C THR D 50 1.39 21.50 12.28
N LYS D 51 0.49 21.97 13.12
CA LYS D 51 -0.81 21.27 13.34
C LYS D 51 -1.65 21.25 12.07
N LEU D 52 -1.37 22.15 11.15
CA LEU D 52 -2.18 22.22 9.91
C LEU D 52 -1.60 21.42 8.78
N LEU D 53 -0.41 20.84 8.99
CA LEU D 53 0.36 20.17 7.91
C LEU D 53 0.02 18.67 7.87
N GLY D 54 0.47 17.99 6.84
CA GLY D 54 0.27 16.58 6.69
C GLY D 54 -0.95 16.26 5.87
N PRO D 55 -1.20 14.96 5.66
CA PRO D 55 -2.35 14.53 4.89
C PRO D 55 -3.64 14.78 5.64
N ILE D 56 -4.75 14.86 4.91
CA ILE D 56 -6.05 14.91 5.58
C ILE D 56 -6.24 13.65 6.44
N VAL D 57 -5.95 12.50 5.89
CA VAL D 57 -6.01 11.24 6.65
C VAL D 57 -4.61 10.65 6.85
N PRO D 58 -4.16 10.51 8.11
CA PRO D 58 -2.83 9.93 8.35
C PRO D 58 -2.68 8.56 7.67
N GLY D 59 -1.53 8.31 7.08
CA GLY D 59 -1.25 7.05 6.40
C GLY D 59 -1.66 7.02 4.93
N THR D 60 -2.26 8.08 4.43
CA THR D 60 -2.59 8.15 3.04
C THR D 60 -1.33 8.00 2.20
N THR D 61 -1.46 7.29 1.09
CA THR D 61 -0.35 6.98 0.21
C THR D 61 -0.68 7.55 -1.14
N VAL D 62 0.23 8.34 -1.66
CA VAL D 62 0.07 9.01 -2.93
C VAL D 62 1.24 8.63 -3.87
N PRO D 63 0.93 7.95 -5.02
CA PRO D 63 1.94 7.70 -6.06
C PRO D 63 2.56 8.96 -6.60
N ASN D 64 3.88 9.00 -6.65
CA ASN D 64 4.62 10.14 -7.17
C ASN D 64 4.23 11.46 -6.51
N GLY D 65 3.85 11.37 -5.24
CA GLY D 65 3.34 12.50 -4.52
C GLY D 65 4.40 13.60 -4.37
N SER D 66 3.94 14.83 -4.28
CA SER D 66 4.80 15.98 -3.94
C SER D 66 5.32 15.88 -2.51
N LYS D 67 6.61 16.12 -2.32
CA LYS D 67 7.18 16.04 -0.97
C LYS D 67 7.19 17.41 -0.34
N VAL D 68 6.94 17.44 0.95
CA VAL D 68 7.01 18.65 1.70
C VAL D 68 8.38 18.79 2.38
N PRO D 69 9.14 19.84 1.99
CA PRO D 69 10.46 20.05 2.60
C PRO D 69 10.44 20.08 4.10
N GLY D 70 11.43 19.44 4.69
CA GLY D 70 11.55 19.43 6.14
C GLY D 70 10.78 18.30 6.79
N THR D 71 10.06 17.52 6.00
CA THR D 71 9.14 16.54 6.55
C THR D 71 9.24 15.20 5.78
N SER D 72 8.57 14.18 6.33
CA SER D 72 8.33 12.93 5.65
C SER D 72 6.92 12.84 4.95
N TYR D 73 6.26 13.96 4.74
CA TYR D 73 4.95 13.98 4.07
C TYR D 73 5.11 13.89 2.57
N VAL D 74 4.32 13.00 1.99
CA VAL D 74 4.26 12.79 0.57
C VAL D 74 2.77 12.91 0.24
N LEU D 75 2.43 13.96 -0.50
CA LEU D 75 1.04 14.40 -0.64
C LEU D 75 0.59 14.60 -2.10
N ASP D 76 -0.72 14.69 -2.32
CA ASP D 76 -1.20 15.13 -3.60
C ASP D 76 -0.73 16.59 -3.78
N PRO D 77 -0.65 17.08 -5.02
CA PRO D 77 -0.02 18.40 -5.18
C PRO D 77 -0.83 19.56 -4.57
N VAL D 78 -2.17 19.43 -4.56
CA VAL D 78 -3.04 20.50 -3.96
C VAL D 78 -2.74 20.63 -2.47
N ARG D 79 -2.76 19.50 -1.77
CA ARG D 79 -2.45 19.48 -0.35
C ARG D 79 -1.00 19.89 -0.03
N ALA D 80 -0.05 19.43 -0.84
CA ALA D 80 1.33 19.86 -0.69
C ALA D 80 1.49 21.38 -0.86
N ALA D 81 0.75 21.95 -1.83
CA ALA D 81 0.79 23.37 -2.12
C ALA D 81 0.32 24.13 -0.87
N PHE D 82 -0.75 23.62 -0.21
CA PHE D 82 -1.16 24.23 1.04
C PHE D 82 -0.02 24.13 2.12
N ASN D 83 0.51 22.93 2.34
CA ASN D 83 1.57 22.69 3.35
C ASN D 83 2.77 23.66 3.14
N ILE D 84 3.28 23.69 1.91
CA ILE D 84 4.40 24.56 1.59
C ILE D 84 4.07 26.04 1.76
N GLY D 85 2.92 26.47 1.26
CA GLY D 85 2.52 27.86 1.33
C GLY D 85 2.23 28.33 2.75
N CYS D 86 1.64 27.46 3.54
CA CYS D 86 1.46 27.71 4.94
C CYS D 86 2.80 27.94 5.68
N MET D 87 3.75 27.06 5.43
CA MET D 87 5.07 27.15 6.06
C MET D 87 5.82 28.43 5.70
N ILE D 88 5.88 28.74 4.41
CA ILE D 88 6.74 29.84 3.93
C ILE D 88 6.25 31.22 4.33
N ARG D 89 4.96 31.33 4.64
CA ARG D 89 4.34 32.59 5.01
C ARG D 89 4.16 32.73 6.52
N TRP D 90 4.23 31.63 7.25
CA TRP D 90 3.69 31.55 8.64
C TRP D 90 4.21 32.67 9.55
N LEU D 91 5.51 32.86 9.54
CA LEU D 91 6.18 33.76 10.49
C LEU D 91 6.28 35.25 10.09
N ASP D 92 5.70 35.62 8.96
CA ASP D 92 5.88 36.96 8.43
C ASP D 92 7.37 37.33 8.17
N TYR D 93 8.06 36.42 7.53
CA TYR D 93 9.51 36.54 7.35
C TYR D 93 9.87 36.50 5.87
N ASN D 94 8.89 36.23 5.03
CA ASN D 94 9.16 36.04 3.59
C ASN D 94 9.02 37.34 2.80
N ASP D 95 9.26 37.27 1.50
CA ASP D 95 9.41 38.45 0.68
C ASP D 95 8.12 39.20 0.53
N THR D 96 8.21 40.42 0.04
CA THR D 96 7.09 41.34 0.09
C THR D 96 7.08 42.26 -1.15
N TRP D 97 5.88 42.71 -1.51
CA TRP D 97 5.72 43.63 -2.60
C TRP D 97 4.62 44.62 -2.24
N LEU D 98 4.87 45.94 -2.33
CA LEU D 98 3.91 46.93 -1.80
C LEU D 98 3.57 47.99 -2.84
N ALA D 99 2.28 48.16 -3.10
CA ALA D 99 1.80 49.23 -3.97
C ALA D 99 0.37 49.56 -3.59
N ALA D 100 -0.58 49.59 -4.53
CA ALA D 100 -1.96 49.86 -4.14
C ALA D 100 -2.48 48.69 -3.31
N GLU D 101 -2.03 47.48 -3.65
CA GLU D 101 -2.25 46.30 -2.84
C GLU D 101 -0.96 45.82 -2.22
N TRP D 102 -1.11 45.20 -1.07
CA TRP D 102 0.04 44.61 -0.34
C TRP D 102 0.08 43.13 -0.62
N GLY D 103 1.23 42.52 -0.49
CA GLY D 103 1.29 41.07 -0.53
C GLY D 103 2.69 40.54 -0.52
N HIS D 104 2.77 39.22 -0.69
CA HIS D 104 3.99 38.44 -0.54
C HIS D 104 4.08 37.44 -1.66
N PRO D 105 4.67 37.85 -2.79
CA PRO D 105 4.55 37.02 -3.98
C PRO D 105 5.32 35.71 -3.92
N SER D 106 6.27 35.59 -3.00
CA SER D 106 6.90 34.30 -2.73
C SER D 106 5.91 33.23 -2.30
N ASP D 107 4.74 33.64 -1.78
CA ASP D 107 3.64 32.73 -1.38
C ASP D 107 3.27 31.77 -2.51
N ASN D 108 3.44 32.23 -3.74
CA ASN D 108 3.16 31.43 -4.91
C ASN D 108 4.04 30.21 -5.03
N LEU D 109 5.24 30.25 -4.43
CA LEU D 109 6.09 29.07 -4.36
C LEU D 109 5.40 27.80 -3.89
N GLY D 110 4.44 27.92 -2.97
CA GLY D 110 3.71 26.78 -2.50
C GLY D 110 3.17 25.97 -3.65
N GLY D 111 2.42 26.65 -4.50
CA GLY D 111 1.82 25.99 -5.65
C GLY D 111 2.84 25.62 -6.74
N ILE D 112 3.82 26.47 -6.96
CA ILE D 112 4.78 26.26 -8.02
C ILE D 112 5.66 25.05 -7.71
N LEU D 113 6.17 24.99 -6.49
CA LEU D 113 7.04 23.92 -6.10
C LEU D 113 6.28 22.61 -6.03
N ALA D 114 5.08 22.63 -5.44
CA ALA D 114 4.31 21.40 -5.29
C ALA D 114 3.96 20.82 -6.67
N ALA D 115 3.54 21.67 -7.58
CA ALA D 115 3.17 21.24 -8.92
C ALA D 115 4.41 20.77 -9.68
N ALA D 116 5.50 21.53 -9.61
CA ALA D 116 6.70 21.20 -10.35
C ALA D 116 7.35 19.89 -9.86
N ASP D 117 7.27 19.67 -8.55
CA ASP D 117 7.78 18.42 -7.92
C ASP D 117 6.93 17.23 -8.39
N TYR D 118 5.62 17.37 -8.30
CA TYR D 118 4.70 16.32 -8.78
C TYR D 118 4.95 15.95 -10.25
N VAL D 119 4.96 16.96 -11.09
CA VAL D 119 5.11 16.78 -12.52
C VAL D 119 6.47 16.09 -12.78
N SER D 120 7.52 16.51 -12.05
CA SER D 120 8.82 15.87 -12.15
C SER D 120 8.82 14.39 -11.82
N ARG D 121 8.14 14.02 -10.72
CA ARG D 121 8.13 12.66 -10.24
C ARG D 121 7.31 11.77 -11.15
N VAL D 122 6.21 12.30 -11.65
CA VAL D 122 5.42 11.56 -12.65
C VAL D 122 6.25 11.32 -13.92
N ARG D 123 6.91 12.37 -14.41
CA ARG D 123 7.76 12.25 -15.60
C ARG D 123 8.82 11.19 -15.48
N LEU D 124 9.56 11.29 -14.41
CA LEU D 124 10.53 10.29 -14.01
C LEU D 124 9.98 8.85 -13.98
N SER D 125 8.78 8.66 -13.41
CA SER D 125 8.13 7.35 -13.43
C SER D 125 7.73 6.88 -14.82
N GLU D 126 7.54 7.81 -15.76
CA GLU D 126 7.24 7.48 -17.17
C GLU D 126 8.49 7.35 -18.04
N GLY D 127 9.65 7.44 -17.44
CA GLY D 127 10.93 7.46 -18.14
C GLY D 127 11.34 8.74 -18.83
N LYS D 128 10.79 9.88 -18.38
CA LYS D 128 10.98 11.15 -19.06
C LYS D 128 11.85 12.08 -18.23
N GLU D 129 12.15 13.25 -18.79
CA GLU D 129 13.05 14.22 -18.15
C GLU D 129 12.30 15.13 -17.14
N PRO D 130 12.65 15.07 -15.86
CA PRO D 130 12.02 15.98 -14.93
C PRO D 130 12.27 17.45 -15.23
N LEU D 131 11.55 18.35 -14.54
CA LEU D 131 11.83 19.78 -14.61
C LEU D 131 13.05 20.09 -13.79
N THR D 132 13.58 21.30 -13.97
CA THR D 132 14.78 21.74 -13.24
C THR D 132 14.45 22.97 -12.40
N VAL D 133 15.37 23.33 -11.53
CA VAL D 133 15.18 24.48 -10.69
C VAL D 133 15.02 25.77 -11.51
N ARG D 134 15.65 25.84 -12.69
CA ARG D 134 15.48 26.98 -13.53
C ARG D 134 14.06 27.18 -14.02
N ASP D 135 13.34 26.09 -14.24
CA ASP D 135 11.86 26.16 -14.50
C ASP D 135 11.06 26.76 -13.34
N VAL D 136 11.45 26.38 -12.15
CA VAL D 136 10.81 26.90 -10.92
C VAL D 136 11.10 28.39 -10.78
N LEU D 137 12.36 28.79 -11.05
CA LEU D 137 12.72 30.18 -11.07
C LEU D 137 11.90 30.96 -12.07
N GLU D 138 11.78 30.48 -13.28
CA GLU D 138 10.98 31.18 -14.29
C GLU D 138 9.53 31.36 -13.88
N MET D 139 8.94 30.31 -13.32
CA MET D 139 7.56 30.38 -12.90
C MET D 139 7.39 31.37 -11.72
N MET D 140 8.37 31.41 -10.80
CA MET D 140 8.36 32.38 -9.74
C MET D 140 8.39 33.81 -10.31
N ILE D 141 9.19 34.02 -11.33
CA ILE D 141 9.30 35.36 -11.89
C ILE D 141 7.92 35.78 -12.40
N LYS D 142 7.24 34.84 -13.04
CA LYS D 142 6.01 35.14 -13.71
C LYS D 142 4.85 35.24 -12.73
N ALA D 143 4.88 34.42 -11.68
CA ALA D 143 3.92 34.59 -10.58
C ALA D 143 4.05 35.93 -9.86
N HIS D 144 5.28 36.29 -9.51
CA HIS D 144 5.59 37.58 -8.98
C HIS D 144 5.06 38.69 -9.84
N GLU D 145 5.30 38.58 -11.14
CA GLU D 145 4.89 39.62 -12.04
C GLU D 145 3.38 39.79 -12.06
N ILE D 146 2.67 38.67 -12.13
CA ILE D 146 1.22 38.71 -12.22
C ILE D 146 0.69 39.35 -10.96
N GLN D 147 1.09 38.81 -9.81
CA GLN D 147 0.48 39.27 -8.59
C GLN D 147 0.89 40.73 -8.38
N GLY D 148 2.15 41.02 -8.64
CA GLY D 148 2.71 42.35 -8.35
C GLY D 148 2.23 43.44 -9.27
N VAL D 149 2.02 43.11 -10.56
CA VAL D 149 1.49 44.09 -11.45
C VAL D 149 -0.01 44.29 -11.21
N LEU D 150 -0.74 43.24 -10.90
CA LEU D 150 -2.11 43.46 -10.41
C LEU D 150 -2.17 44.37 -9.20
N ALA D 151 -1.18 44.26 -8.32
CA ALA D 151 -1.15 45.07 -7.12
C ALA D 151 -0.85 46.57 -7.34
N LEU D 152 -0.34 46.93 -8.53
CA LEU D 152 0.14 48.29 -8.75
C LEU D 152 -1.00 49.27 -8.71
N GLU D 153 -2.12 48.91 -9.31
CA GLU D 153 -3.22 49.84 -9.40
C GLU D 153 -4.53 49.33 -8.87
N ASN D 154 -4.61 48.07 -8.45
CA ASN D 154 -5.86 47.54 -7.97
C ASN D 154 -5.79 47.29 -6.46
N SER D 155 -6.60 48.01 -5.70
CA SER D 155 -6.61 47.84 -4.26
C SER D 155 -7.77 46.97 -3.81
N LEU D 156 -7.48 45.71 -3.52
CA LEU D 156 -8.49 44.88 -2.90
C LEU D 156 -8.82 45.36 -1.48
N ASN D 157 -7.80 45.86 -0.78
CA ASN D 157 -7.99 46.26 0.64
C ASN D 157 -8.95 47.40 0.78
N ARG D 158 -9.05 48.26 -0.23
CA ARG D 158 -9.99 49.37 -0.20
C ARG D 158 -11.41 48.94 -0.40
N VAL D 159 -11.63 47.71 -0.89
CA VAL D 159 -12.99 47.19 -1.00
C VAL D 159 -13.19 46.04 -0.01
N GLY D 160 -12.29 45.93 0.97
CA GLY D 160 -12.44 45.00 2.10
C GLY D 160 -12.04 43.53 1.86
N LEU D 161 -11.32 43.28 0.78
CA LEU D 161 -10.97 41.91 0.39
C LEU D 161 -9.48 41.66 0.57
N ASP D 162 -9.13 40.40 0.82
CA ASP D 162 -7.73 40.07 1.15
C ASP D 162 -6.94 39.93 -0.13
N HIS D 163 -5.66 40.21 -0.02
CA HIS D 163 -4.78 40.24 -1.19
C HIS D 163 -4.53 38.88 -1.81
N VAL D 164 -4.98 37.81 -1.16
CA VAL D 164 -4.60 36.46 -1.56
C VAL D 164 -5.35 36.00 -2.78
N LEU D 165 -6.39 36.73 -3.17
CA LEU D 165 -6.95 36.60 -4.52
C LEU D 165 -5.93 36.72 -5.64
N PHE D 166 -4.97 37.63 -5.51
CA PHE D 166 -3.94 37.76 -6.53
C PHE D 166 -2.94 36.60 -6.47
N VAL D 167 -2.76 35.97 -5.31
CA VAL D 167 -1.95 34.72 -5.23
C VAL D 167 -2.68 33.62 -5.96
N LYS D 168 -3.97 33.50 -5.73
CA LYS D 168 -4.78 32.44 -6.38
C LYS D 168 -4.74 32.63 -7.89
N VAL D 169 -4.77 33.88 -8.31
CA VAL D 169 -4.80 34.20 -9.75
C VAL D 169 -3.44 33.85 -10.36
N ALA D 170 -2.37 34.35 -9.72
CA ALA D 170 -1.02 34.09 -10.25
C ALA D 170 -0.66 32.60 -10.25
N THR D 171 -0.98 31.91 -9.17
CA THR D 171 -0.69 30.49 -9.08
C THR D 171 -1.48 29.69 -10.12
N THR D 172 -2.75 30.05 -10.32
CA THR D 172 -3.60 29.27 -11.21
C THR D 172 -2.98 29.30 -12.63
N ALA D 173 -2.57 30.46 -13.06
CA ALA D 173 -1.93 30.62 -14.38
C ALA D 173 -0.60 29.87 -14.56
N VAL D 174 0.33 29.99 -13.60
CA VAL D 174 1.60 29.32 -13.70
C VAL D 174 1.47 27.79 -13.47
N ALA D 175 0.56 27.39 -12.57
CA ALA D 175 0.29 25.97 -12.35
C ALA D 175 -0.31 25.34 -13.59
N ALA D 176 -1.24 26.04 -14.23
CA ALA D 176 -1.93 25.47 -15.37
C ALA D 176 -0.92 25.20 -16.50
N LYS D 177 0.03 26.13 -16.66
CA LYS D 177 1.16 25.97 -17.61
C LYS D 177 2.06 24.82 -17.23
N LEU D 178 2.49 24.75 -15.98
CA LEU D 178 3.34 23.62 -15.55
C LEU D 178 2.71 22.27 -15.85
N LEU D 179 1.41 22.21 -15.63
CA LEU D 179 0.70 20.95 -15.66
C LEU D 179 0.33 20.63 -17.12
N GLY D 180 0.79 21.44 -18.06
CA GLY D 180 0.66 21.13 -19.49
C GLY D 180 -0.52 21.79 -20.17
N GLY D 181 -1.13 22.78 -19.53
CA GLY D 181 -2.29 23.44 -20.11
C GLY D 181 -1.92 24.37 -21.25
N GLY D 182 -2.81 24.46 -22.23
CA GLY D 182 -2.70 25.45 -23.32
C GLY D 182 -3.52 26.67 -23.05
N ARG D 183 -3.63 27.51 -24.06
CA ARG D 183 -4.25 28.82 -23.94
C ARG D 183 -5.67 28.69 -23.35
N GLU D 184 -6.44 27.72 -23.81
CA GLU D 184 -7.87 27.66 -23.36
C GLU D 184 -7.98 27.29 -21.89
N GLU D 185 -7.15 26.34 -21.48
CA GLU D 185 -7.14 25.83 -20.12
C GLU D 185 -6.70 26.89 -19.14
N ILE D 186 -5.71 27.68 -19.55
CA ILE D 186 -5.17 28.73 -18.68
C ILE D 186 -6.18 29.84 -18.54
N LYS D 187 -6.76 30.28 -19.65
CA LYS D 187 -7.85 31.26 -19.61
C LYS D 187 -9.04 30.79 -18.73
N ASN D 188 -9.43 29.52 -18.86
CA ASN D 188 -10.57 28.98 -18.11
C ASN D 188 -10.31 28.88 -16.64
N ALA D 189 -9.12 28.44 -16.29
CA ALA D 189 -8.71 28.43 -14.94
C ALA D 189 -8.74 29.85 -14.32
N LEU D 190 -8.12 30.80 -14.99
CA LEU D 190 -8.13 32.18 -14.58
C LEU D 190 -9.51 32.76 -14.38
N SER D 191 -10.42 32.45 -15.27
CA SER D 191 -11.78 32.99 -15.12
C SER D 191 -12.45 32.37 -13.89
N ASN D 192 -12.22 31.09 -13.65
CA ASN D 192 -12.72 30.43 -12.40
C ASN D 192 -12.08 30.96 -11.10
N ALA D 193 -10.81 31.38 -11.17
CA ALA D 193 -10.18 32.08 -10.04
C ALA D 193 -10.81 33.41 -9.68
N TRP D 194 -11.14 34.22 -10.69
CA TRP D 194 -11.73 35.52 -10.46
C TRP D 194 -13.13 35.42 -9.87
N ILE D 195 -13.87 34.42 -10.30
CA ILE D 195 -15.20 34.17 -9.78
C ILE D 195 -15.23 33.59 -8.38
N ASP D 196 -14.13 33.02 -7.95
CA ASP D 196 -14.06 32.18 -6.80
C ASP D 196 -14.22 33.07 -5.56
N ASN D 197 -14.40 32.44 -4.42
CA ASN D 197 -14.79 33.10 -3.16
C ASN D 197 -13.57 33.89 -2.71
N ALA D 198 -13.63 35.23 -2.80
CA ALA D 198 -12.50 36.13 -2.48
C ALA D 198 -12.56 36.36 -0.99
N ALA D 199 -11.56 35.88 -0.25
CA ALA D 199 -11.69 35.89 1.24
C ALA D 199 -11.68 37.33 1.75
N LEU D 200 -12.37 37.55 2.87
CA LEU D 200 -12.24 38.85 3.57
C LEU D 200 -10.82 38.98 4.19
N ARG D 201 -10.48 40.19 4.66
CA ARG D 201 -9.26 40.37 5.42
C ARG D 201 -9.51 40.67 6.89
N THR D 202 -10.66 40.17 7.41
CA THR D 202 -11.03 40.36 8.81
C THR D 202 -9.95 39.92 9.84
N TYR D 203 -9.32 38.82 9.51
CA TYR D 203 -8.20 38.24 10.27
C TYR D 203 -6.88 39.00 10.27
N ARG D 204 -6.76 40.07 9.47
CA ARG D 204 -5.53 40.91 9.44
C ARG D 204 -5.70 42.19 10.26
N HIS D 205 -6.88 42.37 10.86
CA HIS D 205 -7.27 43.65 11.48
C HIS D 205 -7.88 43.51 12.83
N SER D 206 -7.71 44.56 13.64
CA SER D 206 -8.26 44.61 14.97
C SER D 206 -9.78 44.60 14.86
N PRO D 207 -10.51 43.92 15.75
CA PRO D 207 -10.03 43.16 16.90
C PRO D 207 -9.84 41.66 16.62
N ASN D 208 -9.80 41.25 15.36
CA ASN D 208 -9.91 39.83 15.02
C ASN D 208 -8.58 39.24 14.58
N THR D 209 -7.51 40.06 14.56
CA THR D 209 -6.22 39.64 14.01
C THR D 209 -5.86 38.25 14.55
N GLY D 210 -5.54 37.34 13.64
CA GLY D 210 -5.25 35.98 14.05
C GLY D 210 -4.49 35.15 13.07
N SER D 211 -4.34 33.86 13.38
CA SER D 211 -3.33 33.06 12.72
C SER D 211 -3.76 32.73 11.27
N ARG D 212 -5.00 33.01 10.90
CA ARG D 212 -5.35 32.92 9.46
C ARG D 212 -4.56 33.91 8.57
N LYS D 213 -4.03 35.00 9.15
CA LYS D 213 -3.08 35.83 8.43
C LYS D 213 -1.91 35.01 7.90
N SER D 214 -1.57 33.96 8.62
CA SER D 214 -0.39 33.16 8.33
C SER D 214 -0.65 32.09 7.26
N TRP D 215 -1.85 31.53 7.25
CA TRP D 215 -2.17 30.45 6.29
C TRP D 215 -3.11 30.81 5.13
N PRO D 216 -3.64 32.04 5.11
CA PRO D 216 -4.50 32.37 3.94
C PRO D 216 -3.83 32.26 2.54
N ALA D 217 -2.56 32.54 2.44
CA ALA D 217 -1.89 32.53 1.10
C ALA D 217 -1.69 31.10 0.69
N GLY D 218 -1.38 30.25 1.66
CA GLY D 218 -1.24 28.80 1.43
C GLY D 218 -2.53 28.17 0.93
N ASP D 219 -3.63 28.61 1.53
CA ASP D 219 -4.93 28.19 1.10
C ASP D 219 -5.19 28.66 -0.33
N ALA D 220 -4.84 29.91 -0.63
CA ALA D 220 -5.05 30.51 -1.97
C ALA D 220 -4.17 29.87 -3.09
N THR D 221 -2.90 29.58 -2.77
CA THR D 221 -2.00 28.98 -3.75
C THR D 221 -2.39 27.55 -4.00
N SER D 222 -2.88 26.90 -2.96
CA SER D 222 -3.40 25.54 -3.10
C SER D 222 -4.61 25.56 -4.05
N ARG D 223 -5.53 26.47 -3.77
CA ARG D 223 -6.75 26.61 -4.51
C ARG D 223 -6.45 26.88 -6.02
N GLY D 224 -5.40 27.64 -6.30
CA GLY D 224 -4.93 27.87 -7.65
C GLY D 224 -4.43 26.64 -8.37
N VAL D 225 -3.68 25.79 -7.67
CA VAL D 225 -3.34 24.45 -8.21
C VAL D 225 -4.61 23.59 -8.48
N HIS D 226 -5.58 23.65 -7.58
CA HIS D 226 -6.77 22.86 -7.70
C HIS D 226 -7.57 23.30 -8.89
N LEU D 227 -7.76 24.60 -9.03
CA LEU D 227 -8.48 25.14 -10.18
C LEU D 227 -7.77 24.84 -11.49
N ALA D 228 -6.45 24.85 -11.46
CA ALA D 228 -5.67 24.49 -12.67
C ALA D 228 -5.95 23.03 -13.09
N LEU D 229 -5.98 22.12 -12.12
CA LEU D 229 -6.22 20.68 -12.39
C LEU D 229 -7.60 20.48 -12.98
N MET D 230 -8.58 21.19 -12.42
CA MET D 230 -9.99 21.12 -12.94
C MET D 230 -10.01 21.56 -14.40
N SER D 231 -9.22 22.59 -14.69
CA SER D 231 -9.17 23.12 -16.06
C SER D 231 -8.55 22.12 -17.05
N LEU D 232 -7.53 21.41 -16.62
CA LEU D 232 -6.88 20.37 -17.40
C LEU D 232 -7.78 19.20 -17.77
N LYS D 233 -8.84 19.00 -17.00
CA LYS D 233 -9.86 18.02 -17.32
C LYS D 233 -10.81 18.54 -18.37
N GLY D 234 -10.65 19.82 -18.76
CA GLY D 234 -11.52 20.46 -19.71
C GLY D 234 -12.72 21.19 -19.12
N GLU D 235 -12.71 21.48 -17.82
CA GLU D 235 -13.82 22.28 -17.23
C GLU D 235 -13.83 23.65 -17.87
N MET D 236 -15.01 24.08 -18.24
CA MET D 236 -15.21 25.31 -18.98
C MET D 236 -14.97 26.57 -18.11
N GLY D 237 -14.67 27.67 -18.80
CA GLY D 237 -14.47 28.97 -18.21
C GLY D 237 -15.58 29.94 -18.56
N TYR D 238 -15.38 31.19 -18.10
CA TYR D 238 -16.42 32.20 -17.90
C TYR D 238 -15.84 33.49 -18.47
N PRO D 239 -16.07 33.71 -19.79
CA PRO D 239 -15.29 34.71 -20.53
C PRO D 239 -15.38 36.14 -20.00
N THR D 240 -16.54 36.53 -19.50
CA THR D 240 -16.68 37.85 -18.90
C THR D 240 -16.80 37.77 -17.38
N ALA D 241 -15.95 36.95 -16.81
CA ALA D 241 -15.88 36.80 -15.33
C ALA D 241 -15.62 38.15 -14.63
N LEU D 242 -14.82 39.00 -15.26
CA LEU D 242 -14.54 40.36 -14.68
C LEU D 242 -15.61 41.38 -14.98
N SER D 243 -15.98 41.43 -16.25
CA SER D 243 -16.80 42.53 -16.80
C SER D 243 -18.30 42.32 -16.83
N ALA D 244 -18.81 41.11 -16.66
CA ALA D 244 -20.24 40.92 -16.85
C ALA D 244 -21.07 41.89 -16.07
N PRO D 245 -22.08 42.51 -16.73
CA PRO D 245 -22.91 43.49 -16.01
C PRO D 245 -23.72 42.86 -14.92
N GLY D 246 -23.67 43.48 -13.75
CA GLY D 246 -24.44 43.01 -12.62
C GLY D 246 -23.78 41.86 -11.86
N TRP D 247 -23.30 40.84 -12.57
CA TRP D 247 -22.88 39.62 -11.92
C TRP D 247 -21.41 39.37 -11.87
N GLY D 248 -20.67 40.21 -12.59
CA GLY D 248 -19.22 40.03 -12.72
C GLY D 248 -18.47 40.54 -11.52
N PHE D 249 -17.20 40.21 -11.45
CA PHE D 249 -16.35 40.62 -10.34
C PHE D 249 -16.31 42.12 -10.15
N GLN D 250 -16.16 42.85 -11.24
CA GLN D 250 -16.02 44.30 -11.20
C GLN D 250 -17.26 45.04 -10.67
N ASP D 251 -18.44 44.58 -11.09
CA ASP D 251 -19.68 45.14 -10.56
C ASP D 251 -20.00 44.68 -9.16
N VAL D 252 -19.70 43.43 -8.83
CA VAL D 252 -20.11 42.92 -7.50
C VAL D 252 -19.15 43.33 -6.40
N LEU D 253 -17.85 43.17 -6.66
CA LEU D 253 -16.86 43.28 -5.60
C LEU D 253 -15.94 44.49 -5.70
N PHE D 254 -15.80 45.04 -6.89
CA PHE D 254 -14.81 46.06 -7.12
C PHE D 254 -15.39 47.45 -7.41
N ASN D 255 -16.60 47.71 -6.92
CA ASN D 255 -17.19 49.01 -6.96
C ASN D 255 -17.33 49.51 -8.41
N LYS D 256 -17.63 48.60 -9.31
CA LYS D 256 -17.80 48.89 -10.74
C LYS D 256 -16.61 49.43 -11.47
N LYS D 257 -15.44 49.39 -10.84
CA LYS D 257 -14.21 49.77 -11.51
C LYS D 257 -13.57 48.64 -12.29
N GLU D 258 -12.82 49.01 -13.32
CA GLU D 258 -12.04 48.04 -14.08
C GLU D 258 -10.77 47.58 -13.36
N ILE D 259 -10.59 46.27 -13.35
CA ILE D 259 -9.29 45.70 -12.99
C ILE D 259 -8.31 46.01 -14.10
N LYS D 260 -7.14 46.56 -13.73
CA LYS D 260 -6.17 47.00 -14.74
C LYS D 260 -4.80 46.43 -14.51
N LEU D 261 -4.10 46.13 -15.59
CA LEU D 261 -2.65 45.92 -15.56
C LEU D 261 -1.92 47.21 -15.89
N ALA D 262 -1.27 47.78 -14.89
CA ALA D 262 -0.66 49.11 -15.00
C ALA D 262 0.53 49.18 -15.90
N ARG D 263 1.15 48.05 -16.18
CA ARG D 263 2.24 47.99 -17.13
C ARG D 263 2.20 46.62 -17.78
N PRO D 264 2.85 46.47 -18.94
CA PRO D 264 3.01 45.15 -19.52
C PRO D 264 3.77 44.21 -18.61
N LEU D 265 3.45 42.93 -18.74
CA LEU D 265 4.04 41.93 -17.87
C LEU D 265 5.46 41.55 -18.39
N ASP D 266 6.45 41.65 -17.51
CA ASP D 266 7.76 41.15 -17.79
C ASP D 266 8.49 40.62 -16.53
N ALA D 267 9.51 41.35 -16.03
CA ALA D 267 10.24 40.93 -14.80
C ALA D 267 10.46 42.05 -13.80
N TYR D 268 9.62 43.07 -13.83
CA TYR D 268 9.76 44.22 -12.97
C TYR D 268 9.58 43.87 -11.46
N VAL D 269 8.62 43.02 -11.14
CA VAL D 269 8.37 42.77 -9.73
C VAL D 269 9.53 42.03 -9.13
N MET D 270 9.91 40.91 -9.71
CA MET D 270 11.00 40.14 -9.14
C MET D 270 12.25 41.02 -8.96
N GLU D 271 12.54 41.83 -9.97
CA GLU D 271 13.74 42.72 -9.90
C GLU D 271 13.71 43.66 -8.70
N ASN D 272 12.50 44.06 -8.28
CA ASN D 272 12.31 45.08 -7.30
C ASN D 272 11.67 44.57 -6.00
N VAL D 273 11.76 43.26 -5.79
CA VAL D 273 11.13 42.64 -4.67
C VAL D 273 11.78 43.11 -3.36
N LEU D 274 11.01 43.06 -2.28
CA LEU D 274 11.52 43.38 -0.93
C LEU D 274 11.77 42.09 -0.13
N PHE D 275 12.89 42.07 0.60
CA PHE D 275 13.21 40.95 1.52
C PHE D 275 13.05 41.42 2.96
N LYS D 276 12.76 40.48 3.83
CA LYS D 276 12.84 40.73 5.27
C LYS D 276 14.09 40.06 5.74
N VAL D 277 15.17 40.80 5.70
CA VAL D 277 16.50 40.23 5.90
C VAL D 277 16.86 39.85 7.33
N SER D 278 16.45 40.66 8.28
CA SER D 278 16.89 40.50 9.63
C SER D 278 15.80 40.00 10.59
N TYR D 279 14.58 40.49 10.44
CA TYR D 279 13.53 40.33 11.45
C TYR D 279 12.23 39.79 10.82
N PRO D 280 11.55 38.85 11.51
CA PRO D 280 10.20 38.62 11.13
C PRO D 280 9.27 39.61 11.81
N ALA D 281 8.45 40.26 10.99
CA ALA D 281 7.62 41.39 11.40
C ALA D 281 6.86 41.87 10.17
N GLU D 282 5.67 42.37 10.39
CA GLU D 282 4.93 42.97 9.28
C GLU D 282 5.77 44.01 8.57
N PHE D 283 5.66 44.11 7.24
CA PHE D 283 6.67 44.82 6.50
C PHE D 283 6.68 46.33 6.77
N HIS D 284 5.51 46.88 7.06
CA HIS D 284 5.37 48.28 7.30
C HIS D 284 6.03 48.73 8.57
N ALA D 285 6.53 47.76 9.37
CA ALA D 285 7.26 48.07 10.62
C ALA D 285 8.75 47.81 10.49
N GLN D 286 9.19 47.33 9.35
CA GLN D 286 10.60 46.85 9.21
C GLN D 286 11.65 47.97 9.42
N THR D 287 11.36 49.16 8.93
CA THR D 287 12.24 50.30 9.15
C THR D 287 12.15 50.92 10.53
N ALA D 288 10.98 50.84 11.17
CA ALA D 288 10.85 51.11 12.61
C ALA D 288 11.68 50.15 13.49
N ALA D 289 11.65 48.87 13.14
CA ALA D 289 12.50 47.86 13.78
C ALA D 289 13.99 48.20 13.65
N GLU D 290 14.43 48.57 12.45
CA GLU D 290 15.85 48.94 12.24
C GLU D 290 16.24 50.11 13.12
N SER D 291 15.37 51.10 13.17
CA SER D 291 15.64 52.32 13.90
C SER D 291 15.61 52.09 15.41
N ALA D 292 14.70 51.26 15.85
CA ALA D 292 14.66 50.81 17.26
C ALA D 292 15.92 50.09 17.72
N VAL D 293 16.43 49.22 16.85
CA VAL D 293 17.63 48.46 17.17
C VAL D 293 18.84 49.38 17.27
N ILE D 294 18.94 50.34 16.35
CA ILE D 294 19.93 51.41 16.48
C ILE D 294 19.85 52.08 17.87
N LEU D 295 18.66 52.44 18.31
CA LEU D 295 18.47 53.16 19.56
C LEU D 295 18.66 52.33 20.81
N HIS D 296 18.57 51.00 20.66
CA HIS D 296 18.56 50.10 21.82
C HIS D 296 19.70 50.36 22.87
N PRO D 297 20.98 50.48 22.42
CA PRO D 297 22.08 50.73 23.38
C PRO D 297 21.94 52.03 24.17
N GLN D 298 21.30 53.03 23.56
CA GLN D 298 20.97 54.28 24.25
C GLN D 298 19.85 54.24 25.25
N VAL D 299 19.04 53.18 25.21
CA VAL D 299 17.90 53.12 26.13
C VAL D 299 17.99 51.97 27.12
N LYS D 300 18.82 50.97 26.86
CA LYS D 300 18.59 49.62 27.47
C LYS D 300 18.66 49.57 29.01
N ASN D 301 19.41 50.48 29.64
CA ASN D 301 19.38 50.62 31.12
C ASN D 301 18.60 51.80 31.65
N ARG D 302 17.82 52.41 30.78
CA ARG D 302 17.08 53.65 31.09
C ARG D 302 15.58 53.55 30.79
N ILE D 303 15.06 52.33 30.68
CA ILE D 303 13.67 52.17 30.20
C ILE D 303 12.64 52.82 31.16
N ASP D 304 12.88 52.75 32.47
CA ASP D 304 12.06 53.50 33.44
C ASP D 304 12.07 55.02 33.26
N GLU D 305 13.13 55.57 32.67
CA GLU D 305 13.15 57.01 32.50
C GLU D 305 12.68 57.49 31.12
N ILE D 306 12.16 56.57 30.29
CA ILE D 306 11.47 56.96 29.03
C ILE D 306 10.15 57.66 29.34
N ASP D 307 9.95 58.81 28.70
CA ASP D 307 8.77 59.61 28.89
C ASP D 307 7.83 59.37 27.73
N ARG D 308 8.34 59.54 26.51
CA ARG D 308 7.57 59.22 25.33
C ARG D 308 8.43 58.78 24.18
N VAL D 309 7.78 58.09 23.25
CA VAL D 309 8.46 57.61 22.06
C VAL D 309 7.65 58.05 20.84
N VAL D 310 8.30 58.80 19.95
CA VAL D 310 7.66 59.34 18.79
C VAL D 310 7.98 58.46 17.58
N ILE D 311 6.94 58.07 16.88
CA ILE D 311 7.09 57.23 15.70
C ILE D 311 6.42 57.94 14.53
N ARG D 312 7.20 58.31 13.52
CA ARG D 312 6.64 58.93 12.31
C ARG D 312 6.64 57.89 11.18
N THR D 313 5.50 57.76 10.50
CA THR D 313 5.23 56.57 9.67
C THR D 313 4.42 56.97 8.45
N HIS D 314 4.07 55.98 7.65
CA HIS D 314 3.34 56.18 6.40
C HIS D 314 1.92 55.62 6.52
N GLU D 315 1.07 55.90 5.54
CA GLU D 315 -0.35 55.65 5.68
C GLU D 315 -0.72 54.16 5.86
N SER D 316 -0.07 53.30 5.08
CA SER D 316 -0.40 51.82 5.11
C SER D 316 -0.16 51.25 6.49
N ALA D 317 0.92 51.70 7.14
CA ALA D 317 1.18 51.27 8.53
C ALA D 317 0.03 51.65 9.45
N ILE D 318 -0.46 52.91 9.30
CA ILE D 318 -1.57 53.39 10.11
C ILE D 318 -2.81 52.54 9.88
N ARG D 319 -3.04 52.17 8.64
CA ARG D 319 -4.24 51.34 8.33
C ARG D 319 -4.22 49.89 8.82
N ILE D 320 -3.03 49.31 9.01
CA ILE D 320 -2.95 47.87 9.30
C ILE D 320 -2.46 47.59 10.71
N ILE D 321 -1.36 48.26 11.11
CA ILE D 321 -0.59 47.82 12.27
C ILE D 321 -0.48 48.87 13.41
N ASP D 322 -1.20 49.95 13.30
CA ASP D 322 -1.25 50.97 14.37
C ASP D 322 -2.35 50.60 15.39
N LYS D 323 -1.93 50.05 16.52
CA LYS D 323 -2.88 49.51 17.51
C LYS D 323 -2.48 49.92 18.91
N LYS D 324 -3.50 50.31 19.70
CA LYS D 324 -3.36 50.55 21.13
C LYS D 324 -4.05 49.47 21.96
N GLY D 325 -3.57 49.25 23.18
CA GLY D 325 -4.24 48.35 24.10
C GLY D 325 -3.83 46.90 23.95
N PRO D 326 -4.54 46.00 24.60
CA PRO D 326 -4.05 44.62 24.77
C PRO D 326 -3.92 43.89 23.43
N LEU D 327 -2.84 43.14 23.27
CA LEU D 327 -2.61 42.30 22.10
C LEU D 327 -2.76 40.87 22.54
N HIS D 328 -3.42 40.05 21.74
CA HIS D 328 -3.94 38.75 22.22
C HIS D 328 -3.22 37.50 21.75
N ASN D 329 -2.40 37.60 20.71
CA ASN D 329 -1.79 36.42 20.13
C ASN D 329 -0.61 36.83 19.24
N PRO D 330 0.19 35.87 18.77
CA PRO D 330 1.43 36.29 18.07
C PRO D 330 1.18 37.01 16.76
N ALA D 331 0.12 36.64 16.06
CA ALA D 331 -0.26 37.38 14.85
C ALA D 331 -0.65 38.84 15.13
N ASP D 332 -1.39 39.07 16.20
CA ASP D 332 -1.76 40.42 16.63
C ASP D 332 -0.51 41.27 16.87
N ARG D 333 0.44 40.68 17.59
CA ARG D 333 1.70 41.34 17.94
C ARG D 333 2.65 41.57 16.78
N ASP D 334 2.79 40.60 15.88
CA ASP D 334 3.66 40.79 14.70
C ASP D 334 3.00 41.67 13.63
N HIS D 335 1.74 42.03 13.89
CA HIS D 335 1.02 43.14 13.22
C HIS D 335 0.77 44.37 14.07
N CYS D 336 1.75 44.71 14.94
CA CYS D 336 1.63 45.90 15.78
C CYS D 336 2.89 46.72 15.73
N LEU D 337 2.79 47.90 15.12
CA LEU D 337 3.98 48.78 14.95
C LEU D 337 4.66 49.14 16.30
N GLN D 338 3.79 49.41 17.26
CA GLN D 338 4.23 49.72 18.62
C GLN D 338 4.91 48.56 19.35
N TYR D 339 4.35 47.35 19.21
CA TYR D 339 4.99 46.15 19.76
C TYR D 339 6.35 45.89 19.20
N ILE D 340 6.44 45.95 17.88
CA ILE D 340 7.63 45.62 17.20
C ILE D 340 8.72 46.62 17.57
N THR D 341 8.31 47.88 17.65
CA THR D 341 9.26 48.94 18.00
C THR D 341 9.72 48.74 19.46
N ALA D 342 8.83 48.29 20.33
CA ALA D 342 9.16 48.12 21.73
C ALA D 342 10.17 46.98 21.88
N ILE D 343 9.93 45.87 21.18
CA ILE D 343 10.85 44.75 21.19
C ILE D 343 12.27 45.17 20.76
N GLY D 344 12.37 45.96 19.72
CA GLY D 344 13.65 46.47 19.22
C GLY D 344 14.39 47.31 20.28
N LEU D 345 13.65 48.22 20.91
CA LEU D 345 14.17 49.07 21.98
C LEU D 345 14.57 48.28 23.22
N LEU D 346 13.78 47.28 23.58
CA LEU D 346 13.99 46.52 24.81
C LEU D 346 15.08 45.48 24.67
N PHE D 347 15.20 44.88 23.49
CA PHE D 347 15.95 43.68 23.32
C PHE D 347 17.06 43.82 22.30
N GLY D 348 17.04 44.86 21.47
CA GLY D 348 18.03 45.03 20.40
C GLY D 348 18.01 44.01 19.29
N ASP D 349 16.95 43.21 19.24
CA ASP D 349 16.82 42.21 18.20
C ASP D 349 15.36 41.78 18.18
N ILE D 350 14.92 41.13 17.10
CA ILE D 350 13.53 40.70 16.98
C ILE D 350 13.56 39.31 16.35
N THR D 351 12.97 38.34 17.05
CA THR D 351 12.81 37.02 16.55
C THR D 351 11.36 36.66 16.74
N ALA D 352 10.93 35.60 16.10
CA ALA D 352 9.51 35.19 16.21
C ALA D 352 9.14 34.74 17.65
N GLN D 353 10.12 34.33 18.45
CA GLN D 353 9.91 34.09 19.88
C GLN D 353 9.45 35.30 20.69
N HIS D 354 9.73 36.50 20.21
CA HIS D 354 9.36 37.71 20.92
C HIS D 354 7.85 38.00 20.88
N TYR D 355 7.15 37.35 19.96
CA TYR D 355 5.73 37.47 19.81
C TYR D 355 4.94 36.46 20.67
N GLU D 356 5.64 35.52 21.30
CA GLU D 356 5.03 34.49 22.14
C GLU D 356 4.73 35.01 23.53
N ALA D 357 3.83 34.31 24.22
CA ALA D 357 3.30 34.82 25.49
C ALA D 357 4.44 35.08 26.49
N GLU D 358 5.46 34.22 26.50
CA GLU D 358 6.56 34.32 27.50
C GLU D 358 7.20 35.69 27.47
N THR D 359 7.44 36.23 26.27
CA THR D 359 7.98 37.57 26.11
C THR D 359 6.94 38.60 26.33
N ALA D 360 5.76 38.39 25.73
CA ALA D 360 4.71 39.39 25.73
C ALA D 360 4.23 39.70 27.13
N ASN D 361 4.35 38.74 28.01
CA ASN D 361 4.04 38.92 29.47
C ASN D 361 5.01 39.80 30.26
N ASP D 362 6.17 40.11 29.68
CA ASP D 362 7.05 41.14 30.23
C ASP D 362 6.34 42.48 30.37
N PRO D 363 6.10 42.94 31.63
CA PRO D 363 5.31 44.14 31.92
C PRO D 363 5.87 45.42 31.32
N ARG D 364 7.16 45.44 31.03
CA ARG D 364 7.81 46.62 30.40
C ARG D 364 7.27 46.93 28.99
N ILE D 365 6.87 45.89 28.28
CA ILE D 365 6.41 46.09 26.89
C ILE D 365 5.20 47.01 26.84
N ASP D 366 4.11 46.60 27.46
CA ASP D 366 2.85 47.33 27.37
C ASP D 366 2.94 48.73 28.03
N LYS D 367 3.77 48.85 29.09
CA LYS D 367 4.13 50.18 29.62
C LYS D 367 4.83 51.06 28.60
N LEU D 368 5.77 50.49 27.86
CA LEU D 368 6.47 51.24 26.83
C LEU D 368 5.55 51.55 25.65
N ARG D 369 4.70 50.58 25.26
CA ARG D 369 3.75 50.83 24.17
C ARG D 369 2.84 52.01 24.49
N ASP D 370 2.38 52.15 25.73
CA ASP D 370 1.51 53.25 26.06
C ASP D 370 2.17 54.62 25.97
N LYS D 371 3.50 54.65 25.82
CA LYS D 371 4.26 55.91 25.77
C LYS D 371 4.50 56.30 24.32
N MET D 372 3.98 55.50 23.40
CA MET D 372 4.28 55.70 21.99
C MET D 372 3.22 56.55 21.29
N GLU D 373 3.68 57.50 20.48
CA GLU D 373 2.76 58.37 19.71
C GLU D 373 3.08 58.12 18.26
N VAL D 374 2.11 57.59 17.53
CA VAL D 374 2.28 57.28 16.12
C VAL D 374 1.52 58.33 15.29
N THR D 375 2.23 59.01 14.40
CA THR D 375 1.59 59.94 13.50
C THR D 375 2.12 59.76 12.07
N GLU D 376 1.28 60.10 11.10
CA GLU D 376 1.61 59.97 9.71
C GLU D 376 2.49 61.12 9.26
N ASN D 377 3.57 60.79 8.56
CA ASN D 377 4.29 61.78 7.77
C ASN D 377 3.91 61.68 6.30
N LYS D 378 3.31 62.73 5.76
CA LYS D 378 2.60 62.60 4.47
C LYS D 378 3.55 62.49 3.33
N THR D 379 4.79 62.88 3.59
CA THR D 379 5.85 62.72 2.61
C THR D 379 6.24 61.24 2.50
N TYR D 380 6.28 60.54 3.64
CA TYR D 380 6.54 59.08 3.66
C TYR D 380 5.44 58.35 2.87
N THR D 381 4.21 58.75 3.08
CA THR D 381 3.06 58.17 2.33
C THR D 381 3.24 58.38 0.82
N GLU D 382 3.64 59.58 0.39
CA GLU D 382 3.91 59.86 -1.05
C GLU D 382 5.07 59.06 -1.62
N ASP D 383 6.18 58.98 -0.89
CA ASP D 383 7.36 58.30 -1.36
C ASP D 383 7.20 56.78 -1.41
N TYR D 384 6.28 56.27 -0.59
CA TYR D 384 5.91 54.84 -0.59
C TYR D 384 5.38 54.44 -1.96
N LEU D 385 4.58 55.32 -2.57
CA LEU D 385 3.94 55.02 -3.87
C LEU D 385 4.72 55.53 -5.10
N LYS D 386 5.83 56.22 -4.89
CA LYS D 386 6.56 56.80 -6.01
C LYS D 386 7.44 55.76 -6.66
N PRO D 387 7.24 55.53 -7.97
CA PRO D 387 7.89 54.40 -8.64
C PRO D 387 9.42 54.36 -8.65
N ASP D 388 10.09 55.50 -8.69
CA ASP D 388 11.56 55.44 -8.69
C ASP D 388 12.18 55.26 -7.27
N LYS D 389 11.33 55.14 -6.24
CA LYS D 389 11.79 55.14 -4.88
C LYS D 389 11.18 54.00 -4.02
N ARG D 390 9.85 54.00 -3.93
CA ARG D 390 9.12 52.99 -3.15
C ARG D 390 9.77 52.73 -1.80
N SER D 391 9.85 53.79 -1.00
CA SER D 391 10.38 53.68 0.34
C SER D 391 9.30 53.09 1.26
N ILE D 392 9.72 52.71 2.46
CA ILE D 392 8.76 52.19 3.47
C ILE D 392 9.13 52.77 4.82
N SER D 393 8.94 54.09 4.93
CA SER D 393 9.70 54.92 5.87
C SER D 393 9.06 54.99 7.24
N ASN D 394 9.92 54.87 8.26
CA ASN D 394 9.57 55.17 9.65
C ASN D 394 10.70 55.98 10.28
N ALA D 395 10.37 56.75 11.29
CA ALA D 395 11.37 57.40 12.10
C ALA D 395 10.96 57.30 13.53
N VAL D 396 11.96 57.10 14.39
CA VAL D 396 11.74 56.87 15.78
C VAL D 396 12.66 57.84 16.58
N GLN D 397 12.09 58.43 17.64
CA GLN D 397 12.87 59.20 18.62
C GLN D 397 12.36 58.96 20.03
N VAL D 398 13.28 58.74 20.96
CA VAL D 398 12.93 58.51 22.36
C VAL D 398 13.21 59.73 23.26
N HIS D 399 12.20 60.13 24.04
CA HIS D 399 12.32 61.27 24.95
C HIS D 399 12.32 60.79 26.36
N PHE D 400 13.27 61.31 27.13
CA PHE D 400 13.38 61.01 28.53
C PHE D 400 12.73 62.03 29.46
N LYS D 401 12.41 61.56 30.67
CA LYS D 401 11.72 62.36 31.68
C LYS D 401 12.55 63.61 32.10
N ASP D 402 13.88 63.45 32.02
CA ASP D 402 14.99 64.44 32.08
C ASP D 402 14.86 65.66 31.15
N GLY D 403 14.24 65.37 30.04
CA GLY D 403 14.11 66.33 28.95
C GLY D 403 15.14 66.10 27.87
N THR D 404 16.07 65.18 28.11
CA THR D 404 16.97 64.80 27.07
C THR D 404 16.22 63.82 26.14
N SER D 405 16.84 63.53 25.02
CA SER D 405 16.25 62.72 24.01
C SER D 405 17.34 62.17 23.12
N THR D 406 17.07 61.00 22.55
CA THR D 406 17.95 60.49 21.52
C THR D 406 17.75 61.36 20.32
N GLU D 407 18.62 61.21 19.33
CA GLU D 407 18.34 61.70 18.00
C GLU D 407 17.10 60.99 17.38
N MET D 408 16.47 61.68 16.45
CA MET D 408 15.42 61.03 15.66
C MET D 408 16.09 60.18 14.61
N VAL D 409 15.80 58.88 14.63
CA VAL D 409 16.49 57.98 13.72
C VAL D 409 15.49 57.59 12.61
N GLU D 410 15.77 58.05 11.39
CA GLU D 410 14.96 57.80 10.20
C GLU D 410 15.52 56.77 9.25
N CYS D 411 14.66 55.82 8.87
CA CYS D 411 15.05 54.78 7.94
C CYS D 411 14.00 54.70 6.85
N GLU D 412 14.43 55.04 5.64
CA GLU D 412 13.55 55.00 4.44
C GLU D 412 13.59 53.66 3.79
N PHE D 413 14.79 53.08 3.72
CA PHE D 413 15.03 51.87 2.96
C PHE D 413 15.50 50.75 3.88
N PRO D 414 14.65 49.74 4.15
CA PRO D 414 15.14 48.63 4.95
C PRO D 414 16.18 47.86 4.21
N LEU D 415 16.87 46.99 4.92
CA LEU D 415 17.98 46.27 4.36
C LEU D 415 17.52 45.47 3.12
N GLY D 416 16.27 45.02 3.15
CA GLY D 416 15.73 44.20 2.06
C GLY D 416 15.25 44.92 0.83
N HIS D 417 15.40 46.23 0.81
CA HIS D 417 15.04 47.07 -0.36
C HIS D 417 16.13 46.91 -1.41
N ARG D 418 15.74 46.98 -2.67
CA ARG D 418 16.69 46.85 -3.76
C ARG D 418 17.92 47.78 -3.68
N PHE D 419 17.72 49.01 -3.19
CA PHE D 419 18.84 49.99 -3.09
C PHE D 419 19.93 49.50 -2.14
N ARG D 420 19.63 48.52 -1.27
CA ARG D 420 20.64 47.99 -0.37
C ARG D 420 21.01 46.53 -0.69
N ARG D 421 20.80 46.12 -1.93
CA ARG D 421 20.86 44.70 -2.28
C ARG D 421 22.24 44.10 -2.02
N GLU D 422 23.29 44.80 -2.41
CA GLU D 422 24.62 44.21 -2.31
C GLU D 422 24.99 43.98 -0.85
N GLU D 423 24.70 44.96 0.00
CA GLU D 423 24.80 44.81 1.44
C GLU D 423 23.93 43.64 1.99
N ALA D 424 22.75 43.48 1.43
CA ALA D 424 21.78 42.48 1.95
C ALA D 424 22.15 41.04 1.65
N VAL D 425 22.71 40.77 0.48
CA VAL D 425 22.83 39.40 0.00
C VAL D 425 23.55 38.48 1.00
N PRO D 426 24.70 38.94 1.54
CA PRO D 426 25.38 38.04 2.46
C PRO D 426 24.56 37.78 3.71
N LYS D 427 23.79 38.78 4.13
CA LYS D 427 22.97 38.64 5.33
C LYS D 427 21.80 37.68 5.09
N LEU D 428 21.35 37.65 3.84
CA LEU D 428 20.24 36.81 3.46
C LEU D 428 20.68 35.37 3.53
N LEU D 429 21.90 35.12 3.06
CA LEU D 429 22.50 33.80 3.11
C LEU D 429 22.74 33.33 4.55
N GLU D 430 23.08 34.25 5.42
CA GLU D 430 23.27 33.93 6.84
C GLU D 430 21.91 33.57 7.46
N LYS D 431 20.88 34.37 7.16
CA LYS D 431 19.50 34.10 7.57
C LYS D 431 19.07 32.70 7.12
N PHE D 432 19.40 32.35 5.87
CA PHE D 432 19.09 31.02 5.30
C PHE D 432 19.75 29.86 6.06
N SER D 433 21.04 30.04 6.34
CA SER D 433 21.80 29.06 7.07
C SER D 433 21.26 28.93 8.49
N ASP D 434 21.00 30.05 9.16
CA ASP D 434 20.50 30.02 10.55
C ASP D 434 19.14 29.31 10.60
N ASN D 435 18.29 29.60 9.61
CA ASN D 435 16.98 28.95 9.54
C ASN D 435 17.06 27.41 9.36
N LEU D 436 17.90 26.98 8.44
CA LEU D 436 18.16 25.57 8.19
C LEU D 436 18.69 24.84 9.43
N LYS D 437 19.56 25.53 10.15
CA LYS D 437 20.18 24.97 11.34
C LYS D 437 19.19 24.66 12.46
N THR D 438 18.01 25.29 12.47
CA THR D 438 17.05 25.10 13.53
C THR D 438 16.42 23.72 13.42
N HIS D 439 16.51 23.15 12.25
CA HIS D 439 15.72 21.98 11.91
C HIS D 439 16.53 20.79 11.40
N PHE D 440 17.59 21.05 10.64
CA PHE D 440 18.35 20.01 10.02
C PHE D 440 19.64 19.74 10.82
N PRO D 441 20.01 18.46 10.97
CA PRO D 441 21.30 18.15 11.50
C PRO D 441 22.47 18.65 10.63
N ASP D 442 23.65 18.62 11.20
CA ASP D 442 24.85 19.23 10.66
C ASP D 442 25.13 18.85 9.22
N LYS D 443 25.08 17.57 8.91
CA LYS D 443 25.41 17.05 7.59
C LYS D 443 24.43 17.59 6.58
N GLN D 444 23.14 17.55 6.93
CA GLN D 444 22.11 17.84 5.96
C GLN D 444 22.05 19.37 5.74
N HIS D 445 22.20 20.10 6.84
CA HIS D 445 22.23 21.55 6.77
C HIS D 445 23.37 22.06 5.85
N LYS D 446 24.55 21.50 6.03
CA LYS D 446 25.70 21.91 5.20
C LYS D 446 25.50 21.55 3.75
N HIS D 447 24.99 20.35 3.49
CA HIS D 447 24.71 19.89 2.13
C HIS D 447 23.65 20.74 1.41
N ILE D 448 22.54 21.02 2.09
CA ILE D 448 21.54 21.93 1.52
C ILE D 448 22.19 23.32 1.22
N TYR D 449 22.86 23.87 2.23
CA TYR D 449 23.41 25.21 2.08
C TYR D 449 24.32 25.31 0.87
N GLU D 450 25.19 24.32 0.77
CA GLU D 450 26.19 24.20 -0.31
C GLU D 450 25.59 24.06 -1.73
N ARG D 451 24.60 23.20 -1.89
CA ARG D 451 23.88 23.13 -3.18
C ARG D 451 23.14 24.42 -3.53
N CYS D 452 22.47 25.01 -2.56
CA CYS D 452 21.53 26.10 -2.85
C CYS D 452 22.23 27.42 -3.19
N THR D 453 23.47 27.55 -2.73
CA THR D 453 24.21 28.81 -2.89
C THR D 453 25.19 28.75 -4.03
N SER D 454 25.36 27.56 -4.60
CA SER D 454 26.07 27.40 -5.86
C SER D 454 25.08 27.57 -7.01
N TYR D 455 24.80 28.82 -7.39
CA TYR D 455 23.63 29.15 -8.24
C TYR D 455 23.74 28.55 -9.64
N GLU D 456 24.96 28.41 -10.15
CA GLU D 456 25.18 28.02 -11.55
C GLU D 456 24.76 26.54 -11.77
N THR D 457 25.30 25.70 -10.92
CA THR D 457 24.95 24.29 -10.82
C THR D 457 23.52 24.03 -10.30
N LEU D 458 22.99 24.95 -9.49
CA LEU D 458 21.62 24.84 -8.94
C LEU D 458 20.52 24.88 -10.02
N GLN D 459 20.75 25.70 -11.05
CA GLN D 459 19.82 25.85 -12.19
C GLN D 459 19.38 24.55 -12.79
N THR D 460 20.36 23.66 -12.96
CA THR D 460 20.21 22.44 -13.73
C THR D 460 19.79 21.27 -12.84
N MET D 461 19.68 21.50 -11.54
CA MET D 461 19.27 20.43 -10.59
C MET D 461 17.82 20.04 -10.87
N ARG D 462 17.57 18.75 -10.98
CA ARG D 462 16.24 18.26 -11.19
C ARG D 462 15.39 18.66 -9.99
N VAL D 463 14.16 19.08 -10.23
CA VAL D 463 13.32 19.57 -9.11
C VAL D 463 13.12 18.51 -8.01
N ASN D 464 12.87 17.27 -8.41
CA ASN D 464 12.66 16.20 -7.47
C ASN D 464 13.87 15.99 -6.57
N GLU D 465 15.08 16.08 -7.15
CA GLU D 465 16.31 15.97 -6.37
C GLU D 465 16.54 17.15 -5.47
N PHE D 466 16.20 18.35 -5.96
CA PHE D 466 16.23 19.55 -5.14
C PHE D 466 15.38 19.38 -3.90
N VAL D 467 14.13 18.98 -4.09
CA VAL D 467 13.24 18.77 -2.95
C VAL D 467 13.72 17.62 -2.04
N ASP D 468 14.21 16.51 -2.63
CA ASP D 468 14.63 15.36 -1.85
C ASP D 468 15.64 15.76 -0.80
N MET D 469 16.49 16.73 -1.13
CA MET D 469 17.55 17.26 -0.24
C MET D 469 17.01 17.67 1.14
N PHE D 470 15.77 18.14 1.13
CA PHE D 470 15.13 18.71 2.29
C PHE D 470 14.32 17.70 3.07
N CYS D 471 14.17 16.50 2.57
CA CYS D 471 13.30 15.49 3.16
C CYS D 471 14.11 14.37 3.72
N MET E 1 43.75 18.85 17.12
CA MET E 1 43.38 18.09 18.36
C MET E 1 43.07 16.61 18.12
N PRO E 2 42.30 16.27 17.05
CA PRO E 2 41.90 14.86 16.87
C PRO E 2 43.02 13.88 16.48
N LYS E 3 43.04 12.70 17.11
CA LYS E 3 43.77 11.52 16.58
C LYS E 3 42.97 10.20 16.52
N THR E 4 42.49 9.83 15.34
CA THR E 4 41.85 8.48 15.20
C THR E 4 42.83 7.30 15.26
N ASP E 5 42.43 6.26 15.98
CA ASP E 5 43.24 5.06 16.15
C ASP E 5 43.67 4.50 14.79
N ARG E 6 44.95 4.14 14.70
CA ARG E 6 45.61 3.79 13.41
C ARG E 6 44.95 2.63 12.67
N VAL E 7 44.55 1.60 13.39
CA VAL E 7 43.83 0.51 12.77
C VAL E 7 42.58 0.94 11.99
N ILE E 8 41.81 1.85 12.57
CA ILE E 8 40.56 2.32 11.97
C ILE E 8 40.90 3.15 10.73
N GLU E 9 41.90 4.01 10.83
CA GLU E 9 42.43 4.77 9.65
C GLU E 9 42.92 3.89 8.52
N GLU E 10 43.65 2.84 8.87
CA GLU E 10 44.14 1.90 7.87
C GLU E 10 43.02 1.17 7.17
N ILE E 11 42.04 0.72 7.94
CA ILE E 11 40.91 0.01 7.31
C ILE E 11 40.18 0.96 6.36
N THR E 12 39.96 2.17 6.83
CA THR E 12 39.26 3.20 6.07
C THR E 12 40.00 3.47 4.75
N ASP E 13 41.29 3.69 4.85
CA ASP E 13 42.11 4.00 3.68
C ASP E 13 42.03 2.86 2.68
N TYR E 14 42.04 1.63 3.15
CA TYR E 14 41.98 0.47 2.28
C TYR E 14 40.66 0.43 1.51
N VAL E 15 39.57 0.64 2.24
CA VAL E 15 38.24 0.53 1.68
C VAL E 15 38.02 1.59 0.65
N LEU E 16 38.43 2.80 0.96
CA LEU E 16 38.28 3.93 0.04
C LEU E 16 39.24 3.94 -1.14
N GLU E 17 40.51 3.64 -0.90
CA GLU E 17 41.56 3.96 -1.87
C GLU E 17 42.24 2.78 -2.55
N LYS E 18 42.30 1.63 -1.89
CA LYS E 18 43.09 0.54 -2.45
C LYS E 18 42.42 -0.04 -3.69
N GLU E 19 43.14 -0.06 -4.82
CA GLU E 19 42.67 -0.76 -6.00
C GLU E 19 43.06 -2.25 -5.91
N ILE E 20 42.09 -3.13 -6.09
CA ILE E 20 42.39 -4.57 -6.12
C ILE E 20 42.81 -4.95 -7.53
N THR E 21 43.98 -5.58 -7.67
CA THR E 21 44.54 -5.92 -8.99
C THR E 21 44.70 -7.42 -9.22
N SER E 22 44.36 -8.22 -8.22
CA SER E 22 44.57 -9.66 -8.33
C SER E 22 43.46 -10.35 -9.11
N ALA E 23 43.83 -10.86 -10.29
CA ALA E 23 42.98 -11.70 -11.13
C ALA E 23 42.52 -12.94 -10.40
N GLU E 24 43.44 -13.56 -9.66
CA GLU E 24 43.10 -14.73 -8.86
C GLU E 24 42.04 -14.41 -7.77
N ALA E 25 42.15 -13.26 -7.13
CA ALA E 25 41.19 -12.83 -6.08
C ALA E 25 39.79 -12.64 -6.64
N TYR E 26 39.69 -11.98 -7.79
CA TYR E 26 38.41 -11.88 -8.49
C TYR E 26 37.82 -13.20 -8.91
N THR E 27 38.69 -14.11 -9.35
CA THR E 27 38.23 -15.44 -9.76
C THR E 27 37.73 -16.24 -8.57
N THR E 28 38.53 -16.29 -7.51
CA THR E 28 38.10 -16.92 -6.30
C THR E 28 36.85 -16.28 -5.67
N ALA E 29 36.75 -14.97 -5.70
CA ALA E 29 35.55 -14.28 -5.18
C ALA E 29 34.30 -14.71 -5.94
N GLY E 30 34.44 -14.91 -7.25
CA GLY E 30 33.33 -15.44 -8.04
C GLY E 30 32.89 -16.83 -7.56
N HIS E 31 33.85 -17.67 -7.22
CA HIS E 31 33.52 -18.98 -6.65
C HIS E 31 32.84 -18.86 -5.24
N VAL E 32 33.32 -17.94 -4.42
CA VAL E 32 32.79 -17.75 -3.07
C VAL E 32 31.36 -17.20 -3.16
N LEU E 33 31.14 -16.29 -4.10
CA LEU E 33 29.78 -15.81 -4.39
C LEU E 33 28.76 -16.93 -4.67
N LEU E 34 29.03 -17.78 -5.65
CA LEU E 34 28.13 -18.90 -5.95
C LEU E 34 28.03 -19.96 -4.85
N ASP E 35 29.17 -20.34 -4.30
CA ASP E 35 29.19 -21.27 -3.18
C ASP E 35 28.32 -20.76 -2.06
N THR E 36 28.54 -19.51 -1.67
CA THR E 36 27.88 -18.95 -0.51
C THR E 36 26.36 -18.90 -0.72
N LEU E 37 25.94 -18.40 -1.88
CA LEU E 37 24.53 -18.29 -2.19
C LEU E 37 23.87 -19.65 -2.27
N GLY E 38 24.60 -20.63 -2.85
CA GLY E 38 24.16 -22.02 -2.79
C GLY E 38 23.92 -22.55 -1.39
N CYS E 39 24.83 -22.24 -0.48
CA CYS E 39 24.66 -22.63 0.95
C CYS E 39 23.39 -22.03 1.52
N GLY E 40 23.15 -20.77 1.17
CA GLY E 40 22.00 -20.01 1.66
C GLY E 40 20.70 -20.61 1.17
N ILE E 41 20.70 -21.04 -0.11
CA ILE E 41 19.50 -21.61 -0.71
C ILE E 41 19.19 -22.98 -0.07
N LEU E 42 20.22 -23.76 0.17
CA LEU E 42 20.05 -25.01 0.90
C LEU E 42 19.44 -24.84 2.28
N ALA E 43 19.86 -23.80 2.98
CA ALA E 43 19.34 -23.50 4.32
C ALA E 43 17.83 -23.24 4.34
N LEU E 44 17.27 -22.82 3.21
CA LEU E 44 15.80 -22.70 3.12
C LEU E 44 15.05 -24.02 3.20
N ARG E 45 15.75 -25.14 3.15
CA ARG E 45 15.17 -26.45 3.44
C ARG E 45 15.05 -26.80 4.92
N TYR E 46 15.54 -25.91 5.78
CA TYR E 46 15.58 -26.15 7.21
C TYR E 46 14.63 -25.19 7.90
N PRO E 47 13.51 -25.71 8.43
CA PRO E 47 12.60 -24.87 9.19
C PRO E 47 13.19 -24.06 10.32
N GLU E 48 14.20 -24.61 11.02
CA GLU E 48 14.80 -23.93 12.16
C GLU E 48 15.52 -22.65 11.68
N CYS E 49 15.94 -22.63 10.43
CA CYS E 49 16.46 -21.41 9.81
C CYS E 49 15.30 -20.51 9.37
N THR E 50 14.43 -21.05 8.55
CA THR E 50 13.31 -20.28 7.94
C THR E 50 12.44 -19.55 8.96
N LYS E 51 12.38 -20.05 10.20
CA LYS E 51 11.53 -19.41 11.25
C LYS E 51 12.04 -18.02 11.66
N LEU E 52 13.31 -17.75 11.39
CA LEU E 52 13.89 -16.45 11.71
C LEU E 52 13.88 -15.46 10.58
N LEU E 53 13.38 -15.86 9.41
CA LEU E 53 13.47 -15.01 8.22
C LEU E 53 12.19 -14.16 8.08
N GLY E 54 12.18 -13.25 7.11
CA GLY E 54 10.97 -12.49 6.80
C GLY E 54 10.99 -11.18 7.55
N PRO E 55 10.01 -10.35 7.26
CA PRO E 55 9.89 -9.08 7.95
C PRO E 55 9.63 -9.28 9.44
N ILE E 56 9.90 -8.26 10.24
CA ILE E 56 9.42 -8.24 11.60
C ILE E 56 7.91 -8.40 11.62
N VAL E 57 7.23 -7.60 10.81
CA VAL E 57 5.78 -7.61 10.78
C VAL E 57 5.31 -8.07 9.43
N PRO E 58 4.59 -9.21 9.39
CA PRO E 58 4.13 -9.69 8.08
C PRO E 58 3.33 -8.61 7.33
N GLY E 59 3.48 -8.56 6.02
CA GLY E 59 2.76 -7.57 5.21
C GLY E 59 3.42 -6.22 5.14
N THR E 60 4.56 -6.05 5.80
CA THR E 60 5.29 -4.80 5.70
C THR E 60 5.71 -4.57 4.26
N THR E 61 5.64 -3.32 3.82
CA THR E 61 5.95 -2.94 2.42
C THR E 61 7.07 -1.91 2.41
N VAL E 62 8.10 -2.18 1.66
CA VAL E 62 9.32 -1.40 1.69
C VAL E 62 9.66 -0.97 0.26
N PRO E 63 9.58 0.32 -0.03
CA PRO E 63 9.98 0.85 -1.31
C PRO E 63 11.41 0.50 -1.65
N ASN E 64 11.61 -0.05 -2.85
CA ASN E 64 12.98 -0.36 -3.34
C ASN E 64 13.73 -1.31 -2.41
N GLY E 65 12.98 -2.14 -1.71
CA GLY E 65 13.52 -3.01 -0.68
C GLY E 65 14.47 -4.08 -1.21
N SER E 66 15.45 -4.45 -0.39
CA SER E 66 16.37 -5.53 -0.74
C SER E 66 15.59 -6.81 -0.81
N LYS E 67 15.82 -7.59 -1.86
CA LYS E 67 15.22 -8.91 -1.98
C LYS E 67 16.07 -10.01 -1.37
N VAL E 68 15.41 -10.99 -0.74
CA VAL E 68 16.09 -12.14 -0.19
C VAL E 68 16.04 -13.31 -1.16
N PRO E 69 17.22 -13.75 -1.65
CA PRO E 69 17.25 -14.84 -2.61
C PRO E 69 16.50 -16.04 -2.13
N GLY E 70 15.76 -16.66 -3.04
CA GLY E 70 15.03 -17.86 -2.71
C GLY E 70 13.64 -17.59 -2.15
N THR E 71 13.31 -16.30 -1.95
CA THR E 71 12.06 -15.95 -1.29
C THR E 71 11.32 -14.81 -2.00
N SER E 72 10.10 -14.55 -1.53
CA SER E 72 9.35 -13.39 -1.96
C SER E 72 9.55 -12.18 -1.03
N TYR E 73 10.47 -12.26 -0.06
CA TYR E 73 10.65 -11.20 0.91
C TYR E 73 11.35 -10.01 0.29
N VAL E 74 10.77 -8.84 0.53
CA VAL E 74 11.32 -7.56 0.09
C VAL E 74 11.41 -6.69 1.35
N LEU E 75 12.64 -6.46 1.81
CA LEU E 75 12.91 -5.95 3.18
C LEU E 75 13.75 -4.70 3.18
N ASP E 76 13.78 -3.99 4.31
CA ASP E 76 14.80 -2.95 4.49
C ASP E 76 16.18 -3.61 4.49
N PRO E 77 17.25 -2.85 4.15
CA PRO E 77 18.55 -3.51 3.96
C PRO E 77 19.19 -4.09 5.21
N VAL E 78 18.87 -3.55 6.38
CA VAL E 78 19.37 -4.12 7.68
C VAL E 78 18.75 -5.52 7.93
N ARG E 79 17.44 -5.60 7.84
CA ARG E 79 16.77 -6.86 7.96
C ARG E 79 17.15 -7.90 6.87
N ALA E 80 17.32 -7.43 5.62
CA ALA E 80 17.69 -8.34 4.56
C ALA E 80 19.08 -8.89 4.79
N ALA E 81 19.98 -8.03 5.28
CA ALA E 81 21.34 -8.43 5.64
C ALA E 81 21.31 -9.55 6.69
N PHE E 82 20.39 -9.44 7.67
CA PHE E 82 20.21 -10.54 8.63
C PHE E 82 19.71 -11.84 7.96
N ASN E 83 18.67 -11.72 7.15
CA ASN E 83 18.10 -12.88 6.43
C ASN E 83 19.13 -13.62 5.59
N ILE E 84 19.84 -12.88 4.76
CA ILE E 84 20.85 -13.46 3.91
C ILE E 84 21.97 -14.10 4.73
N GLY E 85 22.43 -13.41 5.74
CA GLY E 85 23.62 -13.85 6.50
C GLY E 85 23.28 -15.04 7.35
N CYS E 86 22.07 -15.06 7.87
CA CYS E 86 21.53 -16.21 8.57
C CYS E 86 21.49 -17.46 7.66
N MET E 87 20.99 -17.28 6.46
CA MET E 87 20.87 -18.39 5.48
C MET E 87 22.26 -18.95 5.13
N ILE E 88 23.16 -18.09 4.72
CA ILE E 88 24.44 -18.52 4.13
C ILE E 88 25.37 -19.22 5.11
N ARG E 89 25.20 -18.93 6.39
CA ARG E 89 26.00 -19.53 7.44
C ARG E 89 25.35 -20.74 8.10
N TRP E 90 24.05 -20.89 7.94
CA TRP E 90 23.22 -21.75 8.82
C TRP E 90 23.77 -23.17 8.97
N LEU E 91 24.11 -23.78 7.86
CA LEU E 91 24.44 -25.22 7.84
C LEU E 91 25.93 -25.59 8.04
N ASP E 92 26.76 -24.59 8.24
CA ASP E 92 28.21 -24.80 8.48
C ASP E 92 28.86 -25.33 7.21
N TYR E 93 28.42 -24.79 6.09
CA TYR E 93 28.79 -25.31 4.78
C TYR E 93 29.57 -24.25 4.00
N ASN E 94 29.66 -23.02 4.52
CA ASN E 94 30.25 -21.90 3.77
C ASN E 94 31.77 -21.76 3.99
N ASP E 95 32.37 -20.75 3.40
CA ASP E 95 33.83 -20.66 3.39
C ASP E 95 34.39 -20.30 4.75
N THR E 96 35.70 -20.40 4.89
CA THR E 96 36.32 -20.40 6.21
C THR E 96 37.75 -19.80 6.11
N TRP E 97 38.19 -19.18 7.19
CA TRP E 97 39.55 -18.64 7.28
C TRP E 97 40.03 -18.90 8.69
N LEU E 98 41.19 -19.51 8.84
CA LEU E 98 41.67 -19.96 10.16
C LEU E 98 43.04 -19.38 10.44
N ALA E 99 43.19 -18.66 11.56
CA ALA E 99 44.52 -18.23 12.03
C ALA E 99 44.54 -18.11 13.55
N ALA E 100 44.93 -16.96 14.11
CA ALA E 100 44.76 -16.75 15.54
C ALA E 100 43.26 -16.73 15.88
N GLU E 101 42.45 -16.16 14.97
CA GLU E 101 41.00 -16.19 15.10
C GLU E 101 40.41 -17.06 14.01
N TRP E 102 39.26 -17.64 14.31
CA TRP E 102 38.53 -18.47 13.36
C TRP E 102 37.40 -17.64 12.77
N GLY E 103 36.93 -18.00 11.58
CA GLY E 103 35.73 -17.37 11.07
C GLY E 103 35.41 -17.75 9.64
N HIS E 104 34.38 -17.08 9.13
CA HIS E 104 33.80 -17.39 7.83
C HIS E 104 33.51 -16.09 7.10
N PRO E 105 34.51 -15.60 6.37
CA PRO E 105 34.38 -14.25 5.86
C PRO E 105 33.31 -14.06 4.78
N SER E 106 32.86 -15.17 4.19
CA SER E 106 31.69 -15.14 3.31
C SER E 106 30.42 -14.65 3.98
N ASP E 107 30.38 -14.71 5.32
CA ASP E 107 29.31 -14.13 6.16
C ASP E 107 29.04 -12.66 5.90
N ASN E 108 30.08 -11.93 5.53
CA ASN E 108 29.93 -10.56 5.09
C ASN E 108 29.06 -10.31 3.86
N LEU E 109 28.88 -11.35 3.05
CA LEU E 109 28.00 -11.25 1.90
C LEU E 109 26.56 -10.84 2.26
N GLY E 110 26.12 -11.20 3.46
CA GLY E 110 24.79 -10.78 3.92
C GLY E 110 24.62 -9.27 3.78
N GLY E 111 25.55 -8.54 4.39
CA GLY E 111 25.48 -7.09 4.43
C GLY E 111 25.80 -6.55 3.06
N ILE E 112 26.75 -7.16 2.37
CA ILE E 112 27.21 -6.60 1.09
C ILE E 112 26.06 -6.65 0.08
N LEU E 113 25.47 -7.82 -0.03
CA LEU E 113 24.49 -8.07 -1.06
C LEU E 113 23.22 -7.29 -0.75
N ALA E 114 22.81 -7.28 0.53
CA ALA E 114 21.64 -6.51 0.90
C ALA E 114 21.80 -5.02 0.59
N ALA E 115 22.95 -4.47 0.96
CA ALA E 115 23.20 -3.07 0.73
C ALA E 115 23.33 -2.73 -0.75
N ALA E 116 24.08 -3.55 -1.48
CA ALA E 116 24.29 -3.34 -2.92
C ALA E 116 23.00 -3.44 -3.72
N ASP E 117 22.14 -4.37 -3.33
CA ASP E 117 20.83 -4.53 -3.94
C ASP E 117 19.99 -3.28 -3.68
N TYR E 118 19.90 -2.86 -2.41
CA TYR E 118 19.08 -1.70 -2.03
C TYR E 118 19.56 -0.44 -2.80
N VAL E 119 20.85 -0.21 -2.77
CA VAL E 119 21.42 0.94 -3.44
C VAL E 119 21.11 0.89 -4.94
N SER E 120 21.21 -0.30 -5.51
CA SER E 120 20.88 -0.49 -6.94
C SER E 120 19.41 -0.16 -7.29
N ARG E 121 18.49 -0.62 -6.46
CA ARG E 121 17.07 -0.39 -6.68
C ARG E 121 16.73 1.08 -6.50
N VAL E 122 17.34 1.72 -5.50
CA VAL E 122 17.08 3.14 -5.27
C VAL E 122 17.60 3.94 -6.48
N ARG E 123 18.83 3.66 -6.86
CA ARG E 123 19.40 4.32 -8.06
C ARG E 123 18.52 4.22 -9.29
N LEU E 124 18.09 3.01 -9.56
CA LEU E 124 17.19 2.71 -10.68
C LEU E 124 15.91 3.51 -10.61
N SER E 125 15.33 3.64 -9.42
CA SER E 125 14.13 4.48 -9.23
C SER E 125 14.40 5.98 -9.46
N GLU E 126 15.64 6.41 -9.28
CA GLU E 126 16.01 7.81 -9.50
C GLU E 126 16.48 8.09 -10.92
N GLY E 127 16.35 7.09 -11.78
CA GLY E 127 16.89 7.15 -13.13
C GLY E 127 18.40 7.02 -13.31
N LYS E 128 19.08 6.44 -12.32
CA LYS E 128 20.55 6.28 -12.35
C LYS E 128 21.00 4.83 -12.57
N GLU E 129 22.31 4.64 -12.63
CA GLU E 129 22.89 3.37 -12.99
C GLU E 129 23.07 2.50 -11.77
N PRO E 130 22.54 1.29 -11.77
CA PRO E 130 22.75 0.40 -10.62
C PRO E 130 24.19 -0.11 -10.51
N LEU E 131 24.53 -0.71 -9.38
CA LEU E 131 25.82 -1.37 -9.23
C LEU E 131 25.82 -2.67 -10.02
N THR E 132 27.01 -3.25 -10.18
CA THR E 132 27.16 -4.51 -10.87
C THR E 132 27.71 -5.56 -9.94
N VAL E 133 27.67 -6.80 -10.40
CA VAL E 133 28.20 -7.92 -9.63
C VAL E 133 29.70 -7.77 -9.37
N ARG E 134 30.44 -7.17 -10.31
CA ARG E 134 31.86 -6.89 -10.03
C ARG E 134 32.05 -6.04 -8.76
N ASP E 135 31.17 -5.05 -8.53
CA ASP E 135 31.23 -4.24 -7.30
C ASP E 135 31.07 -5.11 -6.04
N VAL E 136 30.12 -6.01 -6.11
CA VAL E 136 29.92 -6.99 -5.07
C VAL E 136 31.22 -7.77 -4.86
N LEU E 137 31.84 -8.23 -5.94
CA LEU E 137 33.03 -9.05 -5.81
C LEU E 137 34.14 -8.27 -5.14
N GLU E 138 34.29 -7.02 -5.54
CA GLU E 138 35.35 -6.17 -4.94
C GLU E 138 35.12 -5.98 -3.45
N MET E 139 33.87 -5.72 -3.09
CA MET E 139 33.54 -5.55 -1.69
C MET E 139 33.73 -6.82 -0.86
N MET E 140 33.44 -7.99 -1.44
CA MET E 140 33.78 -9.28 -0.82
C MET E 140 35.27 -9.47 -0.58
N ILE E 141 36.07 -9.06 -1.56
CA ILE E 141 37.51 -9.20 -1.43
C ILE E 141 38.02 -8.37 -0.26
N LYS E 142 37.52 -7.15 -0.18
CA LYS E 142 37.91 -6.25 0.87
C LYS E 142 37.37 -6.63 2.27
N ALA E 143 36.14 -7.13 2.32
CA ALA E 143 35.60 -7.66 3.58
C ALA E 143 36.40 -8.83 4.08
N HIS E 144 36.70 -9.76 3.19
CA HIS E 144 37.54 -10.90 3.51
C HIS E 144 38.88 -10.45 4.03
N GLU E 145 39.46 -9.46 3.36
CA GLU E 145 40.77 -8.95 3.76
C GLU E 145 40.78 -8.32 5.14
N ILE E 146 39.79 -7.48 5.41
CA ILE E 146 39.67 -6.89 6.73
C ILE E 146 39.48 -7.94 7.83
N GLN E 147 38.47 -8.80 7.69
CA GLN E 147 38.20 -9.76 8.72
C GLN E 147 39.37 -10.74 8.85
N GLY E 148 39.93 -11.16 7.74
CA GLY E 148 40.98 -12.21 7.74
C GLY E 148 42.34 -11.71 8.20
N VAL E 149 42.68 -10.46 7.89
CA VAL E 149 43.93 -9.87 8.37
C VAL E 149 43.82 -9.48 9.84
N LEU E 150 42.65 -9.01 10.28
CA LEU E 150 42.43 -8.96 11.71
C LEU E 150 42.64 -10.30 12.41
N ALA E 151 42.15 -11.37 11.79
CA ALA E 151 42.22 -12.70 12.39
C ALA E 151 43.65 -13.28 12.48
N LEU E 152 44.59 -12.76 11.67
CA LEU E 152 45.95 -13.27 11.68
C LEU E 152 46.61 -13.25 13.05
N GLU E 153 46.50 -12.11 13.74
CA GLU E 153 47.21 -11.93 14.99
C GLU E 153 46.35 -11.58 16.19
N ASN E 154 45.05 -11.40 16.01
CA ASN E 154 44.20 -11.03 17.15
C ASN E 154 43.24 -12.14 17.48
N SER E 155 43.40 -12.73 18.65
CA SER E 155 42.54 -13.84 19.05
C SER E 155 41.44 -13.38 19.98
N LEU E 156 40.23 -13.36 19.45
CA LEU E 156 39.10 -12.96 20.28
C LEU E 156 38.69 -14.14 21.12
N ASN E 157 38.90 -15.34 20.60
CA ASN E 157 38.52 -16.53 21.31
C ASN E 157 39.35 -16.68 22.61
N ARG E 158 40.57 -16.16 22.63
CA ARG E 158 41.43 -16.24 23.86
C ARG E 158 41.05 -15.27 24.95
N VAL E 159 40.18 -14.31 24.63
CA VAL E 159 39.57 -13.47 25.63
C VAL E 159 38.05 -13.67 25.71
N GLY E 160 37.58 -14.82 25.23
CA GLY E 160 36.21 -15.28 25.47
C GLY E 160 35.15 -14.65 24.59
N LEU E 161 35.56 -14.04 23.49
CA LEU E 161 34.63 -13.32 22.61
C LEU E 161 34.47 -14.03 21.26
N ASP E 162 33.30 -13.88 20.64
CA ASP E 162 33.03 -14.50 19.38
C ASP E 162 33.68 -13.74 18.22
N HIS E 163 33.97 -14.47 17.17
CA HIS E 163 34.72 -13.94 16.01
C HIS E 163 33.87 -13.00 15.15
N VAL E 164 32.57 -12.96 15.42
CA VAL E 164 31.66 -12.15 14.59
C VAL E 164 31.83 -10.65 14.72
N LEU E 165 32.49 -10.19 15.80
CA LEU E 165 32.99 -8.83 15.85
C LEU E 165 33.78 -8.39 14.59
N PHE E 166 34.61 -9.27 14.05
CA PHE E 166 35.35 -8.94 12.83
C PHE E 166 34.47 -8.94 11.60
N VAL E 167 33.36 -9.68 11.63
CA VAL E 167 32.33 -9.53 10.59
C VAL E 167 31.69 -8.17 10.67
N LYS E 168 31.30 -7.75 11.89
CA LYS E 168 30.64 -6.48 12.04
C LYS E 168 31.56 -5.34 11.56
N VAL E 169 32.83 -5.46 11.91
CA VAL E 169 33.80 -4.47 11.53
C VAL E 169 33.90 -4.43 10.02
N ALA E 170 34.08 -5.58 9.39
CA ALA E 170 34.41 -5.63 7.93
C ALA E 170 33.20 -5.19 7.14
N THR E 171 32.03 -5.66 7.55
CA THR E 171 30.80 -5.22 6.92
C THR E 171 30.57 -3.71 7.05
N THR E 172 30.80 -3.17 8.26
CA THR E 172 30.49 -1.80 8.49
C THR E 172 31.27 -0.94 7.49
N ALA E 173 32.54 -1.25 7.33
CA ALA E 173 33.39 -0.47 6.42
C ALA E 173 32.94 -0.57 4.97
N VAL E 174 32.71 -1.79 4.48
CA VAL E 174 32.37 -1.97 3.05
C VAL E 174 30.92 -1.52 2.75
N ALA E 175 30.02 -1.72 3.73
CA ALA E 175 28.69 -1.14 3.63
C ALA E 175 28.70 0.37 3.60
N ALA E 176 29.48 0.98 4.47
CA ALA E 176 29.49 2.44 4.51
C ALA E 176 29.94 3.00 3.14
N LYS E 177 30.91 2.32 2.51
CA LYS E 177 31.39 2.72 1.19
C LYS E 177 30.33 2.52 0.12
N LEU E 178 29.67 1.37 0.12
CA LEU E 178 28.57 1.12 -0.82
C LEU E 178 27.47 2.15 -0.74
N LEU E 179 27.16 2.57 0.49
CA LEU E 179 26.09 3.49 0.75
C LEU E 179 26.51 4.95 0.49
N GLY E 180 27.73 5.17 0.02
CA GLY E 180 28.19 6.48 -0.45
C GLY E 180 28.99 7.25 0.58
N GLY E 181 29.45 6.57 1.64
CA GLY E 181 30.12 7.30 2.74
C GLY E 181 31.51 7.68 2.30
N GLY E 182 31.99 8.81 2.80
CA GLY E 182 33.39 9.20 2.68
C GLY E 182 34.22 8.79 3.89
N ARG E 183 35.42 9.36 3.98
CA ARG E 183 36.42 8.93 4.95
C ARG E 183 35.92 9.13 6.39
N GLU E 184 35.28 10.27 6.67
CA GLU E 184 34.77 10.52 8.00
C GLU E 184 33.69 9.52 8.42
N GLU E 185 32.76 9.24 7.52
CA GLU E 185 31.62 8.37 7.80
C GLU E 185 32.06 6.94 8.03
N ILE E 186 33.03 6.49 7.24
CA ILE E 186 33.59 5.16 7.39
C ILE E 186 34.31 5.04 8.70
N LYS E 187 35.14 6.01 9.03
CA LYS E 187 35.90 6.01 10.27
C LYS E 187 34.93 5.98 11.44
N ASN E 188 33.92 6.84 11.37
CA ASN E 188 32.93 6.91 12.46
C ASN E 188 32.10 5.66 12.66
N ALA E 189 31.70 5.03 11.56
CA ALA E 189 31.02 3.77 11.67
C ALA E 189 31.94 2.71 12.32
N LEU E 190 33.16 2.59 11.82
CA LEU E 190 34.15 1.64 12.38
C LEU E 190 34.36 1.81 13.86
N SER E 191 34.44 3.05 14.30
CA SER E 191 34.65 3.30 15.72
C SER E 191 33.43 2.84 16.55
N ASN E 192 32.24 2.97 15.97
CA ASN E 192 31.01 2.52 16.63
C ASN E 192 30.84 0.99 16.64
N ALA E 193 31.46 0.32 15.66
CA ALA E 193 31.51 -1.12 15.60
C ALA E 193 32.43 -1.68 16.70
N TRP E 194 33.55 -1.01 16.96
CA TRP E 194 34.51 -1.51 17.96
C TRP E 194 33.98 -1.34 19.39
N ILE E 195 33.23 -0.27 19.59
CA ILE E 195 32.60 0.03 20.88
C ILE E 195 31.36 -0.83 21.19
N ASP E 196 30.81 -1.46 20.17
CA ASP E 196 29.54 -2.12 20.22
C ASP E 196 29.74 -3.43 21.04
N ASN E 197 30.96 -3.61 21.51
CA ASN E 197 31.61 -4.89 21.49
C ASN E 197 31.14 -5.75 22.66
N ALA E 198 30.42 -6.81 22.31
CA ALA E 198 30.99 -7.88 21.39
C ALA E 198 30.46 -9.22 21.91
N ALA E 199 29.78 -10.03 21.09
CA ALA E 199 28.99 -11.16 21.64
C ALA E 199 29.92 -12.20 22.22
N LEU E 200 29.49 -12.87 23.27
CA LEU E 200 30.25 -14.04 23.77
C LEU E 200 30.24 -15.17 22.74
N ARG E 201 31.03 -16.21 22.99
CA ARG E 201 30.95 -17.44 22.16
C ARG E 201 30.44 -18.65 22.93
N THR E 202 29.67 -18.38 23.99
CA THR E 202 29.06 -19.44 24.81
C THR E 202 28.30 -20.51 23.99
N TYR E 203 27.59 -20.04 22.95
CA TYR E 203 26.76 -20.87 22.05
C TYR E 203 27.53 -21.71 21.07
N ARG E 204 28.84 -21.57 21.04
CA ARG E 204 29.69 -22.44 20.21
C ARG E 204 30.37 -23.56 20.99
N HIS E 205 30.13 -23.62 22.29
CA HIS E 205 30.79 -24.52 23.18
C HIS E 205 29.89 -25.31 24.09
N SER E 206 30.39 -26.47 24.50
CA SER E 206 29.81 -27.27 25.53
C SER E 206 29.73 -26.45 26.85
N PRO E 207 28.68 -26.63 27.65
CA PRO E 207 27.52 -27.47 27.42
C PRO E 207 26.35 -26.72 26.74
N ASN E 208 26.61 -25.57 26.15
CA ASN E 208 25.54 -24.69 25.63
C ASN E 208 25.41 -24.62 24.11
N THR E 209 26.20 -25.40 23.38
CA THR E 209 26.22 -25.33 21.93
C THR E 209 24.79 -25.32 21.38
N GLY E 210 24.50 -24.36 20.54
CA GLY E 210 23.14 -24.27 19.96
C GLY E 210 23.08 -23.53 18.63
N SER E 211 21.85 -23.22 18.22
CA SER E 211 21.63 -22.72 16.87
C SER E 211 22.04 -21.26 16.72
N ARG E 212 22.31 -20.55 17.82
CA ARG E 212 22.91 -19.20 17.66
C ARG E 212 24.26 -19.23 16.93
N LYS E 213 24.94 -20.40 16.93
CA LYS E 213 26.17 -20.54 16.13
C LYS E 213 25.89 -20.27 14.66
N SER E 214 24.64 -20.51 14.26
CA SER E 214 24.25 -20.42 12.87
C SER E 214 23.85 -19.02 12.47
N TRP E 215 23.28 -18.25 13.40
CA TRP E 215 22.81 -16.92 13.07
C TRP E 215 23.60 -15.75 13.60
N PRO E 216 24.66 -15.99 14.41
CA PRO E 216 25.36 -14.86 14.96
C PRO E 216 26.02 -13.97 13.92
N ALA E 217 26.52 -14.55 12.84
CA ALA E 217 27.22 -13.76 11.85
C ALA E 217 26.24 -12.92 11.03
N GLY E 218 25.06 -13.47 10.74
CA GLY E 218 23.93 -12.71 10.22
C GLY E 218 23.51 -11.51 11.03
N ASP E 219 23.50 -11.70 12.33
CA ASP E 219 23.19 -10.66 13.25
C ASP E 219 24.31 -9.58 13.24
N ALA E 220 25.56 -10.01 13.13
CA ALA E 220 26.69 -9.09 13.09
C ALA E 220 26.79 -8.29 11.77
N THR E 221 26.51 -8.97 10.63
CA THR E 221 26.63 -8.31 9.32
C THR E 221 25.49 -7.32 9.18
N SER E 222 24.30 -7.73 9.62
CA SER E 222 23.19 -6.81 9.75
C SER E 222 23.56 -5.55 10.55
N ARG E 223 24.08 -5.77 11.75
CA ARG E 223 24.46 -4.68 12.63
C ARG E 223 25.43 -3.71 11.93
N GLY E 224 26.35 -4.25 11.18
CA GLY E 224 27.30 -3.44 10.42
C GLY E 224 26.61 -2.51 9.46
N VAL E 225 25.62 -3.04 8.75
CA VAL E 225 24.85 -2.24 7.82
C VAL E 225 24.15 -1.13 8.61
N HIS E 226 23.59 -1.49 9.75
CA HIS E 226 22.85 -0.55 10.53
C HIS E 226 23.77 0.59 10.98
N LEU E 227 24.91 0.24 11.51
CA LEU E 227 25.90 1.25 11.95
C LEU E 227 26.41 2.11 10.82
N ALA E 228 26.60 1.54 9.64
CA ALA E 228 26.90 2.31 8.45
C ALA E 228 25.82 3.35 8.08
N LEU E 229 24.54 2.97 8.13
CA LEU E 229 23.42 3.90 7.87
C LEU E 229 23.36 5.02 8.85
N MET E 230 23.61 4.73 10.13
CA MET E 230 23.65 5.80 11.11
C MET E 230 24.72 6.79 10.72
N SER E 231 25.88 6.24 10.38
CA SER E 231 27.04 7.09 10.09
C SER E 231 26.78 8.03 8.90
N LEU E 232 25.98 7.56 7.95
CA LEU E 232 25.57 8.38 6.76
C LEU E 232 24.63 9.53 7.07
N LYS E 233 23.98 9.48 8.23
CA LYS E 233 23.19 10.56 8.75
C LYS E 233 24.07 11.60 9.42
N GLY E 234 25.36 11.28 9.56
CA GLY E 234 26.34 12.14 10.20
C GLY E 234 26.57 11.84 11.68
N GLU E 235 26.13 10.68 12.18
CA GLU E 235 26.31 10.39 13.60
C GLU E 235 27.81 10.30 13.89
N MET E 236 28.20 10.90 15.00
CA MET E 236 29.64 11.06 15.30
C MET E 236 30.30 9.75 15.71
N GLY E 237 31.64 9.74 15.56
CA GLY E 237 32.47 8.61 15.95
C GLY E 237 33.26 8.88 17.20
N TYR E 238 34.18 7.96 17.47
CA TYR E 238 34.88 7.82 18.76
C TYR E 238 36.32 7.52 18.44
N PRO E 239 37.13 8.58 18.26
CA PRO E 239 38.44 8.43 17.67
C PRO E 239 39.39 7.42 18.36
N THR E 240 39.32 7.34 19.68
CA THR E 240 40.17 6.41 20.43
C THR E 240 39.34 5.25 21.01
N ALA E 241 38.43 4.77 20.19
CA ALA E 241 37.57 3.63 20.55
C ALA E 241 38.42 2.42 20.95
N LEU E 242 39.54 2.18 20.28
CA LEU E 242 40.43 1.07 20.60
C LEU E 242 41.38 1.35 21.79
N SER E 243 42.00 2.53 21.76
CA SER E 243 43.12 2.85 22.64
C SER E 243 42.80 3.69 23.88
N ALA E 244 41.58 4.21 24.03
CA ALA E 244 41.30 5.04 25.21
C ALA E 244 41.66 4.33 26.50
N PRO E 245 42.47 4.98 27.35
CA PRO E 245 42.80 4.35 28.63
C PRO E 245 41.58 4.02 29.46
N GLY E 246 41.53 2.81 30.00
CA GLY E 246 40.50 2.44 30.98
C GLY E 246 39.21 2.03 30.27
N TRP E 247 38.77 2.81 29.29
CA TRP E 247 37.39 2.64 28.77
C TRP E 247 37.35 2.16 27.31
N GLY E 248 38.50 2.18 26.64
CA GLY E 248 38.64 1.65 25.28
C GLY E 248 38.56 0.13 25.16
N PHE E 249 38.38 -0.35 23.93
CA PHE E 249 38.24 -1.79 23.65
C PHE E 249 39.45 -2.58 24.19
N GLN E 250 40.63 -2.08 23.89
CA GLN E 250 41.87 -2.75 24.27
C GLN E 250 42.00 -2.95 25.75
N ASP E 251 41.76 -1.89 26.52
CA ASP E 251 41.86 -2.05 27.98
C ASP E 251 40.73 -2.87 28.59
N VAL E 252 39.51 -2.74 28.05
CA VAL E 252 38.38 -3.44 28.65
C VAL E 252 38.31 -4.91 28.27
N LEU E 253 38.50 -5.21 26.99
CA LEU E 253 38.16 -6.52 26.46
C LEU E 253 39.35 -7.34 25.93
N PHE E 254 40.45 -6.66 25.65
CA PHE E 254 41.54 -7.31 24.99
C PHE E 254 42.80 -7.40 25.86
N ASN E 255 42.63 -7.38 27.18
CA ASN E 255 43.74 -7.53 28.16
C ASN E 255 44.87 -6.48 28.03
N LYS E 256 44.47 -5.27 27.69
CA LYS E 256 45.36 -4.15 27.41
C LYS E 256 46.27 -4.23 26.19
N LYS E 257 46.13 -5.27 25.40
CA LYS E 257 46.96 -5.46 24.19
C LYS E 257 46.44 -4.65 23.01
N GLU E 258 47.33 -4.31 22.09
CA GLU E 258 46.95 -3.63 20.86
C GLU E 258 46.34 -4.58 19.84
N ILE E 259 45.22 -4.16 19.23
CA ILE E 259 44.71 -4.75 18.03
C ILE E 259 45.63 -4.41 16.85
N LYS E 260 46.07 -5.43 16.14
CA LYS E 260 47.10 -5.21 15.09
C LYS E 260 46.66 -5.73 13.76
N LEU E 261 47.15 -5.09 12.70
CA LEU E 261 47.05 -5.61 11.36
C LEU E 261 48.40 -6.20 10.91
N ALA E 262 48.46 -7.51 10.81
CA ALA E 262 49.72 -8.26 10.67
C ALA E 262 50.37 -8.09 9.31
N ARG E 263 49.61 -7.62 8.34
CA ARG E 263 50.17 -7.25 7.04
C ARG E 263 49.32 -6.14 6.45
N PRO E 264 49.87 -5.40 5.45
CA PRO E 264 49.07 -4.46 4.68
C PRO E 264 47.88 -5.14 4.00
N LEU E 265 46.82 -4.37 3.89
CA LEU E 265 45.59 -4.89 3.37
C LEU E 265 45.61 -4.92 1.83
N ASP E 266 45.36 -6.07 1.25
CA ASP E 266 45.25 -6.21 -0.20
C ASP E 266 44.26 -7.31 -0.63
N ALA E 267 44.75 -8.44 -1.14
CA ALA E 267 43.85 -9.58 -1.50
C ALA E 267 44.27 -10.94 -1.02
N TYR E 268 45.10 -10.98 0.01
CA TYR E 268 45.69 -12.25 0.50
C TYR E 268 44.65 -13.22 1.03
N VAL E 269 43.65 -12.71 1.75
CA VAL E 269 42.67 -13.62 2.34
C VAL E 269 41.82 -14.31 1.28
N MET E 270 41.27 -13.55 0.36
CA MET E 270 40.40 -14.14 -0.66
C MET E 270 41.21 -15.15 -1.48
N GLU E 271 42.46 -14.82 -1.77
CA GLU E 271 43.32 -15.77 -2.54
C GLU E 271 43.52 -17.11 -1.83
N ASN E 272 43.55 -17.07 -0.50
CA ASN E 272 43.88 -18.23 0.33
C ASN E 272 42.70 -18.78 1.14
N VAL E 273 41.48 -18.48 0.70
CA VAL E 273 40.31 -18.86 1.46
C VAL E 273 40.09 -20.36 1.41
N LEU E 274 39.43 -20.91 2.44
CA LEU E 274 39.08 -22.33 2.52
C LEU E 274 37.60 -22.57 2.18
N PHE E 275 37.33 -23.56 1.36
CA PHE E 275 35.96 -24.00 1.05
C PHE E 275 35.61 -25.28 1.79
N LYS E 276 34.32 -25.47 2.05
CA LYS E 276 33.81 -26.76 2.47
C LYS E 276 33.12 -27.46 1.32
N VAL E 277 33.89 -28.25 0.59
CA VAL E 277 33.46 -28.64 -0.78
C VAL E 277 32.46 -29.77 -0.78
N SER E 278 32.64 -30.69 0.17
CA SER E 278 31.91 -31.93 0.14
C SER E 278 30.89 -32.08 1.25
N TYR E 279 31.22 -31.58 2.45
CA TYR E 279 30.43 -31.90 3.64
C TYR E 279 30.14 -30.62 4.41
N PRO E 280 28.88 -30.42 4.84
CA PRO E 280 28.73 -29.49 5.94
C PRO E 280 29.18 -30.09 7.27
N ALA E 281 29.99 -29.33 7.98
CA ALA E 281 30.61 -29.77 9.22
C ALA E 281 31.52 -28.65 9.68
N GLU E 282 31.72 -28.54 11.00
CA GLU E 282 32.71 -27.61 11.50
C GLU E 282 34.09 -27.85 10.87
N PHE E 283 34.79 -26.78 10.54
CA PHE E 283 35.91 -26.92 9.64
C PHE E 283 37.00 -27.82 10.21
N HIS E 284 37.15 -27.80 11.53
CA HIS E 284 38.28 -28.46 12.19
C HIS E 284 38.09 -29.95 12.16
N ALA E 285 36.89 -30.40 11.73
CA ALA E 285 36.62 -31.83 11.50
C ALA E 285 36.64 -32.24 10.04
N GLN E 286 36.82 -31.27 9.15
CA GLN E 286 36.72 -31.61 7.69
C GLN E 286 37.67 -32.75 7.24
N THR E 287 38.92 -32.70 7.68
CA THR E 287 39.88 -33.74 7.30
C THR E 287 39.65 -35.07 7.96
N ALA E 288 39.03 -35.04 9.15
CA ALA E 288 38.63 -36.28 9.84
C ALA E 288 37.50 -36.93 9.08
N ALA E 289 36.55 -36.09 8.63
CA ALA E 289 35.47 -36.55 7.73
C ALA E 289 36.02 -37.19 6.45
N GLU E 290 37.00 -36.57 5.80
CA GLU E 290 37.64 -37.19 4.61
C GLU E 290 38.28 -38.54 4.90
N SER E 291 39.00 -38.64 6.01
CA SER E 291 39.66 -39.87 6.41
C SER E 291 38.66 -40.96 6.78
N ALA E 292 37.63 -40.60 7.53
CA ALA E 292 36.53 -41.52 7.89
C ALA E 292 35.85 -42.14 6.67
N VAL E 293 35.59 -41.30 5.68
CA VAL E 293 34.98 -41.75 4.44
C VAL E 293 35.90 -42.75 3.72
N ILE E 294 37.19 -42.45 3.64
CA ILE E 294 38.18 -43.44 3.15
C ILE E 294 38.09 -44.79 3.88
N LEU E 295 38.00 -44.74 5.21
CA LEU E 295 37.93 -45.97 6.01
C LEU E 295 36.59 -46.71 5.96
N HIS E 296 35.54 -46.01 5.56
CA HIS E 296 34.18 -46.55 5.63
C HIS E 296 34.02 -47.98 5.02
N PRO E 297 34.54 -48.23 3.79
CA PRO E 297 34.42 -49.58 3.20
C PRO E 297 35.05 -50.68 4.04
N GLN E 298 36.14 -50.35 4.73
CA GLN E 298 36.81 -51.29 5.62
C GLN E 298 36.08 -51.56 6.91
N VAL E 299 35.09 -50.73 7.27
CA VAL E 299 34.41 -50.95 8.54
C VAL E 299 32.94 -51.27 8.41
N LYS E 300 32.34 -51.01 7.25
CA LYS E 300 30.86 -50.86 7.19
C LYS E 300 30.11 -52.15 7.56
N ASN E 301 30.75 -53.31 7.34
CA ASN E 301 30.17 -54.62 7.68
C ASN E 301 30.75 -55.22 8.95
N ARG E 302 31.56 -54.43 9.65
CA ARG E 302 32.24 -54.89 10.86
C ARG E 302 32.05 -53.98 12.02
N ILE E 303 31.21 -52.98 11.80
CA ILE E 303 30.92 -52.07 12.87
C ILE E 303 30.59 -53.17 13.85
N ASP E 304 30.79 -52.90 15.11
CA ASP E 304 30.46 -53.94 16.10
C ASP E 304 31.63 -54.83 16.41
N GLU E 305 32.50 -55.08 15.44
CA GLU E 305 33.84 -55.59 15.78
C GLU E 305 34.85 -54.52 16.19
N ILE E 306 34.44 -53.26 16.07
CA ILE E 306 35.33 -52.15 16.41
C ILE E 306 35.56 -52.15 17.90
N ASP E 307 36.83 -52.07 18.27
CA ASP E 307 37.23 -52.03 19.64
C ASP E 307 37.48 -50.57 20.03
N ARG E 308 38.31 -49.87 19.26
CA ARG E 308 38.57 -48.47 19.50
C ARG E 308 38.97 -47.74 18.26
N VAL E 309 38.77 -46.43 18.32
CA VAL E 309 39.03 -45.56 17.19
C VAL E 309 39.94 -44.45 17.68
N VAL E 310 41.10 -44.33 17.06
CA VAL E 310 42.04 -43.29 17.41
C VAL E 310 41.94 -42.13 16.46
N ILE E 311 41.80 -40.94 17.04
CA ILE E 311 41.75 -39.71 16.25
C ILE E 311 42.86 -38.78 16.73
N ARG E 312 43.74 -38.42 15.81
CA ARG E 312 44.84 -37.53 16.13
C ARG E 312 44.54 -36.22 15.47
N THR E 313 44.63 -35.12 16.22
CA THR E 313 44.08 -33.85 15.78
C THR E 313 44.93 -32.67 16.27
N HIS E 314 44.48 -31.46 15.97
CA HIS E 314 45.22 -30.22 16.31
C HIS E 314 44.47 -29.45 17.39
N GLU E 315 45.09 -28.42 17.90
CA GLU E 315 44.66 -27.85 19.17
C GLU E 315 43.28 -27.18 19.07
N SER E 316 43.02 -26.48 17.97
CA SER E 316 41.74 -25.75 17.80
C SER E 316 40.56 -26.70 17.83
N ALA E 317 40.71 -27.86 17.21
CA ALA E 317 39.68 -28.92 17.30
C ALA E 317 39.38 -29.36 18.74
N ILE E 318 40.43 -29.58 19.52
CA ILE E 318 40.31 -29.87 20.94
C ILE E 318 39.60 -28.76 21.72
N ARG E 319 39.88 -27.51 21.38
CA ARG E 319 39.27 -26.41 22.07
C ARG E 319 37.78 -26.22 21.72
N ILE E 320 37.35 -26.62 20.53
CA ILE E 320 35.98 -26.29 20.09
C ILE E 320 35.04 -27.52 20.01
N ILE E 321 35.53 -28.57 19.37
CA ILE E 321 34.65 -29.69 18.91
C ILE E 321 34.97 -31.08 19.50
N ASP E 322 35.83 -31.13 20.51
CA ASP E 322 36.10 -32.37 21.22
C ASP E 322 35.14 -32.55 22.37
N LYS E 323 34.18 -33.44 22.18
CA LYS E 323 33.09 -33.62 23.17
C LYS E 323 32.77 -35.08 23.39
N LYS E 324 32.49 -35.38 24.65
CA LYS E 324 32.06 -36.72 25.06
C LYS E 324 30.64 -36.65 25.61
N GLY E 325 29.90 -37.74 25.51
CA GLY E 325 28.56 -37.83 26.09
C GLY E 325 27.47 -37.28 25.19
N PRO E 326 26.26 -37.14 25.73
CA PRO E 326 25.09 -36.93 24.86
C PRO E 326 25.23 -35.63 24.06
N LEU E 327 24.78 -35.65 22.81
CA LEU E 327 24.65 -34.45 21.97
C LEU E 327 23.20 -34.11 21.73
N HIS E 328 22.84 -32.85 21.90
CA HIS E 328 21.42 -32.44 22.11
C HIS E 328 20.69 -31.78 20.94
N ASN E 329 21.40 -31.34 19.92
CA ASN E 329 20.78 -30.68 18.80
C ASN E 329 21.76 -30.69 17.60
N PRO E 330 21.27 -30.31 16.40
CA PRO E 330 22.15 -30.39 15.23
C PRO E 330 23.40 -29.55 15.30
N ALA E 331 23.33 -28.38 15.95
CA ALA E 331 24.53 -27.56 16.10
C ALA E 331 25.57 -28.25 16.98
N ASP E 332 25.10 -28.91 18.04
CA ASP E 332 25.98 -29.63 18.98
C ASP E 332 26.74 -30.72 18.21
N ARG E 333 26.01 -31.38 17.32
CA ARG E 333 26.53 -32.51 16.54
C ARG E 333 27.45 -32.09 15.41
N ASP E 334 27.12 -31.00 14.72
CA ASP E 334 27.98 -30.56 13.64
C ASP E 334 29.20 -29.83 14.16
N HIS E 335 29.21 -29.59 15.47
CA HIS E 335 30.40 -29.16 16.24
C HIS E 335 30.94 -30.28 17.17
N CYS E 336 30.93 -31.52 16.67
CA CYS E 336 31.51 -32.65 17.42
C CYS E 336 32.37 -33.53 16.51
N LEU E 337 33.68 -33.52 16.77
CA LEU E 337 34.67 -34.24 15.93
C LEU E 337 34.32 -35.74 15.88
N GLN E 338 33.92 -36.26 17.05
CA GLN E 338 33.58 -37.66 17.21
C GLN E 338 32.32 -38.03 16.44
N TYR E 339 31.27 -37.19 16.53
CA TYR E 339 30.03 -37.40 15.77
C TYR E 339 30.28 -37.41 14.28
N ILE E 340 31.08 -36.44 13.81
CA ILE E 340 31.32 -36.25 12.38
C ILE E 340 32.14 -37.40 11.84
N THR E 341 33.10 -37.85 12.66
CA THR E 341 33.89 -38.98 12.31
C THR E 341 33.05 -40.26 12.30
N ALA E 342 32.15 -40.42 13.27
CA ALA E 342 31.28 -41.59 13.29
C ALA E 342 30.37 -41.65 12.07
N ILE E 343 29.84 -40.51 11.66
CA ILE E 343 28.93 -40.47 10.49
C ILE E 343 29.66 -40.91 9.24
N GLY E 344 30.90 -40.43 9.09
CA GLY E 344 31.74 -40.82 7.97
C GLY E 344 31.96 -42.35 7.92
N LEU E 345 32.36 -42.90 9.06
CA LEU E 345 32.59 -44.33 9.21
C LEU E 345 31.34 -45.16 8.93
N LEU E 346 30.21 -44.74 9.49
CA LEU E 346 28.97 -45.48 9.42
C LEU E 346 28.29 -45.38 8.06
N PHE E 347 28.37 -44.22 7.43
CA PHE E 347 27.56 -43.93 6.27
C PHE E 347 28.36 -43.58 5.03
N GLY E 348 29.64 -43.27 5.16
CA GLY E 348 30.47 -43.01 3.98
C GLY E 348 30.15 -41.69 3.29
N ASP E 349 29.37 -40.86 3.95
CA ASP E 349 29.03 -39.54 3.42
C ASP E 349 28.50 -38.73 4.59
N ILE E 350 28.51 -37.41 4.46
CA ILE E 350 27.99 -36.53 5.51
C ILE E 350 27.10 -35.48 4.82
N THR E 351 25.86 -35.40 5.24
CA THR E 351 24.95 -34.32 4.84
C THR E 351 24.37 -33.71 6.09
N ALA E 352 23.73 -32.55 5.93
CA ALA E 352 23.11 -31.87 7.08
C ALA E 352 21.98 -32.68 7.71
N GLN E 353 21.36 -33.57 6.96
CA GLN E 353 20.39 -34.51 7.53
C GLN E 353 20.95 -35.47 8.58
N HIS E 354 22.26 -35.74 8.54
CA HIS E 354 22.86 -36.67 9.49
C HIS E 354 22.95 -36.11 10.89
N TYR E 355 22.79 -34.80 11.00
CA TYR E 355 22.79 -34.12 12.31
C TYR E 355 21.39 -34.00 12.94
N GLU E 356 20.37 -34.42 12.20
CA GLU E 356 18.98 -34.38 12.72
C GLU E 356 18.65 -35.61 13.60
N ALA E 357 17.58 -35.49 14.38
CA ALA E 357 17.26 -36.47 15.42
C ALA E 357 17.05 -37.87 14.82
N GLU E 358 16.49 -37.94 13.61
CA GLU E 358 16.24 -39.23 12.95
C GLU E 358 17.52 -40.07 12.85
N THR E 359 18.60 -39.47 12.36
CA THR E 359 19.88 -40.17 12.26
C THR E 359 20.52 -40.32 13.63
N ALA E 360 20.50 -39.25 14.41
CA ALA E 360 21.21 -39.23 15.69
C ALA E 360 20.71 -40.31 16.62
N ASN E 361 19.45 -40.67 16.48
CA ASN E 361 18.81 -41.71 17.29
C ASN E 361 19.32 -43.12 16.98
N ASP E 362 20.02 -43.30 15.85
CA ASP E 362 20.69 -44.57 15.53
C ASP E 362 21.71 -44.97 16.63
N PRO E 363 21.43 -46.06 17.37
CA PRO E 363 22.13 -46.40 18.61
C PRO E 363 23.60 -46.70 18.35
N ARG E 364 23.92 -47.04 17.10
CA ARG E 364 25.30 -47.27 16.71
C ARG E 364 26.23 -46.05 16.91
N ILE E 365 25.68 -44.85 16.68
CA ILE E 365 26.51 -43.66 16.66
C ILE E 365 27.16 -43.47 18.03
N ASP E 366 26.35 -43.34 19.06
CA ASP E 366 26.86 -43.08 20.39
C ASP E 366 27.74 -44.23 20.94
N LYS E 367 27.43 -45.46 20.54
CA LYS E 367 28.26 -46.61 20.87
C LYS E 367 29.61 -46.52 20.22
N LEU E 368 29.63 -46.13 18.95
CA LEU E 368 30.90 -45.85 18.28
C LEU E 368 31.65 -44.64 18.84
N ARG E 369 30.93 -43.57 19.14
CA ARG E 369 31.58 -42.38 19.77
C ARG E 369 32.29 -42.73 21.08
N ASP E 370 31.68 -43.56 21.90
CA ASP E 370 32.33 -43.96 23.15
C ASP E 370 33.58 -44.80 23.01
N LYS E 371 33.90 -45.23 21.79
CA LYS E 371 35.11 -46.01 21.54
C LYS E 371 36.22 -45.11 21.02
N MET E 372 35.92 -43.82 20.88
CA MET E 372 36.86 -42.90 20.26
C MET E 372 37.79 -42.27 21.28
N GLU E 373 39.07 -42.17 20.92
CA GLU E 373 40.08 -41.52 21.76
C GLU E 373 40.68 -40.40 20.93
N VAL E 374 40.47 -39.17 21.36
CA VAL E 374 40.99 -37.99 20.67
C VAL E 374 42.21 -37.49 21.42
N THR E 375 43.32 -37.34 20.73
CA THR E 375 44.49 -36.69 21.32
C THR E 375 45.12 -35.72 20.37
N GLU E 376 45.82 -34.76 20.92
CA GLU E 376 46.48 -33.75 20.12
C GLU E 376 47.80 -34.26 19.57
N ASN E 377 48.01 -34.05 18.29
CA ASN E 377 49.34 -34.15 17.70
C ASN E 377 49.94 -32.74 17.55
N LYS E 378 51.06 -32.50 18.23
CA LYS E 378 51.55 -31.14 18.39
C LYS E 378 52.12 -30.58 17.12
N THR E 379 52.49 -31.49 16.21
CA THR E 379 53.00 -31.09 14.89
C THR E 379 51.84 -30.50 14.09
N TYR E 380 50.66 -31.14 14.18
CA TYR E 380 49.47 -30.62 13.51
C TYR E 380 49.18 -29.20 14.02
N THR E 381 49.29 -29.00 15.35
CA THR E 381 49.01 -27.67 15.96
C THR E 381 49.98 -26.59 15.46
N GLU E 382 51.23 -26.97 15.28
CA GLU E 382 52.24 -26.09 14.65
C GLU E 382 51.95 -25.80 13.16
N ASP E 383 51.66 -26.85 12.39
CA ASP E 383 51.48 -26.69 10.95
C ASP E 383 50.21 -25.93 10.59
N TYR E 384 49.23 -25.99 11.47
CA TYR E 384 47.99 -25.21 11.37
C TYR E 384 48.29 -23.70 11.24
N LEU E 385 49.33 -23.25 11.93
CA LEU E 385 49.64 -21.79 12.01
C LEU E 385 50.77 -21.35 11.11
N LYS E 386 51.42 -22.29 10.46
CA LYS E 386 52.56 -21.89 9.65
C LYS E 386 52.16 -21.39 8.25
N PRO E 387 52.54 -20.15 7.91
CA PRO E 387 51.97 -19.42 6.80
C PRO E 387 52.10 -20.07 5.42
N ASP E 388 53.13 -20.82 5.19
CA ASP E 388 53.28 -21.45 3.88
C ASP E 388 52.47 -22.73 3.73
N LYS E 389 51.78 -23.13 4.80
CA LYS E 389 51.15 -24.45 4.86
C LYS E 389 49.68 -24.38 5.30
N ARG E 390 49.47 -23.90 6.54
CA ARG E 390 48.13 -23.75 7.09
C ARG E 390 47.31 -25.01 6.82
N SER E 391 47.80 -26.13 7.30
CA SER E 391 47.07 -27.38 7.26
C SER E 391 46.01 -27.41 8.38
N ILE E 392 45.07 -28.35 8.26
CA ILE E 392 44.00 -28.49 9.24
C ILE E 392 43.82 -29.99 9.54
N SER E 393 44.82 -30.56 10.22
CA SER E 393 45.14 -31.97 10.05
C SER E 393 44.42 -32.83 11.05
N ASN E 394 43.96 -33.98 10.57
CA ASN E 394 43.45 -35.07 11.42
C ASN E 394 43.90 -36.42 10.85
N ALA E 395 44.04 -37.41 11.73
CA ALA E 395 44.30 -38.75 11.33
C ALA E 395 43.45 -39.67 12.11
N VAL E 396 43.02 -40.74 11.46
CA VAL E 396 42.07 -41.66 12.02
C VAL E 396 42.59 -43.09 11.78
N GLN E 397 42.53 -43.93 12.82
CA GLN E 397 42.77 -45.35 12.70
C GLN E 397 41.77 -46.15 13.52
N VAL E 398 41.29 -47.23 12.93
CA VAL E 398 40.28 -48.11 13.60
C VAL E 398 40.89 -49.44 14.03
N HIS E 399 40.70 -49.78 15.29
CA HIS E 399 41.22 -51.02 15.86
C HIS E 399 40.10 -51.98 16.17
N PHE E 400 40.32 -53.24 15.80
CA PHE E 400 39.30 -54.26 15.94
C PHE E 400 39.54 -55.13 17.16
N LYS E 401 38.48 -55.81 17.55
CA LYS E 401 38.48 -56.68 18.73
C LYS E 401 39.40 -57.90 18.60
N ASP E 402 39.57 -58.36 17.40
CA ASP E 402 40.49 -59.45 17.11
C ASP E 402 41.96 -59.03 17.14
N GLY E 403 42.26 -57.74 17.24
CA GLY E 403 43.64 -57.26 17.37
C GLY E 403 44.21 -56.73 16.07
N THR E 404 43.45 -56.80 14.99
CA THR E 404 43.89 -56.21 13.74
C THR E 404 43.49 -54.73 13.75
N SER E 405 43.87 -54.00 12.72
CA SER E 405 43.54 -52.59 12.61
C SER E 405 43.68 -52.10 11.20
N THR E 406 42.89 -51.09 10.85
CA THR E 406 43.08 -50.41 9.55
C THR E 406 44.38 -49.65 9.63
N GLU E 407 44.84 -49.13 8.51
CA GLU E 407 45.95 -48.21 8.48
C GLU E 407 45.50 -46.90 9.15
N MET E 408 46.46 -46.15 9.63
CA MET E 408 46.17 -44.81 10.10
C MET E 408 46.06 -43.90 8.91
N VAL E 409 44.88 -43.31 8.70
CA VAL E 409 44.67 -42.49 7.50
C VAL E 409 44.73 -41.04 7.88
N GLU E 410 45.77 -40.37 7.35
CA GLU E 410 46.05 -38.98 7.66
C GLU E 410 45.65 -38.06 6.49
N CYS E 411 44.92 -36.99 6.83
CA CYS E 411 44.61 -35.92 5.86
C CYS E 411 44.97 -34.54 6.40
N GLU E 412 45.95 -33.91 5.76
CA GLU E 412 46.41 -32.57 6.15
C GLU E 412 45.62 -31.49 5.49
N PHE E 413 45.29 -31.68 4.20
CA PHE E 413 44.72 -30.64 3.35
C PHE E 413 43.35 -31.10 2.85
N PRO E 414 42.28 -30.52 3.42
CA PRO E 414 40.98 -30.89 2.85
C PRO E 414 40.84 -30.39 1.40
N LEU E 415 39.79 -30.82 0.75
CA LEU E 415 39.57 -30.53 -0.65
C LEU E 415 39.44 -29.02 -0.90
N GLY E 416 38.88 -28.34 0.08
CA GLY E 416 38.74 -26.90 0.00
C GLY E 416 39.97 -26.02 0.22
N HIS E 417 41.11 -26.64 0.53
CA HIS E 417 42.41 -25.92 0.76
C HIS E 417 42.95 -25.44 -0.59
N ARG E 418 43.59 -24.29 -0.61
CA ARG E 418 44.16 -23.73 -1.84
C ARG E 418 45.06 -24.72 -2.63
N PHE E 419 45.79 -25.58 -1.92
CA PHE E 419 46.67 -26.57 -2.57
C PHE E 419 45.88 -27.55 -3.44
N ARG E 420 44.58 -27.72 -3.17
CA ARG E 420 43.76 -28.64 -3.95
C ARG E 420 42.71 -27.89 -4.79
N ARG E 421 43.00 -26.64 -5.12
CA ARG E 421 42.03 -25.76 -5.79
C ARG E 421 41.52 -26.32 -7.13
N GLU E 422 42.43 -26.75 -7.99
CA GLU E 422 42.05 -27.10 -9.35
C GLU E 422 41.17 -28.34 -9.32
N GLU E 423 41.49 -29.28 -8.45
CA GLU E 423 40.63 -30.43 -8.14
C GLU E 423 39.26 -30.02 -7.55
N ALA E 424 39.27 -29.00 -6.71
CA ALA E 424 38.05 -28.58 -6.01
C ALA E 424 37.01 -27.85 -6.89
N VAL E 425 37.45 -27.06 -7.86
CA VAL E 425 36.53 -26.12 -8.55
C VAL E 425 35.33 -26.80 -9.22
N PRO E 426 35.56 -27.91 -9.93
CA PRO E 426 34.42 -28.58 -10.52
C PRO E 426 33.48 -29.15 -9.48
N LYS E 427 34.00 -29.59 -8.35
CA LYS E 427 33.18 -30.18 -7.29
C LYS E 427 32.39 -29.08 -6.57
N LEU E 428 32.96 -27.89 -6.53
CA LEU E 428 32.28 -26.74 -5.94
C LEU E 428 31.06 -26.34 -6.79
N LEU E 429 31.22 -26.38 -8.10
CA LEU E 429 30.13 -26.12 -9.03
C LEU E 429 29.04 -27.16 -8.95
N GLU E 430 29.42 -28.41 -8.70
CA GLU E 430 28.42 -29.47 -8.53
C GLU E 430 27.63 -29.25 -7.27
N LYS E 431 28.34 -28.87 -6.20
CA LYS E 431 27.71 -28.57 -4.91
C LYS E 431 26.71 -27.43 -5.09
N PHE E 432 27.11 -26.38 -5.82
CA PHE E 432 26.25 -25.26 -6.16
C PHE E 432 24.92 -25.71 -6.85
N SER E 433 25.09 -26.45 -7.94
CA SER E 433 23.98 -26.97 -8.70
C SER E 433 23.07 -27.85 -7.84
N ASP E 434 23.65 -28.80 -7.12
CA ASP E 434 22.85 -29.65 -6.19
C ASP E 434 22.06 -28.79 -5.17
N ASN E 435 22.70 -27.76 -4.64
CA ASN E 435 22.05 -26.89 -3.62
C ASN E 435 20.86 -26.09 -4.18
N LEU E 436 21.06 -25.52 -5.36
CA LEU E 436 19.98 -24.88 -6.12
C LEU E 436 18.83 -25.79 -6.44
N LYS E 437 19.13 -27.01 -6.79
CA LYS E 437 18.12 -27.97 -7.21
C LYS E 437 17.16 -28.34 -6.06
N THR E 438 17.58 -28.18 -4.80
CA THR E 438 16.73 -28.53 -3.68
C THR E 438 15.52 -27.57 -3.60
N HIS E 439 15.71 -26.37 -4.10
CA HIS E 439 14.79 -25.28 -3.85
C HIS E 439 14.14 -24.74 -5.12
N PHE E 440 14.84 -24.74 -6.23
CA PHE E 440 14.34 -24.10 -7.46
C PHE E 440 13.86 -25.11 -8.45
N PRO E 441 12.80 -24.78 -9.18
CA PRO E 441 12.37 -25.67 -10.24
C PRO E 441 13.36 -25.68 -11.40
N ASP E 442 13.19 -26.66 -12.27
CA ASP E 442 14.12 -26.93 -13.37
C ASP E 442 14.55 -25.71 -14.18
N LYS E 443 13.58 -24.94 -14.64
CA LYS E 443 13.89 -23.77 -15.51
C LYS E 443 14.77 -22.78 -14.77
N GLN E 444 14.40 -22.50 -13.52
CA GLN E 444 15.03 -21.43 -12.77
C GLN E 444 16.44 -21.89 -12.33
N HIS E 445 16.55 -23.15 -11.96
CA HIS E 445 17.79 -23.71 -11.51
C HIS E 445 18.83 -23.64 -12.65
N LYS E 446 18.40 -24.04 -13.83
CA LYS E 446 19.29 -24.02 -15.00
C LYS E 446 19.72 -22.62 -15.38
N HIS E 447 18.77 -21.69 -15.35
CA HIS E 447 19.06 -20.31 -15.62
C HIS E 447 20.08 -19.72 -14.63
N ILE E 448 19.83 -19.89 -13.33
CA ILE E 448 20.73 -19.34 -12.32
C ILE E 448 22.12 -19.96 -12.50
N TYR E 449 22.16 -21.28 -12.65
CA TYR E 449 23.45 -21.97 -12.85
C TYR E 449 24.25 -21.41 -14.03
N GLU E 450 23.56 -21.28 -15.17
CA GLU E 450 24.13 -20.78 -16.42
C GLU E 450 24.68 -19.32 -16.29
N ARG E 451 23.89 -18.42 -15.72
CA ARG E 451 24.37 -17.05 -15.51
C ARG E 451 25.55 -16.99 -14.55
N CYS E 452 25.48 -17.75 -13.46
CA CYS E 452 26.46 -17.60 -12.41
C CYS E 452 27.85 -18.18 -12.74
N THR E 453 27.88 -19.11 -13.68
CA THR E 453 29.12 -19.84 -14.00
C THR E 453 29.75 -19.29 -15.28
N SER E 454 29.06 -18.36 -15.92
CA SER E 454 29.63 -17.57 -17.00
C SER E 454 30.22 -16.31 -16.40
N TYR E 455 31.45 -16.43 -15.87
CA TYR E 455 32.02 -15.40 -14.99
C TYR E 455 32.23 -14.05 -15.69
N GLU E 456 32.53 -14.07 -16.98
CA GLU E 456 32.89 -12.85 -17.69
C GLU E 456 31.70 -11.92 -17.81
N THR E 457 30.63 -12.46 -18.38
CA THR E 457 29.35 -11.80 -18.50
C THR E 457 28.66 -11.52 -17.13
N LEU E 458 28.96 -12.33 -16.12
CA LEU E 458 28.42 -12.15 -14.78
C LEU E 458 28.88 -10.80 -14.15
N GLN E 459 30.13 -10.43 -14.40
CA GLN E 459 30.77 -9.19 -13.83
C GLN E 459 29.96 -7.95 -14.07
N THR E 460 29.33 -7.89 -15.25
CA THR E 460 28.62 -6.71 -15.71
C THR E 460 27.12 -6.76 -15.42
N MET E 461 26.64 -7.86 -14.88
CA MET E 461 25.23 -7.98 -14.53
C MET E 461 24.88 -6.98 -13.41
N ARG E 462 23.84 -6.20 -13.63
CA ARG E 462 23.34 -5.31 -12.61
C ARG E 462 22.96 -6.10 -11.37
N VAL E 463 23.20 -5.52 -10.18
CA VAL E 463 23.00 -6.31 -8.91
C VAL E 463 21.55 -6.67 -8.67
N ASN E 464 20.67 -5.70 -8.90
CA ASN E 464 19.24 -5.96 -8.84
C ASN E 464 18.77 -7.09 -9.74
N GLU E 465 19.22 -7.12 -10.99
CA GLU E 465 18.93 -8.27 -11.89
C GLU E 465 19.51 -9.59 -11.42
N PHE E 466 20.75 -9.57 -10.92
CA PHE E 466 21.38 -10.76 -10.36
C PHE E 466 20.50 -11.33 -9.21
N VAL E 467 20.11 -10.48 -8.27
CA VAL E 467 19.22 -10.93 -7.16
C VAL E 467 17.83 -11.34 -7.63
N ASP E 468 17.28 -10.63 -8.64
CA ASP E 468 15.93 -10.96 -9.19
C ASP E 468 15.83 -12.40 -9.69
N MET E 469 16.96 -12.91 -10.20
CA MET E 469 17.08 -14.30 -10.72
C MET E 469 16.69 -15.37 -9.71
N PHE E 470 16.94 -15.05 -8.44
CA PHE E 470 16.77 -15.95 -7.35
C PHE E 470 15.40 -15.87 -6.71
N CYS E 471 14.58 -14.94 -7.17
CA CYS E 471 13.34 -14.63 -6.50
C CYS E 471 12.20 -14.87 -7.46
N MET E 472 11.96 -16.14 -7.79
CA MET E 472 11.17 -16.52 -8.98
C MET E 472 10.23 -15.46 -9.57
N PRO F 2 18.58 -27.51 39.04
CA PRO F 2 18.16 -27.31 37.64
C PRO F 2 19.33 -26.98 36.68
N LYS F 3 18.99 -26.83 35.40
CA LYS F 3 19.97 -26.52 34.37
C LYS F 3 20.14 -25.00 34.26
N THR F 4 19.04 -24.26 34.17
CA THR F 4 19.14 -22.79 33.94
C THR F 4 19.65 -21.96 35.13
N ASP F 5 20.56 -21.03 34.83
CA ASP F 5 21.17 -20.21 35.85
C ASP F 5 20.11 -19.53 36.70
N ARG F 6 20.33 -19.53 38.03
CA ARG F 6 19.33 -19.02 39.00
C ARG F 6 18.81 -17.63 38.71
N VAL F 7 19.73 -16.71 38.44
CA VAL F 7 19.33 -15.29 38.24
C VAL F 7 18.33 -15.15 37.08
N ILE F 8 18.55 -15.89 36.00
CA ILE F 8 17.59 -15.93 34.88
C ILE F 8 16.22 -16.51 35.30
N GLU F 9 16.23 -17.63 36.03
CA GLU F 9 14.98 -18.22 36.60
C GLU F 9 14.24 -17.24 37.53
N GLU F 10 14.98 -16.57 38.40
CA GLU F 10 14.42 -15.61 39.34
C GLU F 10 13.77 -14.41 38.61
N ILE F 11 14.45 -13.88 37.58
CA ILE F 11 13.85 -12.79 36.80
C ILE F 11 12.54 -13.30 36.09
N THR F 12 12.61 -14.49 35.53
CA THR F 12 11.50 -15.09 34.78
C THR F 12 10.28 -15.29 35.70
N ASP F 13 10.52 -15.89 36.86
CA ASP F 13 9.47 -16.08 37.87
C ASP F 13 8.82 -14.78 38.27
N TYR F 14 9.62 -13.73 38.48
CA TYR F 14 9.09 -12.41 38.88
C TYR F 14 8.20 -11.80 37.83
N VAL F 15 8.67 -11.83 36.60
CA VAL F 15 7.93 -11.28 35.46
C VAL F 15 6.62 -12.01 35.22
N LEU F 16 6.65 -13.34 35.24
CA LEU F 16 5.42 -14.14 35.11
C LEU F 16 4.44 -14.14 36.27
N GLU F 17 4.95 -14.27 37.49
CA GLU F 17 4.13 -14.65 38.65
C GLU F 17 3.94 -13.59 39.73
N LYS F 18 4.87 -12.68 39.87
CA LYS F 18 4.80 -11.73 41.00
C LYS F 18 3.68 -10.70 40.81
N GLU F 19 2.74 -10.65 41.75
CA GLU F 19 1.69 -9.61 41.71
C GLU F 19 2.20 -8.35 42.38
N ILE F 20 2.14 -7.23 41.68
CA ILE F 20 2.57 -5.96 42.29
C ILE F 20 1.39 -5.37 43.10
N THR F 21 1.62 -5.07 44.38
CA THR F 21 0.53 -4.62 45.27
C THR F 21 0.74 -3.20 45.78
N SER F 22 1.87 -2.59 45.44
CA SER F 22 2.23 -1.30 45.97
C SER F 22 1.50 -0.18 45.28
N ALA F 23 0.62 0.48 46.04
CA ALA F 23 -0.12 1.65 45.60
C ALA F 23 0.85 2.75 45.26
N GLU F 24 1.86 2.91 46.11
CA GLU F 24 2.87 3.93 45.87
C GLU F 24 3.59 3.70 44.52
N ALA F 25 3.90 2.45 44.21
CA ALA F 25 4.68 2.11 43.02
C ALA F 25 3.87 2.45 41.78
N TYR F 26 2.57 2.15 41.82
CA TYR F 26 1.70 2.53 40.72
C TYR F 26 1.56 4.04 40.57
N THR F 27 1.55 4.75 41.70
CA THR F 27 1.45 6.20 41.67
C THR F 27 2.70 6.83 41.11
N THR F 28 3.84 6.43 41.64
CA THR F 28 5.09 6.84 41.08
C THR F 28 5.29 6.45 39.61
N ALA F 29 4.85 5.28 39.20
CA ALA F 29 5.01 4.84 37.83
C ALA F 29 4.24 5.78 36.91
N GLY F 30 3.08 6.21 37.36
CA GLY F 30 2.29 7.19 36.62
C GLY F 30 3.08 8.48 36.40
N HIS F 31 3.82 8.90 37.41
CA HIS F 31 4.67 10.09 37.28
C HIS F 31 5.82 9.84 36.32
N VAL F 32 6.40 8.65 36.38
CA VAL F 32 7.54 8.34 35.51
C VAL F 32 7.03 8.31 34.08
N LEU F 33 5.84 7.73 33.87
CA LEU F 33 5.28 7.65 32.53
C LEU F 33 5.16 9.02 31.86
N LEU F 34 4.49 9.95 32.55
CA LEU F 34 4.40 11.30 32.02
C LEU F 34 5.75 12.01 31.90
N ASP F 35 6.56 11.94 32.95
CA ASP F 35 7.87 12.60 32.93
C ASP F 35 8.65 12.13 31.74
N THR F 36 8.69 10.82 31.54
CA THR F 36 9.52 10.20 30.52
C THR F 36 9.07 10.58 29.09
N LEU F 37 7.78 10.56 28.86
CA LEU F 37 7.23 10.95 27.59
C LEU F 37 7.45 12.43 27.31
N GLY F 38 7.29 13.27 28.33
CA GLY F 38 7.65 14.67 28.24
C GLY F 38 9.07 14.93 27.82
N CYS F 39 9.99 14.18 28.41
CA CYS F 39 11.39 14.26 28.03
C CYS F 39 11.58 13.88 26.55
N GLY F 40 10.91 12.83 26.14
CA GLY F 40 10.95 12.36 24.73
C GLY F 40 10.43 13.37 23.74
N ILE F 41 9.34 14.04 24.09
CA ILE F 41 8.76 15.05 23.24
C ILE F 41 9.68 16.29 23.11
N LEU F 42 10.31 16.68 24.22
CA LEU F 42 11.30 17.75 24.21
C LEU F 42 12.48 17.44 23.30
N ALA F 43 12.87 16.14 23.21
CA ALA F 43 13.99 15.72 22.37
C ALA F 43 13.69 15.86 20.87
N LEU F 44 12.41 15.91 20.50
CA LEU F 44 12.05 16.22 19.11
C LEU F 44 12.40 17.64 18.69
N ARG F 45 12.82 18.48 19.63
CA ARG F 45 13.27 19.85 19.31
C ARG F 45 14.75 19.90 18.90
N TYR F 46 15.41 18.74 18.94
CA TYR F 46 16.83 18.59 18.72
C TYR F 46 17.12 17.80 17.47
N PRO F 47 17.59 18.48 16.43
CA PRO F 47 17.82 17.80 15.15
C PRO F 47 18.84 16.66 15.19
N GLU F 48 19.77 16.71 16.14
CA GLU F 48 20.74 15.62 16.30
C GLU F 48 20.04 14.33 16.77
N CYS F 49 18.97 14.48 17.51
CA CYS F 49 18.14 13.34 17.88
C CYS F 49 17.29 12.87 16.70
N THR F 50 16.55 13.81 16.16
CA THR F 50 15.60 13.59 15.12
C THR F 50 16.14 12.91 13.88
N LYS F 51 17.43 13.10 13.61
CA LYS F 51 18.06 12.50 12.42
C LYS F 51 18.09 10.97 12.50
N LEU F 52 18.02 10.45 13.71
CA LEU F 52 18.12 8.98 13.92
C LEU F 52 16.75 8.29 13.90
N LEU F 53 15.68 9.09 13.84
CA LEU F 53 14.31 8.56 13.99
C LEU F 53 13.73 8.18 12.64
N GLY F 54 12.57 7.56 12.66
CA GLY F 54 11.88 7.21 11.40
C GLY F 54 12.22 5.82 10.95
N PRO F 55 11.57 5.38 9.86
CA PRO F 55 11.85 4.07 9.34
C PRO F 55 13.27 3.98 8.76
N ILE F 56 13.79 2.76 8.64
CA ILE F 56 15.04 2.57 7.89
C ILE F 56 14.83 3.10 6.45
N VAL F 57 13.76 2.68 5.80
CA VAL F 57 13.46 3.14 4.43
C VAL F 57 12.26 4.05 4.48
N PRO F 58 12.42 5.30 3.99
CA PRO F 58 11.26 6.20 3.96
C PRO F 58 10.11 5.65 3.14
N GLY F 59 8.89 5.83 3.62
CA GLY F 59 7.71 5.28 2.96
C GLY F 59 7.39 3.81 3.21
N THR F 60 8.13 3.17 4.09
CA THR F 60 7.78 1.84 4.49
C THR F 60 6.41 1.85 5.13
N THR F 61 5.66 0.76 4.93
CA THR F 61 4.31 0.63 5.47
C THR F 61 4.26 -0.61 6.34
N VAL F 62 3.78 -0.46 7.58
CA VAL F 62 3.74 -1.55 8.53
C VAL F 62 2.33 -1.73 9.05
N PRO F 63 1.69 -2.87 8.76
CA PRO F 63 0.38 -3.19 9.29
C PRO F 63 0.38 -3.23 10.82
N ASN F 64 -0.55 -2.51 11.42
CA ASN F 64 -0.70 -2.47 12.86
C ASN F 64 0.57 -2.03 13.56
N GLY F 65 1.32 -1.16 12.89
CA GLY F 65 2.64 -0.69 13.38
C GLY F 65 2.58 0.24 14.58
N SER F 66 3.57 0.09 15.45
CA SER F 66 3.69 0.91 16.64
C SER F 66 3.87 2.36 16.21
N LYS F 67 3.12 3.25 16.83
CA LYS F 67 3.27 4.65 16.58
C LYS F 67 4.29 5.31 17.52
N VAL F 68 5.02 6.29 16.99
CA VAL F 68 6.00 7.06 17.77
C VAL F 68 5.36 8.38 18.22
N PRO F 69 5.25 8.59 19.54
CA PRO F 69 4.68 9.82 20.04
C PRO F 69 5.36 11.04 19.46
N GLY F 70 4.54 12.01 19.07
CA GLY F 70 5.07 13.30 18.60
C GLY F 70 5.32 13.30 17.10
N THR F 71 5.06 12.19 16.45
CA THR F 71 5.41 12.02 15.02
C THR F 71 4.29 11.34 14.23
N SER F 72 4.49 11.27 12.92
CA SER F 72 3.64 10.45 12.04
C SER F 72 4.25 9.09 11.68
N TYR F 73 5.29 8.68 12.39
CA TYR F 73 5.94 7.41 12.12
C TYR F 73 5.15 6.24 12.68
N VAL F 74 5.01 5.23 11.85
CA VAL F 74 4.31 3.99 12.13
C VAL F 74 5.23 2.87 11.75
N LEU F 75 5.80 2.19 12.76
CA LEU F 75 7.01 1.37 12.61
C LEU F 75 6.84 -0.06 13.14
N ASP F 76 7.72 -0.99 12.73
CA ASP F 76 7.78 -2.26 13.39
C ASP F 76 8.15 -2.00 14.86
N PRO F 77 7.70 -2.85 15.78
CA PRO F 77 7.97 -2.59 17.22
C PRO F 77 9.45 -2.49 17.66
N VAL F 78 10.36 -3.17 16.95
CA VAL F 78 11.81 -3.10 17.28
C VAL F 78 12.34 -1.67 16.97
N ARG F 79 12.04 -1.21 15.77
CA ARG F 79 12.41 0.13 15.34
C ARG F 79 11.71 1.22 16.15
N ALA F 80 10.43 1.02 16.45
CA ALA F 80 9.73 2.01 17.28
C ALA F 80 10.34 2.07 18.70
N ALA F 81 10.80 0.93 19.21
CA ALA F 81 11.43 0.84 20.53
C ALA F 81 12.74 1.62 20.55
N PHE F 82 13.46 1.58 19.43
CA PHE F 82 14.62 2.44 19.29
C PHE F 82 14.27 3.92 19.28
N ASN F 83 13.27 4.31 18.47
CA ASN F 83 12.85 5.69 18.34
C ASN F 83 12.44 6.27 19.67
N ILE F 84 11.50 5.61 20.33
CA ILE F 84 11.05 6.05 21.65
C ILE F 84 12.21 6.13 22.65
N GLY F 85 13.04 5.10 22.70
CA GLY F 85 14.09 5.01 23.74
C GLY F 85 15.19 6.03 23.51
N CYS F 86 15.46 6.31 22.23
CA CYS F 86 16.33 7.42 21.82
C CYS F 86 15.83 8.81 22.25
N MET F 87 14.55 9.05 22.03
CA MET F 87 13.95 10.29 22.41
C MET F 87 13.98 10.51 23.96
N ILE F 88 13.52 9.55 24.72
CA ILE F 88 13.26 9.76 26.15
C ILE F 88 14.55 9.93 26.96
N ARG F 89 15.62 9.48 26.41
CA ARG F 89 16.94 9.54 27.06
C ARG F 89 17.78 10.72 26.60
N TRP F 90 17.49 11.21 25.41
CA TRP F 90 18.42 12.04 24.63
C TRP F 90 19.05 13.13 25.48
N LEU F 91 18.22 13.89 26.18
CA LEU F 91 18.65 15.16 26.77
C LEU F 91 19.18 15.01 28.21
N ASP F 92 19.32 13.79 28.68
CA ASP F 92 19.74 13.55 30.07
C ASP F 92 18.78 14.21 31.08
N TYR F 93 17.48 14.03 30.80
CA TYR F 93 16.44 14.68 31.59
C TYR F 93 15.55 13.66 32.31
N ASN F 94 15.73 12.37 32.01
CA ASN F 94 14.76 11.35 32.46
C ASN F 94 15.21 10.74 33.80
N ASP F 95 14.45 9.78 34.31
CA ASP F 95 14.61 9.30 35.69
C ASP F 95 15.89 8.46 35.83
N THR F 96 16.29 8.20 37.06
CA THR F 96 17.66 7.71 37.35
C THR F 96 17.65 6.80 38.60
N TRP F 97 18.62 5.90 38.68
CA TRP F 97 18.75 4.96 39.80
C TRP F 97 19.93 4.86 40.79
N LEU F 98 21.15 4.84 40.36
CA LEU F 98 22.29 4.96 41.31
C LEU F 98 22.51 3.98 42.47
N ALA F 99 23.39 3.02 42.21
CA ALA F 99 23.89 2.14 43.26
C ALA F 99 25.25 1.67 42.83
N ALA F 100 25.51 0.35 42.80
CA ALA F 100 26.86 -0.10 42.34
C ALA F 100 26.95 0.19 40.84
N GLU F 101 25.81 0.08 40.17
CA GLU F 101 25.70 0.51 38.77
C GLU F 101 24.81 1.74 38.67
N TRP F 102 25.05 2.53 37.63
CA TRP F 102 24.29 3.72 37.33
C TRP F 102 23.33 3.43 36.19
N GLY F 103 22.24 4.17 36.11
CA GLY F 103 21.34 3.99 34.96
C GLY F 103 20.09 4.81 35.03
N HIS F 104 19.22 4.56 34.07
CA HIS F 104 17.98 5.28 33.90
C HIS F 104 16.89 4.28 33.51
N PRO F 105 16.24 3.70 34.49
CA PRO F 105 15.32 2.63 34.17
C PRO F 105 14.10 3.01 33.36
N SER F 106 13.72 4.28 33.35
CA SER F 106 12.70 4.76 32.44
C SER F 106 13.04 4.50 30.95
N ASP F 107 14.31 4.30 30.64
CA ASP F 107 14.74 3.86 29.25
C ASP F 107 13.95 2.66 28.74
N ASN F 108 13.56 1.77 29.65
CA ASN F 108 12.83 0.56 29.27
C ASN F 108 11.46 0.86 28.67
N LEU F 109 10.96 2.05 28.88
CA LEU F 109 9.70 2.48 28.30
C LEU F 109 9.71 2.40 26.77
N GLY F 110 10.85 2.65 26.17
CA GLY F 110 11.00 2.48 24.71
C GLY F 110 10.45 1.14 24.22
N GLY F 111 10.97 0.07 24.79
CA GLY F 111 10.54 -1.25 24.47
C GLY F 111 9.17 -1.62 24.99
N ILE F 112 8.81 -1.16 26.19
CA ILE F 112 7.53 -1.51 26.78
C ILE F 112 6.39 -0.88 25.96
N LEU F 113 6.51 0.40 25.64
CA LEU F 113 5.46 1.13 24.98
C LEU F 113 5.32 0.68 23.55
N ALA F 114 6.44 0.48 22.88
CA ALA F 114 6.39 0.04 21.50
C ALA F 114 5.74 -1.32 21.40
N ALA F 115 6.19 -2.26 22.20
CA ALA F 115 5.56 -3.57 22.24
C ALA F 115 4.06 -3.53 22.59
N ALA F 116 3.71 -2.82 23.67
CA ALA F 116 2.36 -2.77 24.16
C ALA F 116 1.38 -2.11 23.16
N ASP F 117 1.90 -1.16 22.43
CA ASP F 117 1.15 -0.50 21.33
C ASP F 117 0.92 -1.45 20.14
N TYR F 118 1.99 -2.10 19.69
CA TYR F 118 1.90 -3.11 18.64
C TYR F 118 0.94 -4.27 18.98
N VAL F 119 1.13 -4.85 20.15
CA VAL F 119 0.24 -5.89 20.61
C VAL F 119 -1.23 -5.40 20.62
N SER F 120 -1.44 -4.19 21.12
CA SER F 120 -2.81 -3.65 21.21
C SER F 120 -3.47 -3.51 19.85
N ARG F 121 -2.70 -3.05 18.87
CA ARG F 121 -3.23 -2.85 17.51
C ARG F 121 -3.48 -4.14 16.80
N VAL F 122 -2.59 -5.10 16.97
CA VAL F 122 -2.83 -6.45 16.44
C VAL F 122 -4.10 -7.08 17.05
N ARG F 123 -4.23 -6.99 18.37
CA ARG F 123 -5.43 -7.53 19.07
C ARG F 123 -6.72 -6.95 18.54
N LEU F 124 -6.71 -5.65 18.40
CA LEU F 124 -7.80 -4.91 17.83
C LEU F 124 -8.16 -5.38 16.42
N SER F 125 -7.16 -5.67 15.60
CA SER F 125 -7.37 -6.12 14.24
C SER F 125 -7.88 -7.57 14.21
N GLU F 126 -7.70 -8.30 15.31
CA GLU F 126 -8.23 -9.70 15.42
C GLU F 126 -9.54 -9.73 16.16
N GLY F 127 -10.08 -8.56 16.48
CA GLY F 127 -11.35 -8.43 17.21
C GLY F 127 -11.25 -8.69 18.71
N LYS F 128 -10.05 -8.57 19.25
CA LYS F 128 -9.81 -8.79 20.69
C LYS F 128 -9.57 -7.48 21.48
N GLU F 129 -9.37 -7.64 22.78
CA GLU F 129 -9.27 -6.48 23.70
C GLU F 129 -7.82 -5.97 23.79
N PRO F 130 -7.58 -4.66 23.56
CA PRO F 130 -6.21 -4.16 23.62
C PRO F 130 -5.74 -4.12 25.07
N LEU F 131 -4.44 -3.90 25.27
CA LEU F 131 -3.90 -3.65 26.62
C LEU F 131 -4.27 -2.24 27.07
N THR F 132 -4.10 -1.98 28.38
CA THR F 132 -4.42 -0.70 28.97
C THR F 132 -3.16 -0.07 29.57
N VAL F 133 -3.25 1.19 29.85
CA VAL F 133 -2.13 1.90 30.44
C VAL F 133 -1.67 1.26 31.76
N ARG F 134 -2.60 0.71 32.54
CA ARG F 134 -2.19 0.02 33.74
C ARG F 134 -1.20 -1.12 33.45
N ASP F 135 -1.35 -1.82 32.33
CA ASP F 135 -0.43 -2.91 31.92
C ASP F 135 0.96 -2.37 31.62
N VAL F 136 0.98 -1.20 31.01
CA VAL F 136 2.22 -0.45 30.82
C VAL F 136 2.86 -0.09 32.15
N LEU F 137 2.05 0.42 33.09
CA LEU F 137 2.59 0.81 34.40
C LEU F 137 3.19 -0.39 35.14
N GLU F 138 2.50 -1.54 35.08
CA GLU F 138 3.00 -2.74 35.73
C GLU F 138 4.30 -3.23 35.12
N MET F 139 4.36 -3.25 33.81
CA MET F 139 5.60 -3.59 33.14
C MET F 139 6.76 -2.62 33.45
N MET F 140 6.45 -1.34 33.65
CA MET F 140 7.48 -0.36 34.02
C MET F 140 8.00 -0.65 35.41
N ILE F 141 7.07 -1.00 36.30
CA ILE F 141 7.46 -1.33 37.66
C ILE F 141 8.44 -2.51 37.67
N LYS F 142 8.11 -3.53 36.88
CA LYS F 142 8.93 -4.73 36.80
C LYS F 142 10.27 -4.50 36.09
N ALA F 143 10.24 -3.74 34.99
CA ALA F 143 11.52 -3.37 34.33
C ALA F 143 12.45 -2.58 35.24
N HIS F 144 11.89 -1.61 35.94
CA HIS F 144 12.65 -0.86 36.91
C HIS F 144 13.28 -1.80 37.89
N GLU F 145 12.47 -2.72 38.39
CA GLU F 145 12.92 -3.61 39.45
C GLU F 145 14.06 -4.46 38.98
N ILE F 146 13.98 -4.96 37.76
CA ILE F 146 14.98 -5.90 37.25
C ILE F 146 16.27 -5.17 37.01
N GLN F 147 16.19 -4.04 36.32
CA GLN F 147 17.38 -3.24 36.11
C GLN F 147 17.98 -2.71 37.44
N GLY F 148 17.13 -2.14 38.28
CA GLY F 148 17.58 -1.52 39.50
C GLY F 148 18.11 -2.48 40.55
N VAL F 149 17.47 -3.64 40.70
CA VAL F 149 18.00 -4.64 41.62
C VAL F 149 19.30 -5.24 41.09
N LEU F 150 19.40 -5.50 39.79
CA LEU F 150 20.69 -5.85 39.23
C LEU F 150 21.77 -4.80 39.59
N ALA F 151 21.38 -3.54 39.55
CA ALA F 151 22.35 -2.43 39.76
C ALA F 151 22.81 -2.32 41.23
N LEU F 152 22.10 -2.94 42.16
CA LEU F 152 22.43 -2.80 43.58
C LEU F 152 23.81 -3.32 43.92
N GLU F 153 24.16 -4.47 43.36
CA GLU F 153 25.39 -5.10 43.73
C GLU F 153 26.31 -5.43 42.57
N ASN F 154 25.86 -5.25 41.32
CA ASN F 154 26.69 -5.64 40.20
C ASN F 154 27.17 -4.42 39.43
N SER F 155 28.48 -4.21 39.40
CA SER F 155 29.04 -3.00 38.76
C SER F 155 29.59 -3.38 37.42
N LEU F 156 28.87 -2.97 36.40
CA LEU F 156 29.37 -3.15 35.04
C LEU F 156 30.44 -2.10 34.72
N ASN F 157 30.30 -0.93 35.31
CA ASN F 157 31.28 0.15 35.05
C ASN F 157 32.67 -0.22 35.57
N ARG F 158 32.74 -1.05 36.63
CA ARG F 158 34.05 -1.47 37.19
C ARG F 158 34.74 -2.51 36.34
N VAL F 159 34.03 -3.12 35.40
CA VAL F 159 34.64 -3.95 34.40
C VAL F 159 34.58 -3.37 32.99
N GLY F 160 34.33 -2.07 32.90
CA GLY F 160 34.46 -1.31 31.65
C GLY F 160 33.33 -1.51 30.66
N LEU F 161 32.15 -1.92 31.17
CA LEU F 161 30.96 -2.10 30.34
C LEU F 161 29.83 -1.14 30.66
N ASP F 162 29.00 -0.83 29.66
CA ASP F 162 27.96 0.16 29.84
C ASP F 162 26.77 -0.44 30.57
N HIS F 163 26.01 0.42 31.26
CA HIS F 163 24.88 -0.03 32.09
C HIS F 163 23.69 -0.49 31.28
N VAL F 164 23.71 -0.22 29.98
CA VAL F 164 22.54 -0.55 29.15
C VAL F 164 22.29 -2.02 28.98
N LEU F 165 23.28 -2.86 29.29
CA LEU F 165 23.04 -4.30 29.38
C LEU F 165 21.84 -4.62 30.30
N PHE F 166 21.72 -3.91 31.41
CA PHE F 166 20.62 -4.17 32.33
C PHE F 166 19.28 -3.64 31.78
N VAL F 167 19.30 -2.63 30.94
CA VAL F 167 18.15 -2.27 30.11
C VAL F 167 17.75 -3.37 29.15
N LYS F 168 18.70 -3.87 28.38
CA LYS F 168 18.42 -4.96 27.45
C LYS F 168 17.76 -6.15 28.22
N VAL F 169 18.36 -6.51 29.34
CA VAL F 169 17.89 -7.65 30.12
C VAL F 169 16.46 -7.40 30.64
N ALA F 170 16.24 -6.24 31.21
CA ALA F 170 14.92 -5.93 31.79
C ALA F 170 13.84 -5.87 30.68
N THR F 171 14.17 -5.24 29.58
CA THR F 171 13.24 -5.10 28.48
C THR F 171 12.91 -6.47 27.85
N THR F 172 13.93 -7.30 27.67
CA THR F 172 13.74 -8.58 27.08
C THR F 172 12.69 -9.39 27.87
N ALA F 173 12.83 -9.42 29.18
CA ALA F 173 11.89 -10.15 30.01
C ALA F 173 10.46 -9.59 29.96
N VAL F 174 10.29 -8.29 30.13
CA VAL F 174 8.95 -7.70 30.11
C VAL F 174 8.31 -7.68 28.70
N ALA F 175 9.11 -7.45 27.69
CA ALA F 175 8.64 -7.57 26.31
C ALA F 175 8.22 -8.99 25.98
N ALA F 176 9.02 -9.97 26.38
CA ALA F 176 8.66 -11.34 26.06
C ALA F 176 7.27 -11.70 26.65
N LYS F 177 7.03 -11.23 27.87
CA LYS F 177 5.74 -11.42 28.54
C LYS F 177 4.62 -10.70 27.82
N LEU F 178 4.84 -9.46 27.45
CA LEU F 178 3.82 -8.68 26.73
C LEU F 178 3.44 -9.33 25.40
N LEU F 179 4.43 -9.92 24.75
CA LEU F 179 4.23 -10.54 23.47
C LEU F 179 3.65 -11.93 23.57
N GLY F 180 3.37 -12.39 24.78
CA GLY F 180 2.66 -13.67 25.00
C GLY F 180 3.56 -14.84 25.36
N GLY F 181 4.80 -14.56 25.70
CA GLY F 181 5.75 -15.65 25.97
C GLY F 181 5.42 -16.30 27.31
N GLY F 182 5.73 -17.59 27.41
CA GLY F 182 5.69 -18.33 28.68
C GLY F 182 7.07 -18.45 29.28
N ARG F 183 7.18 -19.33 30.26
CA ARG F 183 8.40 -19.45 31.06
C ARG F 183 9.60 -19.80 30.20
N GLU F 184 9.46 -20.75 29.29
CA GLU F 184 10.59 -21.16 28.42
C GLU F 184 11.10 -20.09 27.45
N GLU F 185 10.18 -19.38 26.84
CA GLU F 185 10.51 -18.25 25.99
C GLU F 185 11.18 -17.09 26.69
N ILE F 186 10.71 -16.76 27.88
CA ILE F 186 11.28 -15.67 28.66
C ILE F 186 12.67 -16.04 29.14
N LYS F 187 12.84 -17.27 29.65
CA LYS F 187 14.17 -17.74 30.06
C LYS F 187 15.14 -17.72 28.87
N ASN F 188 14.67 -18.19 27.72
CA ASN F 188 15.55 -18.26 26.54
C ASN F 188 15.96 -16.89 26.03
N ALA F 189 15.01 -15.94 26.00
CA ALA F 189 15.31 -14.59 25.61
C ALA F 189 16.36 -14.00 26.53
N LEU F 190 16.10 -14.07 27.83
CA LEU F 190 17.09 -13.62 28.83
C LEU F 190 18.48 -14.19 28.62
N SER F 191 18.57 -15.49 28.33
CA SER F 191 19.89 -16.10 28.23
C SER F 191 20.61 -15.53 26.98
N ASN F 192 19.82 -15.24 25.96
CA ASN F 192 20.35 -14.58 24.78
C ASN F 192 20.79 -13.14 24.99
N ALA F 193 20.09 -12.43 25.90
CA ALA F 193 20.47 -11.08 26.29
C ALA F 193 21.81 -11.05 26.99
N TRP F 194 22.04 -12.01 27.89
CA TRP F 194 23.28 -12.02 28.66
C TRP F 194 24.51 -12.32 27.77
N ILE F 195 24.31 -13.19 26.80
CA ILE F 195 25.34 -13.60 25.86
C ILE F 195 25.65 -12.55 24.81
N ASP F 196 24.73 -11.60 24.65
CA ASP F 196 24.76 -10.64 23.57
C ASP F 196 25.93 -9.67 23.76
N ASN F 197 26.22 -8.89 22.72
CA ASN F 197 27.41 -7.99 22.67
C ASN F 197 27.19 -6.86 23.66
N ALA F 198 27.92 -6.83 24.78
CA ALA F 198 27.66 -5.86 25.89
C ALA F 198 28.47 -4.62 25.53
N ALA F 199 27.82 -3.49 25.31
CA ALA F 199 28.50 -2.34 24.74
C ALA F 199 29.48 -1.71 25.73
N LEU F 200 30.54 -1.14 25.21
CA LEU F 200 31.52 -0.46 26.08
C LEU F 200 30.89 0.84 26.55
N ARG F 201 31.54 1.53 27.48
CA ARG F 201 31.08 2.86 27.89
C ARG F 201 32.00 3.98 27.47
N THR F 202 32.75 3.75 26.43
CA THR F 202 33.77 4.69 25.95
C THR F 202 33.19 6.08 25.70
N TYR F 203 31.98 6.08 25.16
CA TYR F 203 31.25 7.26 24.74
C TYR F 203 30.65 8.04 25.89
N ARG F 204 30.80 7.55 27.12
CA ARG F 204 30.43 8.30 28.29
C ARG F 204 31.62 8.95 28.99
N HIS F 205 32.81 8.81 28.45
CA HIS F 205 34.04 9.25 29.12
C HIS F 205 34.95 10.03 28.25
N SER F 206 35.71 10.92 28.87
CA SER F 206 36.83 11.60 28.24
C SER F 206 37.85 10.62 27.66
N PRO F 207 38.42 10.89 26.47
CA PRO F 207 38.20 12.06 25.63
C PRO F 207 37.16 11.81 24.54
N ASN F 208 36.37 10.77 24.68
CA ASN F 208 35.48 10.33 23.60
C ASN F 208 34.01 10.67 23.80
N THR F 209 33.66 11.30 24.92
CA THR F 209 32.28 11.57 25.26
C THR F 209 31.49 12.07 24.05
N GLY F 210 30.35 11.44 23.76
CA GLY F 210 29.58 11.82 22.57
C GLY F 210 28.13 11.40 22.60
N SER F 211 27.43 11.59 21.48
CA SER F 211 26.00 11.50 21.45
C SER F 211 25.51 10.07 21.51
N ARG F 212 26.39 9.07 21.40
CA ARG F 212 25.97 7.70 21.75
C ARG F 212 25.52 7.54 23.22
N LYS F 213 26.00 8.38 24.13
CA LYS F 213 25.48 8.39 25.47
C LYS F 213 23.95 8.50 25.45
N SER F 214 23.42 9.14 24.42
CA SER F 214 22.03 9.55 24.38
C SER F 214 21.21 8.43 23.82
N TRP F 215 21.79 7.68 22.86
CA TRP F 215 21.01 6.67 22.15
C TRP F 215 21.32 5.26 22.51
N PRO F 216 22.31 5.06 23.38
CA PRO F 216 22.62 3.65 23.66
C PRO F 216 21.50 2.89 24.38
N ALA F 217 20.78 3.53 25.26
CA ALA F 217 19.69 2.82 25.95
C ALA F 217 18.56 2.47 24.98
N GLY F 218 18.30 3.37 24.01
CA GLY F 218 17.33 3.12 22.95
C GLY F 218 17.70 1.93 22.08
N ASP F 219 18.98 1.84 21.79
CA ASP F 219 19.50 0.72 21.10
C ASP F 219 19.36 -0.59 21.89
N ALA F 220 19.56 -0.51 23.21
CA ALA F 220 19.47 -1.68 24.08
C ALA F 220 18.02 -2.17 24.36
N THR F 221 17.08 -1.22 24.49
CA THR F 221 15.69 -1.58 24.72
C THR F 221 15.12 -2.14 23.45
N SER F 222 15.55 -1.57 22.31
CA SER F 222 15.18 -2.12 20.99
C SER F 222 15.67 -3.57 20.81
N ARG F 223 16.93 -3.79 21.15
CA ARG F 223 17.51 -5.11 21.10
C ARG F 223 16.73 -6.12 21.95
N GLY F 224 16.27 -5.66 23.10
CA GLY F 224 15.53 -6.53 24.02
C GLY F 224 14.19 -6.97 23.41
N VAL F 225 13.55 -6.07 22.72
CA VAL F 225 12.31 -6.39 22.01
C VAL F 225 12.62 -7.40 20.90
N HIS F 226 13.71 -7.18 20.20
CA HIS F 226 14.08 -8.05 19.12
C HIS F 226 14.36 -9.47 19.60
N LEU F 227 15.16 -9.58 20.66
CA LEU F 227 15.43 -10.88 21.25
C LEU F 227 14.20 -11.56 21.74
N ALA F 228 13.30 -10.82 22.37
CA ALA F 228 12.01 -11.37 22.73
C ALA F 228 11.18 -11.96 21.58
N LEU F 229 11.11 -11.25 20.45
CA LEU F 229 10.46 -11.76 19.21
C LEU F 229 11.08 -13.06 18.65
N MET F 230 12.40 -13.12 18.65
CA MET F 230 13.10 -14.33 18.26
C MET F 230 12.74 -15.52 19.15
N SER F 231 12.70 -15.27 20.46
CA SER F 231 12.30 -16.28 21.43
C SER F 231 10.85 -16.82 21.24
N LEU F 232 9.96 -15.96 20.80
CA LEU F 232 8.56 -16.33 20.51
C LEU F 232 8.41 -17.25 19.30
N LYS F 233 9.39 -17.23 18.40
CA LYS F 233 9.48 -18.20 17.31
C LYS F 233 9.97 -19.57 17.77
N GLY F 234 10.42 -19.65 19.01
CA GLY F 234 10.93 -20.88 19.58
C GLY F 234 12.44 -21.02 19.50
N GLU F 235 13.15 -19.94 19.20
CA GLU F 235 14.60 -19.99 19.19
C GLU F 235 15.14 -20.33 20.60
N MET F 236 16.08 -21.28 20.60
CA MET F 236 16.55 -21.89 21.82
C MET F 236 17.41 -20.92 22.65
N GLY F 237 17.57 -21.30 23.91
CA GLY F 237 18.35 -20.50 24.88
C GLY F 237 19.61 -21.23 25.27
N TYR F 238 20.28 -20.69 26.28
CA TYR F 238 21.63 -21.06 26.71
C TYR F 238 21.70 -21.11 28.25
N PRO F 239 21.39 -22.29 28.82
CA PRO F 239 20.98 -22.36 30.23
C PRO F 239 22.04 -21.86 31.20
N THR F 240 23.31 -22.07 30.86
CA THR F 240 24.41 -21.54 31.67
C THR F 240 25.13 -20.42 30.96
N ALA F 241 24.33 -19.52 30.43
CA ALA F 241 24.84 -18.24 29.86
C ALA F 241 25.67 -17.40 30.84
N LEU F 242 25.30 -17.39 32.12
CA LEU F 242 26.07 -16.68 33.15
C LEU F 242 27.26 -17.46 33.75
N SER F 243 27.00 -18.74 34.07
CA SER F 243 27.94 -19.56 34.83
C SER F 243 28.89 -20.45 34.05
N ALA F 244 28.70 -20.66 32.76
CA ALA F 244 29.53 -21.63 32.05
C ALA F 244 31.00 -21.34 32.26
N PRO F 245 31.76 -22.36 32.71
CA PRO F 245 33.20 -22.18 32.86
C PRO F 245 33.92 -21.78 31.56
N GLY F 246 34.71 -20.73 31.66
CA GLY F 246 35.51 -20.26 30.54
C GLY F 246 34.75 -19.35 29.57
N TRP F 247 33.53 -19.73 29.17
CA TRP F 247 32.84 -19.05 28.07
C TRP F 247 31.58 -18.31 28.48
N GLY F 248 31.14 -18.50 29.72
CA GLY F 248 30.07 -17.73 30.31
C GLY F 248 30.35 -16.27 30.62
N PHE F 249 29.27 -15.52 30.83
CA PHE F 249 29.36 -14.06 31.07
C PHE F 249 30.23 -13.74 32.29
N GLN F 250 30.08 -14.53 33.32
CA GLN F 250 30.79 -14.29 34.55
C GLN F 250 32.30 -14.42 34.36
N ASP F 251 32.72 -15.51 33.71
CA ASP F 251 34.15 -15.75 33.54
C ASP F 251 34.78 -14.80 32.54
N VAL F 252 34.02 -14.42 31.50
CA VAL F 252 34.60 -13.63 30.42
C VAL F 252 34.63 -12.18 30.82
N LEU F 253 33.52 -11.67 31.31
CA LEU F 253 33.30 -10.22 31.36
C LEU F 253 33.26 -9.70 32.78
N PHE F 254 32.96 -10.57 33.73
CA PHE F 254 32.65 -10.11 35.06
C PHE F 254 33.68 -10.57 36.08
N ASN F 255 34.90 -10.81 35.63
CA ASN F 255 36.04 -11.14 36.50
C ASN F 255 35.79 -12.35 37.38
N LYS F 256 35.13 -13.34 36.82
CA LYS F 256 34.75 -14.56 37.51
C LYS F 256 33.83 -14.44 38.72
N LYS F 257 33.24 -13.28 38.94
CA LYS F 257 32.28 -13.11 40.01
C LYS F 257 30.88 -13.49 39.60
N GLU F 258 30.06 -13.83 40.59
CA GLU F 258 28.66 -14.12 40.35
C GLU F 258 27.84 -12.83 40.22
N ILE F 259 27.01 -12.79 39.19
CA ILE F 259 25.92 -11.84 39.13
C ILE F 259 24.91 -12.18 40.21
N LYS F 260 24.58 -11.21 41.06
CA LYS F 260 23.64 -11.44 42.15
C LYS F 260 22.46 -10.49 42.16
N LEU F 261 21.33 -10.98 42.62
CA LEU F 261 20.18 -10.17 42.98
C LEU F 261 20.18 -9.93 44.49
N ALA F 262 20.44 -8.68 44.87
CA ALA F 262 20.69 -8.32 46.28
C ALA F 262 19.46 -8.44 47.16
N ARG F 263 18.28 -8.36 46.55
CA ARG F 263 17.05 -8.54 47.29
C ARG F 263 16.08 -9.24 46.36
N PRO F 264 15.08 -9.92 46.93
CA PRO F 264 13.97 -10.36 46.10
C PRO F 264 13.37 -9.22 45.25
N LEU F 265 12.85 -9.61 44.09
CA LEU F 265 12.21 -8.67 43.19
C LEU F 265 10.75 -8.30 43.56
N ASP F 266 10.49 -7.00 43.71
CA ASP F 266 9.14 -6.52 43.99
C ASP F 266 8.91 -5.12 43.40
N ALA F 267 8.86 -4.07 44.25
CA ALA F 267 8.59 -2.70 43.74
C ALA F 267 9.47 -1.64 44.42
N TYR F 268 10.61 -2.04 44.93
CA TYR F 268 11.53 -1.17 45.64
C TYR F 268 12.17 -0.09 44.77
N VAL F 269 12.54 -0.45 43.56
CA VAL F 269 13.14 0.53 42.69
C VAL F 269 12.15 1.65 42.34
N MET F 270 10.97 1.28 41.85
CA MET F 270 10.03 2.31 41.35
C MET F 270 9.67 3.24 42.52
N GLU F 271 9.53 2.67 43.72
CA GLU F 271 9.20 3.46 44.89
C GLU F 271 10.28 4.50 45.18
N ASN F 272 11.52 4.16 44.88
CA ASN F 272 12.68 4.97 45.33
C ASN F 272 13.40 5.69 44.19
N VAL F 273 12.72 5.82 43.07
CA VAL F 273 13.39 6.27 41.84
C VAL F 273 13.72 7.76 41.95
N LEU F 274 14.73 8.21 41.22
CA LEU F 274 15.15 9.61 41.20
C LEU F 274 14.68 10.34 39.96
N PHE F 275 14.08 11.51 40.14
CA PHE F 275 13.67 12.38 39.00
C PHE F 275 14.66 13.53 38.79
N LYS F 276 14.76 13.98 37.55
CA LYS F 276 15.47 15.23 37.23
C LYS F 276 14.45 16.31 37.01
N VAL F 277 14.06 16.96 38.08
CA VAL F 277 12.85 17.79 38.08
C VAL F 277 13.03 19.13 37.36
N SER F 278 14.19 19.74 37.53
CA SER F 278 14.40 21.10 37.07
C SER F 278 15.32 21.21 35.84
N TYR F 279 16.35 20.40 35.76
CA TYR F 279 17.50 20.65 34.87
C TYR F 279 17.86 19.38 34.15
N PRO F 280 18.13 19.47 32.84
CA PRO F 280 18.77 18.34 32.19
C PRO F 280 20.29 18.43 32.31
N ALA F 281 20.83 17.38 32.88
CA ALA F 281 22.23 17.33 33.36
C ALA F 281 22.49 15.94 33.88
N GLU F 282 23.72 15.48 33.75
CA GLU F 282 24.10 14.22 34.36
C GLU F 282 23.77 14.22 35.86
N PHE F 283 23.27 13.10 36.36
CA PHE F 283 22.63 13.14 37.64
C PHE F 283 23.59 13.51 38.76
N HIS F 284 24.85 13.12 38.61
CA HIS F 284 25.84 13.32 39.67
C HIS F 284 26.18 14.79 39.84
N ALA F 285 25.71 15.64 38.92
CA ALA F 285 25.87 17.09 39.02
C ALA F 285 24.59 17.80 39.43
N GLN F 286 23.50 17.08 39.62
CA GLN F 286 22.21 17.73 39.93
C GLN F 286 22.26 18.63 41.19
N THR F 287 22.88 18.15 42.24
CA THR F 287 22.95 18.92 43.48
C THR F 287 23.94 20.09 43.41
N ALA F 288 24.98 19.96 42.58
CA ALA F 288 25.90 21.06 42.25
C ALA F 288 25.22 22.17 41.42
N ALA F 289 24.40 21.75 40.47
CA ALA F 289 23.45 22.65 39.82
C ALA F 289 22.54 23.41 40.79
N GLU F 290 21.88 22.71 41.71
CA GLU F 290 20.99 23.38 42.69
C GLU F 290 21.76 24.41 43.51
N SER F 291 22.97 24.04 43.93
CA SER F 291 23.78 24.92 44.78
C SER F 291 24.28 26.14 44.00
N ALA F 292 24.72 25.90 42.76
CA ALA F 292 25.16 26.97 41.87
C ALA F 292 24.06 28.01 41.63
N VAL F 293 22.84 27.52 41.45
CA VAL F 293 21.70 28.40 41.21
C VAL F 293 21.40 29.25 42.45
N ILE F 294 21.48 28.65 43.65
CA ILE F 294 21.42 29.41 44.91
C ILE F 294 22.49 30.53 44.94
N LEU F 295 23.71 30.22 44.55
CA LEU F 295 24.81 31.19 44.58
C LEU F 295 24.76 32.26 43.49
N HIS F 296 24.04 31.98 42.42
CA HIS F 296 24.03 32.83 41.21
C HIS F 296 23.83 34.35 41.47
N PRO F 297 22.80 34.73 42.28
CA PRO F 297 22.64 36.16 42.61
C PRO F 297 23.87 36.79 43.27
N GLN F 298 24.56 36.03 44.10
CA GLN F 298 25.74 36.47 44.84
C GLN F 298 27.00 36.55 43.93
N VAL F 299 26.91 36.10 42.68
CA VAL F 299 28.05 36.07 41.78
C VAL F 299 27.82 36.84 40.49
N LYS F 300 26.57 37.01 40.10
CA LYS F 300 26.24 37.37 38.72
C LYS F 300 26.82 38.71 38.25
N ASN F 301 26.97 39.65 39.18
CA ASN F 301 27.43 41.00 38.83
C ASN F 301 28.90 41.10 38.99
N ARG F 302 29.49 39.94 39.17
CA ARG F 302 30.72 39.65 38.51
C ARG F 302 31.54 38.96 39.54
N ILE F 303 32.60 38.29 39.10
CA ILE F 303 32.57 37.20 38.08
C ILE F 303 33.97 37.08 37.46
N ASP F 304 34.47 38.23 36.96
CA ASP F 304 35.90 38.51 36.88
C ASP F 304 36.57 38.80 38.24
N GLU F 305 35.83 39.01 39.32
CA GLU F 305 36.43 39.03 40.66
C GLU F 305 36.55 37.66 41.38
N ILE F 306 36.05 36.61 40.73
CA ILE F 306 36.16 35.25 41.24
C ILE F 306 37.61 34.81 41.18
N ASP F 307 38.14 34.35 42.32
CA ASP F 307 39.53 33.85 42.42
C ASP F 307 39.73 32.38 42.72
N ARG F 308 38.74 31.54 42.44
CA ARG F 308 38.61 30.27 43.11
C ARG F 308 37.15 29.72 43.33
N VAL F 309 36.77 28.58 42.75
CA VAL F 309 35.48 27.94 43.07
C VAL F 309 35.73 26.52 43.56
N VAL F 310 35.29 26.24 44.77
CA VAL F 310 35.51 24.92 45.40
C VAL F 310 34.26 24.05 45.23
N ILE F 311 34.46 22.85 44.69
CA ILE F 311 33.36 21.90 44.51
C ILE F 311 33.70 20.61 45.23
N ARG F 312 32.91 20.30 46.25
CA ARG F 312 33.12 19.09 47.03
C ARG F 312 32.07 18.10 46.56
N THR F 313 32.51 16.88 46.24
CA THR F 313 31.66 15.91 45.54
C THR F 313 31.93 14.47 46.00
N HIS F 314 31.25 13.53 45.35
CA HIS F 314 31.33 12.11 45.70
C HIS F 314 32.07 11.37 44.58
N GLU F 315 32.38 10.10 44.82
CA GLU F 315 33.35 9.40 44.00
C GLU F 315 32.84 9.18 42.56
N SER F 316 31.55 8.85 42.42
CA SER F 316 31.00 8.58 41.08
C SER F 316 31.12 9.80 40.15
N ALA F 317 30.90 10.99 40.71
CA ALA F 317 31.05 12.24 39.95
C ALA F 317 32.48 12.42 39.45
N ILE F 318 33.44 12.13 40.33
CA ILE F 318 34.86 12.11 39.94
C ILE F 318 35.13 11.13 38.79
N ARG F 319 34.50 9.96 38.85
CA ARG F 319 34.80 8.94 37.88
C ARG F 319 34.15 9.21 36.52
N ILE F 320 33.10 10.00 36.46
CA ILE F 320 32.38 10.19 35.20
C ILE F 320 32.48 11.61 34.61
N ILE F 321 32.23 12.60 35.46
CA ILE F 321 31.98 13.98 34.99
C ILE F 321 32.99 15.02 35.45
N ASP F 322 34.08 14.60 36.08
CA ASP F 322 35.16 15.52 36.48
C ASP F 322 36.15 15.69 35.33
N LYS F 323 36.04 16.82 34.63
CA LYS F 323 36.86 17.06 33.44
C LYS F 323 37.44 18.45 33.43
N LYS F 324 38.69 18.51 32.97
CA LYS F 324 39.39 19.78 32.71
C LYS F 324 39.65 19.98 31.22
N GLY F 325 39.77 21.22 30.78
CA GLY F 325 40.14 21.52 29.39
C GLY F 325 38.96 21.59 28.43
N PRO F 326 39.25 21.65 27.13
CA PRO F 326 38.19 21.91 26.14
C PRO F 326 37.10 20.84 26.13
N LEU F 327 35.85 21.29 26.01
CA LEU F 327 34.69 20.40 25.83
C LEU F 327 34.15 20.55 24.42
N HIS F 328 33.86 19.44 23.77
CA HIS F 328 33.72 19.40 22.31
C HIS F 328 32.29 19.29 21.73
N ASN F 329 31.30 18.93 22.54
CA ASN F 329 29.95 18.73 22.04
C ASN F 329 28.97 18.76 23.22
N PRO F 330 27.67 18.82 22.96
CA PRO F 330 26.72 18.91 24.07
C PRO F 330 26.76 17.74 25.07
N ALA F 331 27.03 16.55 24.61
CA ALA F 331 27.11 15.39 25.52
C ALA F 331 28.32 15.50 26.45
N ASP F 332 29.43 15.97 25.90
CA ASP F 332 30.66 16.25 26.69
C ASP F 332 30.37 17.25 27.81
N ARG F 333 29.63 18.30 27.47
CA ARG F 333 29.29 19.37 28.42
C ARG F 333 28.24 19.01 29.45
N ASP F 334 27.20 18.29 29.04
CA ASP F 334 26.19 17.82 30.01
C ASP F 334 26.66 16.64 30.87
N HIS F 335 27.83 16.09 30.50
CA HIS F 335 28.66 15.25 31.39
C HIS F 335 29.92 15.92 31.96
N CYS F 336 29.80 17.18 32.33
CA CYS F 336 30.91 17.91 32.96
C CYS F 336 30.45 18.68 34.18
N LEU F 337 30.90 18.25 35.34
CA LEU F 337 30.46 18.84 36.60
C LEU F 337 30.76 20.35 36.60
N GLN F 338 31.95 20.67 36.11
CA GLN F 338 32.46 22.05 36.10
C GLN F 338 31.65 22.94 35.16
N TYR F 339 31.35 22.42 33.96
CA TYR F 339 30.48 23.13 33.00
C TYR F 339 29.11 23.41 33.57
N ILE F 340 28.49 22.36 34.13
CA ILE F 340 27.14 22.47 34.68
C ILE F 340 27.11 23.47 35.80
N THR F 341 28.13 23.40 36.65
CA THR F 341 28.22 24.31 37.77
C THR F 341 28.41 25.74 37.25
N ALA F 342 29.23 25.91 36.20
CA ALA F 342 29.49 27.25 35.64
C ALA F 342 28.22 27.86 35.04
N ILE F 343 27.41 27.02 34.39
CA ILE F 343 26.16 27.48 33.81
C ILE F 343 25.23 28.00 34.91
N GLY F 344 25.14 27.24 35.99
CA GLY F 344 24.28 27.63 37.12
C GLY F 344 24.70 28.99 37.66
N LEU F 345 26.01 29.14 37.88
CA LEU F 345 26.58 30.38 38.44
C LEU F 345 26.38 31.56 37.49
N LEU F 346 26.65 31.35 36.21
CA LEU F 346 26.58 32.40 35.21
C LEU F 346 25.15 32.79 34.86
N PHE F 347 24.24 31.81 34.82
CA PHE F 347 22.91 32.03 34.23
C PHE F 347 21.76 31.84 35.21
N GLY F 348 21.99 31.24 36.38
CA GLY F 348 20.92 30.97 37.32
C GLY F 348 19.83 29.98 36.86
N ASP F 349 20.10 29.27 35.78
CA ASP F 349 19.20 28.22 35.32
C ASP F 349 20.00 27.34 34.41
N ILE F 350 19.51 26.12 34.17
CA ILE F 350 20.14 25.20 33.23
C ILE F 350 19.07 24.61 32.30
N THR F 351 19.24 24.80 31.01
CA THR F 351 18.40 24.14 30.00
C THR F 351 19.31 23.45 29.03
N ALA F 352 18.74 22.59 28.19
CA ALA F 352 19.54 21.87 27.21
C ALA F 352 20.20 22.80 26.17
N GLN F 353 19.63 23.97 25.96
CA GLN F 353 20.27 24.99 25.08
C GLN F 353 21.63 25.49 25.58
N HIS F 354 21.88 25.37 26.88
CA HIS F 354 23.16 25.84 27.45
C HIS F 354 24.34 24.95 27.16
N TYR F 355 24.05 23.74 26.66
CA TYR F 355 25.10 22.83 26.20
C TYR F 355 25.50 23.03 24.72
N GLU F 356 24.74 23.84 24.00
CA GLU F 356 24.96 24.04 22.56
C GLU F 356 26.13 25.01 22.33
N ALA F 357 26.63 25.03 21.11
CA ALA F 357 27.81 25.82 20.76
C ALA F 357 27.60 27.30 21.04
N GLU F 358 26.38 27.81 20.79
CA GLU F 358 26.11 29.23 20.99
C GLU F 358 26.47 29.69 22.41
N THR F 359 25.99 28.93 23.40
CA THR F 359 26.28 29.27 24.79
C THR F 359 27.71 28.91 25.13
N ALA F 360 28.15 27.72 24.72
CA ALA F 360 29.47 27.21 25.08
C ALA F 360 30.60 28.13 24.60
N ASN F 361 30.38 28.81 23.48
CA ASN F 361 31.32 29.81 22.95
C ASN F 361 31.50 31.06 23.78
N ASP F 362 30.60 31.30 24.73
CA ASP F 362 30.79 32.36 25.72
C ASP F 362 32.12 32.15 26.46
N PRO F 363 33.10 33.05 26.24
CA PRO F 363 34.46 32.96 26.81
C PRO F 363 34.52 32.91 28.34
N ARG F 364 33.54 33.50 29.00
CA ARG F 364 33.41 33.40 30.46
C ARG F 364 33.38 31.95 31.04
N ILE F 365 32.75 31.03 30.29
CA ILE F 365 32.51 29.67 30.83
C ILE F 365 33.85 28.99 31.10
N ASP F 366 34.68 28.86 30.07
CA ASP F 366 35.96 28.16 30.19
C ASP F 366 36.96 28.86 31.12
N LYS F 367 36.89 30.19 31.18
CA LYS F 367 37.64 30.95 32.20
C LYS F 367 37.20 30.60 33.61
N LEU F 368 35.89 30.53 33.83
CA LEU F 368 35.36 30.13 35.13
C LEU F 368 35.67 28.66 35.45
N ARG F 369 35.56 27.79 34.45
CA ARG F 369 35.88 26.36 34.67
C ARG F 369 37.33 26.15 35.12
N ASP F 370 38.26 26.87 34.51
CA ASP F 370 39.66 26.78 34.95
C ASP F 370 39.96 27.35 36.36
N LYS F 371 38.96 27.94 37.03
CA LYS F 371 39.11 28.38 38.44
C LYS F 371 38.55 27.36 39.42
N MET F 372 38.02 26.27 38.90
CA MET F 372 37.29 25.32 39.75
C MET F 372 38.23 24.25 40.27
N GLU F 373 38.11 23.94 41.56
CA GLU F 373 38.88 22.87 42.19
C GLU F 373 37.86 21.82 42.67
N VAL F 374 37.88 20.62 42.07
CA VAL F 374 36.97 19.53 42.47
C VAL F 374 37.72 18.54 43.35
N THR F 375 37.22 18.30 44.54
CA THR F 375 37.77 17.26 45.40
C THR F 375 36.68 16.38 46.01
N GLU F 376 37.03 15.14 46.29
CA GLU F 376 36.10 14.20 46.87
C GLU F 376 35.93 14.47 48.35
N ASN F 377 34.69 14.49 48.81
CA ASN F 377 34.37 14.33 50.21
C ASN F 377 33.95 12.89 50.52
N LYS F 378 34.72 12.20 51.37
CA LYS F 378 34.60 10.75 51.48
C LYS F 378 33.31 10.34 52.18
N THR F 379 32.76 11.28 52.95
CA THR F 379 31.49 11.05 53.62
C THR F 379 30.36 11.02 52.56
N TYR F 380 30.43 11.92 51.59
CA TYR F 380 29.46 11.95 50.47
C TYR F 380 29.50 10.64 49.71
N THR F 381 30.70 10.13 49.48
CA THR F 381 30.87 8.84 48.82
C THR F 381 30.21 7.68 49.62
N GLU F 382 30.40 7.66 50.94
CA GLU F 382 29.74 6.68 51.80
C GLU F 382 28.21 6.81 51.80
N ASP F 383 27.73 8.04 51.95
CA ASP F 383 26.27 8.26 52.06
C ASP F 383 25.53 7.96 50.76
N TYR F 384 26.22 8.10 49.65
CA TYR F 384 25.69 7.76 48.31
C TYR F 384 25.23 6.30 48.24
N LEU F 385 25.93 5.43 48.96
CA LEU F 385 25.65 4.00 48.96
C LEU F 385 24.79 3.49 50.15
N LYS F 386 24.54 4.32 51.14
CA LYS F 386 23.79 3.80 52.31
C LYS F 386 22.31 3.72 52.01
N PRO F 387 21.70 2.55 52.22
CA PRO F 387 20.37 2.29 51.75
C PRO F 387 19.25 3.14 52.36
N ASP F 388 19.40 3.59 53.61
CA ASP F 388 18.35 4.44 54.18
C ASP F 388 18.52 5.94 53.81
N LYS F 389 19.50 6.26 52.95
CA LYS F 389 19.81 7.64 52.62
C LYS F 389 19.97 7.85 51.10
N ARG F 390 20.97 7.21 50.50
CA ARG F 390 21.26 7.32 49.07
C ARG F 390 21.23 8.77 48.63
N SER F 391 22.08 9.57 49.24
CA SER F 391 22.26 10.97 48.85
C SER F 391 23.12 11.05 47.58
N ILE F 392 23.13 12.23 46.95
CA ILE F 392 23.95 12.44 45.77
C ILE F 392 24.62 13.81 45.88
N SER F 393 25.55 13.89 46.84
CA SER F 393 25.88 15.15 47.48
C SER F 393 26.94 15.92 46.75
N ASN F 394 26.72 17.22 46.62
CA ASN F 394 27.75 18.17 46.21
C ASN F 394 27.68 19.40 47.14
N ALA F 395 28.81 20.10 47.27
CA ALA F 395 28.83 21.42 47.89
C ALA F 395 29.70 22.36 47.09
N VAL F 396 29.29 23.62 47.06
CA VAL F 396 29.95 24.63 46.23
C VAL F 396 30.20 25.86 47.09
N GLN F 397 31.39 26.43 46.96
CA GLN F 397 31.72 27.74 47.56
C GLN F 397 32.61 28.58 46.62
N VAL F 398 32.28 29.86 46.51
CA VAL F 398 32.98 30.79 45.61
C VAL F 398 33.87 31.76 46.41
N HIS F 399 35.15 31.82 46.06
CA HIS F 399 36.10 32.70 46.71
C HIS F 399 36.51 33.85 45.79
N PHE F 400 36.50 35.04 46.36
CA PHE F 400 36.81 36.26 45.61
C PHE F 400 38.26 36.73 45.81
N LYS F 401 38.74 37.50 44.85
CA LYS F 401 40.10 38.04 44.84
C LYS F 401 40.41 38.99 45.99
N ASP F 402 39.38 39.67 46.47
CA ASP F 402 39.49 40.52 47.65
C ASP F 402 39.61 39.72 48.98
N GLY F 403 39.41 38.41 48.94
CA GLY F 403 39.59 37.55 50.13
C GLY F 403 38.28 37.20 50.84
N THR F 404 37.17 37.76 50.37
CA THR F 404 35.87 37.36 50.86
C THR F 404 35.44 36.09 50.10
N SER F 405 34.34 35.51 50.55
CA SER F 405 33.80 34.29 49.93
C SER F 405 32.31 34.16 50.23
N THR F 406 31.59 33.49 49.34
CA THR F 406 30.21 33.09 49.65
C THR F 406 30.29 32.07 50.76
N GLU F 407 29.16 31.75 51.36
CA GLU F 407 29.04 30.55 52.15
C GLU F 407 29.25 29.30 51.29
N MET F 408 29.64 28.22 51.93
CA MET F 408 29.64 26.92 51.24
C MET F 408 28.22 26.40 51.21
N VAL F 409 27.69 26.19 50.00
CA VAL F 409 26.30 25.73 49.88
C VAL F 409 26.24 24.25 49.53
N GLU F 410 25.75 23.46 50.49
CA GLU F 410 25.69 22.00 50.40
C GLU F 410 24.29 21.51 50.09
N CYS F 411 24.21 20.58 49.14
CA CYS F 411 22.95 19.94 48.79
C CYS F 411 23.14 18.43 48.70
N GLU F 412 22.49 17.71 49.60
CA GLU F 412 22.56 16.26 49.67
C GLU F 412 21.51 15.62 48.79
N PHE F 413 20.30 16.17 48.83
CA PHE F 413 19.10 15.57 48.25
C PHE F 413 18.51 16.47 47.18
N PRO F 414 18.70 16.11 45.90
CA PRO F 414 18.09 16.97 44.87
C PRO F 414 16.60 16.83 44.90
N LEU F 415 15.93 17.69 44.15
CA LEU F 415 14.47 17.84 44.27
C LEU F 415 13.80 16.53 43.88
N GLY F 416 14.49 15.77 43.02
CA GLY F 416 13.96 14.51 42.53
C GLY F 416 14.13 13.30 43.42
N HIS F 417 14.81 13.47 44.56
CA HIS F 417 14.99 12.43 45.57
C HIS F 417 13.69 12.16 46.30
N ARG F 418 13.45 10.91 46.65
CA ARG F 418 12.20 10.53 47.32
C ARG F 418 11.87 11.35 48.58
N PHE F 419 12.88 11.73 49.32
CA PHE F 419 12.69 12.59 50.54
C PHE F 419 12.04 13.94 50.21
N ARG F 420 12.07 14.35 48.95
CA ARG F 420 11.48 15.64 48.58
C ARG F 420 10.31 15.47 47.64
N ARG F 421 9.71 14.29 47.69
CA ARG F 421 8.75 13.91 46.66
C ARG F 421 7.54 14.83 46.63
N GLU F 422 7.00 15.15 47.80
CA GLU F 422 5.74 15.91 47.84
C GLU F 422 5.94 17.33 47.31
N GLU F 423 7.08 17.92 47.62
CA GLU F 423 7.53 19.16 46.97
C GLU F 423 7.71 19.00 45.44
N ALA F 424 8.20 17.84 45.01
CA ALA F 424 8.62 17.66 43.62
C ALA F 424 7.44 17.47 42.67
N VAL F 425 6.37 16.82 43.14
CA VAL F 425 5.31 16.37 42.21
C VAL F 425 4.70 17.51 41.40
N PRO F 426 4.34 18.63 42.05
CA PRO F 426 3.80 19.73 41.24
C PRO F 426 4.79 20.27 40.23
N LYS F 427 6.07 20.27 40.57
CA LYS F 427 7.11 20.78 39.67
C LYS F 427 7.35 19.82 38.51
N LEU F 428 7.13 18.54 38.78
CA LEU F 428 7.26 17.51 37.73
C LEU F 428 6.14 17.67 36.69
N LEU F 429 4.93 17.96 37.16
CA LEU F 429 3.81 18.23 36.28
C LEU F 429 4.02 19.49 35.46
N GLU F 430 4.67 20.50 36.05
CA GLU F 430 4.97 21.73 35.32
C GLU F 430 5.95 21.44 34.21
N LYS F 431 6.99 20.68 34.55
CA LYS F 431 8.02 20.26 33.60
C LYS F 431 7.36 19.53 32.43
N PHE F 432 6.44 18.60 32.74
CA PHE F 432 5.69 17.86 31.72
C PHE F 432 4.95 18.78 30.77
N SER F 433 4.22 19.72 31.35
CA SER F 433 3.43 20.66 30.59
C SER F 433 4.32 21.53 29.74
N ASP F 434 5.39 22.03 30.32
CA ASP F 434 6.34 22.86 29.53
C ASP F 434 6.89 22.07 28.34
N ASN F 435 7.29 20.82 28.60
CA ASN F 435 7.87 20.00 27.57
C ASN F 435 6.89 19.77 26.40
N LEU F 436 5.66 19.41 26.75
CA LEU F 436 4.60 19.21 25.75
C LEU F 436 4.37 20.45 24.92
N LYS F 437 4.34 21.59 25.59
CA LYS F 437 4.11 22.89 24.93
C LYS F 437 5.14 23.22 23.86
N THR F 438 6.34 22.66 23.93
CA THR F 438 7.37 22.98 22.93
C THR F 438 7.02 22.40 21.56
N HIS F 439 6.22 21.35 21.56
CA HIS F 439 5.99 20.58 20.38
C HIS F 439 4.52 20.54 19.91
N PHE F 440 3.58 20.55 20.85
CA PHE F 440 2.20 20.32 20.54
C PHE F 440 1.48 21.63 20.53
N PRO F 441 0.53 21.80 19.61
CA PRO F 441 -0.30 22.99 19.70
C PRO F 441 -1.18 23.00 20.97
N ASP F 442 -1.74 24.16 21.24
CA ASP F 442 -2.58 24.41 22.42
C ASP F 442 -3.64 23.35 22.75
N LYS F 443 -4.48 23.01 21.78
CA LYS F 443 -5.53 22.02 22.00
C LYS F 443 -4.99 20.67 22.41
N GLN F 444 -4.00 20.19 21.65
CA GLN F 444 -3.50 18.85 21.83
C GLN F 444 -2.70 18.77 23.14
N HIS F 445 -1.96 19.84 23.43
CA HIS F 445 -1.17 19.92 24.67
C HIS F 445 -2.08 19.85 25.90
N LYS F 446 -3.16 20.60 25.88
CA LYS F 446 -4.11 20.59 26.98
C LYS F 446 -4.78 19.22 27.14
N HIS F 447 -5.22 18.64 26.03
CA HIS F 447 -5.83 17.30 26.05
C HIS F 447 -4.88 16.23 26.61
N ILE F 448 -3.65 16.19 26.12
CA ILE F 448 -2.66 15.24 26.62
C ILE F 448 -2.52 15.46 28.12
N TYR F 449 -2.26 16.70 28.49
CA TYR F 449 -1.98 17.02 29.90
C TYR F 449 -3.12 16.51 30.80
N GLU F 450 -4.35 16.81 30.40
CA GLU F 450 -5.55 16.44 31.17
C GLU F 450 -5.74 14.93 31.28
N ARG F 451 -5.60 14.17 30.19
CA ARG F 451 -5.68 12.71 30.27
C ARG F 451 -4.58 12.08 31.11
N CYS F 452 -3.36 12.60 30.98
CA CYS F 452 -2.21 11.98 31.66
C CYS F 452 -2.17 12.24 33.17
N THR F 453 -2.80 13.31 33.62
CA THR F 453 -2.73 13.71 35.04
C THR F 453 -3.98 13.28 35.80
N SER F 454 -4.95 12.75 35.07
CA SER F 454 -6.08 12.05 35.68
C SER F 454 -5.84 10.54 35.79
N TYR F 455 -5.32 10.08 36.90
CA TYR F 455 -5.40 8.60 37.20
C TYR F 455 -5.13 7.58 36.02
N GLU F 456 -6.18 7.19 35.24
CA GLU F 456 -6.23 6.86 33.73
C GLU F 456 -5.87 5.43 33.30
N THR F 457 -5.67 4.59 34.26
CA THR F 457 -5.13 3.28 34.05
C THR F 457 -6.00 2.44 33.12
N LEU F 458 -7.27 2.83 32.93
CA LEU F 458 -8.26 2.19 32.05
C LEU F 458 -8.13 2.47 30.59
N GLN F 459 -7.48 3.57 30.23
CA GLN F 459 -7.27 3.94 28.79
C GLN F 459 -6.54 2.87 28.05
N THR F 460 -7.04 2.51 26.88
CA THR F 460 -6.33 1.60 26.03
C THR F 460 -5.02 2.14 25.45
N MET F 461 -3.98 1.31 25.47
CA MET F 461 -2.67 1.77 25.02
C MET F 461 -2.67 2.29 23.61
N ARG F 462 -3.45 1.68 22.70
CA ARG F 462 -3.56 2.23 21.34
C ARG F 462 -4.06 3.69 21.30
N VAL F 463 -5.08 3.97 22.11
CA VAL F 463 -5.64 5.35 22.27
C VAL F 463 -4.70 6.31 22.99
N ASN F 464 -4.01 5.82 24.01
CA ASN F 464 -2.99 6.60 24.70
C ASN F 464 -1.89 7.14 23.78
N GLU F 465 -1.27 6.25 23.03
CA GLU F 465 -0.33 6.63 22.00
C GLU F 465 -0.93 7.56 20.91
N PHE F 466 -2.12 7.20 20.39
CA PHE F 466 -2.82 8.04 19.36
C PHE F 466 -2.82 9.51 19.78
N VAL F 467 -3.22 9.73 21.02
CA VAL F 467 -3.24 11.07 21.63
C VAL F 467 -1.99 11.96 21.34
N ASP F 468 -0.82 11.32 21.27
CA ASP F 468 0.47 11.92 20.91
C ASP F 468 0.74 11.97 19.42
N MET F 469 -0.12 11.35 18.61
CA MET F 469 0.07 10.97 17.17
C MET F 469 0.56 9.50 17.05
#